data_4CP8
#
_entry.id   4CP8
#
_cell.length_a   82.447
_cell.length_b   179.232
_cell.length_c   112.610
_cell.angle_alpha   90.00
_cell.angle_beta   106.63
_cell.angle_gamma   90.00
#
_symmetry.space_group_name_H-M   'P 1 21 1'
#
loop_
_entity.id
_entity.type
_entity.pdbx_description
1 polymer 'ALLOPHANATE HYDROLASE'
2 non-polymer 'MALONATE ION'
3 water water
#
_entity_poly.entity_id   1
_entity_poly.type   'polypeptide(L)'
_entity_poly.pdbx_seq_one_letter_code
;MGSSHHHHHHSSGLVPRGSHMNDRAPHPERSGRVTPDHLTDLASYQAAYAAGTDAADVISDLYARIKEDGENPIWISLLP
LESALAMLADAQQRKDKGEALPLFGIPFGVKDNIDVAGLPTTAGCTGFARTPRQHAFVVQRLVDAGAIPIGKTNLDQFAT
GLNGTRTPFGIPRCVFNENYVSGGSSSGSAVAVANGTVPFSLGTDTAGSGRIPAAFNNLVGLKPTKGLFSGSGLVPAARS
LDCISVLAHTVDDALAVARVAAGYDADDAFSRKAGAAALTEKSWPRRFNFGVPAAEHRQFFGDAEAEALFNKAVRKLEEM
GGTCISFDYTPFRQAAELLYAGPWVAERLAAIESLADEHPEVLHPVVRDIILSAKRMSAVDTFNGIYRLADLVRAAESTW
EKIDVMLLPTAPTIYTVEDMLADPVRLNSNLGFYTNFVNLMDLSAIAVPAGFRTNGLPFGVTFIGRAFEDGAIASLGKAF
VEHDLAK
;
_entity_poly.pdbx_strand_id   A,B,C,D,E,F
#
# COMPACT_ATOMS: atom_id res chain seq x y z
N HIS A 38 -45.69 -24.66 8.27
CA HIS A 38 -44.88 -24.27 9.44
C HIS A 38 -43.51 -23.72 9.05
N LEU A 39 -42.93 -24.08 7.90
CA LEU A 39 -41.67 -23.46 7.42
C LEU A 39 -41.97 -22.18 6.63
N THR A 40 -41.36 -21.07 7.08
CA THR A 40 -41.71 -19.75 6.57
C THR A 40 -40.47 -18.99 6.11
N ASP A 41 -39.70 -18.47 7.04
CA ASP A 41 -38.52 -17.68 6.71
C ASP A 41 -37.26 -18.56 6.70
N LEU A 42 -36.12 -17.94 6.39
CA LEU A 42 -34.84 -18.63 6.39
C LEU A 42 -34.53 -19.29 7.71
N ALA A 43 -34.62 -18.52 8.80
CA ALA A 43 -34.32 -19.04 10.14
C ALA A 43 -35.07 -20.35 10.40
N SER A 44 -36.34 -20.40 9.97
CA SER A 44 -37.17 -21.57 10.19
C SER A 44 -36.66 -22.82 9.44
N TYR A 45 -35.96 -22.60 8.33
CA TYR A 45 -35.28 -23.70 7.60
C TYR A 45 -33.94 -24.05 8.24
N GLN A 46 -33.20 -23.04 8.67
CA GLN A 46 -31.90 -23.24 9.32
C GLN A 46 -32.05 -24.01 10.63
N ALA A 47 -33.11 -23.68 11.38
CA ALA A 47 -33.42 -24.35 12.64
C ALA A 47 -33.81 -25.80 12.41
N ALA A 48 -34.64 -26.04 11.40
CA ALA A 48 -35.12 -27.39 11.07
C ALA A 48 -33.98 -28.30 10.64
N TYR A 49 -33.06 -27.77 9.83
CA TYR A 49 -31.90 -28.54 9.38
C TYR A 49 -30.92 -28.81 10.52
N ALA A 50 -30.73 -27.84 11.40
CA ALA A 50 -29.89 -28.01 12.60
C ALA A 50 -30.47 -29.07 13.54
N ALA A 51 -31.79 -29.05 13.72
CA ALA A 51 -32.49 -30.05 14.56
C ALA A 51 -32.58 -31.43 13.90
N GLY A 52 -32.04 -31.56 12.69
CA GLY A 52 -31.82 -32.87 12.07
C GLY A 52 -32.73 -33.26 10.92
N THR A 53 -33.60 -32.35 10.47
CA THR A 53 -34.44 -32.65 9.34
C THR A 53 -33.59 -32.74 8.08
N ASP A 54 -33.98 -33.63 7.18
CA ASP A 54 -33.30 -33.83 5.91
C ASP A 54 -33.93 -32.89 4.88
N ALA A 55 -33.08 -32.14 4.18
CA ALA A 55 -33.54 -31.19 3.17
C ALA A 55 -34.31 -31.87 2.05
N ALA A 56 -33.91 -33.09 1.69
CA ALA A 56 -34.54 -33.85 0.61
C ALA A 56 -36.01 -34.14 0.90
N ASP A 57 -36.36 -34.27 2.17
CA ASP A 57 -37.75 -34.47 2.56
C ASP A 57 -38.53 -33.18 2.53
N VAL A 58 -37.85 -32.07 2.85
CA VAL A 58 -38.48 -30.75 2.84
C VAL A 58 -38.82 -30.38 1.41
N ILE A 59 -37.91 -30.67 0.51
CA ILE A 59 -38.11 -30.38 -0.90
C ILE A 59 -39.17 -31.26 -1.52
N SER A 60 -39.07 -32.58 -1.30
CA SER A 60 -40.11 -33.50 -1.78
C SER A 60 -41.50 -33.12 -1.27
N ASP A 61 -41.58 -32.76 0.01
CA ASP A 61 -42.86 -32.33 0.59
C ASP A 61 -43.38 -31.09 -0.13
N LEU A 62 -42.50 -30.10 -0.28
CA LEU A 62 -42.81 -28.85 -0.97
C LEU A 62 -43.36 -29.07 -2.38
N TYR A 63 -42.67 -29.93 -3.15
CA TYR A 63 -43.13 -30.29 -4.50
C TYR A 63 -44.53 -30.95 -4.49
N ALA A 64 -44.72 -31.87 -3.55
CA ALA A 64 -46.02 -32.52 -3.34
C ALA A 64 -47.12 -31.48 -3.10
N ARG A 65 -46.91 -30.58 -2.14
CA ARG A 65 -47.87 -29.50 -1.83
C ARG A 65 -48.23 -28.64 -3.07
N ILE A 66 -47.27 -28.42 -3.96
CA ILE A 66 -47.55 -27.67 -5.19
C ILE A 66 -48.39 -28.50 -6.14
N LYS A 67 -48.14 -29.81 -6.16
CA LYS A 67 -48.84 -30.71 -7.08
C LYS A 67 -50.30 -30.84 -6.72
N GLU A 68 -50.61 -31.00 -5.44
CA GLU A 68 -52.00 -31.15 -5.00
C GLU A 68 -52.75 -29.85 -5.28
N ASP A 69 -52.03 -28.73 -5.19
CA ASP A 69 -52.59 -27.43 -5.61
C ASP A 69 -52.49 -27.39 -7.14
N GLY A 70 -52.42 -26.20 -7.73
CA GLY A 70 -52.04 -26.08 -9.14
C GLY A 70 -50.62 -25.54 -9.30
N GLU A 71 -50.03 -25.75 -10.47
CA GLU A 71 -48.83 -25.00 -10.85
C GLU A 71 -49.26 -23.57 -11.15
N ASN A 72 -50.05 -23.43 -12.21
CA ASN A 72 -50.67 -22.15 -12.54
C ASN A 72 -51.62 -21.78 -11.42
N PRO A 73 -51.76 -20.47 -11.15
CA PRO A 73 -51.22 -19.33 -11.89
C PRO A 73 -49.91 -18.78 -11.31
N ILE A 74 -49.42 -19.38 -10.22
CA ILE A 74 -48.22 -18.91 -9.54
C ILE A 74 -46.97 -19.40 -10.25
N TRP A 75 -47.02 -20.60 -10.79
CA TRP A 75 -45.84 -21.24 -11.38
C TRP A 75 -46.05 -21.59 -12.83
N ILE A 76 -45.10 -21.17 -13.66
N ILE A 76 -45.11 -21.17 -13.67
CA ILE A 76 -45.13 -21.49 -15.09
CA ILE A 76 -45.14 -21.50 -15.09
C ILE A 76 -44.49 -22.84 -15.34
C ILE A 76 -44.49 -22.84 -15.34
N SER A 77 -43.45 -23.15 -14.57
CA SER A 77 -42.80 -24.46 -14.67
C SER A 77 -42.07 -24.78 -13.38
N LEU A 78 -41.78 -26.06 -13.22
CA LEU A 78 -41.08 -26.55 -12.05
C LEU A 78 -39.91 -27.40 -12.48
N LEU A 79 -38.82 -27.21 -11.77
CA LEU A 79 -37.65 -28.05 -11.93
C LEU A 79 -38.11 -29.47 -11.58
N PRO A 80 -37.90 -30.45 -12.47
CA PRO A 80 -38.30 -31.80 -12.06
C PRO A 80 -37.71 -32.21 -10.70
N LEU A 81 -38.49 -32.92 -9.90
CA LEU A 81 -38.05 -33.34 -8.55
C LEU A 81 -36.67 -33.97 -8.55
N GLU A 82 -36.43 -34.82 -9.54
CA GLU A 82 -35.17 -35.54 -9.67
C GLU A 82 -33.95 -34.60 -9.83
N SER A 83 -34.08 -33.58 -10.69
CA SER A 83 -33.03 -32.57 -10.88
C SER A 83 -32.80 -31.74 -9.61
N ALA A 84 -33.89 -31.39 -8.93
CA ALA A 84 -33.78 -30.64 -7.69
C ALA A 84 -32.98 -31.44 -6.68
N LEU A 85 -33.44 -32.67 -6.43
CA LEU A 85 -32.79 -33.57 -5.48
C LEU A 85 -31.31 -33.84 -5.84
N ALA A 86 -31.02 -33.91 -7.14
CA ALA A 86 -29.62 -34.02 -7.59
C ALA A 86 -28.79 -32.79 -7.21
N MET A 87 -29.30 -31.59 -7.52
CA MET A 87 -28.65 -30.31 -7.17
C MET A 87 -28.39 -30.24 -5.68
N LEU A 88 -29.35 -30.73 -4.91
CA LEU A 88 -29.24 -30.76 -3.45
C LEU A 88 -28.11 -31.70 -3.00
N ALA A 89 -28.04 -32.87 -3.63
CA ALA A 89 -26.99 -33.83 -3.31
C ALA A 89 -25.61 -33.22 -3.52
N ASP A 90 -25.42 -32.59 -4.67
CA ASP A 90 -24.18 -31.90 -4.97
C ASP A 90 -23.82 -30.88 -3.88
N ALA A 91 -24.81 -30.14 -3.44
CA ALA A 91 -24.61 -29.20 -2.33
C ALA A 91 -24.16 -29.91 -1.07
N GLN A 92 -24.86 -31.01 -0.74
CA GLN A 92 -24.55 -31.84 0.43
C GLN A 92 -23.07 -32.28 0.42
N GLN A 93 -22.62 -32.81 -0.71
N GLN A 93 -22.63 -32.82 -0.71
CA GLN A 93 -21.23 -33.25 -0.88
CA GLN A 93 -21.25 -33.27 -0.87
C GLN A 93 -20.24 -32.14 -0.58
C GLN A 93 -20.24 -32.16 -0.60
N ARG A 94 -20.55 -30.95 -1.06
CA ARG A 94 -19.66 -29.80 -0.87
C ARG A 94 -19.68 -29.32 0.58
N LYS A 95 -20.85 -29.35 1.21
CA LYS A 95 -20.95 -29.05 2.64
C LYS A 95 -20.13 -30.04 3.42
N ASP A 96 -20.20 -31.31 3.01
CA ASP A 96 -19.45 -32.38 3.67
C ASP A 96 -17.94 -32.20 3.55
N LYS A 97 -17.49 -31.60 2.44
CA LYS A 97 -16.08 -31.25 2.27
C LYS A 97 -15.69 -29.93 2.97
N GLY A 98 -16.59 -29.44 3.84
CA GLY A 98 -16.35 -28.22 4.61
C GLY A 98 -16.44 -26.92 3.83
N GLU A 99 -17.10 -26.93 2.67
CA GLU A 99 -17.34 -25.68 1.93
C GLU A 99 -18.39 -24.87 2.68
N ALA A 100 -18.34 -23.55 2.52
CA ALA A 100 -19.28 -22.62 3.16
C ALA A 100 -20.55 -22.46 2.29
N LEU A 101 -21.72 -22.77 2.84
CA LEU A 101 -22.96 -22.71 2.06
C LEU A 101 -24.08 -22.03 2.82
N PRO A 102 -24.09 -20.67 2.79
CA PRO A 102 -24.99 -19.91 3.66
C PRO A 102 -26.48 -20.12 3.36
N LEU A 103 -26.79 -20.63 2.18
CA LEU A 103 -28.19 -20.90 1.82
C LEU A 103 -28.42 -22.36 1.51
N PHE A 104 -27.83 -23.25 2.31
CA PHE A 104 -27.95 -24.68 2.04
C PHE A 104 -29.39 -25.15 2.16
N GLY A 105 -29.85 -25.84 1.11
CA GLY A 105 -31.18 -26.48 1.13
C GLY A 105 -32.38 -25.54 1.11
N ILE A 106 -32.16 -24.30 0.69
CA ILE A 106 -33.22 -23.29 0.69
C ILE A 106 -33.86 -23.22 -0.68
N PRO A 107 -35.17 -23.57 -0.77
CA PRO A 107 -35.79 -23.52 -2.07
C PRO A 107 -36.17 -22.09 -2.38
N PHE A 108 -36.12 -21.71 -3.65
CA PHE A 108 -36.60 -20.41 -4.08
C PHE A 108 -37.26 -20.43 -5.43
N GLY A 109 -38.14 -19.46 -5.67
CA GLY A 109 -38.76 -19.25 -6.98
C GLY A 109 -37.98 -18.22 -7.79
N VAL A 110 -38.03 -18.34 -9.11
CA VAL A 110 -37.31 -17.43 -10.00
C VAL A 110 -38.27 -16.93 -11.07
N LYS A 111 -38.44 -15.61 -11.11
CA LYS A 111 -39.29 -14.97 -12.09
C LYS A 111 -38.86 -15.48 -13.45
N ASP A 112 -39.83 -15.79 -14.31
CA ASP A 112 -39.56 -16.46 -15.57
C ASP A 112 -39.04 -15.56 -16.69
N ASN A 113 -38.43 -14.42 -16.34
CA ASN A 113 -37.57 -13.70 -17.28
C ASN A 113 -36.09 -13.91 -16.98
N ILE A 114 -35.81 -14.72 -15.97
CA ILE A 114 -34.43 -15.00 -15.51
C ILE A 114 -34.04 -16.45 -15.79
N ASP A 115 -32.86 -16.69 -16.31
CA ASP A 115 -32.46 -18.05 -16.69
C ASP A 115 -32.19 -19.00 -15.51
N VAL A 116 -32.84 -20.16 -15.53
CA VAL A 116 -32.45 -21.31 -14.70
C VAL A 116 -32.18 -22.49 -15.62
N ALA A 117 -31.00 -23.08 -15.48
CA ALA A 117 -30.56 -24.19 -16.36
C ALA A 117 -31.51 -25.38 -16.24
N GLY A 118 -31.92 -25.93 -17.37
CA GLY A 118 -32.87 -27.05 -17.39
C GLY A 118 -34.31 -26.62 -17.63
N LEU A 119 -34.62 -25.35 -17.37
CA LEU A 119 -35.98 -24.84 -17.55
C LEU A 119 -36.11 -23.78 -18.64
N PRO A 120 -37.20 -23.84 -19.43
CA PRO A 120 -37.41 -22.76 -20.41
C PRO A 120 -37.59 -21.40 -19.73
N THR A 121 -37.15 -20.36 -20.41
CA THR A 121 -37.39 -19.01 -19.98
C THR A 121 -38.43 -18.41 -20.92
N THR A 122 -39.69 -18.43 -20.50
CA THR A 122 -40.80 -17.96 -21.35
C THR A 122 -40.99 -16.45 -21.38
N ALA A 123 -40.56 -15.79 -20.30
CA ALA A 123 -40.92 -14.41 -20.00
C ALA A 123 -42.43 -14.15 -20.09
N GLY A 124 -43.23 -15.17 -19.78
CA GLY A 124 -44.69 -15.05 -19.80
C GLY A 124 -45.24 -14.99 -21.22
N CYS A 125 -44.47 -15.52 -22.14
CA CYS A 125 -44.84 -15.54 -23.55
C CYS A 125 -44.95 -16.99 -24.01
N THR A 126 -46.03 -17.34 -24.71
CA THR A 126 -46.24 -18.73 -25.12
C THR A 126 -45.43 -19.11 -26.33
N GLY A 127 -44.81 -18.12 -26.99
CA GLY A 127 -44.02 -18.33 -28.24
C GLY A 127 -42.61 -17.75 -28.20
N PHE A 128 -42.11 -17.55 -26.98
CA PHE A 128 -40.75 -17.11 -26.74
C PHE A 128 -39.94 -18.34 -26.43
N ALA A 129 -39.28 -18.87 -27.45
CA ALA A 129 -38.37 -19.98 -27.27
C ALA A 129 -37.12 -19.52 -26.53
N ARG A 130 -36.66 -20.33 -25.56
CA ARG A 130 -35.37 -20.08 -24.91
C ARG A 130 -35.28 -21.04 -23.76
N THR A 131 -34.46 -22.06 -23.90
CA THR A 131 -34.14 -22.89 -22.77
C THR A 131 -32.63 -22.83 -22.53
N PRO A 132 -32.19 -22.12 -21.47
CA PRO A 132 -30.76 -21.89 -21.33
C PRO A 132 -29.93 -23.06 -20.85
N ARG A 133 -28.70 -23.14 -21.33
CA ARG A 133 -27.77 -24.15 -20.88
C ARG A 133 -27.28 -23.85 -19.47
N GLN A 134 -27.16 -22.58 -19.12
CA GLN A 134 -26.58 -22.15 -17.85
C GLN A 134 -27.52 -21.33 -17.02
N HIS A 135 -27.32 -21.36 -15.71
CA HIS A 135 -28.00 -20.46 -14.80
C HIS A 135 -27.59 -19.04 -15.11
N ALA A 136 -28.50 -18.10 -14.89
CA ALA A 136 -28.15 -16.70 -14.88
C ALA A 136 -27.08 -16.48 -13.83
N PHE A 137 -26.26 -15.45 -14.02
CA PHE A 137 -25.14 -15.20 -13.13
C PHE A 137 -25.57 -15.13 -11.64
N VAL A 138 -26.68 -14.47 -11.35
CA VAL A 138 -27.18 -14.32 -10.00
C VAL A 138 -27.70 -15.66 -9.43
N VAL A 139 -28.41 -16.41 -10.28
CA VAL A 139 -28.94 -17.69 -9.86
C VAL A 139 -27.78 -18.63 -9.59
N GLN A 140 -26.73 -18.52 -10.39
CA GLN A 140 -25.57 -19.37 -10.22
C GLN A 140 -24.99 -19.12 -8.85
N ARG A 141 -24.86 -17.86 -8.46
CA ARG A 141 -24.28 -17.58 -7.12
C ARG A 141 -25.14 -18.15 -5.99
N LEU A 142 -26.46 -18.13 -6.16
CA LEU A 142 -27.35 -18.69 -5.15
C LEU A 142 -27.23 -20.23 -5.07
N VAL A 143 -27.20 -20.88 -6.23
CA VAL A 143 -26.96 -22.30 -6.32
C VAL A 143 -25.61 -22.66 -5.71
N ASP A 144 -24.57 -21.86 -5.99
CA ASP A 144 -23.24 -22.04 -5.39
C ASP A 144 -23.30 -21.92 -3.90
N ALA A 145 -24.21 -21.09 -3.37
CA ALA A 145 -24.37 -20.99 -1.92
C ALA A 145 -25.33 -22.06 -1.35
N GLY A 146 -25.74 -23.01 -2.18
CA GLY A 146 -26.54 -24.17 -1.72
C GLY A 146 -28.04 -24.08 -1.90
N ALA A 147 -28.51 -22.97 -2.48
CA ALA A 147 -29.94 -22.79 -2.68
C ALA A 147 -30.39 -23.60 -3.86
N ILE A 148 -31.68 -23.89 -3.91
CA ILE A 148 -32.26 -24.74 -4.93
C ILE A 148 -33.42 -24.01 -5.61
N PRO A 149 -33.31 -23.73 -6.93
CA PRO A 149 -34.41 -23.06 -7.60
C PRO A 149 -35.48 -24.04 -8.05
N ILE A 150 -36.59 -24.04 -7.35
CA ILE A 150 -37.67 -25.00 -7.55
C ILE A 150 -38.32 -24.87 -8.90
N GLY A 151 -38.41 -23.65 -9.39
CA GLY A 151 -39.15 -23.41 -10.60
C GLY A 151 -39.21 -21.95 -11.00
N LYS A 152 -39.99 -21.70 -12.03
CA LYS A 152 -40.11 -20.40 -12.64
C LYS A 152 -41.47 -19.84 -12.31
N THR A 153 -41.49 -18.62 -11.80
CA THR A 153 -42.76 -17.98 -11.41
C THR A 153 -43.37 -17.11 -12.53
N ASN A 154 -44.68 -16.96 -12.48
CA ASN A 154 -45.44 -16.16 -13.44
C ASN A 154 -45.12 -14.68 -13.31
N LEU A 155 -45.43 -13.93 -14.36
CA LEU A 155 -45.13 -12.50 -14.41
C LEU A 155 -46.01 -11.78 -15.41
N ASP A 156 -46.03 -10.46 -15.33
CA ASP A 156 -46.53 -9.65 -16.45
C ASP A 156 -45.54 -9.88 -17.56
N GLN A 157 -46.07 -10.24 -18.71
CA GLN A 157 -45.28 -10.58 -19.84
C GLN A 157 -44.20 -9.53 -20.16
N PHE A 158 -42.96 -10.01 -20.37
CA PHE A 158 -41.78 -9.19 -20.64
C PHE A 158 -41.59 -8.09 -19.62
N ALA A 159 -41.99 -8.40 -18.40
CA ALA A 159 -41.89 -7.51 -17.26
C ALA A 159 -42.47 -6.15 -17.53
N THR A 160 -43.55 -6.11 -18.30
CA THR A 160 -44.18 -4.85 -18.72
C THR A 160 -45.59 -4.75 -18.10
N GLY A 161 -45.66 -4.13 -16.93
CA GLY A 161 -46.84 -4.14 -16.10
C GLY A 161 -46.49 -4.07 -14.62
N LEU A 162 -47.40 -3.55 -13.81
CA LEU A 162 -47.18 -3.49 -12.37
C LEU A 162 -48.28 -4.22 -11.61
N ASN A 163 -49.03 -5.11 -12.26
CA ASN A 163 -50.22 -5.68 -11.62
C ASN A 163 -50.31 -7.20 -11.62
N GLY A 164 -49.86 -7.84 -12.68
CA GLY A 164 -49.78 -9.30 -12.72
C GLY A 164 -50.86 -9.98 -13.56
N THR A 165 -51.77 -9.19 -14.12
CA THR A 165 -52.83 -9.71 -14.98
C THR A 165 -52.39 -9.91 -16.41
N ARG A 166 -51.26 -9.35 -16.81
CA ARG A 166 -50.85 -9.37 -18.22
C ARG A 166 -50.06 -10.61 -18.53
N THR A 167 -50.72 -11.76 -18.41
CA THR A 167 -50.09 -13.06 -18.66
C THR A 167 -51.12 -14.02 -19.27
N PRO A 168 -50.68 -15.00 -20.08
CA PRO A 168 -51.59 -16.04 -20.55
C PRO A 168 -51.55 -17.31 -19.68
N PHE A 169 -50.85 -17.28 -18.55
CA PHE A 169 -50.65 -18.46 -17.71
C PHE A 169 -51.54 -18.48 -16.47
N GLY A 170 -52.65 -17.73 -16.52
CA GLY A 170 -53.54 -17.56 -15.39
C GLY A 170 -53.10 -16.37 -14.57
N ILE A 171 -54.05 -15.68 -13.97
CA ILE A 171 -53.77 -14.49 -13.17
C ILE A 171 -53.50 -14.74 -11.68
N PRO A 172 -52.26 -14.48 -11.22
CA PRO A 172 -51.97 -14.60 -9.80
C PRO A 172 -52.66 -13.52 -8.99
N ARG A 173 -52.84 -13.79 -7.71
CA ARG A 173 -53.77 -13.04 -6.89
C ARG A 173 -53.19 -12.65 -5.57
N CYS A 174 -53.61 -11.48 -5.08
CA CYS A 174 -53.29 -11.05 -3.75
C CYS A 174 -53.67 -12.17 -2.77
N VAL A 175 -52.70 -12.55 -1.97
CA VAL A 175 -52.84 -13.58 -0.95
C VAL A 175 -53.84 -13.17 0.17
N PHE A 176 -54.03 -11.89 0.37
CA PHE A 176 -54.97 -11.43 1.37
C PHE A 176 -56.39 -11.30 0.85
N ASN A 177 -56.60 -11.60 -0.43
CA ASN A 177 -57.93 -11.51 -1.06
C ASN A 177 -57.86 -11.82 -2.56
N GLU A 178 -58.31 -13.02 -2.95
CA GLU A 178 -58.21 -13.49 -4.34
C GLU A 178 -58.82 -12.51 -5.35
N ASN A 179 -59.75 -11.65 -4.93
CA ASN A 179 -60.37 -10.69 -5.87
C ASN A 179 -59.43 -9.60 -6.37
N TYR A 180 -58.36 -9.37 -5.62
CA TYR A 180 -57.43 -8.29 -5.89
C TYR A 180 -56.16 -8.77 -6.61
N VAL A 181 -55.54 -7.85 -7.34
CA VAL A 181 -54.34 -8.14 -8.13
C VAL A 181 -53.19 -8.53 -7.23
N SER A 182 -52.37 -9.45 -7.70
CA SER A 182 -51.16 -9.84 -6.97
C SER A 182 -50.18 -8.68 -6.93
N GLY A 183 -50.26 -7.84 -7.94
CA GLY A 183 -49.26 -6.87 -8.19
C GLY A 183 -48.16 -7.44 -9.05
N GLY A 184 -47.62 -6.59 -9.90
CA GLY A 184 -46.24 -6.15 -9.78
C GLY A 184 -45.36 -6.27 -10.97
N SER A 185 -45.62 -7.27 -11.78
CA SER A 185 -44.71 -7.81 -12.80
C SER A 185 -44.09 -9.03 -12.17
N SER A 186 -43.45 -8.87 -11.01
CA SER A 186 -42.91 -10.03 -10.27
C SER A 186 -44.01 -10.71 -9.43
N SER A 187 -45.08 -11.11 -10.10
CA SER A 187 -46.33 -11.47 -9.44
C SER A 187 -46.26 -12.82 -8.73
N GLY A 188 -45.93 -13.87 -9.46
CA GLY A 188 -45.82 -15.20 -8.87
C GLY A 188 -44.67 -15.30 -7.88
N SER A 189 -43.61 -14.55 -8.11
CA SER A 189 -42.46 -14.59 -7.21
C SER A 189 -42.89 -14.10 -5.83
N ALA A 190 -43.80 -13.11 -5.81
CA ALA A 190 -44.29 -12.55 -4.55
C ALA A 190 -45.32 -13.46 -3.86
N VAL A 191 -46.26 -13.98 -4.64
CA VAL A 191 -47.31 -14.86 -4.09
C VAL A 191 -46.67 -16.14 -3.52
N ALA A 192 -45.69 -16.68 -4.23
CA ALA A 192 -45.02 -17.90 -3.81
C ALA A 192 -44.30 -17.75 -2.47
N VAL A 193 -43.89 -16.54 -2.14
CA VAL A 193 -43.26 -16.28 -0.83
C VAL A 193 -44.33 -16.02 0.21
N ALA A 194 -45.29 -15.16 -0.12
CA ALA A 194 -46.34 -14.77 0.81
C ALA A 194 -47.30 -15.92 1.19
N ASN A 195 -47.52 -16.86 0.28
CA ASN A 195 -48.40 -18.00 0.57
C ASN A 195 -47.66 -19.11 1.30
N GLY A 196 -46.35 -18.91 1.55
CA GLY A 196 -45.56 -19.79 2.42
C GLY A 196 -44.79 -20.88 1.70
N THR A 197 -44.94 -20.96 0.38
CA THR A 197 -44.31 -22.02 -0.41
C THR A 197 -42.77 -21.95 -0.36
N VAL A 198 -42.23 -20.77 -0.60
CA VAL A 198 -40.79 -20.56 -0.49
C VAL A 198 -40.43 -19.35 0.38
N PRO A 199 -39.26 -19.40 1.02
CA PRO A 199 -38.83 -18.35 1.90
C PRO A 199 -38.32 -17.11 1.19
N PHE A 200 -37.71 -17.27 0.01
CA PHE A 200 -37.52 -16.12 -0.87
C PHE A 200 -37.74 -16.45 -2.34
N SER A 201 -37.68 -15.41 -3.16
CA SER A 201 -37.72 -15.56 -4.60
C SER A 201 -37.07 -14.34 -5.27
N LEU A 202 -36.75 -14.50 -6.54
CA LEU A 202 -36.18 -13.43 -7.32
C LEU A 202 -37.24 -12.81 -8.20
N GLY A 203 -37.29 -11.49 -8.17
CA GLY A 203 -38.10 -10.74 -9.09
C GLY A 203 -37.14 -9.94 -9.94
N THR A 204 -37.71 -9.06 -10.74
CA THR A 204 -36.96 -8.00 -11.40
C THR A 204 -37.72 -6.72 -11.21
N ASP A 205 -37.01 -5.62 -11.36
CA ASP A 205 -37.57 -4.31 -11.13
C ASP A 205 -36.99 -3.35 -12.15
N THR A 206 -37.87 -2.75 -12.96
CA THR A 206 -37.52 -1.70 -13.88
C THR A 206 -38.30 -0.43 -13.51
N ALA A 207 -39.61 -0.52 -13.54
CA ALA A 207 -40.49 0.59 -13.16
C ALA A 207 -40.90 0.50 -11.69
N GLY A 208 -41.03 -0.72 -11.18
CA GLY A 208 -41.38 -0.93 -9.77
C GLY A 208 -41.80 -2.36 -9.45
N SER A 209 -41.40 -3.28 -10.32
CA SER A 209 -41.91 -4.62 -10.31
C SER A 209 -41.36 -5.47 -9.18
N GLY A 210 -40.34 -4.97 -8.49
CA GLY A 210 -39.78 -5.65 -7.35
C GLY A 210 -40.30 -5.11 -6.02
N ARG A 211 -41.24 -4.16 -6.09
CA ARG A 211 -41.75 -3.45 -4.92
C ARG A 211 -43.27 -3.44 -4.83
N ILE A 212 -43.95 -3.15 -5.93
CA ILE A 212 -45.41 -3.21 -5.94
C ILE A 212 -45.89 -4.55 -5.36
N PRO A 213 -45.44 -5.68 -5.94
CA PRO A 213 -45.95 -6.95 -5.41
C PRO A 213 -45.62 -7.21 -3.94
N ALA A 214 -44.50 -6.66 -3.46
CA ALA A 214 -44.19 -6.80 -2.06
C ALA A 214 -45.28 -6.09 -1.24
N ALA A 215 -45.57 -4.85 -1.61
CA ALA A 215 -46.53 -4.04 -0.90
C ALA A 215 -47.89 -4.74 -0.80
N PHE A 216 -48.35 -5.33 -1.91
CA PHE A 216 -49.65 -5.96 -1.93
C PHE A 216 -49.71 -7.28 -1.17
N ASN A 217 -48.56 -7.86 -0.84
CA ASN A 217 -48.53 -9.16 -0.19
C ASN A 217 -47.78 -9.17 1.12
N ASN A 218 -47.61 -7.98 1.70
CA ASN A 218 -47.04 -7.82 3.03
C ASN A 218 -45.64 -8.42 3.13
N LEU A 219 -44.85 -8.26 2.06
CA LEU A 219 -43.49 -8.76 2.00
C LEU A 219 -42.48 -7.65 1.95
N VAL A 220 -41.21 -8.03 2.08
CA VAL A 220 -40.10 -7.12 1.86
C VAL A 220 -39.59 -7.29 0.42
N GLY A 221 -39.43 -6.15 -0.25
CA GLY A 221 -38.90 -6.11 -1.62
C GLY A 221 -37.60 -5.30 -1.71
N LEU A 222 -36.48 -5.99 -1.88
CA LEU A 222 -35.20 -5.30 -1.95
C LEU A 222 -34.82 -5.09 -3.40
N LYS A 223 -34.77 -3.83 -3.82
CA LYS A 223 -34.39 -3.47 -5.16
C LYS A 223 -32.97 -2.92 -5.11
N PRO A 224 -31.99 -3.70 -5.57
CA PRO A 224 -30.64 -3.22 -5.43
C PRO A 224 -30.27 -2.12 -6.42
N THR A 225 -29.22 -1.38 -6.07
CA THR A 225 -28.66 -0.38 -6.93
C THR A 225 -28.33 -1.02 -8.27
N LYS A 226 -28.58 -0.29 -9.35
CA LYS A 226 -28.32 -0.79 -10.67
C LYS A 226 -26.89 -1.27 -10.81
N GLY A 227 -26.70 -2.44 -11.42
CA GLY A 227 -25.39 -3.01 -11.63
C GLY A 227 -24.76 -3.72 -10.42
N LEU A 228 -25.39 -3.62 -9.25
CA LEU A 228 -24.97 -4.38 -8.09
C LEU A 228 -25.17 -5.89 -8.32
N PHE A 229 -26.32 -6.26 -8.87
CA PHE A 229 -26.59 -7.63 -9.36
C PHE A 229 -26.37 -7.71 -10.86
N SER A 230 -25.84 -8.84 -11.31
CA SER A 230 -25.58 -9.01 -12.73
C SER A 230 -26.86 -9.13 -13.52
N GLY A 231 -26.81 -8.71 -14.78
CA GLY A 231 -27.92 -8.87 -15.70
C GLY A 231 -27.72 -10.01 -16.69
N SER A 232 -26.64 -10.78 -16.55
CA SER A 232 -26.42 -11.91 -17.44
C SER A 232 -27.40 -13.04 -17.18
N GLY A 233 -28.02 -13.51 -18.24
CA GLY A 233 -29.05 -14.54 -18.17
C GLY A 233 -30.45 -14.00 -17.79
N LEU A 234 -30.64 -12.70 -17.94
CA LEU A 234 -31.95 -12.08 -17.73
C LEU A 234 -32.42 -11.56 -19.06
N VAL A 235 -33.66 -11.90 -19.42
CA VAL A 235 -34.27 -11.35 -20.62
C VAL A 235 -34.54 -9.87 -20.29
N PRO A 236 -33.86 -8.95 -21.00
CA PRO A 236 -34.07 -7.56 -20.65
C PRO A 236 -35.46 -7.00 -20.97
N ALA A 237 -35.87 -6.05 -20.13
CA ALA A 237 -37.01 -5.22 -20.38
C ALA A 237 -36.46 -3.87 -20.84
N ALA A 238 -35.90 -3.12 -19.91
CA ALA A 238 -35.10 -1.94 -20.25
C ALA A 238 -33.70 -2.18 -19.71
N ARG A 239 -32.83 -2.67 -20.58
CA ARG A 239 -31.46 -3.05 -20.19
C ARG A 239 -30.70 -2.02 -19.33
N SER A 240 -30.80 -0.73 -19.67
CA SER A 240 -30.11 0.28 -18.90
C SER A 240 -30.72 0.52 -17.52
N LEU A 241 -31.89 -0.05 -17.23
CA LEU A 241 -32.59 0.20 -15.98
C LEU A 241 -32.85 -1.06 -15.14
N ASP A 242 -32.96 -2.21 -15.79
CA ASP A 242 -33.34 -3.46 -15.10
C ASP A 242 -32.46 -3.75 -13.88
N CYS A 243 -33.08 -4.34 -12.87
CA CYS A 243 -32.41 -4.91 -11.72
C CYS A 243 -33.13 -6.19 -11.33
N ILE A 244 -32.39 -7.29 -11.22
CA ILE A 244 -32.93 -8.46 -10.53
C ILE A 244 -33.11 -8.02 -9.09
N SER A 245 -34.17 -8.50 -8.47
CA SER A 245 -34.59 -8.03 -7.12
C SER A 245 -34.94 -9.21 -6.21
N VAL A 246 -35.00 -8.93 -4.92
CA VAL A 246 -35.25 -9.97 -3.94
C VAL A 246 -36.58 -9.76 -3.24
N LEU A 247 -37.34 -10.84 -3.12
CA LEU A 247 -38.57 -10.87 -2.34
C LEU A 247 -38.45 -11.88 -1.21
N ALA A 248 -38.79 -11.42 -0.01
CA ALA A 248 -38.70 -12.22 1.21
C ALA A 248 -39.69 -11.71 2.24
N HIS A 249 -39.78 -12.41 3.39
CA HIS A 249 -40.65 -11.98 4.49
C HIS A 249 -40.03 -10.84 5.33
N THR A 250 -38.70 -10.81 5.39
CA THR A 250 -38.01 -9.85 6.25
C THR A 250 -36.80 -9.23 5.59
N VAL A 251 -36.29 -8.18 6.24
CA VAL A 251 -35.16 -7.44 5.71
C VAL A 251 -33.88 -8.25 5.84
N ASP A 252 -33.72 -8.92 6.97
CA ASP A 252 -32.58 -9.80 7.19
C ASP A 252 -32.45 -10.87 6.10
N ASP A 253 -33.56 -11.52 5.80
CA ASP A 253 -33.57 -12.56 4.78
C ASP A 253 -33.27 -11.97 3.42
N ALA A 254 -33.94 -10.86 3.11
CA ALA A 254 -33.69 -10.14 1.84
C ALA A 254 -32.23 -9.76 1.70
N LEU A 255 -31.66 -9.22 2.78
CA LEU A 255 -30.24 -8.90 2.83
C LEU A 255 -29.34 -10.13 2.69
N ALA A 256 -29.68 -11.20 3.41
CA ALA A 256 -28.89 -12.42 3.36
C ALA A 256 -28.77 -12.92 1.91
N VAL A 257 -29.88 -12.88 1.17
CA VAL A 257 -29.91 -13.28 -0.22
C VAL A 257 -29.15 -12.27 -1.08
N ALA A 258 -29.41 -10.99 -0.89
CA ALA A 258 -28.73 -9.95 -1.68
C ALA A 258 -27.19 -10.06 -1.61
N ARG A 259 -26.65 -10.33 -0.42
CA ARG A 259 -25.19 -10.41 -0.23
C ARG A 259 -24.57 -11.50 -1.09
N VAL A 260 -25.26 -12.62 -1.17
CA VAL A 260 -24.86 -13.73 -2.01
C VAL A 260 -25.00 -13.38 -3.50
N ALA A 261 -26.11 -12.75 -3.86
CA ALA A 261 -26.45 -12.46 -5.28
C ALA A 261 -25.63 -11.37 -5.88
N ALA A 262 -25.29 -10.39 -5.05
CA ALA A 262 -24.56 -9.20 -5.49
C ALA A 262 -23.16 -9.58 -5.88
N GLY A 263 -22.63 -8.90 -6.89
CA GLY A 263 -21.25 -9.14 -7.33
C GLY A 263 -20.99 -8.78 -8.79
N TYR A 264 -19.75 -8.40 -9.07
CA TYR A 264 -19.37 -7.95 -10.37
C TYR A 264 -19.29 -9.10 -11.38
N ASP A 265 -19.89 -8.89 -12.53
CA ASP A 265 -19.84 -9.83 -13.62
C ASP A 265 -19.20 -9.13 -14.83
N ALA A 266 -17.95 -9.47 -15.09
CA ALA A 266 -17.13 -8.86 -16.16
C ALA A 266 -17.80 -8.93 -17.52
N ASP A 267 -18.63 -9.94 -17.74
CA ASP A 267 -19.33 -10.08 -19.03
C ASP A 267 -20.53 -9.13 -19.18
N ASP A 268 -21.00 -8.57 -18.07
CA ASP A 268 -22.14 -7.69 -18.11
C ASP A 268 -21.66 -6.24 -18.06
N ALA A 269 -21.80 -5.56 -19.19
CA ALA A 269 -21.29 -4.22 -19.35
C ALA A 269 -21.96 -3.19 -18.43
N PHE A 270 -23.09 -3.57 -17.84
CA PHE A 270 -23.80 -2.70 -16.89
C PHE A 270 -23.56 -3.12 -15.45
N SER A 271 -22.81 -4.20 -15.24
CA SER A 271 -22.41 -4.61 -13.91
C SER A 271 -21.37 -3.64 -13.33
N ARG A 272 -21.53 -3.31 -12.06
CA ARG A 272 -20.65 -2.39 -11.35
C ARG A 272 -20.05 -3.05 -10.10
N LYS A 273 -18.92 -2.52 -9.67
CA LYS A 273 -18.24 -3.03 -8.51
C LYS A 273 -18.82 -2.23 -7.35
N ALA A 274 -19.19 -2.91 -6.28
CA ALA A 274 -19.56 -2.22 -5.08
C ALA A 274 -18.46 -2.51 -4.14
N GLY A 275 -18.28 -1.64 -3.14
CA GLY A 275 -17.32 -1.95 -2.11
C GLY A 275 -18.03 -2.91 -1.17
N ALA A 276 -17.27 -3.42 -0.21
CA ALA A 276 -17.91 -4.00 0.94
C ALA A 276 -18.64 -2.80 1.49
N ALA A 277 -19.70 -3.07 2.24
CA ALA A 277 -20.46 -2.02 2.90
C ALA A 277 -21.73 -1.63 2.13
N ALA A 278 -21.75 -1.83 0.82
CA ALA A 278 -22.94 -1.45 0.08
C ALA A 278 -24.13 -2.19 0.66
N LEU A 279 -23.95 -3.43 1.12
CA LEU A 279 -25.02 -4.18 1.77
C LEU A 279 -24.77 -4.43 3.25
N THR A 280 -23.83 -3.72 3.84
CA THR A 280 -23.59 -3.79 5.27
C THR A 280 -24.67 -3.07 6.05
N GLU A 281 -25.16 -3.71 7.11
CA GLU A 281 -26.13 -3.08 8.00
C GLU A 281 -25.41 -1.97 8.76
N LYS A 282 -26.13 -0.90 9.05
CA LYS A 282 -25.58 0.29 9.68
C LYS A 282 -26.55 0.85 10.67
N SER A 283 -26.10 1.16 11.89
CA SER A 283 -26.99 1.75 12.89
C SER A 283 -27.24 3.21 12.56
N TRP A 284 -28.49 3.62 12.54
CA TRP A 284 -28.83 5.00 12.22
C TRP A 284 -28.65 5.90 13.46
N PRO A 285 -28.19 7.15 13.27
CA PRO A 285 -28.10 8.08 14.38
C PRO A 285 -29.46 8.36 15.01
N ARG A 286 -29.44 8.93 16.21
CA ARG A 286 -30.65 9.25 16.94
C ARG A 286 -31.56 10.21 16.18
N ARG A 287 -30.94 11.13 15.45
CA ARG A 287 -31.69 12.06 14.60
C ARG A 287 -31.26 11.99 13.15
N PHE A 288 -32.23 12.09 12.27
CA PHE A 288 -31.97 12.11 10.84
C PHE A 288 -33.09 12.82 10.13
N ASN A 289 -32.85 13.11 8.87
CA ASN A 289 -33.84 13.74 8.02
C ASN A 289 -34.34 12.79 6.96
N PHE A 290 -35.64 12.83 6.74
CA PHE A 290 -36.24 12.00 5.70
C PHE A 290 -37.23 12.82 4.91
N GLY A 291 -37.23 12.63 3.60
CA GLY A 291 -38.01 13.48 2.73
C GLY A 291 -39.33 12.81 2.44
N VAL A 292 -40.40 13.62 2.42
CA VAL A 292 -41.73 13.16 2.02
C VAL A 292 -42.36 14.22 1.13
N PRO A 293 -43.02 13.81 0.03
CA PRO A 293 -43.70 14.78 -0.82
C PRO A 293 -44.77 15.55 -0.07
N ALA A 294 -44.90 16.83 -0.38
CA ALA A 294 -45.89 17.71 0.27
C ALA A 294 -47.26 17.04 0.45
N ALA A 295 -47.74 16.98 1.69
CA ALA A 295 -49.05 16.37 2.05
C ALA A 295 -50.21 16.75 1.13
N GLU A 296 -50.29 18.04 0.79
CA GLU A 296 -51.42 18.58 -0.01
C GLU A 296 -51.50 18.03 -1.43
N HIS A 297 -50.40 17.52 -1.96
CA HIS A 297 -50.36 17.05 -3.36
C HIS A 297 -50.12 15.56 -3.49
N ARG A 298 -50.07 14.85 -2.37
CA ARG A 298 -49.90 13.40 -2.41
C ARG A 298 -51.09 12.79 -3.12
N GLN A 299 -50.83 11.67 -3.77
CA GLN A 299 -51.71 11.12 -4.78
C GLN A 299 -52.07 9.70 -4.39
N PHE A 300 -53.32 9.51 -3.95
CA PHE A 300 -53.77 8.20 -3.51
C PHE A 300 -54.97 7.70 -4.31
N PHE A 301 -55.30 8.43 -5.37
CA PHE A 301 -56.36 8.00 -6.28
C PHE A 301 -57.61 7.52 -5.56
N GLY A 302 -58.07 8.33 -4.62
CA GLY A 302 -59.32 8.07 -3.90
C GLY A 302 -59.24 7.07 -2.74
N ASP A 303 -58.06 6.53 -2.46
CA ASP A 303 -57.91 5.55 -1.39
C ASP A 303 -57.58 6.22 -0.06
N ALA A 304 -58.62 6.64 0.65
CA ALA A 304 -58.48 7.38 1.91
C ALA A 304 -57.75 6.61 3.00
N GLU A 305 -58.00 5.31 3.08
CA GLU A 305 -57.34 4.48 4.10
C GLU A 305 -55.82 4.43 3.91
N ALA A 306 -55.41 4.31 2.65
CA ALA A 306 -54.00 4.27 2.31
C ALA A 306 -53.34 5.56 2.72
N GLU A 307 -53.98 6.68 2.41
CA GLU A 307 -53.49 8.00 2.83
C GLU A 307 -53.25 8.09 4.34
N ALA A 308 -54.17 7.52 5.12
CA ALA A 308 -54.12 7.60 6.58
C ALA A 308 -53.04 6.69 7.12
N LEU A 309 -52.90 5.53 6.49
CA LEU A 309 -51.84 4.58 6.83
C LEU A 309 -50.45 5.12 6.51
N PHE A 310 -50.35 5.93 5.45
CA PHE A 310 -49.09 6.55 5.11
C PHE A 310 -48.73 7.57 6.16
N ASN A 311 -49.71 8.39 6.54
CA ASN A 311 -49.54 9.34 7.65
C ASN A 311 -49.05 8.66 8.94
N LYS A 312 -49.59 7.48 9.26
CA LYS A 312 -49.08 6.70 10.39
C LYS A 312 -47.60 6.41 10.23
N ALA A 313 -47.22 6.03 9.02
CA ALA A 313 -45.86 5.65 8.72
C ALA A 313 -44.94 6.84 8.87
N VAL A 314 -45.40 8.01 8.45
CA VAL A 314 -44.63 9.23 8.64
C VAL A 314 -44.42 9.52 10.13
N ARG A 315 -45.51 9.46 10.92
CA ARG A 315 -45.46 9.70 12.39
C ARG A 315 -44.49 8.75 13.07
N LYS A 316 -44.57 7.48 12.70
CA LYS A 316 -43.73 6.44 13.26
C LYS A 316 -42.25 6.72 13.04
N LEU A 317 -41.90 7.20 11.86
CA LEU A 317 -40.50 7.51 11.52
C LEU A 317 -40.03 8.75 12.28
N GLU A 318 -40.97 9.67 12.50
CA GLU A 318 -40.71 10.83 13.34
C GLU A 318 -40.38 10.40 14.78
N GLU A 319 -41.19 9.48 15.31
CA GLU A 319 -40.98 8.96 16.65
C GLU A 319 -39.67 8.19 16.80
N MET A 320 -39.12 7.69 15.70
CA MET A 320 -37.81 7.02 15.73
C MET A 320 -36.65 8.02 15.61
N GLY A 321 -36.96 9.32 15.59
CA GLY A 321 -35.92 10.36 15.55
C GLY A 321 -35.81 11.14 14.23
N GLY A 322 -36.72 10.85 13.31
CA GLY A 322 -36.69 11.46 11.99
C GLY A 322 -37.37 12.81 11.96
N THR A 323 -36.73 13.75 11.28
CA THR A 323 -37.35 15.03 10.98
C THR A 323 -37.88 14.95 9.57
N CYS A 324 -39.18 15.21 9.42
CA CYS A 324 -39.84 15.13 8.13
C CYS A 324 -39.59 16.38 7.30
N ILE A 325 -38.93 16.21 6.16
CA ILE A 325 -38.66 17.32 5.26
C ILE A 325 -39.64 17.23 4.10
N SER A 326 -40.42 18.28 3.90
CA SER A 326 -41.38 18.31 2.84
C SER A 326 -40.66 18.70 1.55
N PHE A 327 -41.05 18.10 0.42
CA PHE A 327 -40.50 18.51 -0.86
C PHE A 327 -41.53 18.46 -1.98
N ASP A 328 -41.25 19.19 -3.06
CA ASP A 328 -42.09 19.15 -4.25
C ASP A 328 -41.74 17.93 -5.09
N TYR A 329 -42.73 17.07 -5.31
CA TYR A 329 -42.56 15.79 -6.03
C TYR A 329 -42.42 15.95 -7.53
N THR A 330 -42.93 17.07 -8.05
CA THR A 330 -42.91 17.37 -9.50
C THR A 330 -41.74 16.77 -10.34
N PRO A 331 -40.47 17.12 -10.03
CA PRO A 331 -39.38 16.57 -10.86
C PRO A 331 -39.25 15.06 -10.84
N PHE A 332 -39.58 14.47 -9.70
CA PHE A 332 -39.60 13.02 -9.60
C PHE A 332 -40.74 12.44 -10.43
N ARG A 333 -41.91 13.07 -10.37
CA ARG A 333 -43.04 12.63 -11.15
C ARG A 333 -42.72 12.71 -12.62
N GLN A 334 -42.15 13.83 -13.02
CA GLN A 334 -41.85 14.07 -14.43
C GLN A 334 -40.86 13.08 -14.97
N ALA A 335 -39.89 12.71 -14.15
CA ALA A 335 -38.92 11.69 -14.52
C ALA A 335 -39.60 10.34 -14.60
N ALA A 336 -40.44 10.04 -13.61
CA ALA A 336 -41.18 8.76 -13.62
C ALA A 336 -41.98 8.62 -14.92
N GLU A 337 -42.53 9.73 -15.37
CA GLU A 337 -43.35 9.75 -16.60
C GLU A 337 -42.59 9.44 -17.86
N LEU A 338 -41.28 9.75 -17.88
CA LEU A 338 -40.45 9.47 -19.05
C LEU A 338 -40.29 7.99 -19.34
N LEU A 339 -40.59 7.13 -18.36
CA LEU A 339 -40.40 5.70 -18.54
C LEU A 339 -41.32 5.20 -19.62
N TYR A 340 -42.58 5.64 -19.56
CA TYR A 340 -43.57 5.22 -20.53
C TYR A 340 -44.02 6.30 -21.50
N ALA A 341 -44.03 7.55 -21.06
CA ALA A 341 -44.39 8.67 -21.94
C ALA A 341 -43.13 9.26 -22.63
N GLY A 342 -41.99 8.63 -22.40
CA GLY A 342 -40.73 9.04 -23.03
C GLY A 342 -40.12 7.90 -23.84
N PRO A 343 -38.88 8.09 -24.29
CA PRO A 343 -38.23 7.15 -25.22
C PRO A 343 -37.76 5.83 -24.61
N TRP A 344 -37.76 5.70 -23.29
CA TRP A 344 -37.27 4.48 -22.65
C TRP A 344 -38.10 3.24 -22.95
N VAL A 345 -39.33 3.43 -23.40
CA VAL A 345 -40.15 2.34 -23.90
C VAL A 345 -39.40 1.62 -25.02
N ALA A 346 -38.57 2.36 -25.76
CA ALA A 346 -37.82 1.78 -26.87
C ALA A 346 -36.78 0.75 -26.42
N GLU A 347 -36.37 0.78 -25.16
CA GLU A 347 -35.49 -0.28 -24.67
C GLU A 347 -36.17 -1.64 -24.70
N ARG A 348 -37.49 -1.65 -24.50
CA ARG A 348 -38.29 -2.89 -24.50
C ARG A 348 -38.41 -3.42 -25.91
N LEU A 349 -38.71 -2.55 -26.84
CA LEU A 349 -38.76 -2.94 -28.26
C LEU A 349 -37.39 -3.45 -28.73
N ALA A 350 -36.32 -2.76 -28.37
CA ALA A 350 -34.95 -3.22 -28.69
C ALA A 350 -34.69 -4.64 -28.20
N ALA A 351 -35.08 -4.90 -26.96
CA ALA A 351 -34.88 -6.21 -26.35
C ALA A 351 -35.61 -7.36 -27.07
N ILE A 352 -36.77 -7.11 -27.67
CA ILE A 352 -37.51 -8.19 -28.34
C ILE A 352 -37.86 -7.85 -29.79
N GLU A 353 -37.03 -7.02 -30.42
CA GLU A 353 -37.36 -6.43 -31.71
C GLU A 353 -37.81 -7.47 -32.72
N SER A 354 -37.02 -8.52 -32.83
CA SER A 354 -37.24 -9.57 -33.80
C SER A 354 -38.57 -10.27 -33.60
N LEU A 355 -38.91 -10.52 -32.35
CA LEU A 355 -40.16 -11.18 -32.03
C LEU A 355 -41.37 -10.27 -32.27
N ALA A 356 -41.22 -8.98 -31.94
CA ALA A 356 -42.29 -8.00 -32.19
C ALA A 356 -42.53 -7.78 -33.67
N ASP A 357 -41.47 -7.89 -34.46
CA ASP A 357 -41.54 -7.73 -35.90
C ASP A 357 -42.17 -8.95 -36.58
N GLU A 358 -41.67 -10.14 -36.25
CA GLU A 358 -42.07 -11.38 -36.95
C GLU A 358 -43.29 -12.08 -36.39
N HIS A 359 -43.49 -12.00 -35.08
CA HIS A 359 -44.63 -12.68 -34.44
C HIS A 359 -45.30 -11.82 -33.35
N PRO A 360 -45.86 -10.67 -33.74
CA PRO A 360 -46.52 -9.83 -32.74
C PRO A 360 -47.71 -10.53 -32.06
N GLU A 361 -48.25 -11.57 -32.71
CA GLU A 361 -49.44 -12.23 -32.23
C GLU A 361 -49.24 -12.95 -30.90
N VAL A 362 -48.01 -13.32 -30.56
CA VAL A 362 -47.77 -14.00 -29.27
C VAL A 362 -47.59 -13.02 -28.12
N LEU A 363 -47.60 -11.73 -28.43
CA LEU A 363 -47.50 -10.72 -27.37
C LEU A 363 -48.88 -10.45 -26.80
N HIS A 364 -48.94 -10.35 -25.48
CA HIS A 364 -50.14 -9.92 -24.80
C HIS A 364 -50.57 -8.58 -25.37
N PRO A 365 -51.86 -8.44 -25.71
CA PRO A 365 -52.29 -7.27 -26.52
C PRO A 365 -51.94 -5.92 -25.88
N VAL A 366 -52.02 -5.83 -24.57
CA VAL A 366 -51.74 -4.57 -23.90
C VAL A 366 -50.24 -4.28 -23.94
N VAL A 367 -49.48 -5.34 -23.77
CA VAL A 367 -48.04 -5.25 -23.78
C VAL A 367 -47.60 -4.91 -25.19
N ARG A 368 -48.27 -5.55 -26.14
CA ARG A 368 -48.00 -5.30 -27.56
C ARG A 368 -48.11 -3.83 -27.98
N ASP A 369 -49.25 -3.22 -27.69
CA ASP A 369 -49.49 -1.85 -28.09
C ASP A 369 -48.46 -0.91 -27.48
N ILE A 370 -48.14 -1.15 -26.21
CA ILE A 370 -47.14 -0.33 -25.51
C ILE A 370 -45.78 -0.44 -26.20
N ILE A 371 -45.26 -1.65 -26.27
CA ILE A 371 -43.94 -1.89 -26.83
C ILE A 371 -43.84 -1.45 -28.29
N LEU A 372 -44.85 -1.76 -29.10
CA LEU A 372 -44.78 -1.41 -30.53
C LEU A 372 -44.93 0.09 -30.77
N SER A 373 -45.41 0.84 -29.78
CA SER A 373 -45.52 2.28 -29.92
C SER A 373 -44.15 2.97 -30.01
N ALA A 374 -43.10 2.29 -29.55
CA ALA A 374 -41.73 2.76 -29.69
C ALA A 374 -41.26 2.85 -31.14
N LYS A 375 -41.93 2.14 -32.05
CA LYS A 375 -41.67 2.27 -33.50
C LYS A 375 -41.69 3.72 -34.02
N ARG A 376 -42.46 4.56 -33.36
CA ARG A 376 -42.66 5.94 -33.75
C ARG A 376 -41.73 6.89 -32.98
N MET A 377 -40.77 6.34 -32.24
CA MET A 377 -39.82 7.15 -31.50
C MET A 377 -38.47 7.22 -32.20
N SER A 378 -37.92 8.43 -32.27
CA SER A 378 -36.68 8.65 -33.02
C SER A 378 -35.45 8.75 -32.12
N ALA A 379 -34.29 8.68 -32.77
CA ALA A 379 -33.03 8.93 -32.07
C ALA A 379 -33.02 10.31 -31.43
N VAL A 380 -33.51 11.30 -32.17
CA VAL A 380 -33.66 12.66 -31.62
C VAL A 380 -34.54 12.70 -30.39
N ASP A 381 -35.70 12.02 -30.45
CA ASP A 381 -36.56 11.89 -29.27
C ASP A 381 -35.78 11.32 -28.08
N THR A 382 -34.93 10.35 -28.33
CA THR A 382 -34.20 9.67 -27.23
C THR A 382 -33.22 10.58 -26.50
N PHE A 383 -32.41 11.30 -27.27
CA PHE A 383 -31.47 12.23 -26.68
C PHE A 383 -32.15 13.40 -25.98
N ASN A 384 -33.25 13.90 -26.55
CA ASN A 384 -34.02 14.95 -25.87
C ASN A 384 -34.57 14.43 -24.56
N GLY A 385 -34.93 13.15 -24.53
CA GLY A 385 -35.33 12.50 -23.28
C GLY A 385 -34.17 12.41 -22.28
N ILE A 386 -33.01 12.00 -22.78
CA ILE A 386 -31.81 12.00 -21.95
C ILE A 386 -31.47 13.40 -21.43
N TYR A 387 -31.55 14.43 -22.28
CA TYR A 387 -31.30 15.81 -21.78
C TYR A 387 -32.31 16.18 -20.69
N ARG A 388 -33.58 15.90 -20.95
CA ARG A 388 -34.65 16.20 -20.03
C ARG A 388 -34.39 15.51 -18.69
N LEU A 389 -34.09 14.23 -18.75
CA LEU A 389 -33.79 13.47 -17.53
C LEU A 389 -32.68 14.13 -16.72
N ALA A 390 -31.62 14.54 -17.39
CA ALA A 390 -30.48 15.12 -16.69
C ALA A 390 -30.87 16.41 -15.97
N ASP A 391 -31.79 17.18 -16.55
CA ASP A 391 -32.32 18.39 -15.90
C ASP A 391 -33.14 18.04 -14.66
N LEU A 392 -33.93 16.98 -14.76
CA LEU A 392 -34.75 16.54 -13.62
C LEU A 392 -33.91 16.00 -12.47
N VAL A 393 -32.88 15.22 -12.81
CA VAL A 393 -31.88 14.79 -11.82
C VAL A 393 -31.22 15.99 -11.14
N ARG A 394 -30.88 17.02 -11.91
CA ARG A 394 -30.28 18.22 -11.32
C ARG A 394 -31.25 18.91 -10.36
N ALA A 395 -32.52 19.06 -10.76
CA ALA A 395 -33.55 19.64 -9.88
C ALA A 395 -33.73 18.82 -8.61
N ALA A 396 -33.71 17.51 -8.76
CA ALA A 396 -33.87 16.60 -7.62
C ALA A 396 -32.76 16.71 -6.57
N GLU A 397 -31.55 17.11 -7.00
CA GLU A 397 -30.42 17.25 -6.05
C GLU A 397 -30.74 18.20 -4.87
N SER A 398 -31.58 19.19 -5.11
CA SER A 398 -32.01 20.10 -4.06
C SER A 398 -32.65 19.37 -2.92
N THR A 399 -33.43 18.33 -3.26
CA THR A 399 -34.09 17.51 -2.25
C THR A 399 -33.09 16.58 -1.54
N TRP A 400 -32.26 15.89 -2.32
CA TRP A 400 -31.26 14.99 -1.73
C TRP A 400 -30.29 15.69 -0.76
N GLU A 401 -29.94 16.94 -1.05
CA GLU A 401 -29.04 17.71 -0.18
C GLU A 401 -29.61 17.93 1.23
N LYS A 402 -30.92 17.86 1.36
CA LYS A 402 -31.62 18.14 2.61
C LYS A 402 -32.02 16.91 3.39
N ILE A 403 -31.84 15.70 2.83
CA ILE A 403 -32.39 14.48 3.44
C ILE A 403 -31.39 13.35 3.43
N ASP A 404 -31.60 12.38 4.31
CA ASP A 404 -30.73 11.18 4.36
C ASP A 404 -31.40 10.01 3.68
N VAL A 405 -32.71 10.11 3.47
CA VAL A 405 -33.51 9.06 2.87
C VAL A 405 -34.85 9.64 2.47
N MET A 406 -35.47 9.05 1.46
CA MET A 406 -36.81 9.43 1.03
C MET A 406 -37.80 8.31 1.41
N LEU A 407 -38.99 8.72 1.82
CA LEU A 407 -40.05 7.79 2.18
C LEU A 407 -41.29 8.04 1.31
N LEU A 408 -41.69 7.02 0.54
CA LEU A 408 -42.87 7.11 -0.31
C LEU A 408 -43.84 5.95 -0.08
N PRO A 409 -45.14 6.17 -0.36
CA PRO A 409 -45.96 4.98 -0.45
C PRO A 409 -45.43 4.11 -1.57
N THR A 410 -45.47 2.80 -1.40
CA THR A 410 -44.96 1.92 -2.44
C THR A 410 -45.96 2.00 -3.57
N ALA A 411 -47.20 1.64 -3.25
CA ALA A 411 -48.32 1.74 -4.16
C ALA A 411 -49.36 2.63 -3.51
N PRO A 412 -49.89 3.61 -4.26
CA PRO A 412 -50.87 4.54 -3.70
C PRO A 412 -52.20 3.88 -3.42
N THR A 413 -52.50 2.80 -4.14
CA THR A 413 -53.71 2.05 -3.91
C THR A 413 -53.57 0.65 -4.48
N ILE A 414 -54.64 -0.12 -4.41
CA ILE A 414 -54.69 -1.46 -4.97
C ILE A 414 -56.03 -1.64 -5.70
N TYR A 415 -56.06 -2.49 -6.73
CA TYR A 415 -57.26 -2.65 -7.56
C TYR A 415 -57.70 -4.10 -7.63
N THR A 416 -58.96 -4.31 -7.98
CA THR A 416 -59.46 -5.65 -8.21
C THR A 416 -58.95 -6.09 -9.57
N VAL A 417 -58.87 -7.42 -9.73
CA VAL A 417 -58.54 -8.00 -11.00
C VAL A 417 -59.54 -7.54 -12.06
N GLU A 418 -60.82 -7.60 -11.72
CA GLU A 418 -61.86 -7.21 -12.65
C GLU A 418 -61.70 -5.75 -13.10
N ASP A 419 -61.44 -4.84 -12.17
CA ASP A 419 -61.28 -3.40 -12.51
C ASP A 419 -60.06 -3.16 -13.42
N MET A 420 -58.96 -3.86 -13.13
CA MET A 420 -57.73 -3.73 -13.88
C MET A 420 -57.89 -4.26 -15.31
N LEU A 421 -58.52 -5.42 -15.45
CA LEU A 421 -58.82 -5.96 -16.79
C LEU A 421 -59.65 -4.98 -17.61
N ALA A 422 -60.56 -4.28 -16.94
CA ALA A 422 -61.46 -3.35 -17.60
C ALA A 422 -60.80 -2.03 -17.99
N ASP A 423 -59.67 -1.71 -17.36
CA ASP A 423 -59.00 -0.41 -17.56
C ASP A 423 -57.48 -0.65 -17.43
N PRO A 424 -56.94 -1.53 -18.28
CA PRO A 424 -55.62 -2.08 -18.04
C PRO A 424 -54.41 -1.15 -18.20
N VAL A 425 -54.55 -0.04 -18.91
CA VAL A 425 -53.43 0.88 -19.11
C VAL A 425 -53.42 1.95 -18.05
N ARG A 426 -54.53 2.66 -17.91
CA ARG A 426 -54.61 3.74 -16.94
C ARG A 426 -54.35 3.31 -15.47
N LEU A 427 -55.09 2.29 -15.01
CA LEU A 427 -54.99 1.86 -13.61
C LEU A 427 -53.62 1.31 -13.29
N ASN A 428 -53.02 0.62 -14.25
CA ASN A 428 -51.64 0.22 -14.11
C ASN A 428 -50.67 1.40 -13.97
N SER A 429 -50.83 2.43 -14.79
CA SER A 429 -49.94 3.59 -14.73
C SER A 429 -50.04 4.25 -13.37
N ASN A 430 -51.26 4.30 -12.82
CA ASN A 430 -51.50 4.85 -11.47
C ASN A 430 -50.64 4.15 -10.43
N LEU A 431 -50.51 2.83 -10.53
CA LEU A 431 -49.71 2.06 -9.57
C LEU A 431 -48.25 2.47 -9.64
N GLY A 432 -47.83 3.02 -10.78
CA GLY A 432 -46.45 3.43 -10.95
C GLY A 432 -46.13 4.85 -10.55
N PHE A 433 -47.08 5.50 -9.90
CA PHE A 433 -46.93 6.91 -9.58
C PHE A 433 -45.70 7.22 -8.73
N TYR A 434 -45.44 6.38 -7.72
CA TYR A 434 -44.34 6.60 -6.77
C TYR A 434 -43.14 5.66 -6.96
N THR A 435 -43.14 4.88 -8.04
CA THR A 435 -42.06 3.92 -8.28
C THR A 435 -41.20 4.20 -9.53
N ASN A 436 -41.83 4.66 -10.60
CA ASN A 436 -41.21 4.63 -11.94
C ASN A 436 -39.92 5.47 -12.18
N PHE A 437 -39.55 6.32 -11.23
CA PHE A 437 -38.39 7.20 -11.40
C PHE A 437 -37.11 6.59 -10.84
N VAL A 438 -37.25 5.56 -10.01
CA VAL A 438 -36.14 5.11 -9.17
C VAL A 438 -34.92 4.66 -9.97
N ASN A 439 -35.13 3.78 -10.93
CA ASN A 439 -34.02 3.31 -11.76
C ASN A 439 -33.50 4.35 -12.74
N LEU A 440 -34.40 5.14 -13.32
CA LEU A 440 -33.98 6.24 -14.20
C LEU A 440 -33.01 7.18 -13.50
N MET A 441 -33.25 7.44 -12.22
CA MET A 441 -32.42 8.38 -11.44
C MET A 441 -31.31 7.69 -10.66
N ASP A 442 -31.14 6.39 -10.90
CA ASP A 442 -30.05 5.60 -10.32
C ASP A 442 -30.08 5.58 -8.79
N LEU A 443 -31.19 5.10 -8.26
CA LEU A 443 -31.38 5.06 -6.82
C LEU A 443 -31.48 3.65 -6.28
N SER A 444 -31.37 3.55 -4.96
CA SER A 444 -31.55 2.29 -4.26
C SER A 444 -32.90 2.40 -3.60
N ALA A 445 -33.59 1.26 -3.44
CA ALA A 445 -34.91 1.23 -2.81
C ALA A 445 -35.16 -0.07 -2.07
N ILE A 446 -35.86 0.01 -0.95
CA ILE A 446 -36.38 -1.17 -0.30
C ILE A 446 -37.81 -0.95 0.17
N ALA A 447 -38.69 -1.85 -0.24
CA ALA A 447 -40.12 -1.75 0.07
C ALA A 447 -40.39 -2.62 1.25
N VAL A 448 -41.00 -2.04 2.29
CA VAL A 448 -41.34 -2.78 3.51
C VAL A 448 -42.79 -2.56 3.89
N PRO A 449 -43.38 -3.49 4.68
CA PRO A 449 -44.74 -3.35 5.15
C PRO A 449 -44.99 -2.18 6.07
N ALA A 450 -46.21 -1.66 6.00
CA ALA A 450 -46.63 -0.53 6.81
C ALA A 450 -48.10 -0.71 7.20
N GLY A 451 -48.43 -1.94 7.59
CA GLY A 451 -49.73 -2.24 8.16
C GLY A 451 -50.80 -2.68 7.17
N PHE A 452 -52.06 -2.54 7.61
CA PHE A 452 -53.22 -3.13 6.92
C PHE A 452 -54.42 -2.22 6.97
N ARG A 453 -55.21 -2.28 5.91
CA ARG A 453 -56.49 -1.60 5.84
C ARG A 453 -57.50 -2.36 6.71
N THR A 454 -58.62 -1.71 6.98
CA THR A 454 -59.72 -2.36 7.69
C THR A 454 -60.15 -3.67 7.05
N ASN A 455 -60.13 -3.72 5.72
CA ASN A 455 -60.53 -4.90 4.96
C ASN A 455 -59.45 -5.96 4.81
N GLY A 456 -58.34 -5.81 5.52
CA GLY A 456 -57.29 -6.85 5.54
C GLY A 456 -56.21 -6.73 4.46
N LEU A 457 -56.43 -5.87 3.46
CA LEU A 457 -55.45 -5.63 2.39
C LEU A 457 -54.28 -4.80 2.89
N PRO A 458 -53.04 -5.29 2.72
CA PRO A 458 -51.86 -4.58 3.27
C PRO A 458 -51.44 -3.34 2.51
N PHE A 459 -50.67 -2.50 3.19
CA PHE A 459 -50.13 -1.27 2.62
C PHE A 459 -48.65 -1.18 2.96
N GLY A 460 -47.85 -0.77 1.98
CA GLY A 460 -46.40 -0.75 2.12
C GLY A 460 -45.81 0.60 1.82
N VAL A 461 -44.65 0.87 2.41
CA VAL A 461 -43.89 2.07 2.09
C VAL A 461 -42.56 1.63 1.54
N THR A 462 -41.87 2.56 0.89
CA THR A 462 -40.59 2.27 0.28
C THR A 462 -39.62 3.29 0.80
N PHE A 463 -38.47 2.84 1.29
CA PHE A 463 -37.35 3.75 1.59
C PHE A 463 -36.45 3.83 0.39
N ILE A 464 -36.12 5.03 -0.02
CA ILE A 464 -35.28 5.25 -1.20
C ILE A 464 -34.03 6.03 -0.80
N GLY A 465 -32.88 5.55 -1.26
CA GLY A 465 -31.61 6.24 -1.07
C GLY A 465 -30.87 6.37 -2.38
N ARG A 466 -29.67 6.94 -2.30
CA ARG A 466 -28.82 7.08 -3.47
C ARG A 466 -28.19 5.74 -3.86
N ALA A 467 -27.50 5.74 -4.99
CA ALA A 467 -26.74 4.57 -5.42
C ALA A 467 -25.84 4.03 -4.30
N PHE A 468 -25.87 2.71 -4.11
CA PHE A 468 -25.00 1.99 -3.16
C PHE A 468 -25.27 2.31 -1.69
N GLU A 469 -26.44 2.87 -1.40
CA GLU A 469 -26.86 3.07 -0.03
C GLU A 469 -27.82 1.96 0.40
N ASP A 470 -27.70 0.81 -0.24
CA ASP A 470 -28.67 -0.27 -0.08
C ASP A 470 -28.76 -0.75 1.38
N GLY A 471 -27.59 -1.00 1.97
CA GLY A 471 -27.48 -1.48 3.35
C GLY A 471 -28.00 -0.46 4.35
N ALA A 472 -27.68 0.80 4.11
CA ALA A 472 -28.17 1.87 4.96
C ALA A 472 -29.69 1.91 5.01
N ILE A 473 -30.32 1.91 3.84
CA ILE A 473 -31.76 2.09 3.80
C ILE A 473 -32.45 0.81 4.34
N ALA A 474 -31.84 -0.33 4.07
CA ALA A 474 -32.35 -1.59 4.60
C ALA A 474 -32.36 -1.53 6.12
N SER A 475 -31.29 -0.97 6.69
CA SER A 475 -31.16 -0.87 8.16
C SER A 475 -32.28 -0.06 8.74
N LEU A 476 -32.60 1.06 8.09
CA LEU A 476 -33.71 1.89 8.52
C LEU A 476 -35.05 1.20 8.34
N GLY A 477 -35.23 0.56 7.20
CA GLY A 477 -36.46 -0.17 6.93
C GLY A 477 -36.73 -1.24 7.96
N LYS A 478 -35.68 -1.98 8.33
CA LYS A 478 -35.76 -3.01 9.35
C LYS A 478 -36.15 -2.43 10.73
N ALA A 479 -35.51 -1.32 11.10
CA ALA A 479 -35.84 -0.67 12.36
C ALA A 479 -37.28 -0.17 12.34
N PHE A 480 -37.76 0.23 11.16
CA PHE A 480 -39.14 0.70 10.99
C PHE A 480 -40.14 -0.43 11.16
N VAL A 481 -39.91 -1.56 10.50
CA VAL A 481 -40.77 -2.74 10.67
C VAL A 481 -40.86 -3.14 12.15
N GLU A 482 -39.76 -3.01 12.87
CA GLU A 482 -39.62 -3.58 14.23
C GLU A 482 -40.01 -2.62 15.36
N HIS A 483 -40.28 -1.38 15.04
CA HIS A 483 -40.50 -0.38 16.08
C HIS A 483 -41.82 -0.48 16.84
N ASP A 484 -42.95 -0.55 16.16
CA ASP A 484 -44.23 -0.60 16.89
C ASP A 484 -44.24 -1.60 18.06
N LEU A 485 -44.18 -2.89 17.74
CA LEU A 485 -44.17 -3.96 18.74
C LEU A 485 -42.77 -4.57 18.92
N HIS B 38 6.08 40.64 -31.21
CA HIS B 38 6.88 40.55 -29.93
C HIS B 38 6.12 39.77 -28.83
N LEU B 39 4.81 39.99 -28.71
CA LEU B 39 4.00 39.35 -27.68
C LEU B 39 3.41 38.03 -28.15
N THR B 40 3.68 36.98 -27.38
CA THR B 40 3.35 35.61 -27.77
C THR B 40 2.51 34.91 -26.69
N ASP B 41 3.17 34.47 -25.63
CA ASP B 41 2.50 33.72 -24.58
C ASP B 41 2.06 34.63 -23.44
N LEU B 42 1.43 34.04 -22.43
CA LEU B 42 0.98 34.79 -21.26
C LEU B 42 2.12 35.52 -20.59
N ALA B 43 3.20 34.80 -20.29
CA ALA B 43 4.34 35.39 -19.60
C ALA B 43 4.81 36.67 -20.31
N SER B 44 4.78 36.66 -21.65
CA SER B 44 5.23 37.81 -22.44
C SER B 44 4.31 39.03 -22.27
N TYR B 45 3.04 38.81 -21.93
CA TYR B 45 2.10 39.89 -21.59
C TYR B 45 2.28 40.33 -20.16
N GLN B 46 2.50 39.37 -19.27
CA GLN B 46 2.69 39.66 -17.83
C GLN B 46 3.95 40.48 -17.60
N ALA B 47 5.00 40.13 -18.33
CA ALA B 47 6.28 40.84 -18.28
C ALA B 47 6.15 42.27 -18.82
N ALA B 48 5.46 42.42 -19.94
CA ALA B 48 5.24 43.72 -20.57
C ALA B 48 4.43 44.66 -19.68
N TYR B 49 3.38 44.13 -19.05
CA TYR B 49 2.57 44.94 -18.14
C TYR B 49 3.34 45.31 -16.86
N ALA B 50 4.15 44.39 -16.35
CA ALA B 50 5.01 44.65 -15.19
C ALA B 50 6.06 45.73 -15.51
N ALA B 51 6.64 45.66 -16.72
CA ALA B 51 7.63 46.65 -17.18
C ALA B 51 6.98 48.00 -17.56
N GLY B 52 5.66 48.10 -17.43
CA GLY B 52 4.97 49.39 -17.45
C GLY B 52 4.12 49.67 -18.67
N THR B 53 4.01 48.71 -19.59
CA THR B 53 3.18 48.91 -20.77
C THR B 53 1.71 48.98 -20.36
N ASP B 54 0.96 49.82 -21.07
CA ASP B 54 -0.47 49.98 -20.84
C ASP B 54 -1.23 48.98 -21.71
N ALA B 55 -2.15 48.24 -21.10
CA ALA B 55 -2.90 47.20 -21.81
C ALA B 55 -3.73 47.78 -22.95
N ALA B 56 -4.23 49.00 -22.74
CA ALA B 56 -5.07 49.67 -23.72
C ALA B 56 -4.34 49.93 -25.05
N ASP B 57 -3.03 50.11 -24.97
CA ASP B 57 -2.21 50.27 -26.16
C ASP B 57 -1.94 48.93 -26.84
N VAL B 58 -1.83 47.87 -26.04
CA VAL B 58 -1.59 46.52 -26.55
C VAL B 58 -2.82 46.08 -27.33
N ILE B 59 -3.99 46.37 -26.77
CA ILE B 59 -5.24 46.00 -27.40
C ILE B 59 -5.50 46.82 -28.65
N SER B 60 -5.35 48.13 -28.56
CA SER B 60 -5.53 48.98 -29.74
C SER B 60 -4.57 48.58 -30.87
N ASP B 61 -3.33 48.27 -30.52
CA ASP B 61 -2.34 47.81 -31.52
C ASP B 61 -2.80 46.50 -32.17
N LEU B 62 -3.23 45.56 -31.33
CA LEU B 62 -3.74 44.27 -31.77
C LEU B 62 -4.91 44.43 -32.75
N TYR B 63 -5.87 45.27 -32.40
CA TYR B 63 -7.00 45.54 -33.29
C TYR B 63 -6.55 46.13 -34.64
N ALA B 64 -5.62 47.07 -34.58
CA ALA B 64 -5.02 47.67 -35.77
C ALA B 64 -4.40 46.62 -36.68
N ARG B 65 -3.55 45.76 -36.11
CA ARG B 65 -2.92 44.66 -36.84
C ARG B 65 -3.94 43.75 -37.56
N ILE B 66 -5.10 43.52 -36.93
CA ILE B 66 -6.14 42.71 -37.54
C ILE B 66 -6.78 43.44 -38.71
N LYS B 67 -6.91 44.76 -38.57
CA LYS B 67 -7.53 45.58 -39.62
C LYS B 67 -6.70 45.63 -40.88
N GLU B 68 -5.38 45.85 -40.73
CA GLU B 68 -4.50 45.91 -41.91
C GLU B 68 -4.51 44.59 -42.62
N ASP B 69 -4.65 43.51 -41.84
CA ASP B 69 -4.81 42.17 -42.42
C ASP B 69 -6.29 42.06 -42.83
N GLY B 70 -6.86 40.87 -42.88
CA GLY B 70 -8.32 40.71 -42.97
C GLY B 70 -8.93 40.23 -41.64
N GLU B 71 -10.24 40.41 -41.49
CA GLU B 71 -10.96 39.69 -40.43
C GLU B 71 -11.05 38.23 -40.86
N ASN B 72 -11.77 37.98 -41.96
CA ASN B 72 -11.84 36.68 -42.57
C ASN B 72 -10.47 36.32 -43.09
N PRO B 73 -10.11 35.03 -43.06
CA PRO B 73 -10.94 33.88 -42.71
C PRO B 73 -10.80 33.41 -41.26
N ILE B 74 -9.98 34.10 -40.47
CA ILE B 74 -9.74 33.71 -39.10
C ILE B 74 -10.83 34.22 -38.17
N TRP B 75 -11.36 35.39 -38.46
CA TRP B 75 -12.32 36.05 -37.57
C TRP B 75 -13.65 36.30 -38.27
N ILE B 76 -14.73 35.88 -37.63
CA ILE B 76 -16.08 36.13 -38.13
C ILE B 76 -16.55 37.50 -37.70
N SER B 77 -16.18 37.88 -36.48
CA SER B 77 -16.54 39.20 -35.97
C SER B 77 -15.59 39.62 -34.90
N LEU B 78 -15.58 40.92 -34.64
CA LEU B 78 -14.74 41.49 -33.61
C LEU B 78 -15.57 42.34 -32.68
N LEU B 79 -15.25 42.23 -31.41
CA LEU B 79 -15.79 43.13 -30.42
C LEU B 79 -15.34 44.56 -30.80
N PRO B 80 -16.28 45.53 -30.87
CA PRO B 80 -15.80 46.87 -31.25
C PRO B 80 -14.74 47.36 -30.28
N LEU B 81 -13.74 48.07 -30.79
CA LEU B 81 -12.62 48.55 -29.98
C LEU B 81 -13.10 49.22 -28.69
N GLU B 82 -14.14 50.04 -28.83
CA GLU B 82 -14.67 50.85 -27.74
C GLU B 82 -15.22 49.96 -26.60
N SER B 83 -15.95 48.89 -26.94
CA SER B 83 -16.43 47.89 -25.95
C SER B 83 -15.27 47.13 -25.29
N ALA B 84 -14.27 46.77 -26.07
CA ALA B 84 -13.10 46.10 -25.51
C ALA B 84 -12.41 46.96 -24.47
N LEU B 85 -12.06 48.18 -24.90
CA LEU B 85 -11.40 49.14 -24.02
C LEU B 85 -12.25 49.45 -22.76
N ALA B 86 -13.57 49.46 -22.90
CA ALA B 86 -14.46 49.63 -21.74
C ALA B 86 -14.36 48.47 -20.75
N MET B 87 -14.43 47.24 -21.27
CA MET B 87 -14.24 46.02 -20.47
C MET B 87 -12.90 46.02 -19.76
N LEU B 88 -11.88 46.50 -20.44
CA LEU B 88 -10.55 46.62 -19.86
C LEU B 88 -10.52 47.62 -18.70
N ALA B 89 -11.15 48.77 -18.90
CA ALA B 89 -11.21 49.81 -17.87
C ALA B 89 -11.84 49.26 -16.59
N ASP B 90 -12.97 48.57 -16.75
CA ASP B 90 -13.63 47.91 -15.62
C ASP B 90 -12.68 46.97 -14.87
N ALA B 91 -11.90 46.20 -15.62
CA ALA B 91 -10.92 45.31 -15.02
C ALA B 91 -9.88 46.12 -14.23
N GLN B 92 -9.40 47.20 -14.86
CA GLN B 92 -8.40 48.08 -14.25
C GLN B 92 -8.87 48.59 -12.89
N GLN B 93 -10.10 49.10 -12.86
CA GLN B 93 -10.70 49.60 -11.63
C GLN B 93 -10.72 48.55 -10.52
N ARG B 94 -11.04 47.31 -10.88
CA ARG B 94 -11.10 46.23 -9.93
C ARG B 94 -9.72 45.82 -9.44
N LYS B 95 -8.75 45.82 -10.35
CA LYS B 95 -7.37 45.57 -9.98
C LYS B 95 -6.90 46.63 -9.02
N ASP B 96 -7.30 47.87 -9.28
CA ASP B 96 -6.95 49.00 -8.43
C ASP B 96 -7.54 48.89 -7.03
N LYS B 97 -8.71 48.26 -6.91
CA LYS B 97 -9.30 47.95 -5.61
C LYS B 97 -8.72 46.70 -4.95
N GLY B 98 -7.60 46.21 -5.48
CA GLY B 98 -6.90 45.04 -4.95
C GLY B 98 -7.59 43.71 -5.20
N GLU B 99 -8.47 43.62 -6.20
CA GLU B 99 -9.07 42.34 -6.58
C GLU B 99 -8.00 41.52 -7.30
N ALA B 100 -8.14 40.20 -7.22
CA ALA B 100 -7.21 39.25 -7.86
C ALA B 100 -7.63 38.97 -9.31
N LEU B 101 -6.74 39.25 -10.27
CA LEU B 101 -7.11 39.10 -11.68
C LEU B 101 -6.01 38.40 -12.46
N PRO B 102 -5.99 37.06 -12.41
CA PRO B 102 -4.85 36.29 -12.95
C PRO B 102 -4.68 36.42 -14.45
N LEU B 103 -5.71 36.87 -15.17
CA LEU B 103 -5.61 37.07 -16.59
C LEU B 103 -5.88 38.52 -16.99
N PHE B 104 -5.34 39.46 -16.22
CA PHE B 104 -5.56 40.87 -16.52
C PHE B 104 -4.99 41.30 -17.87
N GLY B 105 -5.85 41.92 -18.67
CA GLY B 105 -5.42 42.50 -19.95
C GLY B 105 -5.01 41.51 -21.03
N ILE B 106 -5.48 40.26 -20.90
CA ILE B 106 -5.11 39.21 -21.84
C ILE B 106 -6.21 39.06 -22.89
N PRO B 107 -5.91 39.39 -24.15
CA PRO B 107 -6.93 39.21 -25.16
C PRO B 107 -7.03 37.75 -25.55
N PHE B 108 -8.24 37.32 -25.92
CA PHE B 108 -8.43 35.97 -26.43
C PHE B 108 -9.50 35.91 -27.50
N GLY B 109 -9.39 34.90 -28.36
CA GLY B 109 -10.42 34.58 -29.35
C GLY B 109 -11.41 33.56 -28.80
N VAL B 110 -12.65 33.61 -29.28
CA VAL B 110 -13.70 32.67 -28.86
C VAL B 110 -14.36 32.06 -30.07
N LYS B 111 -14.28 30.74 -30.19
CA LYS B 111 -14.92 30.01 -31.27
C LYS B 111 -16.38 30.45 -31.34
N ASP B 112 -16.86 30.67 -32.56
CA ASP B 112 -18.17 31.29 -32.77
C ASP B 112 -19.38 30.35 -32.57
N ASN B 113 -19.21 29.26 -31.80
CA ASN B 113 -20.35 28.51 -31.26
C ASN B 113 -20.54 28.79 -29.79
N ILE B 114 -19.70 29.68 -29.24
CA ILE B 114 -19.74 30.05 -27.81
C ILE B 114 -20.15 31.51 -27.60
N ASP B 115 -21.05 31.78 -26.67
CA ASP B 115 -21.60 33.11 -26.50
C ASP B 115 -20.61 34.13 -25.91
N VAL B 116 -20.47 35.28 -26.59
CA VAL B 116 -19.86 36.47 -26.02
C VAL B 116 -20.88 37.60 -26.13
N ALA B 117 -21.16 38.25 -25.01
CA ALA B 117 -22.15 39.33 -24.96
C ALA B 117 -21.77 40.49 -25.89
N GLY B 118 -22.72 40.96 -26.69
CA GLY B 118 -22.47 42.04 -27.63
C GLY B 118 -22.23 41.54 -29.04
N LEU B 119 -21.83 40.28 -29.19
CA LEU B 119 -21.54 39.72 -30.50
C LEU B 119 -22.48 38.59 -30.90
N PRO B 120 -22.87 38.56 -32.20
CA PRO B 120 -23.68 37.43 -32.64
C PRO B 120 -22.93 36.09 -32.52
N THR B 121 -23.67 35.02 -32.29
CA THR B 121 -23.12 33.68 -32.29
C THR B 121 -23.65 33.00 -33.53
N THR B 122 -22.85 32.98 -34.59
CA THR B 122 -23.26 32.43 -35.89
C THR B 122 -23.18 30.91 -35.98
N ALA B 123 -22.27 30.33 -35.19
CA ALA B 123 -21.83 28.94 -35.36
C ALA B 123 -21.42 28.62 -36.81
N GLY B 124 -20.92 29.61 -37.53
CA GLY B 124 -20.43 29.43 -38.90
C GLY B 124 -21.56 29.28 -39.89
N CYS B 125 -22.70 29.81 -39.50
CA CYS B 125 -23.92 29.72 -40.29
C CYS B 125 -24.37 31.15 -40.63
N THR B 126 -24.68 31.41 -41.89
CA THR B 126 -25.06 32.76 -42.31
C THR B 126 -26.51 33.09 -42.00
N GLY B 127 -27.29 32.08 -41.58
CA GLY B 127 -28.72 32.25 -41.23
C GLY B 127 -29.13 31.76 -39.84
N PHE B 128 -28.14 31.65 -38.96
CA PHE B 128 -28.35 31.28 -37.57
C PHE B 128 -28.34 32.56 -36.78
N ALA B 129 -29.52 33.13 -36.57
CA ALA B 129 -29.65 34.30 -35.72
C ALA B 129 -29.47 33.92 -34.24
N ARG B 130 -28.72 34.72 -33.51
CA ARG B 130 -28.54 34.55 -32.07
C ARG B 130 -27.51 35.55 -31.64
N THR B 131 -27.97 36.57 -30.95
CA THR B 131 -27.05 37.53 -30.35
C THR B 131 -27.30 37.55 -28.82
N PRO B 132 -26.39 36.93 -28.04
CA PRO B 132 -26.72 36.73 -26.61
C PRO B 132 -26.59 37.97 -25.73
N ARG B 133 -27.48 38.03 -24.73
CA ARG B 133 -27.49 39.04 -23.68
C ARG B 133 -26.24 38.92 -22.80
N GLN B 134 -25.84 37.68 -22.52
CA GLN B 134 -24.79 37.37 -21.55
C GLN B 134 -23.64 36.58 -22.13
N HIS B 135 -22.49 36.67 -21.49
CA HIS B 135 -21.38 35.80 -21.78
C HIS B 135 -21.75 34.38 -21.43
N ALA B 136 -21.19 33.42 -22.17
CA ALA B 136 -21.24 32.01 -21.77
C ALA B 136 -20.57 31.87 -20.42
N PHE B 137 -20.99 30.88 -19.64
CA PHE B 137 -20.53 30.76 -18.25
C PHE B 137 -19.00 30.75 -18.17
N VAL B 138 -18.35 30.06 -19.09
CA VAL B 138 -16.88 29.97 -19.12
C VAL B 138 -16.22 31.30 -19.52
N VAL B 139 -16.79 31.97 -20.51
CA VAL B 139 -16.29 33.27 -20.92
C VAL B 139 -16.44 34.25 -19.78
N GLN B 140 -17.54 34.15 -19.05
CA GLN B 140 -17.77 35.06 -17.94
C GLN B 140 -16.65 34.93 -16.93
N ARG B 141 -16.28 33.68 -16.61
CA ARG B 141 -15.23 33.50 -15.62
C ARG B 141 -13.92 34.09 -16.08
N LEU B 142 -13.65 34.03 -17.37
CA LEU B 142 -12.42 34.59 -17.92
C LEU B 142 -12.43 36.11 -17.87
N VAL B 143 -13.56 36.69 -18.25
CA VAL B 143 -13.73 38.12 -18.15
C VAL B 143 -13.60 38.56 -16.70
N ASP B 144 -14.19 37.80 -15.78
CA ASP B 144 -14.08 38.07 -14.33
C ASP B 144 -12.62 38.05 -13.88
N ALA B 145 -11.80 37.22 -14.51
CA ALA B 145 -10.37 37.18 -14.19
C ALA B 145 -9.54 38.23 -14.96
N GLY B 146 -10.22 39.11 -15.70
CA GLY B 146 -9.56 40.25 -16.37
C GLY B 146 -9.26 40.08 -17.85
N ALA B 147 -9.62 38.94 -18.41
CA ALA B 147 -9.35 38.69 -19.82
C ALA B 147 -10.37 39.40 -20.68
N ILE B 148 -10.02 39.61 -21.94
CA ILE B 148 -10.82 40.38 -22.85
C ILE B 148 -11.04 39.61 -24.13
N PRO B 149 -12.31 39.30 -24.44
CA PRO B 149 -12.55 38.54 -25.66
C PRO B 149 -12.66 39.44 -26.85
N ILE B 150 -11.61 39.45 -27.67
CA ILE B 150 -11.54 40.39 -28.82
C ILE B 150 -12.57 40.12 -29.86
N GLY B 151 -12.97 38.86 -30.02
CA GLY B 151 -13.86 38.52 -31.14
C GLY B 151 -14.15 37.05 -31.25
N LYS B 152 -14.87 36.70 -32.32
CA LYS B 152 -15.38 35.37 -32.54
C LYS B 152 -14.62 34.76 -33.69
N THR B 153 -14.10 33.56 -33.49
CA THR B 153 -13.26 32.91 -34.50
C THR B 153 -14.06 31.97 -35.39
N ASN B 154 -13.57 31.76 -36.59
CA ASN B 154 -14.21 30.87 -37.58
C ASN B 154 -14.12 29.41 -37.17
N LEU B 155 -14.98 28.60 -37.77
CA LEU B 155 -15.08 27.18 -37.42
C LEU B 155 -15.71 26.38 -38.52
N ASP B 156 -15.58 25.05 -38.43
CA ASP B 156 -16.41 24.17 -39.24
C ASP B 156 -17.81 24.33 -38.68
N GLN B 157 -18.74 24.58 -39.60
CA GLN B 157 -20.09 24.92 -39.24
C GLN B 157 -20.68 23.93 -38.26
N PHE B 158 -21.29 24.45 -37.20
CA PHE B 158 -21.92 23.65 -36.12
C PHE B 158 -20.99 22.61 -35.54
N ALA B 159 -19.71 22.97 -35.53
CA ALA B 159 -18.65 22.16 -35.01
C ALA B 159 -18.67 20.74 -35.57
N THR B 160 -19.02 20.62 -36.85
CA THR B 160 -19.16 19.33 -37.49
C THR B 160 -18.12 19.21 -38.60
N GLY B 161 -16.95 18.65 -38.26
CA GLY B 161 -15.77 18.69 -39.12
C GLY B 161 -14.49 18.75 -38.31
N LEU B 162 -13.41 18.21 -38.88
CA LEU B 162 -12.12 18.24 -38.21
C LEU B 162 -11.05 18.95 -39.04
N ASN B 163 -11.46 19.79 -39.99
CA ASN B 163 -10.49 20.35 -40.92
C ASN B 163 -10.51 21.84 -41.12
N GLY B 164 -11.70 22.44 -41.10
CA GLY B 164 -11.82 23.89 -41.09
C GLY B 164 -12.27 24.50 -42.42
N THR B 165 -12.44 23.65 -43.42
CA THR B 165 -12.94 24.06 -44.73
C THR B 165 -14.47 24.19 -44.81
N ARG B 166 -15.20 23.64 -43.82
CA ARG B 166 -16.65 23.62 -43.88
C ARG B 166 -17.28 24.87 -43.34
N THR B 167 -16.98 25.99 -43.98
CA THR B 167 -17.46 27.31 -43.53
C THR B 167 -17.74 28.20 -44.73
N PRO B 168 -18.69 29.16 -44.62
CA PRO B 168 -18.87 30.12 -45.70
C PRO B 168 -18.11 31.42 -45.47
N PHE B 169 -17.27 31.49 -44.44
CA PHE B 169 -16.60 32.73 -44.04
C PHE B 169 -15.13 32.81 -44.50
N GLY B 170 -14.79 32.03 -45.52
CA GLY B 170 -13.42 31.84 -45.96
C GLY B 170 -12.76 30.70 -45.20
N ILE B 171 -11.85 30.01 -45.85
CA ILE B 171 -11.14 28.88 -45.27
C ILE B 171 -9.84 29.25 -44.54
N PRO B 172 -9.81 29.08 -43.20
CA PRO B 172 -8.55 29.28 -42.47
C PRO B 172 -7.52 28.21 -42.80
N ARG B 173 -6.26 28.56 -42.56
CA ARG B 173 -5.15 27.82 -43.14
C ARG B 173 -4.08 27.52 -42.13
N CYS B 174 -3.44 26.37 -42.32
CA CYS B 174 -2.26 26.04 -41.53
C CYS B 174 -1.26 27.19 -41.61
N VAL B 175 -0.84 27.68 -40.46
CA VAL B 175 0.13 28.78 -40.40
C VAL B 175 1.50 28.36 -40.95
N PHE B 176 1.80 27.08 -40.97
CA PHE B 176 3.08 26.64 -41.48
C PHE B 176 3.08 26.45 -42.98
N ASN B 177 1.93 26.68 -43.60
CA ASN B 177 1.77 26.49 -45.05
C ASN B 177 0.33 26.69 -45.48
N GLU B 178 0.06 27.84 -46.10
CA GLU B 178 -1.30 28.21 -46.49
C GLU B 178 -2.01 27.16 -47.33
N ASN B 179 -1.28 26.33 -48.05
CA ASN B 179 -1.92 25.29 -48.90
C ASN B 179 -2.64 24.20 -48.11
N TYR B 180 -2.27 24.06 -46.85
CA TYR B 180 -2.81 22.99 -46.00
C TYR B 180 -3.92 23.49 -45.07
N VAL B 181 -4.77 22.55 -44.66
CA VAL B 181 -5.92 22.85 -43.82
C VAL B 181 -5.47 23.34 -42.47
N SER B 182 -6.20 24.28 -41.91
CA SER B 182 -5.96 24.73 -40.53
C SER B 182 -6.18 23.58 -39.54
N GLY B 183 -7.10 22.71 -39.90
CA GLY B 183 -7.63 21.76 -38.97
C GLY B 183 -8.83 22.34 -38.26
N GLY B 184 -9.77 21.45 -37.96
CA GLY B 184 -10.10 21.07 -36.61
C GLY B 184 -11.52 21.14 -36.17
N SER B 185 -12.23 22.08 -36.75
CA SER B 185 -13.50 22.61 -36.25
C SER B 185 -13.18 23.88 -35.50
N SER B 186 -12.30 23.82 -34.50
CA SER B 186 -11.80 25.04 -33.82
C SER B 186 -10.67 25.71 -34.63
N SER B 187 -10.96 26.01 -35.88
CA SER B 187 -9.96 26.39 -36.85
C SER B 187 -9.36 27.78 -36.63
N GLY B 188 -10.20 28.80 -36.63
CA GLY B 188 -9.73 30.14 -36.39
C GLY B 188 -9.21 30.37 -35.00
N SER B 189 -9.75 29.64 -34.02
CA SER B 189 -9.25 29.77 -32.66
C SER B 189 -7.80 29.35 -32.59
N ALA B 190 -7.43 28.35 -33.38
CA ALA B 190 -6.07 27.82 -33.39
C ALA B 190 -5.12 28.73 -34.18
N VAL B 191 -5.56 29.18 -35.35
CA VAL B 191 -4.75 30.04 -36.20
C VAL B 191 -4.45 31.36 -35.49
N ALA B 192 -5.46 31.90 -34.82
CA ALA B 192 -5.33 33.17 -34.12
C ALA B 192 -4.30 33.12 -33.00
N VAL B 193 -4.07 31.93 -32.44
CA VAL B 193 -3.04 31.78 -31.40
C VAL B 193 -1.69 31.55 -32.06
N ALA B 194 -1.65 30.64 -33.03
CA ALA B 194 -0.41 30.26 -33.68
C ALA B 194 0.22 31.37 -34.52
N ASN B 195 -0.60 32.24 -35.09
CA ASN B 195 -0.07 33.34 -35.89
C ASN B 195 0.32 34.52 -35.00
N GLY B 196 0.12 34.39 -33.69
CA GLY B 196 0.66 35.35 -32.72
C GLY B 196 -0.31 36.44 -32.31
N THR B 197 -1.50 36.43 -32.86
CA THR B 197 -2.49 37.47 -32.56
C THR B 197 -2.91 37.45 -31.11
N VAL B 198 -3.28 36.29 -30.60
CA VAL B 198 -3.66 36.15 -29.20
C VAL B 198 -2.93 35.01 -28.51
N PRO B 199 -2.74 35.12 -27.20
CA PRO B 199 -1.99 34.14 -26.45
C PRO B 199 -2.80 32.87 -26.11
N PHE B 200 -4.10 33.00 -25.94
CA PHE B 200 -4.97 31.83 -25.99
C PHE B 200 -6.29 32.08 -26.69
N SER B 201 -7.04 31.00 -26.84
CA SER B 201 -8.38 31.06 -27.36
C SER B 201 -9.18 29.85 -26.87
N LEU B 202 -10.50 29.95 -27.01
CA LEU B 202 -11.40 28.85 -26.69
C LEU B 202 -11.85 28.15 -27.93
N GLY B 203 -11.75 26.83 -27.90
CA GLY B 203 -12.32 26.00 -28.94
C GLY B 203 -13.41 25.19 -28.27
N THR B 204 -13.94 24.26 -29.02
CA THR B 204 -14.76 23.20 -28.48
C THR B 204 -14.29 21.89 -29.05
N ASP B 205 -14.61 20.81 -28.36
CA ASP B 205 -14.17 19.50 -28.76
C ASP B 205 -15.30 18.51 -28.51
N THR B 206 -15.73 17.84 -29.56
CA THR B 206 -16.65 16.75 -29.48
C THR B 206 -15.98 15.47 -30.02
N ALA B 207 -15.58 15.50 -31.28
CA ALA B 207 -14.91 14.38 -31.93
C ALA B 207 -13.41 14.54 -31.83
N GLY B 208 -12.92 15.77 -31.84
CA GLY B 208 -11.48 16.05 -31.74
C GLY B 208 -11.11 17.47 -32.11
N SER B 209 -12.09 18.34 -32.08
CA SER B 209 -11.96 19.66 -32.61
C SER B 209 -11.11 20.59 -31.77
N GLY B 210 -10.78 20.18 -30.55
CA GLY B 210 -9.94 20.96 -29.68
C GLY B 210 -8.49 20.49 -29.72
N ARG B 211 -8.21 19.51 -30.57
CA ARG B 211 -6.92 18.84 -30.62
C ARG B 211 -6.33 18.78 -32.03
N ILE B 212 -7.12 18.37 -33.02
CA ILE B 212 -6.64 18.36 -34.40
C ILE B 212 -5.99 19.72 -34.74
N PRO B 213 -6.72 20.85 -34.53
CA PRO B 213 -6.12 22.13 -34.93
C PRO B 213 -4.87 22.51 -34.14
N ALA B 214 -4.75 22.02 -32.92
CA ALA B 214 -3.51 22.23 -32.18
C ALA B 214 -2.36 21.53 -32.88
N ALA B 215 -2.56 20.26 -33.19
CA ALA B 215 -1.54 19.44 -33.84
C ALA B 215 -1.05 20.09 -35.15
N PHE B 216 -1.95 20.59 -35.97
CA PHE B 216 -1.58 21.19 -37.24
C PHE B 216 -0.91 22.57 -37.11
N ASN B 217 -0.99 23.19 -35.96
CA ASN B 217 -0.42 24.52 -35.77
C ASN B 217 0.55 24.63 -34.62
N ASN B 218 1.07 23.49 -34.20
CA ASN B 218 2.17 23.43 -33.22
C ASN B 218 1.79 24.06 -31.92
N LEU B 219 0.53 23.87 -31.52
CA LEU B 219 -0.01 24.43 -30.28
C LEU B 219 -0.35 23.35 -29.28
N VAL B 220 -0.66 23.79 -28.06
CA VAL B 220 -1.20 22.92 -27.03
C VAL B 220 -2.73 23.02 -27.02
N GLY B 221 -3.39 21.86 -27.01
CA GLY B 221 -4.84 21.75 -27.00
C GLY B 221 -5.32 21.00 -25.77
N LEU B 222 -5.86 21.72 -24.79
CA LEU B 222 -6.32 21.08 -23.57
C LEU B 222 -7.82 20.80 -23.69
N LYS B 223 -8.19 19.50 -23.72
CA LYS B 223 -9.58 19.08 -23.77
C LYS B 223 -9.99 18.59 -22.42
N PRO B 224 -10.80 19.38 -21.70
CA PRO B 224 -11.04 18.99 -20.32
C PRO B 224 -12.06 17.85 -20.23
N THR B 225 -12.02 17.15 -19.09
CA THR B 225 -12.99 16.13 -18.80
C THR B 225 -14.39 16.72 -19.00
N LYS B 226 -15.29 15.93 -19.53
CA LYS B 226 -16.67 16.36 -19.71
C LYS B 226 -17.27 16.88 -18.43
N GLY B 227 -17.93 18.04 -18.50
CA GLY B 227 -18.58 18.64 -17.34
C GLY B 227 -17.69 19.46 -16.40
N LEU B 228 -16.39 19.41 -16.62
CA LEU B 228 -15.46 20.24 -15.86
C LEU B 228 -15.67 21.72 -16.21
N PHE B 229 -15.82 22.01 -17.50
CA PHE B 229 -16.22 23.34 -17.98
C PHE B 229 -17.73 23.35 -18.26
N SER B 230 -18.38 24.48 -17.98
CA SER B 230 -19.81 24.59 -18.19
C SER B 230 -20.13 24.63 -19.69
N GLY B 231 -21.31 24.12 -20.03
CA GLY B 231 -21.81 24.19 -21.39
C GLY B 231 -22.86 25.27 -21.58
N SER B 232 -23.11 26.08 -20.55
CA SER B 232 -24.07 27.19 -20.69
C SER B 232 -23.54 28.29 -21.60
N GLY B 233 -24.36 28.69 -22.56
CA GLY B 233 -23.98 29.67 -23.55
C GLY B 233 -23.16 29.09 -24.70
N LEU B 234 -23.20 27.78 -24.87
CA LEU B 234 -22.56 27.12 -26.01
C LEU B 234 -23.64 26.54 -26.86
N VAL B 235 -23.58 26.78 -28.15
CA VAL B 235 -24.46 26.13 -29.11
C VAL B 235 -24.02 24.68 -29.19
N PRO B 236 -24.89 23.74 -28.77
CA PRO B 236 -24.40 22.35 -28.74
C PRO B 236 -24.21 21.74 -30.12
N ALA B 237 -23.26 20.82 -30.19
CA ALA B 237 -23.11 19.91 -31.31
C ALA B 237 -23.66 18.55 -30.85
N ALA B 238 -22.95 17.86 -29.96
CA ALA B 238 -23.49 16.70 -29.25
C ALA B 238 -23.44 17.00 -27.76
N ARG B 239 -24.57 17.47 -27.23
CA ARG B 239 -24.65 17.97 -25.86
C ARG B 239 -24.05 17.02 -24.83
N SER B 240 -24.32 15.71 -24.95
CA SER B 240 -23.78 14.76 -23.98
C SER B 240 -22.27 14.55 -24.12
N LEU B 241 -21.66 15.11 -25.16
CA LEU B 241 -20.22 14.92 -25.39
C LEU B 241 -19.37 16.22 -25.42
N ASP B 242 -20.00 17.33 -25.79
CA ASP B 242 -19.28 18.60 -26.01
C ASP B 242 -18.44 19.03 -24.80
N CYS B 243 -17.29 19.65 -25.10
CA CYS B 243 -16.43 20.28 -24.12
C CYS B 243 -15.87 21.54 -24.74
N ILE B 244 -16.06 22.67 -24.06
CA ILE B 244 -15.29 23.83 -24.41
C ILE B 244 -13.86 23.47 -24.09
N SER B 245 -12.94 23.95 -24.91
CA SER B 245 -11.53 23.55 -24.83
C SER B 245 -10.59 24.76 -24.93
N VAL B 246 -9.34 24.56 -24.56
CA VAL B 246 -8.35 25.63 -24.52
C VAL B 246 -7.25 25.40 -25.54
N LEU B 247 -6.93 26.45 -26.27
CA LEU B 247 -5.80 26.48 -27.19
C LEU B 247 -4.81 27.55 -26.75
N ALA B 248 -3.56 27.14 -26.63
CA ALA B 248 -2.45 28.02 -26.20
C ALA B 248 -1.13 27.52 -26.77
N HIS B 249 -0.05 28.26 -26.52
CA HIS B 249 1.30 27.86 -26.98
C HIS B 249 1.92 26.81 -26.06
N THR B 250 1.55 26.83 -24.79
CA THR B 250 2.16 25.96 -23.78
C THR B 250 1.17 25.35 -22.80
N VAL B 251 1.64 24.36 -22.05
CA VAL B 251 0.80 23.64 -21.14
C VAL B 251 0.47 24.51 -19.95
N ASP B 252 1.46 25.24 -19.45
CA ASP B 252 1.24 26.16 -18.35
C ASP B 252 0.13 27.14 -18.65
N ASP B 253 0.17 27.72 -19.84
CA ASP B 253 -0.80 28.71 -20.23
C ASP B 253 -2.16 28.07 -20.35
N ALA B 254 -2.20 26.92 -21.02
CA ALA B 254 -3.42 26.17 -21.18
C ALA B 254 -4.02 25.85 -19.83
N LEU B 255 -3.17 25.41 -18.91
CA LEU B 255 -3.60 25.11 -17.54
C LEU B 255 -4.07 26.37 -16.81
N ALA B 256 -3.33 27.46 -16.96
CA ALA B 256 -3.67 28.70 -16.29
C ALA B 256 -5.09 29.12 -16.66
N VAL B 257 -5.42 28.99 -17.95
CA VAL B 257 -6.74 29.31 -18.46
C VAL B 257 -7.77 28.31 -17.95
N ALA B 258 -7.44 27.02 -18.04
CA ALA B 258 -8.38 25.97 -17.61
C ALA B 258 -8.81 26.11 -16.16
N ARG B 259 -7.87 26.49 -15.28
CA ARG B 259 -8.18 26.63 -13.86
C ARG B 259 -9.23 27.72 -13.60
N VAL B 260 -9.11 28.81 -14.34
CA VAL B 260 -10.09 29.88 -14.30
C VAL B 260 -11.43 29.46 -14.88
N ALA B 261 -11.40 28.76 -16.02
CA ALA B 261 -12.61 28.40 -16.78
C ALA B 261 -13.43 27.31 -16.15
N ALA B 262 -12.72 26.37 -15.52
CA ALA B 262 -13.32 25.19 -14.90
C ALA B 262 -14.15 25.60 -13.72
N GLY B 263 -15.27 24.90 -13.51
CA GLY B 263 -16.14 25.16 -12.37
C GLY B 263 -17.57 24.72 -12.58
N TYR B 264 -18.23 24.37 -11.47
CA TYR B 264 -19.59 23.86 -11.50
C TYR B 264 -20.61 24.96 -11.81
N ASP B 265 -21.46 24.69 -12.78
CA ASP B 265 -22.55 25.56 -13.13
C ASP B 265 -23.88 24.81 -12.87
N ALA B 266 -24.54 25.17 -11.78
CA ALA B 266 -25.81 24.55 -11.35
C ALA B 266 -26.90 24.54 -12.43
N ASP B 267 -26.85 25.50 -13.34
CA ASP B 267 -27.84 25.54 -14.45
C ASP B 267 -27.52 24.59 -15.60
N ASP B 268 -26.30 24.06 -15.64
CA ASP B 268 -25.93 23.12 -16.66
C ASP B 268 -26.00 21.70 -16.10
N ALA B 269 -27.02 20.96 -16.52
CA ALA B 269 -27.27 19.63 -16.02
C ALA B 269 -26.14 18.63 -16.28
N PHE B 270 -25.23 18.97 -17.19
CA PHE B 270 -24.08 18.11 -17.52
C PHE B 270 -22.84 18.60 -16.82
N SER B 271 -22.93 19.72 -16.11
CA SER B 271 -21.80 20.24 -15.33
C SER B 271 -21.53 19.34 -14.12
N ARG B 272 -20.26 19.10 -13.84
CA ARG B 272 -19.84 18.25 -12.72
C ARG B 272 -18.91 18.99 -11.79
N LYS B 273 -18.85 18.53 -10.54
CA LYS B 273 -18.04 19.13 -9.49
C LYS B 273 -16.73 18.38 -9.32
N ALA B 274 -15.81 18.69 -10.19
CA ALA B 274 -14.44 18.24 -9.97
C ALA B 274 -13.77 19.08 -8.93
N GLY B 275 -13.64 20.36 -9.27
CA GLY B 275 -12.68 21.29 -8.69
C GLY B 275 -11.46 21.51 -9.58
N ALA B 276 -10.53 22.32 -9.08
CA ALA B 276 -9.17 22.49 -9.64
C ALA B 276 -8.15 21.43 -9.15
N ALA B 277 -8.49 20.62 -8.13
CA ALA B 277 -7.64 19.45 -7.77
C ALA B 277 -7.53 18.44 -8.94
N ALA B 278 -8.50 18.49 -9.83
CA ALA B 278 -8.43 17.85 -11.14
C ALA B 278 -7.43 18.50 -12.10
N LEU B 279 -7.10 19.78 -11.86
CA LEU B 279 -6.17 20.53 -12.71
C LEU B 279 -4.84 20.85 -12.00
N THR B 280 -4.58 20.20 -10.88
CA THR B 280 -3.32 20.38 -10.17
C THR B 280 -2.19 19.69 -10.90
N GLU B 281 -1.06 20.38 -11.05
CA GLU B 281 0.13 19.77 -11.62
C GLU B 281 0.66 18.72 -10.65
N LYS B 282 1.22 17.65 -11.20
CA LYS B 282 1.70 16.52 -10.41
C LYS B 282 2.98 16.01 -10.99
N SER B 283 4.01 15.82 -10.18
CA SER B 283 5.26 15.25 -10.68
C SER B 283 5.07 13.75 -10.90
N TRP B 284 5.45 13.26 -12.07
CA TRP B 284 5.30 11.85 -12.39
C TRP B 284 6.43 10.99 -11.79
N PRO B 285 6.11 9.74 -11.36
CA PRO B 285 7.15 8.87 -10.83
C PRO B 285 8.19 8.54 -11.88
N ARG B 286 9.33 8.03 -11.42
CA ARG B 286 10.47 7.76 -12.28
C ARG B 286 10.13 6.69 -13.30
N ARG B 287 9.26 5.75 -12.92
CA ARG B 287 8.76 4.77 -13.87
C ARG B 287 7.22 4.76 -13.96
N PHE B 288 6.71 4.60 -15.16
CA PHE B 288 5.28 4.53 -15.39
C PHE B 288 5.02 3.75 -16.64
N ASN B 289 3.75 3.39 -16.82
CA ASN B 289 3.32 2.68 -18.00
C ASN B 289 2.45 3.58 -18.86
N PHE B 290 2.67 3.47 -20.17
CA PHE B 290 1.85 4.22 -21.12
C PHE B 290 1.46 3.30 -22.27
N GLY B 291 0.23 3.44 -22.74
CA GLY B 291 -0.29 2.52 -23.72
C GLY B 291 -0.17 3.11 -25.10
N VAL B 292 0.19 2.26 -26.07
CA VAL B 292 0.27 2.64 -27.46
C VAL B 292 -0.29 1.53 -28.33
N PRO B 293 -1.10 1.86 -29.33
CA PRO B 293 -1.69 0.81 -30.16
C PRO B 293 -0.60 0.04 -30.88
N ALA B 294 -0.81 -1.26 -31.06
CA ALA B 294 0.16 -2.14 -31.71
C ALA B 294 0.75 -1.50 -32.97
N ALA B 295 2.09 -1.41 -33.02
CA ALA B 295 2.84 -0.84 -34.17
C ALA B 295 2.35 -1.32 -35.56
N GLU B 296 2.11 -2.63 -35.68
CA GLU B 296 1.73 -3.24 -36.97
C GLU B 296 0.41 -2.76 -37.53
N HIS B 297 -0.47 -2.23 -36.70
CA HIS B 297 -1.83 -1.84 -37.14
C HIS B 297 -2.08 -0.36 -37.08
N ARG B 298 -1.06 0.40 -36.70
CA ARG B 298 -1.19 1.84 -36.62
C ARG B 298 -1.49 2.38 -38.01
N GLN B 299 -2.27 3.45 -38.04
CA GLN B 299 -2.92 3.92 -39.25
C GLN B 299 -2.47 5.33 -39.53
N PHE B 300 -1.64 5.51 -40.54
CA PHE B 300 -1.14 6.83 -40.90
C PHE B 300 -1.54 7.25 -42.30
N PHE B 301 -2.38 6.46 -42.94
CA PHE B 301 -2.90 6.80 -44.26
C PHE B 301 -1.83 7.26 -45.22
N GLY B 302 -0.74 6.49 -45.31
CA GLY B 302 0.34 6.76 -46.27
C GLY B 302 1.36 7.82 -45.87
N ASP B 303 1.22 8.41 -44.68
CA ASP B 303 2.14 9.47 -44.25
C ASP B 303 3.29 8.87 -43.45
N ALA B 304 4.31 8.46 -44.18
CA ALA B 304 5.50 7.80 -43.60
C ALA B 304 6.23 8.65 -42.59
N GLU B 305 6.34 9.95 -42.85
CA GLU B 305 7.05 10.85 -41.94
C GLU B 305 6.37 10.94 -40.58
N ALA B 306 5.04 10.99 -40.61
CA ALA B 306 4.25 11.08 -39.39
C ALA B 306 4.45 9.82 -38.55
N GLU B 307 4.41 8.67 -39.20
CA GLU B 307 4.71 7.40 -38.54
C GLU B 307 6.06 7.43 -37.81
N ALA B 308 7.09 8.00 -38.45
CA ALA B 308 8.44 7.98 -37.91
C ALA B 308 8.55 8.97 -36.77
N LEU B 309 7.87 10.09 -36.91
CA LEU B 309 7.80 11.10 -35.86
C LEU B 309 7.07 10.60 -34.62
N PHE B 310 6.07 9.74 -34.84
CA PHE B 310 5.36 9.15 -33.72
C PHE B 310 6.28 8.19 -32.97
N ASN B 311 6.96 7.34 -33.71
CA ASN B 311 8.02 6.46 -33.14
C ASN B 311 9.05 7.24 -32.32
N LYS B 312 9.47 8.42 -32.77
CA LYS B 312 10.34 9.28 -31.96
C LYS B 312 9.70 9.63 -30.63
N ALA B 313 8.43 9.98 -30.71
CA ALA B 313 7.67 10.38 -29.53
C ALA B 313 7.57 9.22 -28.55
N VAL B 314 7.36 8.01 -29.07
CA VAL B 314 7.33 6.83 -28.21
C VAL B 314 8.68 6.63 -27.49
N ARG B 315 9.77 6.69 -28.25
CA ARG B 315 11.14 6.54 -27.70
C ARG B 315 11.43 7.56 -26.62
N LYS B 316 11.06 8.79 -26.90
CA LYS B 316 11.28 9.88 -25.98
C LYS B 316 10.59 9.64 -24.62
N LEU B 317 9.36 9.13 -24.67
CA LEU B 317 8.59 8.86 -23.45
C LEU B 317 9.19 7.68 -22.69
N GLU B 318 9.73 6.72 -23.44
CA GLU B 318 10.49 5.62 -22.84
C GLU B 318 11.71 6.17 -22.08
N GLU B 319 12.43 7.08 -22.72
CA GLU B 319 13.62 7.68 -22.12
C GLU B 319 13.30 8.51 -20.88
N MET B 320 12.07 8.96 -20.75
CA MET B 320 11.64 9.67 -19.54
C MET B 320 11.18 8.72 -18.44
N GLY B 321 11.31 7.40 -18.66
CA GLY B 321 10.95 6.42 -17.65
C GLY B 321 9.69 5.60 -17.93
N GLY B 322 9.11 5.80 -19.10
CA GLY B 322 7.91 5.10 -19.50
C GLY B 322 8.17 3.72 -20.05
N THR B 323 7.33 2.77 -19.63
CA THR B 323 7.32 1.47 -20.25
C THR B 323 6.16 1.43 -21.24
N CYS B 324 6.47 1.10 -22.48
CA CYS B 324 5.47 1.08 -23.55
C CYS B 324 4.66 -0.19 -23.52
N ILE B 325 3.36 -0.06 -23.28
CA ILE B 325 2.47 -1.20 -23.28
C ILE B 325 1.71 -1.21 -24.60
N SER B 326 1.81 -2.29 -25.32
CA SER B 326 1.12 -2.43 -26.57
C SER B 326 -0.34 -2.85 -26.27
N PHE B 327 -1.30 -2.33 -27.05
CA PHE B 327 -2.67 -2.79 -26.92
C PHE B 327 -3.39 -2.86 -28.25
N ASP B 328 -4.46 -3.64 -28.29
CA ASP B 328 -5.28 -3.73 -29.47
C ASP B 328 -6.25 -2.53 -29.52
N TYR B 329 -6.15 -1.71 -30.58
CA TYR B 329 -6.92 -0.47 -30.72
C TYR B 329 -8.39 -0.70 -31.09
N THR B 330 -8.67 -1.87 -31.68
CA THR B 330 -10.02 -2.27 -32.12
C THR B 330 -11.23 -1.69 -31.31
N PRO B 331 -11.33 -1.95 -29.99
CA PRO B 331 -12.50 -1.41 -29.26
C PRO B 331 -12.58 0.11 -29.26
N PHE B 332 -11.43 0.77 -29.21
CA PHE B 332 -11.39 2.23 -29.26
C PHE B 332 -11.81 2.71 -30.64
N ARG B 333 -11.34 2.02 -31.69
CA ARG B 333 -11.73 2.36 -33.05
C ARG B 333 -13.22 2.21 -33.21
N GLN B 334 -13.73 1.09 -32.76
CA GLN B 334 -15.16 0.78 -32.91
C GLN B 334 -16.05 1.77 -32.19
N ALA B 335 -15.59 2.24 -31.03
CA ALA B 335 -16.29 3.26 -30.30
C ALA B 335 -16.21 4.59 -31.05
N ALA B 336 -15.02 4.92 -31.55
CA ALA B 336 -14.84 6.16 -32.29
C ALA B 336 -15.82 6.19 -33.45
N GLU B 337 -16.04 5.03 -34.06
CA GLU B 337 -16.89 4.93 -35.24
C GLU B 337 -18.36 5.19 -34.95
N LEU B 338 -18.80 4.92 -33.73
CA LEU B 338 -20.18 5.16 -33.33
C LEU B 338 -20.56 6.63 -33.36
N LEU B 339 -19.57 7.52 -33.38
CA LEU B 339 -19.86 8.94 -33.33
C LEU B 339 -20.57 9.36 -34.59
N TYR B 340 -20.06 8.89 -35.73
CA TYR B 340 -20.68 9.22 -37.03
C TYR B 340 -21.38 8.07 -37.73
N ALA B 341 -20.95 6.84 -37.49
CA ALA B 341 -21.64 5.67 -38.04
C ALA B 341 -22.67 5.10 -37.05
N GLY B 342 -22.86 5.78 -35.94
CA GLY B 342 -23.84 5.39 -34.94
C GLY B 342 -24.86 6.50 -34.68
N PRO B 343 -25.67 6.34 -33.64
CA PRO B 343 -26.80 7.23 -33.38
C PRO B 343 -26.43 8.60 -32.81
N TRP B 344 -25.20 8.80 -32.39
CA TRP B 344 -24.82 10.07 -31.76
C TRP B 344 -24.85 11.27 -32.70
N VAL B 345 -24.85 11.01 -34.01
CA VAL B 345 -25.10 12.03 -35.01
C VAL B 345 -26.42 12.73 -34.68
N ALA B 346 -27.37 11.98 -34.10
CA ALA B 346 -28.68 12.54 -33.79
C ALA B 346 -28.65 13.63 -32.71
N GLU B 347 -27.60 13.68 -31.90
CA GLU B 347 -27.46 14.78 -30.97
C GLU B 347 -27.30 16.13 -31.73
N ARG B 348 -26.71 16.09 -32.91
CA ARG B 348 -26.48 17.29 -33.72
C ARG B 348 -27.79 17.75 -34.34
N LEU B 349 -28.54 16.80 -34.89
CA LEU B 349 -29.85 17.12 -35.39
C LEU B 349 -30.75 17.68 -34.27
N ALA B 350 -30.72 17.05 -33.10
CA ALA B 350 -31.51 17.55 -31.96
C ALA B 350 -31.20 19.00 -31.66
N ALA B 351 -29.91 19.31 -31.62
CA ALA B 351 -29.44 20.63 -31.28
C ALA B 351 -29.91 21.72 -32.26
N ILE B 352 -30.08 21.40 -33.53
CA ILE B 352 -30.54 22.40 -34.52
C ILE B 352 -31.78 21.97 -35.29
N GLU B 353 -32.61 21.13 -34.67
CA GLU B 353 -33.70 20.45 -35.36
C GLU B 353 -34.56 21.42 -36.17
N SER B 354 -34.94 22.49 -35.50
CA SER B 354 -35.82 23.51 -36.06
C SER B 354 -35.23 24.15 -37.32
N LEU B 355 -33.94 24.47 -37.28
CA LEU B 355 -33.26 25.08 -38.41
C LEU B 355 -33.06 24.11 -39.56
N ALA B 356 -32.75 22.85 -39.24
CA ALA B 356 -32.61 21.83 -40.26
C ALA B 356 -33.91 21.53 -40.97
N ASP B 357 -35.00 21.62 -40.21
CA ASP B 357 -36.34 21.38 -40.76
C ASP B 357 -36.83 22.54 -41.63
N GLU B 358 -36.71 23.75 -41.12
CA GLU B 358 -37.29 24.93 -41.78
C GLU B 358 -36.39 25.60 -42.80
N HIS B 359 -35.07 25.56 -42.59
CA HIS B 359 -34.13 26.23 -43.49
C HIS B 359 -32.85 25.43 -43.74
N PRO B 360 -32.99 24.24 -44.38
CA PRO B 360 -31.80 23.41 -44.60
C PRO B 360 -30.80 24.06 -45.56
N GLU B 361 -31.28 25.03 -46.34
CA GLU B 361 -30.45 25.69 -47.31
C GLU B 361 -29.28 26.52 -46.72
N VAL B 362 -29.38 26.97 -45.47
CA VAL B 362 -28.27 27.73 -44.86
C VAL B 362 -27.21 26.82 -44.25
N LEU B 363 -27.43 25.52 -44.28
CA LEU B 363 -26.44 24.58 -43.80
C LEU B 363 -25.44 24.27 -44.89
N HIS B 364 -24.17 24.23 -44.52
CA HIS B 364 -23.12 23.79 -45.40
C HIS B 364 -23.48 22.41 -45.93
N PRO B 365 -23.35 22.20 -47.25
CA PRO B 365 -23.92 20.98 -47.85
C PRO B 365 -23.41 19.69 -47.24
N VAL B 366 -22.13 19.67 -46.86
CA VAL B 366 -21.56 18.46 -46.31
C VAL B 366 -22.08 18.23 -44.92
N VAL B 367 -22.20 19.32 -44.18
CA VAL B 367 -22.68 19.29 -42.83
C VAL B 367 -24.14 18.87 -42.87
N ARG B 368 -24.86 19.42 -43.83
CA ARG B 368 -26.27 19.12 -44.03
C ARG B 368 -26.56 17.65 -44.19
N ASP B 369 -25.90 17.02 -45.15
CA ASP B 369 -26.14 15.61 -45.40
C ASP B 369 -25.87 14.75 -44.15
N ILE B 370 -24.80 15.07 -43.43
CA ILE B 370 -24.44 14.32 -42.25
C ILE B 370 -25.54 14.45 -41.20
N ILE B 371 -25.82 15.68 -40.81
CA ILE B 371 -26.78 15.93 -39.75
C ILE B 371 -28.19 15.44 -40.11
N LEU B 372 -28.63 15.64 -41.32
CA LEU B 372 -29.97 15.23 -41.71
C LEU B 372 -30.09 13.72 -41.84
N SER B 373 -28.99 13.01 -41.95
CA SER B 373 -29.04 11.55 -42.02
C SER B 373 -29.57 10.91 -40.72
N ALA B 374 -29.50 11.66 -39.63
CA ALA B 374 -30.04 11.24 -38.34
C ALA B 374 -31.58 11.11 -38.34
N LYS B 375 -32.24 11.73 -39.30
CA LYS B 375 -33.67 11.54 -39.53
C LYS B 375 -34.10 10.07 -39.62
N ARG B 376 -33.21 9.22 -40.15
CA ARG B 376 -33.46 7.82 -40.39
C ARG B 376 -33.01 6.95 -39.22
N MET B 377 -32.64 7.57 -38.10
CA MET B 377 -32.21 6.82 -36.93
C MET B 377 -33.31 6.78 -35.87
N SER B 378 -33.52 5.58 -35.33
CA SER B 378 -34.62 5.36 -34.39
C SER B 378 -34.16 5.33 -32.92
N ALA B 379 -35.16 5.39 -32.04
CA ALA B 379 -34.93 5.27 -30.62
C ALA B 379 -34.29 3.92 -30.32
N VAL B 380 -34.77 2.87 -30.99
CA VAL B 380 -34.16 1.55 -30.87
C VAL B 380 -32.69 1.55 -31.30
N ASP B 381 -32.38 2.18 -32.44
CA ASP B 381 -30.99 2.35 -32.88
C ASP B 381 -30.16 3.02 -31.78
N THR B 382 -30.74 3.99 -31.08
CA THR B 382 -29.96 4.75 -30.09
C THR B 382 -29.54 3.90 -28.88
N PHE B 383 -30.51 3.21 -28.30
CA PHE B 383 -30.25 2.33 -27.17
C PHE B 383 -29.33 1.16 -27.53
N ASN B 384 -29.48 0.60 -28.73
CA ASN B 384 -28.53 -0.42 -29.18
C ASN B 384 -27.11 0.15 -29.30
N GLY B 385 -27.01 1.40 -29.72
CA GLY B 385 -25.74 2.08 -29.74
C GLY B 385 -25.19 2.26 -28.33
N ILE B 386 -26.06 2.66 -27.42
CA ILE B 386 -25.66 2.79 -26.02
C ILE B 386 -25.19 1.42 -25.47
N TYR B 387 -25.93 0.35 -25.77
CA TYR B 387 -25.50 -0.97 -25.28
C TYR B 387 -24.13 -1.32 -25.87
N ARG B 388 -23.97 -1.09 -27.16
CA ARG B 388 -22.74 -1.39 -27.86
C ARG B 388 -21.56 -0.63 -27.24
N LEU B 389 -21.75 0.68 -27.05
CA LEU B 389 -20.76 1.51 -26.39
C LEU B 389 -20.34 0.92 -25.03
N ALA B 390 -21.33 0.52 -24.23
CA ALA B 390 -21.04 0.05 -22.87
C ALA B 390 -20.17 -1.21 -22.91
N ASP B 391 -20.37 -2.03 -23.94
CA ASP B 391 -19.54 -3.20 -24.16
C ASP B 391 -18.10 -2.80 -24.52
N LEU B 392 -17.97 -1.77 -25.36
CA LEU B 392 -16.66 -1.33 -25.80
C LEU B 392 -15.88 -0.70 -24.64
N VAL B 393 -16.56 0.08 -23.82
CA VAL B 393 -15.98 0.63 -22.59
C VAL B 393 -15.48 -0.51 -21.69
N ARG B 394 -16.27 -1.59 -21.58
CA ARG B 394 -15.88 -2.72 -20.75
C ARG B 394 -14.63 -3.39 -21.31
N ALA B 395 -14.59 -3.63 -22.63
CA ALA B 395 -13.41 -4.18 -23.28
C ALA B 395 -12.19 -3.29 -23.07
N ALA B 396 -12.39 -1.98 -23.14
CA ALA B 396 -11.30 -1.03 -23.00
C ALA B 396 -10.69 -1.03 -21.60
N GLU B 397 -11.45 -1.40 -20.58
CA GLU B 397 -10.92 -1.44 -19.19
C GLU B 397 -9.66 -2.34 -19.06
N SER B 398 -9.59 -3.39 -19.89
CA SER B 398 -8.41 -4.27 -19.93
C SER B 398 -7.13 -3.49 -20.20
N THR B 399 -7.22 -2.51 -21.10
CA THR B 399 -6.10 -1.64 -21.42
C THR B 399 -5.82 -0.63 -20.30
N TRP B 400 -6.85 0.06 -19.81
CA TRP B 400 -6.66 1.01 -18.70
C TRP B 400 -6.03 0.40 -17.44
N GLU B 401 -6.38 -0.85 -17.15
CA GLU B 401 -5.81 -1.55 -15.99
C GLU B 401 -4.30 -1.73 -16.06
N LYS B 402 -3.75 -1.67 -17.27
CA LYS B 402 -2.34 -1.91 -17.54
C LYS B 402 -1.50 -0.63 -17.72
N ILE B 403 -2.14 0.54 -17.78
CA ILE B 403 -1.45 1.78 -18.13
C ILE B 403 -1.88 2.97 -17.29
N ASP B 404 -1.03 3.98 -17.23
CA ASP B 404 -1.29 5.18 -16.45
C ASP B 404 -1.76 6.28 -17.36
N VAL B 405 -1.49 6.13 -18.65
CA VAL B 405 -1.82 7.11 -19.65
C VAL B 405 -1.70 6.47 -21.02
N MET B 406 -2.48 6.98 -21.98
CA MET B 406 -2.44 6.50 -23.35
C MET B 406 -1.81 7.60 -24.23
N LEU B 407 -1.01 7.18 -25.21
CA LEU B 407 -0.36 8.06 -26.12
C LEU B 407 -0.76 7.73 -27.55
N LEU B 408 -1.35 8.69 -28.24
CA LEU B 408 -1.76 8.51 -29.64
C LEU B 408 -1.29 9.63 -30.52
N PRO B 409 -1.16 9.37 -31.82
CA PRO B 409 -0.99 10.52 -32.70
C PRO B 409 -2.27 11.34 -32.61
N THR B 410 -2.14 12.66 -32.65
CA THR B 410 -3.31 13.52 -32.55
C THR B 410 -4.05 13.37 -33.86
N ALA B 411 -3.34 13.67 -34.94
CA ALA B 411 -3.81 13.42 -36.29
C ALA B 411 -2.81 12.53 -37.00
N PRO B 412 -3.31 11.51 -37.71
CA PRO B 412 -2.41 10.58 -38.40
C PRO B 412 -1.73 11.21 -39.60
N THR B 413 -2.35 12.23 -40.16
CA THR B 413 -1.77 12.93 -41.29
C THR B 413 -2.41 14.31 -41.41
N ILE B 414 -2.00 15.05 -42.44
CA ILE B 414 -2.56 16.36 -42.76
C ILE B 414 -2.79 16.46 -44.26
N TYR B 415 -3.79 17.22 -44.67
CA TYR B 415 -4.19 17.27 -46.08
C TYR B 415 -4.17 18.71 -46.61
N THR B 416 -4.08 18.84 -47.92
CA THR B 416 -4.21 20.15 -48.55
C THR B 416 -5.66 20.54 -48.55
N VAL B 417 -5.92 21.84 -48.58
CA VAL B 417 -7.26 22.36 -48.70
C VAL B 417 -7.90 21.84 -49.95
N GLU B 418 -7.15 21.85 -51.05
CA GLU B 418 -7.66 21.39 -52.33
C GLU B 418 -8.08 19.91 -52.25
N ASP B 419 -7.25 19.06 -51.65
CA ASP B 419 -7.58 17.61 -51.54
C ASP B 419 -8.82 17.36 -50.68
N MET B 420 -8.94 18.10 -49.58
CA MET B 420 -10.06 17.96 -48.66
C MET B 420 -11.37 18.41 -49.32
N LEU B 421 -11.34 19.53 -50.03
CA LEU B 421 -12.54 20.00 -50.77
C LEU B 421 -12.98 18.96 -51.75
N ALA B 422 -12.01 18.28 -52.37
CA ALA B 422 -12.31 17.27 -53.40
C ALA B 422 -12.87 15.96 -52.81
N ASP B 423 -12.63 15.71 -51.53
CA ASP B 423 -12.99 14.43 -50.88
C ASP B 423 -13.38 14.70 -49.42
N PRO B 424 -14.41 15.53 -49.21
CA PRO B 424 -14.61 16.18 -47.92
C PRO B 424 -15.12 15.31 -46.81
N VAL B 425 -15.71 14.16 -47.13
CA VAL B 425 -16.22 13.27 -46.10
C VAL B 425 -15.13 12.29 -45.67
N ARG B 426 -14.61 11.54 -46.64
CA ARG B 426 -13.64 10.49 -46.34
C ARG B 426 -12.39 11.01 -45.65
N LEU B 427 -11.76 12.03 -46.24
CA LEU B 427 -10.50 12.53 -45.70
C LEU B 427 -10.68 13.14 -44.34
N ASN B 428 -11.82 13.78 -44.11
CA ASN B 428 -12.14 14.26 -42.78
C ASN B 428 -12.27 13.12 -41.75
N SER B 429 -12.97 12.05 -42.12
CA SER B 429 -13.16 10.92 -41.20
C SER B 429 -11.79 10.33 -40.82
N ASN B 430 -10.87 10.26 -41.78
CA ASN B 430 -9.50 9.80 -41.54
C ASN B 430 -8.82 10.59 -40.43
N LEU B 431 -9.02 11.90 -40.41
CA LEU B 431 -8.43 12.74 -39.38
C LEU B 431 -8.95 12.39 -38.00
N GLY B 432 -10.15 11.82 -37.94
CA GLY B 432 -10.77 11.44 -36.66
C GLY B 432 -10.42 10.06 -36.16
N PHE B 433 -9.46 9.39 -36.81
CA PHE B 433 -9.15 8.01 -36.52
C PHE B 433 -8.72 7.78 -35.07
N TYR B 434 -7.91 8.70 -34.54
CA TYR B 434 -7.41 8.58 -33.17
C TYR B 434 -8.00 9.55 -32.16
N THR B 435 -9.06 10.25 -32.53
CA THR B 435 -9.70 11.25 -31.63
C THR B 435 -11.14 10.92 -31.20
N ASN B 436 -11.92 10.38 -32.12
CA ASN B 436 -13.39 10.37 -31.98
C ASN B 436 -14.00 9.57 -30.82
N PHE B 437 -13.20 8.79 -30.11
CA PHE B 437 -13.73 7.95 -29.02
C PHE B 437 -13.63 8.62 -27.66
N VAL B 438 -12.84 9.68 -27.58
CA VAL B 438 -12.45 10.22 -26.28
C VAL B 438 -13.64 10.66 -25.43
N ASN B 439 -14.51 11.48 -25.99
CA ASN B 439 -15.65 11.98 -25.23
C ASN B 439 -16.74 10.90 -25.01
N LEU B 440 -16.96 10.03 -25.99
CA LEU B 440 -17.85 8.90 -25.84
C LEU B 440 -17.48 8.01 -24.67
N MET B 441 -16.18 7.84 -24.43
CA MET B 441 -15.68 6.99 -23.34
C MET B 441 -15.33 7.77 -22.07
N ASP B 442 -15.68 9.06 -22.04
CA ASP B 442 -15.51 9.91 -20.88
C ASP B 442 -14.06 10.03 -20.42
N LEU B 443 -13.21 10.50 -21.32
CA LEU B 443 -11.79 10.62 -21.04
C LEU B 443 -11.29 12.04 -21.05
N SER B 444 -10.08 12.22 -20.52
CA SER B 444 -9.41 13.52 -20.51
C SER B 444 -8.33 13.39 -21.55
N ALA B 445 -8.01 14.49 -22.21
CA ALA B 445 -6.99 14.50 -23.25
C ALA B 445 -6.28 15.85 -23.32
N ILE B 446 -4.99 15.79 -23.65
CA ILE B 446 -4.24 17.01 -23.97
C ILE B 446 -3.31 16.75 -25.12
N ALA B 447 -3.42 17.61 -26.13
CA ALA B 447 -2.66 17.46 -27.37
C ALA B 447 -1.49 18.39 -27.29
N VAL B 448 -0.29 17.85 -27.48
CA VAL B 448 0.94 18.65 -27.43
C VAL B 448 1.79 18.39 -28.64
N PRO B 449 2.71 19.34 -28.98
CA PRO B 449 3.60 19.17 -30.14
C PRO B 449 4.60 18.05 -30.01
N ALA B 450 4.93 17.48 -31.15
CA ALA B 450 5.88 16.38 -31.21
C ALA B 450 6.72 16.54 -32.49
N GLY B 451 7.15 17.78 -32.74
CA GLY B 451 8.12 18.06 -33.80
C GLY B 451 7.50 18.38 -35.15
N PHE B 452 8.32 18.22 -36.19
CA PHE B 452 8.05 18.74 -37.55
C PHE B 452 8.54 17.81 -38.63
N ARG B 453 7.80 17.79 -39.73
CA ARG B 453 8.17 17.04 -40.91
C ARG B 453 9.28 17.78 -41.66
N THR B 454 9.92 17.11 -42.59
CA THR B 454 10.97 17.75 -43.41
C THR B 454 10.45 19.00 -44.11
N ASN B 455 9.18 18.99 -44.51
CA ASN B 455 8.55 20.14 -45.20
C ASN B 455 8.02 21.23 -44.28
N GLY B 456 8.34 21.17 -43.00
CA GLY B 456 7.95 22.23 -42.05
C GLY B 456 6.61 22.07 -41.35
N LEU B 457 5.78 21.15 -41.84
CA LEU B 457 4.44 20.90 -41.26
C LEU B 457 4.55 20.14 -39.94
N PRO B 458 3.99 20.70 -38.85
CA PRO B 458 4.12 20.07 -37.51
C PRO B 458 3.29 18.78 -37.30
N PHE B 459 3.70 18.01 -36.30
CA PHE B 459 3.06 16.76 -35.93
C PHE B 459 2.89 16.73 -34.42
N GLY B 460 1.72 16.28 -33.98
CA GLY B 460 1.38 16.33 -32.56
C GLY B 460 0.99 14.98 -32.03
N VAL B 461 1.17 14.79 -30.73
CA VAL B 461 0.63 13.63 -30.05
C VAL B 461 -0.35 14.09 -28.99
N THR B 462 -1.14 13.15 -28.49
CA THR B 462 -2.18 13.45 -27.50
C THR B 462 -1.98 12.48 -26.38
N PHE B 463 -1.92 13.02 -25.15
CA PHE B 463 -1.94 12.18 -23.98
C PHE B 463 -3.40 12.07 -23.53
N ILE B 464 -3.85 10.84 -23.27
CA ILE B 464 -5.22 10.58 -22.84
C ILE B 464 -5.23 9.88 -21.49
N GLY B 465 -6.03 10.40 -20.57
CA GLY B 465 -6.24 9.78 -19.28
C GLY B 465 -7.73 9.58 -19.02
N ARG B 466 -8.03 9.05 -17.84
CA ARG B 466 -9.41 8.87 -17.42
C ARG B 466 -10.02 10.21 -17.00
N ALA B 467 -11.32 10.19 -16.68
CA ALA B 467 -12.04 11.36 -16.19
C ALA B 467 -11.32 11.99 -14.99
N PHE B 468 -11.18 13.31 -15.03
CA PHE B 468 -10.57 14.12 -13.96
C PHE B 468 -9.07 13.88 -13.73
N GLU B 469 -8.40 13.26 -14.69
CA GLU B 469 -6.95 13.13 -14.63
C GLU B 469 -6.29 14.22 -15.47
N ASP B 470 -6.97 15.35 -15.64
CA ASP B 470 -6.54 16.40 -16.54
C ASP B 470 -5.15 16.95 -16.16
N GLY B 471 -4.99 17.30 -14.88
CA GLY B 471 -3.74 17.85 -14.34
C GLY B 471 -2.59 16.86 -14.45
N ALA B 472 -2.87 15.60 -14.18
CA ALA B 472 -1.87 14.57 -14.30
C ALA B 472 -1.33 14.49 -15.72
N ILE B 473 -2.22 14.39 -16.69
CA ILE B 473 -1.77 14.16 -18.07
C ILE B 473 -1.11 15.43 -18.64
N ALA B 474 -1.61 16.58 -18.21
CA ALA B 474 -0.98 17.84 -18.55
C ALA B 474 0.47 17.87 -18.04
N SER B 475 0.67 17.39 -16.81
CA SER B 475 2.00 17.38 -16.21
C SER B 475 2.96 16.56 -17.02
N LEU B 476 2.49 15.40 -17.47
CA LEU B 476 3.32 14.56 -18.33
C LEU B 476 3.57 15.19 -19.68
N GLY B 477 2.53 15.76 -20.27
CA GLY B 477 2.65 16.42 -21.57
C GLY B 477 3.66 17.56 -21.56
N LYS B 478 3.64 18.35 -20.48
CA LYS B 478 4.58 19.42 -20.26
C LYS B 478 6.03 18.91 -20.14
N ALA B 479 6.22 17.85 -19.36
CA ALA B 479 7.53 17.25 -19.21
C ALA B 479 8.01 16.69 -20.55
N PHE B 480 7.07 16.20 -21.35
CA PHE B 480 7.39 15.68 -22.67
C PHE B 480 7.87 16.80 -23.61
N VAL B 481 7.11 17.90 -23.69
CA VAL B 481 7.50 19.05 -24.51
C VAL B 481 8.91 19.54 -24.13
N GLU B 482 9.23 19.50 -22.84
CA GLU B 482 10.42 20.13 -22.28
C GLU B 482 11.64 19.22 -22.23
N HIS B 483 11.49 17.94 -22.55
CA HIS B 483 12.60 17.01 -22.38
C HIS B 483 13.76 17.05 -23.39
N ASP B 484 13.52 16.91 -24.70
CA ASP B 484 14.64 16.84 -25.67
C ASP B 484 14.96 18.20 -26.29
N HIS C 38 1.89 -36.18 10.24
CA HIS C 38 1.60 -35.42 11.52
C HIS C 38 2.22 -33.97 11.63
N LEU C 39 3.50 -33.93 11.94
CA LEU C 39 4.28 -32.69 11.98
C LEU C 39 4.86 -32.38 10.59
N THR C 40 4.58 -31.19 10.10
CA THR C 40 4.88 -30.82 8.71
C THR C 40 5.70 -29.54 8.64
N ASP C 41 5.06 -28.40 8.81
CA ASP C 41 5.74 -27.11 8.72
C ASP C 41 6.20 -26.63 10.10
N LEU C 42 6.85 -25.46 10.12
CA LEU C 42 7.33 -24.85 11.37
C LEU C 42 6.19 -24.64 12.36
N ALA C 43 5.11 -24.00 11.92
CA ALA C 43 3.96 -23.73 12.79
C ALA C 43 3.48 -24.99 13.50
N SER C 44 3.47 -26.12 12.79
CA SER C 44 3.06 -27.40 13.38
C SER C 44 3.98 -27.90 14.51
N TYR C 45 5.26 -27.52 14.47
CA TYR C 45 6.20 -27.79 15.57
C TYR C 45 6.03 -26.79 16.69
N GLN C 46 5.82 -25.52 16.32
CA GLN C 46 5.65 -24.45 17.31
C GLN C 46 4.39 -24.70 18.15
N ALA C 47 3.33 -25.14 17.49
CA ALA C 47 2.05 -25.45 18.14
C ALA C 47 2.19 -26.63 19.09
N ALA C 48 2.89 -27.66 18.62
CA ALA C 48 3.11 -28.86 19.43
C ALA C 48 3.94 -28.58 20.68
N TYR C 49 5.00 -27.78 20.53
CA TYR C 49 5.83 -27.40 21.68
C TYR C 49 5.09 -26.50 22.66
N ALA C 50 4.27 -25.58 22.14
CA ALA C 50 3.42 -24.72 22.98
C ALA C 50 2.41 -25.54 23.76
N ALA C 51 1.80 -26.53 23.10
CA ALA C 51 0.83 -27.41 23.75
C ALA C 51 1.49 -28.39 24.72
N GLY C 52 2.82 -28.35 24.84
CA GLY C 52 3.54 -29.04 25.92
C GLY C 52 4.33 -30.28 25.52
N THR C 53 4.40 -30.57 24.22
CA THR C 53 5.21 -31.69 23.76
C THR C 53 6.70 -31.40 24.00
N ASP C 54 7.43 -32.46 24.32
CA ASP C 54 8.87 -32.38 24.56
C ASP C 54 9.59 -32.61 23.22
N ALA C 55 10.52 -31.72 22.90
CA ALA C 55 11.26 -31.79 21.64
C ALA C 55 12.08 -33.06 21.53
N ALA C 56 12.59 -33.52 22.67
CA ALA C 56 13.42 -34.73 22.72
C ALA C 56 12.66 -35.97 22.24
N ASP C 57 11.35 -35.99 22.46
CA ASP C 57 10.51 -37.09 22.00
C ASP C 57 10.24 -36.97 20.51
N VAL C 58 10.13 -35.72 20.04
CA VAL C 58 9.89 -35.47 18.61
C VAL C 58 11.11 -35.90 17.80
N ILE C 59 12.28 -35.57 18.32
CA ILE C 59 13.52 -35.89 17.67
C ILE C 59 13.76 -37.42 17.71
N SER C 60 13.63 -38.05 18.88
CA SER C 60 13.80 -39.50 18.98
C SER C 60 12.83 -40.24 18.07
N ASP C 61 11.58 -39.77 18.01
CA ASP C 61 10.58 -40.37 17.12
C ASP C 61 11.01 -40.27 15.66
N LEU C 62 11.43 -39.07 15.28
CA LEU C 62 11.94 -38.79 13.94
C LEU C 62 13.08 -39.73 13.54
N TYR C 63 14.06 -39.88 14.43
CA TYR C 63 15.18 -40.77 14.17
C TYR C 63 14.73 -42.22 13.98
N ALA C 64 13.82 -42.65 14.85
CA ALA C 64 13.21 -43.98 14.76
C ALA C 64 12.57 -44.20 13.40
N ARG C 65 11.72 -43.26 12.97
CA ARG C 65 11.06 -43.32 11.67
C ARG C 65 12.06 -43.46 10.50
N ILE C 66 13.21 -42.81 10.61
CA ILE C 66 14.24 -42.90 9.56
C ILE C 66 14.89 -44.27 9.59
N LYS C 67 15.06 -44.82 10.78
CA LYS C 67 15.72 -46.10 10.94
C LYS C 67 14.87 -47.24 10.38
N GLU C 68 13.57 -47.24 10.66
CA GLU C 68 12.70 -48.31 10.13
C GLU C 68 12.67 -48.23 8.63
N ASP C 69 12.75 -47.01 8.10
CA ASP C 69 12.87 -46.82 6.65
C ASP C 69 14.34 -47.10 6.31
N GLY C 70 14.87 -46.53 5.24
CA GLY C 70 16.31 -46.51 5.01
C GLY C 70 16.93 -45.13 5.27
N GLU C 71 18.24 -45.10 5.47
CA GLU C 71 18.97 -43.84 5.38
C GLU C 71 19.03 -43.45 3.90
N ASN C 72 19.74 -44.27 3.11
CA ASN C 72 19.80 -44.11 1.67
C ASN C 72 18.44 -44.37 1.09
N PRO C 73 18.09 -43.69 -0.02
CA PRO C 73 18.89 -42.76 -0.80
C PRO C 73 18.77 -41.28 -0.41
N ILE C 74 17.97 -40.95 0.60
CA ILE C 74 17.73 -39.58 0.99
C ILE C 74 18.84 -39.07 1.89
N TRP C 75 19.36 -39.94 2.75
CA TRP C 75 20.35 -39.52 3.76
C TRP C 75 21.68 -40.26 3.59
N ILE C 76 22.77 -39.51 3.53
CA ILE C 76 24.10 -40.10 3.46
C ILE C 76 24.59 -40.43 4.87
N SER C 77 24.24 -39.60 5.83
CA SER C 77 24.61 -39.86 7.22
C SER C 77 23.68 -39.14 8.16
N LEU C 78 23.67 -39.61 9.39
CA LEU C 78 22.85 -39.01 10.43
C LEU C 78 23.69 -38.69 11.65
N LEU C 79 23.38 -37.55 12.23
CA LEU C 79 23.97 -37.17 13.49
C LEU C 79 23.53 -38.23 14.49
N PRO C 80 24.48 -38.83 15.25
CA PRO C 80 24.00 -39.81 16.22
C PRO C 80 22.95 -39.23 17.19
N LEU C 81 21.96 -40.04 17.56
CA LEU C 81 20.86 -39.57 18.42
C LEU C 81 21.36 -38.85 19.66
N GLU C 82 22.40 -39.39 20.26
CA GLU C 82 22.96 -38.86 21.51
C GLU C 82 23.50 -37.43 21.31
N SER C 83 24.21 -37.19 20.22
CA SER C 83 24.73 -35.83 19.90
C SER C 83 23.58 -34.86 19.61
N ALA C 84 22.55 -35.33 18.92
CA ALA C 84 21.40 -34.49 18.63
C ALA C 84 20.75 -34.05 19.95
N LEU C 85 20.39 -35.05 20.75
CA LEU C 85 19.76 -34.81 22.05
C LEU C 85 20.62 -33.90 22.98
N ALA C 86 21.94 -34.02 22.88
CA ALA C 86 22.86 -33.12 23.60
C ALA C 86 22.77 -31.67 23.11
N MET C 87 22.83 -31.47 21.79
CA MET C 87 22.63 -30.15 21.16
C MET C 87 21.30 -29.53 21.57
N LEU C 88 20.26 -30.36 21.66
CA LEU C 88 18.93 -29.91 22.06
C LEU C 88 18.92 -29.45 23.52
N ALA C 89 19.57 -30.20 24.39
CA ALA C 89 19.67 -29.84 25.80
C ALA C 89 20.31 -28.48 25.99
N ASP C 90 21.42 -28.25 25.30
CA ASP C 90 22.09 -26.95 25.32
C ASP C 90 21.13 -25.83 24.91
N ALA C 91 20.34 -26.07 23.87
CA ALA C 91 19.36 -25.09 23.44
C ALA C 91 18.33 -24.83 24.55
N GLN C 92 17.85 -25.91 25.16
CA GLN C 92 16.88 -25.83 26.25
C GLN C 92 17.38 -24.93 27.39
N GLN C 93 18.61 -25.17 27.82
CA GLN C 93 19.24 -24.37 28.88
C GLN C 93 19.25 -22.87 28.55
N ARG C 94 19.55 -22.54 27.28
CA ARG C 94 19.57 -21.12 26.83
C ARG C 94 18.19 -20.55 26.82
N LYS C 95 17.23 -21.32 26.34
CA LYS C 95 15.84 -20.88 26.33
C LYS C 95 15.39 -20.62 27.76
N ASP C 96 15.81 -21.49 28.66
CA ASP C 96 15.49 -21.35 30.09
C ASP C 96 16.09 -20.09 30.72
N LYS C 97 17.24 -19.66 30.22
CA LYS C 97 17.83 -18.38 30.63
C LYS C 97 17.22 -17.17 29.92
N GLY C 98 16.10 -17.39 29.22
CA GLY C 98 15.40 -16.33 28.51
C GLY C 98 16.06 -15.84 27.22
N GLU C 99 16.95 -16.64 26.64
CA GLU C 99 17.53 -16.30 25.34
C GLU C 99 16.45 -16.49 24.27
N ALA C 100 16.59 -15.74 23.17
CA ALA C 100 15.65 -15.80 22.04
C ALA C 100 16.07 -16.90 21.05
N LEU C 101 15.20 -17.87 20.79
CA LEU C 101 15.55 -19.00 19.93
C LEU C 101 14.44 -19.30 18.95
N PRO C 102 14.41 -18.55 17.84
CA PRO C 102 13.27 -18.60 16.92
C PRO C 102 13.07 -19.95 16.25
N LEU C 103 14.10 -20.78 16.24
CA LEU C 103 13.99 -22.11 15.67
C LEU C 103 14.28 -23.21 16.70
N PHE C 104 13.76 -23.05 17.91
CA PHE C 104 13.97 -24.03 18.95
C PHE C 104 13.38 -25.40 18.63
N GLY C 105 14.23 -26.41 18.72
CA GLY C 105 13.80 -27.79 18.56
C GLY C 105 13.36 -28.20 17.15
N ILE C 106 13.80 -27.45 16.15
CA ILE C 106 13.41 -27.70 14.76
C ILE C 106 14.49 -28.51 14.06
N PRO C 107 14.18 -29.76 13.70
CA PRO C 107 15.17 -30.54 13.01
C PRO C 107 15.27 -30.09 11.58
N PHE C 108 16.47 -30.18 11.00
CA PHE C 108 16.65 -29.94 9.57
C PHE C 108 17.70 -30.83 8.93
N GLY C 109 17.58 -31.02 7.61
CA GLY C 109 18.59 -31.72 6.82
C GLY C 109 19.59 -30.73 6.23
N VAL C 110 20.81 -31.18 6.01
CA VAL C 110 21.85 -30.36 5.42
C VAL C 110 22.47 -31.09 4.24
N LYS C 111 22.41 -30.49 3.06
CA LYS C 111 23.04 -31.02 1.86
C LYS C 111 24.49 -31.32 2.16
N ASP C 112 24.96 -32.48 1.70
CA ASP C 112 26.24 -32.99 2.13
C ASP C 112 27.46 -32.35 1.41
N ASN C 113 27.29 -31.13 0.90
CA ASN C 113 28.44 -30.30 0.54
C ASN C 113 28.67 -29.22 1.55
N ILE C 114 27.83 -29.20 2.59
CA ILE C 114 27.90 -28.15 3.66
C ILE C 114 28.33 -28.75 5.01
N ASP C 115 29.24 -28.09 5.71
CA ASP C 115 29.79 -28.67 6.93
C ASP C 115 28.81 -28.70 8.11
N VAL C 116 28.66 -29.86 8.73
CA VAL C 116 28.07 -29.99 10.07
C VAL C 116 29.10 -30.69 10.98
N ALA C 117 29.41 -30.08 12.12
CA ALA C 117 30.40 -30.62 13.03
C ALA C 117 30.00 -32.00 13.53
N GLY C 118 30.95 -32.94 13.52
CA GLY C 118 30.69 -34.30 13.94
C GLY C 118 30.46 -35.23 12.77
N LEU C 119 30.05 -34.69 11.63
CA LEU C 119 29.71 -35.52 10.47
C LEU C 119 30.63 -35.30 9.29
N PRO C 120 30.98 -36.38 8.58
CA PRO C 120 31.79 -36.19 7.36
C PRO C 120 31.05 -35.35 6.30
N THR C 121 31.80 -34.59 5.51
CA THR C 121 31.24 -33.89 4.38
C THR C 121 31.73 -34.60 3.13
N THR C 122 30.91 -35.49 2.59
CA THR C 122 31.31 -36.31 1.43
C THR C 122 31.21 -35.59 0.09
N ALA C 123 30.32 -34.60 0.02
CA ALA C 123 29.87 -34.04 -1.25
C ALA C 123 29.42 -35.08 -2.30
N GLY C 124 28.89 -36.21 -1.82
CA GLY C 124 28.38 -37.27 -2.67
C GLY C 124 29.51 -38.08 -3.30
N CYS C 125 30.67 -38.02 -2.66
CA CYS C 125 31.87 -38.65 -3.19
C CYS C 125 32.32 -39.70 -2.17
N THR C 126 32.61 -40.91 -2.63
CA THR C 126 33.00 -41.99 -1.70
C THR C 126 34.44 -41.91 -1.26
N GLY C 127 35.22 -41.03 -1.89
CA GLY C 127 36.67 -40.85 -1.59
C GLY C 127 37.11 -39.41 -1.29
N PHE C 128 36.13 -38.59 -0.91
CA PHE C 128 36.35 -37.21 -0.49
C PHE C 128 36.36 -37.20 1.04
N ALA C 129 37.53 -37.45 1.61
CA ALA C 129 37.65 -37.38 3.07
C ALA C 129 37.55 -35.91 3.52
N ARG C 130 36.82 -35.67 4.61
CA ARG C 130 36.68 -34.32 5.19
C ARG C 130 35.65 -34.42 6.28
N THR C 131 36.10 -34.40 7.54
CA THR C 131 35.18 -34.28 8.66
C THR C 131 35.47 -32.99 9.40
N PRO C 132 34.58 -32.00 9.29
CA PRO C 132 34.91 -30.71 9.90
C PRO C 132 34.79 -30.64 11.42
N ARG C 133 35.68 -29.86 12.01
CA ARG C 133 35.61 -29.60 13.44
C ARG C 133 34.45 -28.69 13.80
N GLN C 134 34.09 -27.78 12.89
CA GLN C 134 33.07 -26.74 13.14
C GLN C 134 31.93 -26.79 12.15
N HIS C 135 30.79 -26.27 12.59
CA HIS C 135 29.66 -26.05 11.70
C HIS C 135 30.03 -25.01 10.67
N ALA C 136 29.46 -25.13 9.48
CA ALA C 136 29.53 -24.05 8.50
C ALA C 136 28.89 -22.81 9.11
N PHE C 137 29.31 -21.64 8.66
CA PHE C 137 28.85 -20.39 9.27
C PHE C 137 27.32 -20.30 9.33
N VAL C 138 26.65 -20.71 8.26
CA VAL C 138 25.19 -20.67 8.19
C VAL C 138 24.52 -21.71 9.12
N VAL C 139 25.08 -22.92 9.15
CA VAL C 139 24.57 -23.93 10.05
C VAL C 139 24.75 -23.47 11.49
N GLN C 140 25.86 -22.80 11.78
CA GLN C 140 26.12 -22.35 13.13
C GLN C 140 25.02 -21.41 13.55
N ARG C 141 24.64 -20.49 12.67
CA ARG C 141 23.61 -19.51 13.03
C ARG C 141 22.27 -20.21 13.31
N LEU C 142 21.98 -21.29 12.57
CA LEU C 142 20.75 -22.03 12.78
C LEU C 142 20.76 -22.80 14.10
N VAL C 143 21.89 -23.44 14.38
CA VAL C 143 22.09 -24.08 15.65
C VAL C 143 21.97 -23.06 16.81
N ASP C 144 22.58 -21.89 16.63
CA ASP C 144 22.49 -20.81 17.62
C ASP C 144 21.04 -20.39 17.85
N ALA C 145 20.21 -20.48 16.81
CA ALA C 145 18.78 -20.17 16.97
C ALA C 145 17.94 -21.37 17.45
N GLY C 146 18.61 -22.47 17.81
CA GLY C 146 17.96 -23.62 18.46
C GLY C 146 17.66 -24.79 17.56
N ALA C 147 18.00 -24.68 16.28
CA ALA C 147 17.69 -25.73 15.33
C ALA C 147 18.69 -26.85 15.49
N ILE C 148 18.31 -28.05 15.02
CA ILE C 148 19.12 -29.26 15.18
C ILE C 148 19.33 -29.95 13.83
N PRO C 149 20.58 -30.07 13.37
CA PRO C 149 20.80 -30.68 12.08
C PRO C 149 20.89 -32.18 12.23
N ILE C 150 19.85 -32.86 11.80
CA ILE C 150 19.72 -34.31 11.98
C ILE C 150 20.75 -35.08 11.24
N GLY C 151 21.11 -34.60 10.06
CA GLY C 151 22.00 -35.35 9.19
C GLY C 151 22.29 -34.68 7.88
N LYS C 152 23.01 -35.40 7.02
CA LYS C 152 23.49 -34.90 5.76
C LYS C 152 22.72 -35.56 4.64
N THR C 153 22.20 -34.75 3.73
CA THR C 153 21.34 -35.28 2.66
C THR C 153 22.12 -35.56 1.39
N ASN C 154 21.60 -36.48 0.60
CA ASN C 154 22.20 -36.85 -0.70
C ASN C 154 22.12 -35.71 -1.73
N LEU C 155 22.97 -35.81 -2.74
CA LEU C 155 23.08 -34.77 -3.76
C LEU C 155 23.67 -35.30 -5.04
N ASP C 156 23.52 -34.53 -6.12
CA ASP C 156 24.36 -34.75 -7.29
C ASP C 156 25.78 -34.39 -6.87
N GLN C 157 26.68 -35.32 -7.13
CA GLN C 157 28.04 -35.19 -6.68
C GLN C 157 28.67 -33.85 -7.04
N PHE C 158 29.30 -33.22 -6.04
CA PHE C 158 29.93 -31.89 -6.15
C PHE C 158 29.00 -30.84 -6.74
N ALA C 159 27.72 -31.02 -6.42
CA ALA C 159 26.67 -30.11 -6.83
C ALA C 159 26.69 -29.84 -8.31
N THR C 160 27.01 -30.87 -9.08
CA THR C 160 27.12 -30.74 -10.51
C THR C 160 26.05 -31.62 -11.17
N GLY C 161 24.91 -31.02 -11.45
CA GLY C 161 23.72 -31.77 -11.87
C GLY C 161 22.45 -31.09 -11.41
N LEU C 162 21.37 -31.26 -12.16
CA LEU C 162 20.09 -30.69 -11.78
C LEU C 162 19.02 -31.78 -11.65
N ASN C 163 19.42 -33.02 -11.42
CA ASN C 163 18.43 -34.10 -11.40
C ASN C 163 18.44 -35.05 -10.21
N GLY C 164 19.63 -35.34 -9.68
CA GLY C 164 19.76 -36.12 -8.45
C GLY C 164 20.19 -37.56 -8.64
N THR C 165 20.35 -37.98 -9.89
CA THR C 165 20.81 -39.33 -10.22
C THR C 165 22.33 -39.47 -10.16
N ARG C 166 23.06 -38.36 -10.12
CA ARG C 166 24.54 -38.41 -10.21
C ARG C 166 25.17 -38.60 -8.85
N THR C 167 24.87 -39.74 -8.24
CA THR C 167 25.35 -40.05 -6.88
C THR C 167 25.62 -41.54 -6.77
N PRO C 168 26.57 -41.96 -5.90
CA PRO C 168 26.74 -43.39 -5.66
C PRO C 168 25.99 -43.89 -4.43
N PHE C 169 25.16 -43.03 -3.82
CA PHE C 169 24.51 -43.35 -2.53
C PHE C 169 23.05 -43.78 -2.69
N GLY C 170 22.69 -44.21 -3.89
CA GLY C 170 21.30 -44.47 -4.25
C GLY C 170 20.65 -43.21 -4.80
N ILE C 171 19.74 -43.38 -5.75
CA ILE C 171 19.05 -42.30 -6.42
C ILE C 171 17.76 -41.84 -5.69
N PRO C 172 17.74 -40.62 -5.13
CA PRO C 172 16.50 -40.08 -4.57
C PRO C 172 15.44 -39.79 -5.63
N ARG C 173 14.18 -39.76 -5.21
CA ARG C 173 13.06 -39.83 -6.13
C ARG C 173 12.00 -38.79 -5.85
N CYS C 174 11.36 -38.33 -6.92
CA CYS C 174 10.19 -37.49 -6.79
C CYS C 174 9.20 -38.16 -5.85
N VAL C 175 8.78 -37.44 -4.81
CA VAL C 175 7.81 -37.96 -3.83
C VAL C 175 6.44 -38.21 -4.49
N PHE C 176 6.15 -37.53 -5.58
CA PHE C 176 4.86 -37.70 -6.21
C PHE C 176 4.84 -38.85 -7.17
N ASN C 177 5.97 -39.51 -7.31
CA ASN C 177 6.10 -40.64 -8.23
C ASN C 177 7.54 -41.15 -8.29
N GLU C 178 7.80 -42.28 -7.64
CA GLU C 178 9.15 -42.85 -7.55
C GLU C 178 9.86 -43.02 -8.89
N ASN C 179 9.11 -43.18 -9.97
CA ASN C 179 9.73 -43.37 -11.29
C ASN C 179 10.48 -42.13 -11.78
N TYR C 180 10.13 -40.97 -11.26
CA TYR C 180 10.66 -39.70 -11.74
C TYR C 180 11.80 -39.19 -10.86
N VAL C 181 12.65 -38.37 -11.45
CA VAL C 181 13.81 -37.80 -10.75
C VAL C 181 13.39 -36.90 -9.61
N SER C 182 14.14 -36.95 -8.51
CA SER C 182 13.91 -36.02 -7.40
C SER C 182 14.14 -34.59 -7.85
N GLY C 183 15.05 -34.43 -8.80
CA GLY C 183 15.59 -33.14 -9.14
C GLY C 183 16.80 -32.86 -8.28
N GLY C 184 17.74 -32.14 -8.89
CA GLY C 184 18.10 -30.80 -8.51
C GLY C 184 19.51 -30.49 -8.21
N SER C 185 20.21 -31.47 -7.70
CA SER C 185 21.49 -31.35 -7.03
C SER C 185 21.18 -31.39 -5.55
N SER C 186 20.33 -30.49 -5.08
CA SER C 186 19.87 -30.55 -3.68
C SER C 186 18.73 -31.58 -3.50
N SER C 187 19.00 -32.81 -3.89
CA SER C 187 17.97 -33.83 -4.10
C SER C 187 17.38 -34.35 -2.78
N GLY C 188 18.23 -34.88 -1.92
CA GLY C 188 17.77 -35.40 -0.64
C GLY C 188 17.26 -34.32 0.29
N SER C 189 17.82 -33.13 0.18
CA SER C 189 17.35 -32.02 1.00
C SER C 189 15.88 -31.73 0.68
N ALA C 190 15.50 -31.85 -0.59
CA ALA C 190 14.13 -31.58 -1.04
C ALA C 190 13.17 -32.71 -0.69
N VAL C 191 13.59 -33.95 -0.93
CA VAL C 191 12.78 -35.11 -0.60
C VAL C 191 12.50 -35.19 0.90
N ALA C 192 13.52 -34.93 1.70
CA ALA C 192 13.42 -35.01 3.15
C ALA C 192 12.40 -34.02 3.70
N VAL C 193 12.18 -32.93 2.99
CA VAL C 193 11.17 -31.95 3.42
C VAL C 193 9.80 -32.38 2.89
N ALA C 194 9.75 -32.72 1.60
CA ALA C 194 8.51 -33.04 0.96
C ALA C 194 7.86 -34.34 1.47
N ASN C 195 8.66 -35.28 1.91
CA ASN C 195 8.13 -36.54 2.44
C ASN C 195 7.74 -36.40 3.91
N GLY C 196 7.97 -35.21 4.49
CA GLY C 196 7.48 -34.89 5.82
C GLY C 196 8.46 -35.10 6.95
N THR C 197 9.64 -35.59 6.63
CA THR C 197 10.62 -35.90 7.67
C THR C 197 11.08 -34.66 8.43
N VAL C 198 11.44 -33.61 7.69
CA VAL C 198 11.84 -32.36 8.29
C VAL C 198 11.12 -31.17 7.69
N PRO C 199 10.98 -30.11 8.47
CA PRO C 199 10.23 -28.96 8.04
C PRO C 199 11.01 -28.04 7.13
N PHE C 200 12.33 -27.98 7.31
CA PHE C 200 13.17 -27.40 6.28
C PHE C 200 14.47 -28.14 6.10
N SER C 201 15.21 -27.71 5.10
CA SER C 201 16.55 -28.19 4.88
C SER C 201 17.36 -27.15 4.08
N LEU C 202 18.67 -27.33 4.09
CA LEU C 202 19.57 -26.47 3.32
C LEU C 202 20.02 -27.18 2.06
N GLY C 203 19.91 -26.45 0.96
CA GLY C 203 20.45 -26.90 -0.29
C GLY C 203 21.54 -25.90 -0.65
N THR C 204 22.06 -26.05 -1.84
CA THR C 204 22.88 -25.05 -2.45
C THR C 204 22.40 -24.86 -3.87
N ASP C 205 22.73 -23.70 -4.43
CA ASP C 205 22.28 -23.37 -5.74
C ASP C 205 23.42 -22.65 -6.45
N THR C 206 23.83 -23.19 -7.60
CA THR C 206 24.75 -22.54 -8.49
C THR C 206 24.07 -22.32 -9.85
N ALA C 207 23.67 -23.40 -10.48
CA ALA C 207 22.96 -23.36 -11.76
C ALA C 207 21.45 -23.33 -11.57
N GLY C 208 20.97 -24.02 -10.52
CA GLY C 208 19.53 -24.04 -10.21
C GLY C 208 19.16 -25.09 -9.20
N SER C 209 20.15 -25.55 -8.46
CA SER C 209 20.02 -26.69 -7.60
C SER C 209 19.18 -26.45 -6.37
N GLY C 210 18.87 -25.20 -6.08
CA GLY C 210 18.04 -24.84 -4.95
C GLY C 210 16.60 -24.60 -5.36
N ARG C 211 16.32 -24.81 -6.64
CA ARG C 211 15.02 -24.51 -7.23
C ARG C 211 14.39 -25.67 -8.01
N ILE C 212 15.17 -26.31 -8.88
CA ILE C 212 14.68 -27.47 -9.61
C ILE C 212 14.03 -28.50 -8.64
N PRO C 213 14.78 -28.94 -7.61
CA PRO C 213 14.16 -29.92 -6.69
C PRO C 213 12.91 -29.41 -5.93
N ALA C 214 12.81 -28.11 -5.69
CA ALA C 214 11.58 -27.56 -5.11
C ALA C 214 10.43 -27.78 -6.07
N ALA C 215 10.63 -27.40 -7.33
CA ALA C 215 9.59 -27.49 -8.34
C ALA C 215 9.06 -28.92 -8.48
N PHE C 216 9.96 -29.90 -8.49
CA PHE C 216 9.55 -31.28 -8.65
C PHE C 216 8.86 -31.89 -7.42
N ASN C 217 8.98 -31.24 -6.27
CA ASN C 217 8.43 -31.78 -5.04
C ASN C 217 7.48 -30.86 -4.32
N ASN C 218 6.95 -29.90 -5.07
CA ASN C 218 5.89 -29.03 -4.61
C ASN C 218 6.29 -28.26 -3.36
N LEU C 219 7.56 -27.84 -3.31
CA LEU C 219 8.12 -27.09 -2.20
C LEU C 219 8.48 -25.67 -2.59
N VAL C 220 8.83 -24.87 -1.58
CA VAL C 220 9.37 -23.54 -1.78
C VAL C 220 10.90 -23.59 -1.72
N GLY C 221 11.55 -22.99 -2.71
CA GLY C 221 13.00 -22.94 -2.80
C GLY C 221 13.51 -21.51 -2.82
N LEU C 222 14.09 -21.07 -1.70
CA LEU C 222 14.53 -19.69 -1.60
C LEU C 222 16.03 -19.65 -1.91
N LYS C 223 16.38 -18.99 -3.02
CA LYS C 223 17.76 -18.83 -3.41
C LYS C 223 18.18 -17.42 -3.11
N PRO C 224 18.97 -17.22 -2.04
CA PRO C 224 19.30 -15.86 -1.68
C PRO C 224 20.32 -15.20 -2.62
N THR C 225 20.30 -13.86 -2.61
CA THR C 225 21.25 -13.07 -3.35
C THR C 225 22.64 -13.54 -2.97
N LYS C 226 23.54 -13.58 -3.94
CA LYS C 226 24.91 -14.00 -3.69
C LYS C 226 25.54 -13.21 -2.59
N GLY C 227 26.18 -13.90 -1.65
CA GLY C 227 26.86 -13.24 -0.52
C GLY C 227 26.00 -12.86 0.67
N LEU C 228 24.69 -13.00 0.53
CA LEU C 228 23.77 -12.78 1.64
C LEU C 228 23.98 -13.83 2.71
N PHE C 229 24.13 -15.09 2.28
CA PHE C 229 24.53 -16.22 3.14
C PHE C 229 26.02 -16.50 2.99
N SER C 230 26.68 -16.87 4.09
CA SER C 230 28.11 -17.10 4.05
C SER C 230 28.41 -18.39 3.29
N GLY C 231 29.58 -18.42 2.68
CA GLY C 231 30.07 -19.62 2.02
C GLY C 231 31.10 -20.36 2.84
N SER C 232 31.37 -19.93 4.07
CA SER C 232 32.34 -20.63 4.93
C SER C 232 31.80 -21.98 5.39
N GLY C 233 32.60 -23.02 5.20
CA GLY C 233 32.22 -24.36 5.51
C GLY C 233 31.35 -25.02 4.45
N LEU C 234 31.36 -24.46 3.24
CA LEU C 234 30.72 -25.09 2.09
C LEU C 234 31.80 -25.53 1.13
N VAL C 235 31.71 -26.77 0.66
CA VAL C 235 32.60 -27.24 -0.40
C VAL C 235 32.15 -26.55 -1.67
N PRO C 236 33.00 -25.68 -2.24
CA PRO C 236 32.53 -24.95 -3.42
C PRO C 236 32.31 -25.82 -4.66
N ALA C 237 31.34 -25.40 -5.46
CA ALA C 237 31.17 -25.85 -6.83
C ALA C 237 31.75 -24.76 -7.76
N ALA C 238 31.04 -23.64 -7.89
CA ALA C 238 31.59 -22.43 -8.49
C ALA C 238 31.56 -21.33 -7.43
N ARG C 239 32.69 -21.12 -6.78
CA ARG C 239 32.81 -20.22 -5.66
C ARG C 239 32.21 -18.85 -5.92
N SER C 240 32.46 -18.28 -7.10
CA SER C 240 31.94 -16.92 -7.38
C SER C 240 30.43 -16.90 -7.58
N LEU C 241 29.79 -18.07 -7.65
CA LEU C 241 28.37 -18.16 -7.94
C LEU C 241 27.53 -18.86 -6.86
N ASP C 242 28.15 -19.77 -6.12
CA ASP C 242 27.44 -20.60 -5.12
C ASP C 242 26.61 -19.78 -4.13
N CYS C 243 25.46 -20.34 -3.73
CA CYS C 243 24.62 -19.84 -2.66
C CYS C 243 24.06 -21.03 -1.92
N ILE C 244 24.26 -21.05 -0.61
CA ILE C 244 23.50 -21.94 0.22
C ILE C 244 22.05 -21.47 0.08
N SER C 245 21.12 -22.41 0.07
CA SER C 245 19.73 -22.13 -0.20
C SER C 245 18.80 -22.83 0.77
N VAL C 246 17.54 -22.39 0.80
CA VAL C 246 16.58 -22.92 1.75
C VAL C 246 15.48 -23.67 1.02
N LEU C 247 15.14 -24.84 1.54
CA LEU C 247 13.98 -25.60 1.10
C LEU C 247 12.98 -25.79 2.25
N ALA C 248 11.72 -25.46 1.98
CA ALA C 248 10.65 -25.54 2.96
C ALA C 248 9.31 -25.74 2.25
N HIS C 249 8.24 -25.90 3.03
CA HIS C 249 6.88 -26.06 2.47
C HIS C 249 6.26 -24.71 2.07
N THR C 250 6.64 -23.65 2.76
CA THR C 250 6.05 -22.32 2.54
C THR C 250 7.07 -21.19 2.53
N VAL C 251 6.59 -20.04 2.08
CA VAL C 251 7.46 -18.88 1.94
C VAL C 251 7.80 -18.33 3.31
N ASP C 252 6.82 -18.28 4.21
CA ASP C 252 7.06 -17.83 5.57
C ASP C 252 8.17 -18.62 6.24
N ASP C 253 8.09 -19.94 6.13
CA ASP C 253 9.07 -20.80 6.74
C ASP C 253 10.43 -20.58 6.11
N ALA C 254 10.46 -20.54 4.78
CA ALA C 254 11.69 -20.29 4.04
C ALA C 254 12.31 -18.99 4.49
N LEU C 255 11.47 -17.97 4.61
CA LEU C 255 11.93 -16.64 5.07
C LEU C 255 12.41 -16.72 6.50
N ALA C 256 11.67 -17.42 7.35
CA ALA C 256 12.02 -17.51 8.77
C ALA C 256 13.42 -18.07 8.94
N VAL C 257 13.74 -19.09 8.14
CA VAL C 257 15.07 -19.69 8.10
C VAL C 257 16.09 -18.74 7.50
N ALA C 258 15.77 -18.13 6.36
CA ALA C 258 16.68 -17.22 5.68
C ALA C 258 17.15 -16.06 6.57
N ARG C 259 16.23 -15.50 7.35
CA ARG C 259 16.56 -14.36 8.23
C ARG C 259 17.61 -14.72 9.25
N VAL C 260 17.50 -15.92 9.79
CA VAL C 260 18.48 -16.45 10.73
C VAL C 260 19.82 -16.74 10.03
N ALA C 261 19.77 -17.34 8.85
CA ALA C 261 20.96 -17.80 8.13
C ALA C 261 21.76 -16.68 7.51
N ALA C 262 21.06 -15.65 7.05
CA ALA C 262 21.66 -14.51 6.37
C ALA C 262 22.50 -13.70 7.32
N GLY C 263 23.62 -13.16 6.81
CA GLY C 263 24.51 -12.37 7.62
C GLY C 263 25.95 -12.33 7.14
N TYR C 264 26.62 -11.22 7.41
CA TYR C 264 27.98 -11.01 6.98
C TYR C 264 28.98 -11.88 7.75
N ASP C 265 29.83 -12.58 7.00
CA ASP C 265 30.92 -13.35 7.55
C ASP C 265 32.24 -12.74 7.05
N ALA C 266 32.93 -12.02 7.93
CA ALA C 266 34.22 -11.35 7.62
C ALA C 266 35.29 -12.28 7.01
N ASP C 267 35.23 -13.56 7.36
CA ASP C 267 36.20 -14.51 6.81
C ASP C 267 35.88 -14.98 5.39
N ASP C 268 34.66 -14.71 4.90
CA ASP C 268 34.27 -15.08 3.56
C ASP C 268 34.35 -13.88 2.65
N ALA C 269 35.34 -13.89 1.77
CA ALA C 269 35.61 -12.75 0.90
C ALA C 269 34.48 -12.44 -0.08
N PHE C 270 33.56 -13.39 -0.27
CA PHE C 270 32.38 -13.21 -1.11
C PHE C 270 31.14 -12.85 -0.33
N SER C 271 31.25 -12.80 0.99
CA SER C 271 30.14 -12.40 1.85
C SER C 271 29.90 -10.90 1.74
N ARG C 272 28.62 -10.52 1.70
CA ARG C 272 28.22 -9.11 1.58
C ARG C 272 27.35 -8.70 2.76
N LYS C 273 27.34 -7.42 3.08
CA LYS C 273 26.79 -6.96 4.39
C LYS C 273 25.27 -6.93 4.68
N ALA C 274 24.45 -6.97 3.63
CA ALA C 274 22.96 -6.73 3.69
C ALA C 274 22.34 -7.30 4.93
N GLY C 275 22.38 -8.63 5.02
CA GLY C 275 21.89 -9.34 6.20
C GLY C 275 20.39 -9.56 6.07
N ALA C 276 19.65 -9.43 7.17
CA ALA C 276 18.20 -9.64 7.16
C ALA C 276 17.43 -8.48 6.50
N ALA C 277 18.07 -7.32 6.27
CA ALA C 277 17.39 -6.14 5.71
C ALA C 277 16.87 -6.40 4.28
N ALA C 278 17.54 -7.29 3.56
CA ALA C 278 17.12 -7.77 2.23
C ALA C 278 15.93 -8.75 2.27
N LEU C 279 15.51 -9.12 3.48
CA LEU C 279 14.54 -10.16 3.67
C LEU C 279 13.23 -9.71 4.34
N THR C 280 12.98 -8.41 4.38
CA THR C 280 11.75 -7.89 4.92
C THR C 280 10.60 -8.12 3.98
N GLU C 281 9.46 -8.58 4.50
CA GLU C 281 8.26 -8.75 3.69
C GLU C 281 7.76 -7.36 3.32
N LYS C 282 7.21 -7.25 2.12
CA LYS C 282 6.78 -5.99 1.56
C LYS C 282 5.47 -6.18 0.84
N SER C 283 4.50 -5.33 1.10
CA SER C 283 3.22 -5.45 0.40
C SER C 283 3.41 -4.90 -1.01
N TRP C 284 2.97 -5.65 -2.01
CA TRP C 284 3.08 -5.21 -3.40
C TRP C 284 1.95 -4.25 -3.79
N PRO C 285 2.26 -3.26 -4.62
CA PRO C 285 1.21 -2.33 -5.06
C PRO C 285 0.13 -3.04 -5.87
N ARG C 286 -1.01 -2.38 -6.02
CA ARG C 286 -2.19 -2.94 -6.72
C ARG C 286 -1.83 -3.26 -8.17
N ARG C 287 -0.94 -2.46 -8.76
CA ARG C 287 -0.45 -2.74 -10.10
C ARG C 287 1.07 -2.83 -10.14
N PHE C 288 1.57 -3.78 -10.92
CA PHE C 288 2.99 -3.93 -11.12
C PHE C 288 3.23 -4.60 -12.45
N ASN C 289 4.50 -4.55 -12.86
CA ASN C 289 4.91 -5.16 -14.11
C ASN C 289 5.74 -6.38 -13.83
N PHE C 290 5.52 -7.42 -14.62
CA PHE C 290 6.32 -8.62 -14.51
C PHE C 290 6.67 -9.11 -15.89
N GLY C 291 7.91 -9.58 -16.05
CA GLY C 291 8.43 -9.92 -17.35
C GLY C 291 8.29 -11.40 -17.58
N VAL C 292 7.91 -11.76 -18.80
CA VAL C 292 7.83 -13.15 -19.21
C VAL C 292 8.37 -13.29 -20.61
N PRO C 293 9.18 -14.33 -20.87
CA PRO C 293 9.73 -14.50 -22.23
C PRO C 293 8.64 -14.69 -23.25
N ALA C 294 8.83 -14.14 -24.44
CA ALA C 294 7.82 -14.22 -25.50
C ALA C 294 7.22 -15.62 -25.60
N ALA C 295 5.89 -15.71 -25.54
CA ALA C 295 5.13 -16.99 -25.67
C ALA C 295 5.57 -17.90 -26.81
N GLU C 296 5.79 -17.31 -28.00
CA GLU C 296 6.12 -18.06 -29.21
C GLU C 296 7.48 -18.81 -29.15
N HIS C 297 8.37 -18.39 -28.27
CA HIS C 297 9.73 -18.98 -28.19
C HIS C 297 10.02 -19.70 -26.88
N ARG C 298 9.01 -19.78 -26.03
CA ARG C 298 9.15 -20.51 -24.78
C ARG C 298 9.45 -21.98 -25.07
N GLN C 299 10.21 -22.60 -24.17
CA GLN C 299 10.86 -23.86 -24.42
C GLN C 299 10.43 -24.86 -23.36
N PHE C 300 9.59 -25.81 -23.76
CA PHE C 300 9.09 -26.80 -22.83
C PHE C 300 9.47 -28.23 -23.20
N PHE C 301 10.32 -28.36 -24.21
CA PHE C 301 10.81 -29.67 -24.65
C PHE C 301 9.72 -30.71 -24.75
N GLY C 302 8.63 -30.36 -25.44
CA GLY C 302 7.54 -31.29 -25.72
C GLY C 302 6.54 -31.51 -24.59
N ASP C 303 6.70 -30.82 -23.47
CA ASP C 303 5.78 -31.00 -22.32
C ASP C 303 4.63 -30.00 -22.40
N ALA C 304 3.60 -30.37 -23.14
CA ALA C 304 2.43 -29.52 -23.39
C ALA C 304 1.69 -29.10 -22.11
N GLU C 305 1.59 -30.01 -21.14
CA GLU C 305 0.88 -29.71 -19.90
C GLU C 305 1.57 -28.61 -19.13
N ALA C 306 2.89 -28.67 -19.11
CA ALA C 306 3.71 -27.70 -18.39
C ALA C 306 3.54 -26.32 -19.01
N GLU C 307 3.56 -26.27 -20.33
CA GLU C 307 3.27 -25.03 -21.06
C GLU C 307 1.92 -24.40 -20.65
N ALA C 308 0.90 -25.23 -20.51
CA ALA C 308 -0.44 -24.75 -20.20
C ALA C 308 -0.53 -24.28 -18.76
N LEU C 309 0.14 -25.01 -17.89
CA LEU C 309 0.20 -24.67 -16.46
C LEU C 309 0.96 -23.38 -16.24
N PHE C 310 1.94 -23.11 -17.08
CA PHE C 310 2.67 -21.85 -17.00
C PHE C 310 1.77 -20.69 -17.42
N ASN C 311 1.06 -20.87 -18.52
CA ASN C 311 0.01 -19.92 -18.95
C ASN C 311 -1.01 -19.62 -17.84
N LYS C 312 -1.43 -20.63 -17.09
CA LYS C 312 -2.30 -20.40 -15.92
C LYS C 312 -1.64 -19.47 -14.91
N ALA C 313 -0.37 -19.73 -14.67
CA ALA C 313 0.41 -18.96 -13.71
C ALA C 313 0.51 -17.50 -14.17
N VAL C 314 0.70 -17.30 -15.47
CA VAL C 314 0.75 -15.93 -16.01
C VAL C 314 -0.58 -15.21 -15.80
N ARG C 315 -1.68 -15.88 -16.15
CA ARG C 315 -3.04 -15.33 -15.97
C ARG C 315 -3.32 -14.97 -14.51
N LYS C 316 -2.95 -15.87 -13.62
CA LYS C 316 -3.14 -15.66 -12.19
C LYS C 316 -2.43 -14.40 -11.68
N LEU C 317 -1.23 -14.17 -12.17
CA LEU C 317 -0.45 -12.99 -11.75
C LEU C 317 -1.05 -11.73 -12.33
N GLU C 318 -1.61 -11.84 -13.53
CA GLU C 318 -2.35 -10.75 -14.14
C GLU C 318 -3.56 -10.40 -13.28
N GLU C 319 -4.28 -11.41 -12.82
CA GLU C 319 -5.46 -11.19 -11.98
C GLU C 319 -5.11 -10.58 -10.63
N MET C 320 -3.87 -10.72 -10.20
CA MET C 320 -3.43 -10.08 -8.95
C MET C 320 -2.97 -8.65 -9.18
N GLY C 321 -3.09 -8.15 -10.41
CA GLY C 321 -2.73 -6.76 -10.72
C GLY C 321 -1.48 -6.58 -11.57
N GLY C 322 -0.91 -7.68 -12.03
CA GLY C 322 0.29 -7.65 -12.84
C GLY C 322 0.01 -7.37 -14.30
N THR C 323 0.85 -6.51 -14.87
CA THR C 323 0.86 -6.31 -16.31
C THR C 323 2.02 -7.13 -16.92
N CYS C 324 1.69 -8.01 -17.86
CA CYS C 324 2.65 -8.93 -18.41
C CYS C 324 3.46 -8.22 -19.47
N ILE C 325 4.76 -8.13 -19.26
CA ILE C 325 5.64 -7.55 -20.23
C ILE C 325 6.37 -8.67 -20.95
N SER C 326 6.24 -8.71 -22.25
CA SER C 326 6.92 -9.71 -23.04
C SER C 326 8.38 -9.26 -23.27
N PHE C 327 9.35 -10.19 -23.23
CA PHE C 327 10.74 -9.86 -23.56
C PHE C 327 11.45 -10.98 -24.31
N ASP C 328 12.51 -10.61 -25.00
CA ASP C 328 13.30 -11.57 -25.72
C ASP C 328 14.27 -12.27 -24.74
N TYR C 329 14.16 -13.58 -24.63
CA TYR C 329 14.93 -14.38 -23.67
C TYR C 329 16.38 -14.57 -24.08
N THR C 330 16.66 -14.42 -25.36
CA THR C 330 18.00 -14.61 -25.94
C THR C 330 19.21 -14.27 -25.03
N PRO C 331 19.33 -13.01 -24.55
CA PRO C 331 20.53 -12.69 -23.74
C PRO C 331 20.61 -13.49 -22.44
N PHE C 332 19.46 -13.80 -21.87
CA PHE C 332 19.42 -14.61 -20.66
C PHE C 332 19.82 -16.03 -20.98
N ARG C 333 19.32 -16.56 -22.09
CA ARG C 333 19.70 -17.90 -22.53
C ARG C 333 21.18 -17.97 -22.75
N GLN C 334 21.71 -16.99 -23.45
CA GLN C 334 23.11 -16.99 -23.81
C GLN C 334 24.01 -16.94 -22.60
N ALA C 335 23.59 -16.18 -21.60
CA ALA C 335 24.31 -16.11 -20.33
C ALA C 335 24.20 -17.44 -19.59
N ALA C 336 23.00 -18.03 -19.57
CA ALA C 336 22.82 -19.33 -18.94
C ALA C 336 23.77 -20.35 -19.55
N GLU C 337 23.96 -20.26 -20.85
CA GLU C 337 24.82 -21.20 -21.59
C GLU C 337 26.29 -21.11 -21.20
N LEU C 338 26.73 -19.93 -20.76
CA LEU C 338 28.11 -19.73 -20.37
C LEU C 338 28.49 -20.52 -19.14
N LEU C 339 27.52 -21.00 -18.39
CA LEU C 339 27.82 -21.73 -17.16
C LEU C 339 28.51 -23.05 -17.47
N TYR C 340 27.98 -23.77 -18.45
CA TYR C 340 28.59 -25.04 -18.88
C TYR C 340 29.28 -25.03 -20.24
N ALA C 341 28.83 -24.18 -21.16
CA ALA C 341 29.52 -24.03 -22.46
C ALA C 341 30.55 -22.89 -22.44
N GLY C 342 30.78 -22.30 -21.27
CA GLY C 342 31.77 -21.28 -21.10
C GLY C 342 32.78 -21.66 -20.04
N PRO C 343 33.62 -20.69 -19.65
CA PRO C 343 34.76 -20.98 -18.76
C PRO C 343 34.41 -21.23 -17.29
N TRP C 344 33.18 -20.97 -16.89
CA TRP C 344 32.82 -21.09 -15.47
C TRP C 344 32.86 -22.52 -14.95
N VAL C 345 32.84 -23.49 -15.85
CA VAL C 345 33.08 -24.88 -15.51
C VAL C 345 34.41 -25.00 -14.77
N ALA C 346 35.36 -24.11 -15.11
CA ALA C 346 36.69 -24.15 -14.47
C ALA C 346 36.67 -23.83 -12.99
N GLU C 347 35.63 -23.16 -12.51
CA GLU C 347 35.53 -22.94 -11.06
C GLU C 347 35.37 -24.27 -10.32
N ARG C 348 34.74 -25.25 -10.95
CA ARG C 348 34.50 -26.56 -10.36
C ARG C 348 35.80 -27.34 -10.31
N LEU C 349 36.54 -27.33 -11.40
CA LEU C 349 37.86 -27.94 -11.42
C LEU C 349 38.78 -27.29 -10.38
N ALA C 350 38.79 -25.95 -10.32
CA ALA C 350 39.58 -25.26 -9.27
C ALA C 350 39.26 -25.77 -7.86
N ALA C 351 37.97 -25.87 -7.56
CA ALA C 351 37.51 -26.28 -6.25
C ALA C 351 37.97 -27.71 -5.85
N ILE C 352 38.13 -28.62 -6.80
CA ILE C 352 38.57 -29.99 -6.48
C ILE C 352 39.80 -30.44 -7.28
N GLU C 353 40.63 -29.47 -7.67
CA GLU C 353 41.72 -29.72 -8.63
C GLU C 353 42.56 -30.91 -8.24
N SER C 354 42.96 -30.92 -6.98
CA SER C 354 43.84 -31.94 -6.42
C SER C 354 43.23 -33.35 -6.52
N LEU C 355 41.96 -33.45 -6.21
CA LEU C 355 41.26 -34.72 -6.28
C LEU C 355 41.07 -35.18 -7.72
N ALA C 356 40.75 -34.25 -8.61
CA ALA C 356 40.56 -34.60 -10.03
C ALA C 356 41.85 -35.04 -10.65
N ASP C 357 42.96 -34.46 -10.18
CA ASP C 357 44.30 -34.82 -10.68
C ASP C 357 44.78 -36.16 -10.18
N GLU C 358 44.66 -36.39 -8.87
CA GLU C 358 45.21 -37.57 -8.23
C GLU C 358 44.28 -38.79 -8.20
N HIS C 359 42.96 -38.56 -8.08
CA HIS C 359 42.02 -39.66 -7.97
C HIS C 359 40.74 -39.42 -8.77
N PRO C 360 40.85 -39.30 -10.10
CA PRO C 360 39.67 -39.07 -10.90
C PRO C 360 38.65 -40.22 -10.80
N GLU C 361 39.11 -41.41 -10.39
CA GLU C 361 38.26 -42.59 -10.37
C GLU C 361 37.09 -42.50 -9.35
N VAL C 362 37.22 -41.67 -8.32
CA VAL C 362 36.14 -41.53 -7.33
C VAL C 362 35.08 -40.54 -7.77
N LEU C 363 35.29 -39.90 -8.91
CA LEU C 363 34.31 -38.97 -9.43
C LEU C 363 33.30 -39.74 -10.23
N HIS C 364 32.03 -39.38 -10.04
CA HIS C 364 30.97 -39.86 -10.90
C HIS C 364 31.30 -39.58 -12.36
N PRO C 365 31.16 -40.59 -13.23
CA PRO C 365 31.72 -40.47 -14.60
C PRO C 365 31.22 -39.28 -15.38
N VAL C 366 29.96 -38.95 -15.22
CA VAL C 366 29.39 -37.84 -15.94
C VAL C 366 29.93 -36.52 -15.39
N VAL C 367 30.05 -36.47 -14.07
CA VAL C 367 30.57 -35.31 -13.38
C VAL C 367 32.03 -35.13 -13.74
N ARG C 368 32.74 -36.26 -13.78
CA ARG C 368 34.14 -36.29 -14.18
C ARG C 368 34.44 -35.65 -15.55
N ASP C 369 33.75 -36.12 -16.58
CA ASP C 369 33.99 -35.60 -17.92
C ASP C 369 33.72 -34.10 -18.00
N ILE C 370 32.65 -33.64 -17.36
CA ILE C 370 32.30 -32.23 -17.36
C ILE C 370 33.42 -31.43 -16.70
N ILE C 371 33.72 -31.74 -15.46
CA ILE C 371 34.70 -30.98 -14.70
C ILE C 371 36.08 -31.03 -15.32
N LEU C 372 36.51 -32.20 -15.78
CA LEU C 372 37.86 -32.32 -16.35
C LEU C 372 37.98 -31.62 -17.69
N SER C 373 36.88 -31.32 -18.34
CA SER C 373 36.92 -30.61 -19.64
C SER C 373 37.46 -29.19 -19.50
N ALA C 374 37.41 -28.66 -18.29
CA ALA C 374 37.96 -27.35 -17.98
C ALA C 374 39.49 -27.31 -18.13
N LYS C 375 40.13 -28.46 -18.13
CA LYS C 375 41.57 -28.56 -18.42
C LYS C 375 41.99 -27.85 -19.70
N ARG C 376 41.08 -27.84 -20.67
CA ARG C 376 41.31 -27.30 -22.00
C ARG C 376 40.86 -25.85 -22.13
N MET C 377 40.51 -25.22 -21.01
CA MET C 377 40.12 -23.83 -21.01
C MET C 377 41.21 -22.92 -20.51
N SER C 378 41.42 -21.83 -21.23
CA SER C 378 42.54 -20.94 -20.94
C SER C 378 42.12 -19.68 -20.19
N ALA C 379 43.12 -18.99 -19.68
CA ALA C 379 42.92 -17.70 -19.04
C ALA C 379 42.28 -16.73 -20.04
N VAL C 380 42.74 -16.77 -21.28
CA VAL C 380 42.16 -15.95 -22.34
C VAL C 380 40.67 -16.29 -22.52
N ASP C 381 40.36 -17.58 -22.59
CA ASP C 381 38.95 -18.02 -22.68
C ASP C 381 38.13 -17.44 -21.52
N THR C 382 38.71 -17.38 -20.33
CA THR C 382 37.95 -16.92 -19.16
C THR C 382 37.55 -15.44 -19.26
N PHE C 383 38.54 -14.59 -19.59
CA PHE C 383 38.29 -13.17 -19.71
C PHE C 383 37.35 -12.85 -20.87
N ASN C 384 37.49 -13.55 -21.99
CA ASN C 384 36.54 -13.39 -23.09
C ASN C 384 35.12 -13.78 -22.64
N GLY C 385 35.00 -14.79 -21.79
CA GLY C 385 33.75 -15.13 -21.20
C GLY C 385 33.23 -14.01 -20.30
N ILE C 386 34.12 -13.46 -19.48
CA ILE C 386 33.74 -12.36 -18.64
C ILE C 386 33.29 -11.16 -19.49
N TYR C 387 34.01 -10.85 -20.57
CA TYR C 387 33.59 -9.73 -21.43
C TYR C 387 32.21 -10.02 -22.03
N ARG C 388 32.03 -11.24 -22.50
CA ARG C 388 30.79 -11.65 -23.11
C ARG C 388 29.63 -11.52 -22.10
N LEU C 389 29.83 -12.05 -20.91
CA LEU C 389 28.82 -11.92 -19.85
C LEU C 389 28.43 -10.46 -19.60
N ALA C 390 29.42 -9.59 -19.52
CA ALA C 390 29.14 -8.18 -19.20
C ALA C 390 28.26 -7.54 -20.29
N ASP C 391 28.45 -7.97 -21.54
CA ASP C 391 27.61 -7.52 -22.64
C ASP C 391 26.18 -8.01 -22.52
N LEU C 392 26.03 -9.26 -22.08
CA LEU C 392 24.72 -9.85 -21.90
C LEU C 392 23.96 -9.21 -20.74
N VAL C 393 24.66 -8.95 -19.64
CA VAL C 393 24.10 -8.18 -18.52
C VAL C 393 23.60 -6.80 -19.01
N ARG C 394 24.39 -6.14 -19.85
CA ARG C 394 24.00 -4.82 -20.36
C ARG C 394 22.75 -4.91 -21.22
N ALA C 395 22.69 -5.91 -22.10
CA ALA C 395 21.50 -6.14 -22.92
C ALA C 395 20.29 -6.40 -22.03
N ALA C 396 20.49 -7.18 -20.99
CA ALA C 396 19.40 -7.57 -20.09
C ALA C 396 18.79 -6.37 -19.34
N GLU C 397 19.57 -5.31 -19.12
CA GLU C 397 19.06 -4.12 -18.42
C GLU C 397 17.83 -3.51 -19.11
N SER C 398 17.73 -3.65 -20.42
CA SER C 398 16.55 -3.21 -21.16
C SER C 398 15.28 -3.83 -20.63
N THR C 399 15.37 -5.11 -20.28
CA THR C 399 14.23 -5.84 -19.71
C THR C 399 13.97 -5.42 -18.25
N TRP C 400 15.01 -5.37 -17.43
CA TRP C 400 14.83 -4.94 -16.04
C TRP C 400 14.22 -3.54 -15.88
N GLU C 401 14.56 -2.62 -16.79
CA GLU C 401 14.02 -1.25 -16.74
C GLU C 401 12.51 -1.21 -16.92
N LYS C 402 11.94 -2.25 -17.52
CA LYS C 402 10.53 -2.33 -17.83
C LYS C 402 9.69 -3.15 -16.83
N ILE C 403 10.32 -3.83 -15.86
CA ILE C 403 9.64 -4.80 -15.01
C ILE C 403 10.07 -4.70 -13.55
N ASP C 404 9.23 -5.19 -12.64
CA ASP C 404 9.52 -5.20 -11.22
C ASP C 404 9.98 -6.59 -10.76
N VAL C 405 9.70 -7.59 -11.59
CA VAL C 405 10.01 -8.95 -11.29
C VAL C 405 9.88 -9.77 -12.57
N MET C 406 10.65 -10.85 -12.65
CA MET C 406 10.59 -11.75 -13.79
C MET C 406 9.91 -13.05 -13.31
N LEU C 407 9.10 -13.65 -14.18
CA LEU C 407 8.46 -14.90 -13.92
C LEU C 407 8.84 -15.95 -14.97
N LEU C 408 9.44 -17.05 -14.52
CA LEU C 408 9.83 -18.13 -15.41
C LEU C 408 9.33 -19.48 -14.93
N PRO C 409 9.16 -20.43 -15.85
CA PRO C 409 9.02 -21.77 -15.33
C PRO C 409 10.29 -22.14 -14.57
N THR C 410 10.17 -22.87 -13.48
CA THR C 410 11.34 -23.27 -12.73
C THR C 410 12.04 -24.31 -13.57
N ALA C 411 11.32 -25.39 -13.87
CA ALA C 411 11.79 -26.42 -14.79
C ALA C 411 10.80 -26.55 -15.92
N PRO C 412 11.29 -26.58 -17.18
CA PRO C 412 10.40 -26.68 -18.32
C PRO C 412 9.70 -28.03 -18.43
N THR C 413 10.30 -29.06 -17.86
CA THR C 413 9.70 -30.37 -17.84
C THR C 413 10.34 -31.23 -16.73
N ILE C 414 9.94 -32.49 -16.67
CA ILE C 414 10.48 -33.45 -15.70
C ILE C 414 10.70 -34.77 -16.42
N TYR C 415 11.67 -35.55 -15.98
CA TYR C 415 12.04 -36.79 -16.66
C TYR C 415 12.03 -37.98 -15.72
N THR C 416 11.92 -39.18 -16.28
CA THR C 416 12.04 -40.39 -15.49
C THR C 416 13.49 -40.60 -15.16
N VAL C 417 13.73 -41.33 -14.09
CA VAL C 417 15.06 -41.73 -13.72
C VAL C 417 15.68 -42.51 -14.85
N GLU C 418 14.91 -43.44 -15.40
CA GLU C 418 15.42 -44.30 -16.48
C GLU C 418 15.84 -43.47 -17.69
N ASP C 419 15.02 -42.50 -18.10
CA ASP C 419 15.34 -41.65 -19.27
C ASP C 419 16.61 -40.81 -19.03
N MET C 420 16.75 -40.27 -17.83
CA MET C 420 17.87 -39.43 -17.47
C MET C 420 19.15 -40.23 -17.44
N LEU C 421 19.12 -41.42 -16.84
CA LEU C 421 20.30 -42.30 -16.86
C LEU C 421 20.73 -42.61 -18.26
N ALA C 422 19.76 -42.78 -19.14
CA ALA C 422 20.05 -43.11 -20.54
C ALA C 422 20.61 -41.93 -21.35
N ASP C 423 20.40 -40.70 -20.89
CA ASP C 423 20.76 -39.48 -21.67
C ASP C 423 21.17 -38.37 -20.68
N PRO C 424 22.22 -38.65 -19.88
CA PRO C 424 22.44 -37.90 -18.65
C PRO C 424 22.98 -36.49 -18.80
N VAL C 425 23.56 -36.16 -19.95
CA VAL C 425 24.07 -34.82 -20.17
C VAL C 425 23.00 -33.94 -20.77
N ARG C 426 22.46 -34.36 -21.91
CA ARG C 426 21.49 -33.54 -22.63
C ARG C 426 20.24 -33.21 -21.81
N LEU C 427 19.59 -34.24 -21.25
CA LEU C 427 18.34 -34.03 -20.54
C LEU C 427 18.55 -33.17 -19.31
N ASN C 428 19.70 -33.34 -18.67
CA ASN C 428 20.04 -32.48 -17.55
C ASN C 428 20.20 -31.03 -17.98
N SER C 429 20.88 -30.79 -19.09
CA SER C 429 21.07 -29.42 -19.58
C SER C 429 19.71 -28.76 -19.85
N ASN C 430 18.77 -29.53 -20.40
CA ASN C 430 17.41 -29.04 -20.65
C ASN C 430 16.75 -28.50 -19.41
N LEU C 431 16.95 -29.17 -18.29
CA LEU C 431 16.36 -28.74 -17.03
C LEU C 431 16.89 -27.37 -16.63
N GLY C 432 18.08 -27.04 -17.10
CA GLY C 432 18.72 -25.78 -16.73
C GLY C 432 18.39 -24.61 -17.62
N PHE C 433 17.44 -24.80 -18.52
CA PHE C 433 17.13 -23.79 -19.55
C PHE C 433 16.72 -22.45 -18.97
N TYR C 434 15.91 -22.48 -17.90
CA TYR C 434 15.43 -21.26 -17.26
C TYR C 434 16.02 -20.93 -15.90
N THR C 435 17.06 -21.64 -15.51
CA THR C 435 17.71 -21.41 -14.20
C THR C 435 19.17 -20.89 -14.27
N ASN C 436 19.94 -21.39 -15.22
CA ASN C 436 21.41 -21.28 -15.18
C ASN C 436 22.04 -19.87 -15.27
N PHE C 437 21.24 -18.85 -15.56
CA PHE C 437 21.78 -17.48 -15.69
C PHE C 437 21.70 -16.67 -14.39
N VAL C 438 20.92 -17.15 -13.45
CA VAL C 438 20.58 -16.33 -12.29
C VAL C 438 21.79 -15.83 -11.50
N ASN C 439 22.65 -16.75 -11.10
CA ASN C 439 23.80 -16.38 -10.29
C ASN C 439 24.86 -15.65 -11.10
N LEU C 440 25.04 -16.03 -12.36
CA LEU C 440 25.96 -15.33 -13.24
C LEU C 440 25.59 -13.86 -13.38
N MET C 441 24.29 -13.56 -13.39
CA MET C 441 23.81 -12.17 -13.53
C MET C 441 23.50 -11.49 -12.19
N ASP C 442 23.86 -12.17 -11.10
CA ASP C 442 23.73 -11.61 -9.74
C ASP C 442 22.28 -11.27 -9.36
N LEU C 443 21.42 -12.27 -9.42
CA LEU C 443 20.00 -12.07 -9.18
C LEU C 443 19.51 -12.81 -7.96
N SER C 444 18.31 -12.45 -7.54
CA SER C 444 17.65 -13.14 -6.44
C SER C 444 16.56 -13.94 -7.08
N ALA C 445 16.23 -15.08 -6.49
CA ALA C 445 15.19 -15.95 -7.00
C ALA C 445 14.46 -16.71 -5.88
N ILE C 446 13.17 -16.95 -6.09
CA ILE C 446 12.44 -17.84 -5.22
C ILE C 446 11.49 -18.69 -6.04
N ALA C 447 11.58 -19.99 -5.85
CA ALA C 447 10.81 -20.95 -6.60
C ALA C 447 9.63 -21.35 -5.76
N VAL C 448 8.43 -21.20 -6.31
CA VAL C 448 7.20 -21.59 -5.61
C VAL C 448 6.32 -22.48 -6.47
N PRO C 449 5.39 -23.26 -5.83
CA PRO C 449 4.47 -24.14 -6.56
C PRO C 449 3.48 -23.43 -7.44
N ALA C 450 3.13 -24.08 -8.54
CA ALA C 450 2.18 -23.55 -9.51
C ALA C 450 1.32 -24.69 -10.05
N GLY C 451 0.90 -25.56 -9.11
CA GLY C 451 -0.08 -26.59 -9.43
C GLY C 451 0.51 -27.91 -9.88
N PHE C 452 -0.33 -28.70 -10.56
CA PHE C 452 -0.07 -30.12 -10.84
C PHE C 452 -0.57 -30.52 -12.21
N ARG C 453 0.16 -31.45 -12.81
CA ARG C 453 -0.23 -32.07 -14.06
C ARG C 453 -1.36 -33.08 -13.80
N THR C 454 -2.04 -33.50 -14.85
CA THR C 454 -3.10 -34.52 -14.73
C THR C 454 -2.59 -35.79 -14.04
N ASN C 455 -1.33 -36.14 -14.28
CA ASN C 455 -0.71 -37.33 -13.67
C ASN C 455 -0.17 -37.14 -12.27
N GLY C 456 -0.45 -36.00 -11.64
CA GLY C 456 -0.07 -35.77 -10.25
C GLY C 456 1.29 -35.08 -10.04
N LEU C 457 2.11 -35.04 -11.08
CA LEU C 457 3.47 -34.46 -10.99
C LEU C 457 3.39 -32.93 -10.94
N PRO C 458 4.00 -32.31 -9.91
CA PRO C 458 3.86 -30.85 -9.73
C PRO C 458 4.68 -30.01 -10.71
N PHE C 459 4.29 -28.75 -10.84
CA PHE C 459 4.95 -27.79 -11.71
C PHE C 459 5.13 -26.50 -10.93
N GLY C 460 6.31 -25.90 -11.08
CA GLY C 460 6.66 -24.73 -10.30
C GLY C 460 7.04 -23.56 -11.18
N VAL C 461 6.88 -22.36 -10.64
CA VAL C 461 7.44 -21.18 -11.27
C VAL C 461 8.43 -20.54 -10.32
N THR C 462 9.24 -19.63 -10.88
CA THR C 462 10.28 -18.96 -10.11
C THR C 462 10.09 -17.49 -10.33
N PHE C 463 10.07 -16.73 -9.23
CA PHE C 463 10.10 -15.28 -9.31
C PHE C 463 11.55 -14.84 -9.16
N ILE C 464 12.01 -13.98 -10.06
CA ILE C 464 13.38 -13.52 -10.08
C ILE C 464 13.42 -12.02 -9.97
N GLY C 465 14.25 -11.52 -9.07
CA GLY C 465 14.48 -10.09 -8.93
C GLY C 465 15.96 -9.77 -8.98
N ARG C 466 16.27 -8.48 -8.82
CA ARG C 466 17.66 -8.05 -8.75
C ARG C 466 18.28 -8.42 -7.41
N ALA C 467 19.58 -8.16 -7.29
CA ALA C 467 20.32 -8.35 -6.04
C ALA C 467 19.62 -7.66 -4.87
N PHE C 468 19.47 -8.38 -3.77
CA PHE C 468 18.89 -7.88 -2.50
C PHE C 468 17.40 -7.57 -2.56
N GLU C 469 16.72 -8.06 -3.58
CA GLU C 469 15.27 -7.93 -3.66
C GLU C 469 14.60 -9.22 -3.18
N ASP C 470 15.30 -9.96 -2.32
CA ASP C 470 14.84 -11.26 -1.87
C ASP C 470 13.46 -11.21 -1.17
N GLY C 471 13.32 -10.29 -0.21
CA GLY C 471 12.09 -10.10 0.57
C GLY C 471 10.92 -9.68 -0.31
N ALA C 472 11.20 -8.76 -1.23
CA ALA C 472 10.20 -8.32 -2.17
C ALA C 472 9.61 -9.49 -2.99
N ILE C 473 10.50 -10.27 -3.60
CA ILE C 473 10.03 -11.32 -4.50
C ILE C 473 9.36 -12.45 -3.70
N ALA C 474 9.86 -12.70 -2.51
CA ALA C 474 9.25 -13.66 -1.61
C ALA C 474 7.82 -13.23 -1.28
N SER C 475 7.63 -11.93 -1.02
CA SER C 475 6.30 -11.39 -0.73
C SER C 475 5.34 -11.67 -1.88
N LEU C 476 5.79 -11.44 -3.10
CA LEU C 476 4.94 -11.71 -4.26
C LEU C 476 4.67 -13.20 -4.44
N GLY C 477 5.70 -14.01 -4.27
CA GLY C 477 5.58 -15.45 -4.38
C GLY C 477 4.59 -16.03 -3.39
N LYS C 478 4.63 -15.53 -2.16
CA LYS C 478 3.67 -15.89 -1.12
C LYS C 478 2.23 -15.50 -1.49
N ALA C 479 2.05 -14.29 -1.98
CA ALA C 479 0.72 -13.84 -2.40
C ALA C 479 0.22 -14.68 -3.56
N PHE C 480 1.14 -15.10 -4.43
CA PHE C 480 0.81 -15.96 -5.57
C PHE C 480 0.33 -17.34 -5.10
N VAL C 481 1.08 -17.98 -4.20
CA VAL C 481 0.68 -19.28 -3.65
C VAL C 481 -0.72 -19.20 -3.04
N GLU C 482 -1.01 -18.08 -2.38
CA GLU C 482 -2.20 -17.93 -1.54
C GLU C 482 -3.42 -17.38 -2.26
N HIS C 483 -3.27 -16.96 -3.51
CA HIS C 483 -4.37 -16.31 -4.21
C HIS C 483 -5.54 -17.20 -4.66
N ASP C 484 -5.29 -18.31 -5.34
CA ASP C 484 -6.42 -19.15 -5.82
C ASP C 484 -7.50 -19.43 -4.76
N LEU C 485 -7.16 -20.23 -3.76
CA LEU C 485 -8.16 -20.62 -2.77
C LEU C 485 -7.49 -21.07 -1.49
N HIS D 38 54.22 31.05 -24.08
CA HIS D 38 53.34 31.95 -23.28
C HIS D 38 52.06 31.25 -22.79
N LEU D 39 51.45 30.42 -23.65
CA LEU D 39 50.22 29.70 -23.30
C LEU D 39 50.51 28.35 -22.63
N THR D 40 49.94 28.16 -21.44
CA THR D 40 50.28 27.01 -20.59
C THR D 40 49.02 26.23 -20.17
N ASP D 41 48.27 26.77 -19.21
CA ASP D 41 47.07 26.10 -18.72
C ASP D 41 45.82 26.59 -19.42
N LEU D 42 44.68 26.04 -19.03
CA LEU D 42 43.39 26.41 -19.62
C LEU D 42 43.10 27.88 -19.46
N ALA D 43 43.23 28.37 -18.23
CA ALA D 43 42.98 29.79 -17.94
C ALA D 43 43.75 30.70 -18.90
N SER D 44 45.00 30.34 -19.22
CA SER D 44 45.83 31.13 -20.12
C SER D 44 45.28 31.16 -21.56
N TYR D 45 44.55 30.13 -21.95
CA TYR D 45 43.84 30.13 -23.25
C TYR D 45 42.52 30.90 -23.17
N GLN D 46 41.80 30.73 -22.07
CA GLN D 46 40.53 31.42 -21.85
C GLN D 46 40.72 32.94 -21.80
N ALA D 47 41.80 33.37 -21.14
CA ALA D 47 42.16 34.78 -21.04
C ALA D 47 42.55 35.35 -22.40
N ALA D 48 43.34 34.60 -23.15
CA ALA D 48 43.78 35.04 -24.47
C ALA D 48 42.61 35.18 -25.45
N TYR D 49 41.68 34.23 -25.42
CA TYR D 49 40.50 34.30 -26.27
C TYR D 49 39.56 35.44 -25.87
N ALA D 50 39.42 35.68 -24.57
CA ALA D 50 38.63 36.80 -24.05
C ALA D 50 39.22 38.15 -24.45
N ALA D 51 40.56 38.25 -24.39
CA ALA D 51 41.27 39.46 -24.80
C ALA D 51 41.33 39.63 -26.32
N GLY D 52 40.75 38.70 -27.07
CA GLY D 52 40.48 38.88 -28.50
C GLY D 52 41.32 38.09 -29.47
N THR D 53 42.17 37.20 -28.97
CA THR D 53 42.98 36.37 -29.85
C THR D 53 42.08 35.37 -30.57
N ASP D 54 42.43 35.10 -31.83
CA ASP D 54 41.72 34.15 -32.66
C ASP D 54 42.32 32.76 -32.43
N ALA D 55 41.45 31.78 -32.17
CA ALA D 55 41.90 30.41 -31.91
C ALA D 55 42.65 29.81 -33.10
N ALA D 56 42.22 30.18 -34.31
CA ALA D 56 42.82 29.65 -35.54
C ALA D 56 44.29 30.03 -35.67
N ASP D 57 44.67 31.16 -35.10
CA ASP D 57 46.06 31.59 -35.09
C ASP D 57 46.84 30.85 -34.02
N VAL D 58 46.19 30.53 -32.91
CA VAL D 58 46.82 29.80 -31.82
C VAL D 58 47.12 28.38 -32.26
N ILE D 59 46.16 27.79 -32.96
CA ILE D 59 46.31 26.44 -33.49
C ILE D 59 47.37 26.38 -34.61
N SER D 60 47.28 27.27 -35.60
CA SER D 60 48.28 27.33 -36.69
C SER D 60 49.72 27.57 -36.11
N ASP D 61 49.83 28.43 -35.10
CA ASP D 61 51.13 28.67 -34.44
C ASP D 61 51.64 27.40 -33.78
N LEU D 62 50.76 26.74 -33.03
CA LEU D 62 51.06 25.49 -32.34
C LEU D 62 51.57 24.41 -33.31
N TYR D 63 50.88 24.25 -34.43
CA TYR D 63 51.30 23.29 -35.47
C TYR D 63 52.70 23.63 -36.02
N ALA D 64 52.92 24.92 -36.27
CA ALA D 64 54.22 25.43 -36.70
C ALA D 64 55.33 25.06 -35.72
N ARG D 65 55.14 25.37 -34.43
CA ARG D 65 56.14 25.00 -33.40
C ARG D 65 56.46 23.51 -33.43
N ILE D 66 55.46 22.67 -33.71
CA ILE D 66 55.69 21.22 -33.71
C ILE D 66 56.55 20.84 -34.90
N LYS D 67 56.32 21.52 -36.01
CA LYS D 67 57.03 21.21 -37.22
C LYS D 67 58.51 21.55 -37.15
N GLU D 68 58.84 22.72 -36.59
CA GLU D 68 60.24 23.11 -36.45
C GLU D 68 60.95 22.14 -35.47
N ASP D 69 60.21 21.64 -34.49
CA ASP D 69 60.74 20.62 -33.56
C ASP D 69 60.86 19.20 -34.12
N GLY D 70 59.80 18.66 -34.70
CA GLY D 70 59.92 17.40 -35.47
C GLY D 70 58.60 16.72 -35.56
N GLU D 71 58.31 15.83 -34.61
CA GLU D 71 57.01 15.11 -34.51
C GLU D 71 57.37 14.01 -33.50
N ASN D 72 58.13 13.01 -33.94
CA ASN D 72 58.73 12.02 -33.06
C ASN D 72 59.72 12.72 -32.18
N PRO D 73 59.91 12.24 -30.95
CA PRO D 73 59.33 11.04 -30.34
C PRO D 73 58.04 11.28 -29.52
N ILE D 74 57.57 12.52 -29.44
CA ILE D 74 56.37 12.86 -28.66
C ILE D 74 55.09 12.55 -29.43
N TRP D 75 55.11 12.71 -30.75
CA TRP D 75 53.91 12.57 -31.56
C TRP D 75 54.09 11.51 -32.62
N ILE D 76 53.14 10.59 -32.69
CA ILE D 76 53.13 9.56 -33.75
C ILE D 76 52.46 10.10 -35.01
N SER D 77 51.46 10.94 -34.83
CA SER D 77 50.78 11.55 -35.97
C SER D 77 50.09 12.83 -35.55
N LEU D 78 49.81 13.66 -36.53
CA LEU D 78 49.11 14.90 -36.31
C LEU D 78 47.91 15.02 -37.23
N LEU D 79 46.85 15.55 -36.66
CA LEU D 79 45.67 15.86 -37.43
C LEU D 79 46.10 16.91 -38.45
N PRO D 80 45.86 16.69 -39.76
CA PRO D 80 46.29 17.75 -40.68
C PRO D 80 45.70 19.13 -40.30
N LEU D 81 46.49 20.19 -40.51
CA LEU D 81 46.09 21.55 -40.10
C LEU D 81 44.71 21.91 -40.60
N GLU D 82 44.43 21.52 -41.83
CA GLU D 82 43.17 21.82 -42.49
C GLU D 82 41.97 21.21 -41.75
N SER D 83 42.08 19.94 -41.38
CA SER D 83 41.03 19.26 -40.60
C SER D 83 40.84 19.92 -39.23
N ALA D 84 41.95 20.29 -38.60
CA ALA D 84 41.87 20.92 -37.27
C ALA D 84 41.10 22.21 -37.38
N LEU D 85 41.58 23.08 -38.29
CA LEU D 85 40.93 24.36 -38.53
C LEU D 85 39.45 24.22 -38.92
N ALA D 86 39.11 23.16 -39.66
CA ALA D 86 37.70 22.87 -39.98
C ALA D 86 36.87 22.55 -38.74
N MET D 87 37.38 21.64 -37.91
CA MET D 87 36.76 21.27 -36.61
C MET D 87 36.56 22.49 -35.73
N LEU D 88 37.52 23.39 -35.75
CA LEU D 88 37.44 24.65 -35.01
C LEU D 88 36.32 25.54 -35.54
N ALA D 89 36.23 25.65 -36.86
CA ALA D 89 35.19 26.48 -37.49
C ALA D 89 33.80 26.01 -37.07
N ASP D 90 33.60 24.70 -37.13
CA ASP D 90 32.35 24.11 -36.69
C ASP D 90 32.02 24.49 -35.24
N ALA D 91 33.04 24.43 -34.37
CA ALA D 91 32.86 24.86 -32.99
C ALA D 91 32.45 26.32 -32.91
N GLN D 92 33.14 27.16 -33.69
CA GLN D 92 32.86 28.59 -33.74
C GLN D 92 31.40 28.88 -34.07
N GLN D 93 30.92 28.23 -35.12
CA GLN D 93 29.53 28.37 -35.57
C GLN D 93 28.53 28.00 -34.47
N ARG D 94 28.85 26.95 -33.72
CA ARG D 94 27.98 26.50 -32.64
C ARG D 94 28.03 27.47 -31.45
N LYS D 95 29.21 27.99 -31.14
CA LYS D 95 29.32 28.98 -30.06
C LYS D 95 28.58 30.26 -30.49
N ASP D 96 28.63 30.60 -31.78
CA ASP D 96 27.88 31.73 -32.32
C ASP D 96 26.36 31.57 -32.21
N LYS D 97 25.88 30.34 -32.29
CA LYS D 97 24.46 30.04 -32.05
C LYS D 97 24.11 29.94 -30.56
N GLY D 98 25.03 30.36 -29.70
CA GLY D 98 24.83 30.35 -28.25
C GLY D 98 24.91 28.97 -27.58
N GLU D 99 25.54 27.99 -28.23
CA GLU D 99 25.77 26.69 -27.61
C GLU D 99 26.85 26.86 -26.54
N ALA D 100 26.80 26.01 -25.52
CA ALA D 100 27.74 26.05 -24.40
C ALA D 100 28.98 25.20 -24.74
N LEU D 101 30.17 25.81 -24.71
CA LEU D 101 31.38 25.11 -25.13
C LEU D 101 32.52 25.34 -24.15
N PRO D 102 32.55 24.60 -23.04
CA PRO D 102 33.48 24.91 -21.94
C PRO D 102 34.94 24.75 -22.32
N LEU D 103 35.22 24.02 -23.40
CA LEU D 103 36.59 23.83 -23.86
C LEU D 103 36.81 24.35 -25.27
N PHE D 104 36.23 25.51 -25.57
CA PHE D 104 36.35 26.07 -26.91
C PHE D 104 37.79 26.41 -27.28
N GLY D 105 38.22 25.89 -28.42
CA GLY D 105 39.53 26.21 -28.98
C GLY D 105 40.74 25.67 -28.23
N ILE D 106 40.52 24.64 -27.41
CA ILE D 106 41.57 24.08 -26.57
C ILE D 106 42.18 22.86 -27.25
N PRO D 107 43.48 22.95 -27.63
CA PRO D 107 44.06 21.80 -28.30
C PRO D 107 44.43 20.78 -27.27
N PHE D 108 44.37 19.51 -27.64
CA PHE D 108 44.86 18.44 -26.77
C PHE D 108 45.48 17.28 -27.53
N GLY D 109 46.37 16.54 -26.84
CA GLY D 109 46.97 15.34 -27.39
C GLY D 109 46.17 14.13 -26.94
N VAL D 110 46.19 13.07 -27.76
CA VAL D 110 45.48 11.83 -27.44
C VAL D 110 46.43 10.65 -27.59
N LYS D 111 46.63 9.92 -26.50
CA LYS D 111 47.42 8.74 -26.52
C LYS D 111 46.96 7.86 -27.65
N ASP D 112 47.91 7.30 -28.39
CA ASP D 112 47.60 6.58 -29.62
C ASP D 112 47.04 5.14 -29.45
N ASN D 113 46.45 4.85 -28.28
CA ASN D 113 45.59 3.66 -28.13
C ASN D 113 44.11 4.05 -28.12
N ILE D 114 43.85 5.35 -28.27
CA ILE D 114 42.48 5.90 -28.22
C ILE D 114 42.07 6.47 -29.58
N ASP D 115 40.86 6.17 -30.03
CA ASP D 115 40.46 6.57 -31.37
C ASP D 115 40.21 8.10 -31.56
N VAL D 116 40.83 8.68 -32.58
CA VAL D 116 40.45 9.99 -33.11
C VAL D 116 40.15 9.86 -34.59
N ALA D 117 38.97 10.30 -34.99
CA ALA D 117 38.50 10.17 -36.39
C ALA D 117 39.42 10.89 -37.35
N GLY D 118 39.79 10.21 -38.42
CA GLY D 118 40.75 10.76 -39.39
C GLY D 118 42.17 10.25 -39.20
N LEU D 119 42.51 9.80 -37.99
CA LEU D 119 43.89 9.39 -37.67
C LEU D 119 44.02 7.91 -37.33
N PRO D 120 45.07 7.25 -37.84
CA PRO D 120 45.26 5.85 -37.48
C PRO D 120 45.49 5.69 -35.97
N THR D 121 45.06 4.56 -35.44
CA THR D 121 45.31 4.22 -34.05
C THR D 121 46.32 3.08 -34.07
N THR D 122 47.58 3.42 -33.87
CA THR D 122 48.67 2.44 -33.98
C THR D 122 48.88 1.60 -32.71
N ALA D 123 48.48 2.18 -31.59
CA ALA D 123 48.88 1.69 -30.27
C ALA D 123 50.40 1.44 -30.11
N GLY D 124 51.20 2.23 -30.83
CA GLY D 124 52.64 2.13 -30.76
C GLY D 124 53.17 0.92 -31.51
N CYS D 125 52.39 0.45 -32.45
CA CYS D 125 52.72 -0.76 -33.19
C CYS D 125 52.80 -0.38 -34.66
N THR D 126 53.85 -0.82 -35.35
CA THR D 126 54.02 -0.43 -36.75
C THR D 126 53.18 -1.27 -37.70
N GLY D 127 52.57 -2.35 -37.19
CA GLY D 127 51.75 -3.29 -38.00
C GLY D 127 50.34 -3.55 -37.44
N PHE D 128 49.88 -2.61 -36.62
CA PHE D 128 48.53 -2.61 -36.10
C PHE D 128 47.70 -1.67 -36.96
N ALA D 129 47.02 -2.25 -37.93
CA ALA D 129 46.10 -1.48 -38.76
C ALA D 129 44.86 -1.07 -37.95
N ARG D 130 44.43 0.18 -38.11
CA ARG D 130 43.15 0.63 -37.54
C ARG D 130 43.06 2.13 -37.73
N THR D 131 42.19 2.54 -38.63
CA THR D 131 41.80 3.91 -38.77
C THR D 131 40.35 4.06 -38.48
N PRO D 132 39.99 4.64 -37.33
CA PRO D 132 38.58 4.70 -37.01
C PRO D 132 37.76 5.74 -37.75
N ARG D 133 36.52 5.38 -38.05
CA ARG D 133 35.60 6.33 -38.64
C ARG D 133 35.17 7.39 -37.66
N GLN D 134 35.08 7.02 -36.38
CA GLN D 134 34.52 7.88 -35.32
C GLN D 134 35.48 8.13 -34.21
N HIS D 135 35.28 9.25 -33.54
CA HIS D 135 36.00 9.55 -32.33
C HIS D 135 35.61 8.54 -31.27
N ALA D 136 36.53 8.21 -30.38
CA ALA D 136 36.20 7.46 -29.17
C ALA D 136 35.17 8.24 -28.40
N PHE D 137 34.33 7.54 -27.64
CA PHE D 137 33.23 8.19 -26.93
C PHE D 137 33.69 9.40 -26.08
N VAL D 138 34.82 9.27 -25.41
CA VAL D 138 35.36 10.34 -24.57
C VAL D 138 35.91 11.51 -25.41
N VAL D 139 36.60 11.19 -26.49
CA VAL D 139 37.11 12.22 -27.37
C VAL D 139 35.93 12.97 -28.00
N GLN D 140 34.87 12.26 -28.32
CA GLN D 140 33.71 12.89 -28.92
C GLN D 140 33.15 13.93 -27.97
N ARG D 141 33.05 13.60 -26.70
CA ARG D 141 32.50 14.56 -25.76
C ARG D 141 33.37 15.80 -25.67
N LEU D 142 34.69 15.63 -25.79
CA LEU D 142 35.62 16.77 -25.73
C LEU D 142 35.50 17.66 -26.96
N VAL D 143 35.42 17.04 -28.11
CA VAL D 143 35.18 17.74 -29.35
C VAL D 143 33.83 18.47 -29.29
N ASP D 144 32.80 17.82 -28.76
CA ASP D 144 31.48 18.44 -28.58
C ASP D 144 31.59 19.64 -27.69
N ALA D 145 32.49 19.63 -26.72
CA ALA D 145 32.69 20.81 -25.86
C ALA D 145 33.66 21.85 -26.46
N GLY D 146 34.07 21.64 -27.72
CA GLY D 146 34.85 22.64 -28.46
C GLY D 146 36.35 22.40 -28.53
N ALA D 147 36.81 21.31 -27.92
CA ALA D 147 38.23 21.01 -27.89
C ALA D 147 38.65 20.43 -29.21
N ILE D 148 39.94 20.52 -29.50
CA ILE D 148 40.47 20.10 -30.79
C ILE D 148 41.63 19.12 -30.57
N PRO D 149 41.49 17.86 -31.04
CA PRO D 149 42.57 16.92 -30.84
C PRO D 149 43.61 17.03 -31.92
N ILE D 150 44.74 17.63 -31.58
CA ILE D 150 45.81 17.95 -32.53
C ILE D 150 46.42 16.72 -33.16
N GLY D 151 46.51 15.65 -32.39
CA GLY D 151 47.22 14.47 -32.85
C GLY D 151 47.28 13.36 -31.84
N LYS D 152 48.04 12.33 -32.20
CA LYS D 152 48.17 11.13 -31.41
C LYS D 152 49.53 11.08 -30.79
N THR D 153 49.59 10.85 -29.49
CA THR D 153 50.87 10.84 -28.77
C THR D 153 51.46 9.44 -28.64
N ASN D 154 52.79 9.40 -28.49
CA ASN D 154 53.54 8.14 -28.34
C ASN D 154 53.26 7.47 -27.02
N LEU D 155 53.56 6.18 -26.94
CA LEU D 155 53.26 5.37 -25.75
C LEU D 155 54.11 4.14 -25.69
N ASP D 156 54.14 3.50 -24.54
CA ASP D 156 54.62 2.13 -24.47
C ASP D 156 53.60 1.30 -25.23
N GLN D 157 54.11 0.50 -26.14
CA GLN D 157 53.29 -0.28 -27.00
C GLN D 157 52.22 -1.07 -26.27
N PHE D 158 50.98 -0.96 -26.76
CA PHE D 158 49.78 -1.62 -26.20
C PHE D 158 49.59 -1.33 -24.72
N ALA D 159 50.01 -0.12 -24.34
CA ALA D 159 49.97 0.35 -22.99
C ALA D 159 50.57 -0.64 -21.98
N THR D 160 51.65 -1.32 -22.38
CA THR D 160 52.28 -2.34 -21.54
C THR D 160 53.68 -1.87 -21.17
N GLY D 161 53.78 -1.20 -20.03
CA GLY D 161 54.99 -0.50 -19.63
C GLY D 161 54.69 0.72 -18.79
N LEU D 162 55.61 1.10 -17.94
CA LEU D 162 55.44 2.31 -17.12
C LEU D 162 56.55 3.32 -17.35
N ASN D 163 57.25 3.23 -18.46
CA ASN D 163 58.46 4.06 -18.63
C ASN D 163 58.57 4.86 -19.92
N GLY D 164 58.10 4.30 -21.02
CA GLY D 164 57.98 5.05 -22.26
C GLY D 164 59.03 4.67 -23.31
N THR D 165 59.95 3.78 -22.96
CA THR D 165 60.97 3.31 -23.89
C THR D 165 60.48 2.20 -24.82
N ARG D 166 59.33 1.60 -24.52
CA ARG D 166 58.90 0.41 -25.28
C ARG D 166 58.10 0.81 -26.47
N THR D 167 58.75 1.50 -27.40
CA THR D 167 58.10 2.01 -28.63
C THR D 167 59.08 1.99 -29.79
N PRO D 168 58.59 1.86 -31.03
CA PRO D 168 59.49 1.99 -32.17
C PRO D 168 59.46 3.38 -32.79
N PHE D 169 58.80 4.33 -32.12
CA PHE D 169 58.62 5.67 -32.67
C PHE D 169 59.54 6.73 -32.07
N GLY D 170 60.66 6.25 -31.50
CA GLY D 170 61.58 7.10 -30.77
C GLY D 170 61.16 7.19 -29.32
N ILE D 171 62.14 7.33 -28.43
CA ILE D 171 61.89 7.36 -26.98
C ILE D 171 61.65 8.75 -26.40
N PRO D 172 60.43 9.03 -25.93
CA PRO D 172 60.18 10.29 -25.26
C PRO D 172 60.91 10.40 -23.94
N ARG D 173 61.10 11.63 -23.49
CA ARG D 173 62.05 11.90 -22.44
C ARG D 173 61.48 12.81 -21.38
N CYS D 174 61.92 12.59 -20.14
CA CYS D 174 61.65 13.52 -19.05
C CYS D 174 62.03 14.93 -19.49
N VAL D 175 61.08 15.84 -19.40
CA VAL D 175 61.31 17.26 -19.77
C VAL D 175 62.31 17.94 -18.82
N PHE D 176 62.47 17.43 -17.62
CA PHE D 176 63.45 18.02 -16.69
C PHE D 176 64.85 17.48 -16.89
N ASN D 177 65.03 16.55 -17.84
CA ASN D 177 66.34 15.97 -18.14
C ASN D 177 66.25 14.86 -19.18
N GLU D 178 66.67 15.16 -20.42
CA GLU D 178 66.53 14.24 -21.57
C GLU D 178 67.13 12.86 -21.29
N ASN D 179 68.10 12.75 -20.37
CA ASN D 179 68.70 11.44 -20.05
C ASN D 179 67.75 10.45 -19.39
N TYR D 180 66.71 10.97 -18.76
CA TYR D 180 65.79 10.17 -17.97
C TYR D 180 64.53 9.82 -18.75
N VAL D 181 63.90 8.72 -18.34
CA VAL D 181 62.67 8.24 -18.95
C VAL D 181 61.53 9.23 -18.78
N SER D 182 60.69 9.35 -19.79
CA SER D 182 59.47 10.17 -19.71
C SER D 182 58.54 9.62 -18.66
N GLY D 183 58.58 8.30 -18.50
CA GLY D 183 57.54 7.59 -17.77
C GLY D 183 56.55 7.10 -18.81
N GLY D 184 55.87 6.00 -18.58
CA GLY D 184 54.56 5.92 -17.92
C GLY D 184 53.64 4.99 -18.65
N SER D 185 53.87 4.83 -19.94
CA SER D 185 52.91 4.26 -20.93
C SER D 185 52.28 5.44 -21.61
N SER D 186 51.69 6.36 -20.85
CA SER D 186 51.15 7.60 -21.43
C SER D 186 52.26 8.65 -21.58
N SER D 187 53.30 8.27 -22.30
CA SER D 187 54.57 9.01 -22.29
C SER D 187 54.50 10.35 -23.05
N GLY D 188 54.16 10.27 -24.33
CA GLY D 188 54.02 11.48 -25.13
C GLY D 188 52.88 12.39 -24.69
N SER D 189 51.83 11.80 -24.14
CA SER D 189 50.71 12.60 -23.64
C SER D 189 51.18 13.50 -22.50
N ALA D 190 52.09 12.99 -21.68
CA ALA D 190 52.62 13.74 -20.55
C ALA D 190 53.66 14.80 -20.98
N VAL D 191 54.57 14.42 -21.88
CA VAL D 191 55.61 15.32 -22.35
C VAL D 191 54.99 16.50 -23.10
N ALA D 192 53.99 16.21 -23.91
CA ALA D 192 53.32 17.22 -24.70
C ALA D 192 52.64 18.28 -23.85
N VAL D 193 52.26 17.92 -22.62
CA VAL D 193 51.66 18.90 -21.71
C VAL D 193 52.75 19.64 -20.97
N ALA D 194 53.71 18.89 -20.45
CA ALA D 194 54.77 19.46 -19.64
C ALA D 194 55.74 20.36 -20.40
N ASN D 195 55.94 20.07 -21.69
CA ASN D 195 56.80 20.91 -22.50
C ASN D 195 56.06 22.16 -23.03
N GLY D 196 54.76 22.28 -22.72
CA GLY D 196 53.99 23.49 -22.98
C GLY D 196 53.19 23.47 -24.28
N THR D 197 53.29 22.38 -25.04
CA THR D 197 52.62 22.30 -26.34
C THR D 197 51.11 22.33 -26.21
N VAL D 198 50.56 21.51 -25.33
CA VAL D 198 49.14 21.50 -25.07
C VAL D 198 48.80 21.60 -23.58
N PRO D 199 47.63 22.15 -23.27
CA PRO D 199 47.24 22.37 -21.88
C PRO D 199 46.72 21.11 -21.20
N PHE D 200 46.09 20.20 -21.96
CA PHE D 200 45.88 18.85 -21.47
C PHE D 200 46.08 17.79 -22.53
N SER D 201 46.00 16.55 -22.08
CA SER D 201 46.01 15.41 -22.97
C SER D 201 45.33 14.21 -22.29
N LEU D 202 45.00 13.22 -23.11
CA LEU D 202 44.43 11.98 -22.61
C LEU D 202 45.48 10.89 -22.58
N GLY D 203 45.54 10.22 -21.44
CA GLY D 203 46.35 9.04 -21.31
C GLY D 203 45.38 7.89 -21.06
N THR D 204 45.95 6.73 -20.76
CA THR D 204 45.19 5.63 -20.19
C THR D 204 45.97 5.10 -19.01
N ASP D 205 45.26 4.40 -18.15
CA ASP D 205 45.85 3.91 -16.93
C ASP D 205 45.27 2.54 -16.65
N THR D 206 46.13 1.54 -16.58
CA THR D 206 45.79 0.19 -16.18
C THR D 206 46.57 -0.18 -14.92
N ALA D 207 47.90 -0.17 -15.04
CA ALA D 207 48.80 -0.44 -13.93
C ALA D 207 49.25 0.83 -13.23
N GLY D 208 49.37 1.91 -13.99
CA GLY D 208 49.73 3.21 -13.41
C GLY D 208 50.14 4.23 -14.46
N SER D 209 49.73 3.98 -15.71
CA SER D 209 50.22 4.70 -16.84
C SER D 209 49.69 6.12 -16.93
N GLY D 210 48.69 6.45 -16.13
CA GLY D 210 48.13 7.78 -16.10
C GLY D 210 48.69 8.60 -14.95
N ARG D 211 49.62 8.03 -14.21
CA ARG D 211 50.16 8.63 -12.99
C ARG D 211 51.70 8.69 -12.94
N ILE D 212 52.37 7.60 -13.29
CA ILE D 212 53.82 7.60 -13.40
C ILE D 212 54.31 8.79 -14.25
N PRO D 213 53.83 8.91 -15.50
CA PRO D 213 54.32 10.03 -16.31
C PRO D 213 54.00 11.42 -15.76
N ALA D 214 52.91 11.54 -15.02
CA ALA D 214 52.64 12.81 -14.37
C ALA D 214 53.76 13.12 -13.36
N ALA D 215 54.04 12.15 -12.51
CA ALA D 215 55.04 12.31 -11.46
C ALA D 215 56.40 12.72 -12.02
N PHE D 216 56.82 12.10 -13.11
CA PHE D 216 58.11 12.41 -13.70
C PHE D 216 58.17 13.77 -14.43
N ASN D 217 57.02 14.38 -14.71
CA ASN D 217 56.99 15.60 -15.46
C ASN D 217 56.25 16.71 -14.77
N ASN D 218 56.11 16.57 -13.46
CA ASN D 218 55.57 17.62 -12.60
C ASN D 218 54.18 18.05 -13.01
N LEU D 219 53.38 17.07 -13.43
CA LEU D 219 52.00 17.30 -13.87
C LEU D 219 51.00 16.69 -12.92
N VAL D 220 49.73 17.03 -13.14
CA VAL D 220 48.61 16.37 -12.46
C VAL D 220 48.08 15.25 -13.35
N GLY D 221 47.91 14.07 -12.75
CA GLY D 221 47.37 12.88 -13.43
C GLY D 221 46.10 12.37 -12.77
N LEU D 222 44.96 12.62 -13.42
CA LEU D 222 43.67 12.23 -12.84
C LEU D 222 43.27 10.89 -13.44
N LYS D 223 43.24 9.87 -12.58
CA LYS D 223 42.81 8.54 -12.98
C LYS D 223 41.41 8.31 -12.46
N PRO D 224 40.41 8.34 -13.35
CA PRO D 224 39.06 8.23 -12.83
C PRO D 224 38.69 6.82 -12.41
N THR D 225 37.67 6.74 -11.57
CA THR D 225 37.10 5.48 -11.19
C THR D 225 36.75 4.69 -12.43
N LYS D 226 36.97 3.39 -12.37
CA LYS D 226 36.67 2.51 -13.51
C LYS D 226 35.24 2.67 -13.95
N GLY D 227 35.03 2.81 -15.26
CA GLY D 227 33.70 2.96 -15.81
C GLY D 227 33.08 4.36 -15.76
N LEU D 228 33.73 5.29 -15.08
CA LEU D 228 33.32 6.69 -15.11
C LEU D 228 33.49 7.30 -16.50
N PHE D 229 34.63 7.01 -17.12
CA PHE D 229 34.87 7.31 -18.55
C PHE D 229 34.60 6.09 -19.41
N SER D 230 34.05 6.31 -20.60
CA SER D 230 33.75 5.21 -21.48
C SER D 230 35.03 4.59 -22.01
N GLY D 231 34.96 3.30 -22.30
CA GLY D 231 36.05 2.61 -22.98
C GLY D 231 35.81 2.41 -24.47
N SER D 232 34.72 2.94 -25.01
CA SER D 232 34.45 2.77 -26.47
C SER D 232 35.41 3.58 -27.33
N GLY D 233 36.01 2.90 -28.31
CA GLY D 233 37.04 3.50 -29.14
C GLY D 233 38.44 3.50 -28.52
N LEU D 234 38.66 2.68 -27.49
CA LEU D 234 39.97 2.51 -26.88
C LEU D 234 40.42 1.10 -27.16
N VAL D 235 41.64 0.96 -27.66
CA VAL D 235 42.25 -0.35 -27.85
C VAL D 235 42.57 -0.87 -26.46
N PRO D 236 41.91 -1.97 -26.05
CA PRO D 236 42.12 -2.37 -24.67
C PRO D 236 43.51 -2.93 -24.40
N ALA D 237 43.94 -2.75 -23.16
CA ALA D 237 45.06 -3.45 -22.61
C ALA D 237 44.50 -4.55 -21.70
N ALA D 238 44.00 -4.17 -20.54
CA ALA D 238 43.21 -5.07 -19.70
C ALA D 238 41.81 -4.46 -19.59
N ARG D 239 40.91 -4.92 -20.44
CA ARG D 239 39.57 -4.38 -20.55
C ARG D 239 38.85 -4.19 -19.19
N SER D 240 38.95 -5.19 -18.30
CA SER D 240 38.26 -5.06 -17.01
C SER D 240 38.90 -4.01 -16.07
N LEU D 241 40.07 -3.49 -16.45
CA LEU D 241 40.81 -2.56 -15.59
C LEU D 241 41.08 -1.18 -16.21
N ASP D 242 41.15 -1.12 -17.55
CA ASP D 242 41.52 0.12 -18.25
C ASP D 242 40.66 1.33 -17.85
N CYS D 243 41.30 2.50 -17.81
CA CYS D 243 40.64 3.78 -17.66
C CYS D 243 41.37 4.78 -18.54
N ILE D 244 40.63 5.48 -19.38
CA ILE D 244 41.16 6.66 -20.01
C ILE D 244 41.40 7.64 -18.87
N SER D 245 42.46 8.42 -18.97
CA SER D 245 42.91 9.31 -17.90
C SER D 245 43.29 10.70 -18.42
N VAL D 246 43.39 11.65 -17.51
CA VAL D 246 43.63 13.03 -17.86
C VAL D 246 44.98 13.48 -17.33
N LEU D 247 45.73 14.14 -18.21
CA LEU D 247 46.97 14.80 -17.84
C LEU D 247 46.88 16.31 -18.09
N ALA D 248 47.23 17.08 -17.06
CA ALA D 248 47.16 18.54 -17.09
C ALA D 248 48.18 19.14 -16.13
N HIS D 249 48.29 20.47 -16.10
CA HIS D 249 49.17 21.15 -15.16
C HIS D 249 48.59 21.28 -13.76
N THR D 250 47.27 21.35 -13.66
CA THR D 250 46.61 21.58 -12.38
C THR D 250 45.37 20.71 -12.19
N VAL D 251 44.89 20.70 -10.95
CA VAL D 251 43.77 19.87 -10.59
C VAL D 251 42.47 20.42 -11.19
N ASP D 252 42.33 21.74 -11.16
CA ASP D 252 41.16 22.40 -11.74
C ASP D 252 41.01 22.05 -13.21
N ASP D 253 42.11 22.13 -13.94
CA ASP D 253 42.09 21.81 -15.37
C ASP D 253 41.79 20.34 -15.59
N ALA D 254 42.45 19.48 -14.84
CA ALA D 254 42.20 18.05 -14.89
C ALA D 254 40.73 17.73 -14.61
N LEU D 255 40.20 18.35 -13.57
CA LEU D 255 38.78 18.25 -13.25
C LEU D 255 37.87 18.79 -14.35
N ALA D 256 38.21 19.96 -14.87
CA ALA D 256 37.40 20.59 -15.92
C ALA D 256 37.24 19.64 -17.09
N VAL D 257 38.33 18.97 -17.47
CA VAL D 257 38.32 18.01 -18.58
C VAL D 257 37.55 16.76 -18.16
N ALA D 258 37.84 16.23 -16.96
CA ALA D 258 37.16 15.02 -16.49
C ALA D 258 35.63 15.16 -16.50
N ARG D 259 35.12 16.31 -16.09
CA ARG D 259 33.66 16.53 -16.02
C ARG D 259 33.01 16.39 -17.40
N VAL D 260 33.70 16.91 -18.41
CA VAL D 260 33.25 16.81 -19.80
C VAL D 260 33.37 15.37 -20.32
N ALA D 261 34.48 14.71 -20.00
CA ALA D 261 34.78 13.36 -20.51
C ALA D 261 33.94 12.28 -19.87
N ALA D 262 33.63 12.46 -18.59
CA ALA D 262 32.91 11.47 -17.81
C ALA D 262 31.50 11.33 -18.31
N GLY D 263 30.95 10.11 -18.26
CA GLY D 263 29.56 9.88 -18.64
C GLY D 263 29.28 8.46 -19.10
N TYR D 264 28.04 8.03 -18.89
CA TYR D 264 27.64 6.69 -19.16
C TYR D 264 27.51 6.46 -20.66
N ASP D 265 28.10 5.36 -21.12
CA ASP D 265 28.00 4.95 -22.50
C ASP D 265 27.35 3.56 -22.53
N ALA D 266 26.07 3.54 -22.90
CA ALA D 266 25.25 2.33 -22.95
C ALA D 266 25.87 1.21 -23.79
N ASP D 267 26.68 1.55 -24.78
CA ASP D 267 27.36 0.53 -25.59
C ASP D 267 28.58 -0.11 -24.90
N ASP D 268 29.08 0.50 -23.84
CA ASP D 268 30.23 -0.02 -23.15
C ASP D 268 29.79 -0.75 -21.88
N ALA D 269 29.91 -2.08 -21.91
CA ALA D 269 29.42 -2.91 -20.84
C ALA D 269 30.14 -2.70 -19.51
N PHE D 270 31.27 -2.01 -19.53
CA PHE D 270 32.01 -1.67 -18.32
C PHE D 270 31.78 -0.23 -17.89
N SER D 271 31.01 0.51 -18.68
CA SER D 271 30.64 1.88 -18.30
C SER D 271 29.65 1.86 -17.14
N ARG D 272 29.84 2.78 -16.21
CA ARG D 272 28.98 2.91 -15.04
C ARG D 272 28.38 4.32 -14.91
N LYS D 273 27.27 4.43 -14.21
CA LYS D 273 26.60 5.70 -13.99
C LYS D 273 27.18 6.27 -12.69
N ALA D 274 27.50 7.57 -12.67
CA ALA D 274 27.96 8.23 -11.43
C ALA D 274 27.05 9.25 -10.70
N GLY D 275 26.66 10.29 -11.42
CA GLY D 275 25.95 11.44 -10.85
C GLY D 275 26.95 12.56 -10.61
N ALA D 276 26.44 13.77 -10.44
CA ALA D 276 27.33 14.93 -10.55
C ALA D 276 28.27 15.00 -9.35
N ALA D 277 27.98 14.27 -8.26
CA ALA D 277 28.83 14.30 -7.06
C ALA D 277 30.22 13.72 -7.29
N ALA D 278 30.32 12.77 -8.21
CA ALA D 278 31.53 12.00 -8.29
C ALA D 278 32.72 12.89 -8.62
N LEU D 279 32.51 13.93 -9.42
CA LEU D 279 33.57 14.88 -9.73
C LEU D 279 33.36 16.29 -9.13
N THR D 280 32.43 16.42 -8.19
CA THR D 280 32.22 17.70 -7.50
C THR D 280 33.33 17.97 -6.52
N GLU D 281 33.82 19.22 -6.53
CA GLU D 281 34.82 19.64 -5.54
C GLU D 281 34.16 19.78 -4.19
N LYS D 282 34.93 19.54 -3.14
CA LYS D 282 34.42 19.74 -1.81
C LYS D 282 35.52 20.13 -0.85
N SER D 283 35.22 21.05 0.06
CA SER D 283 36.18 21.47 1.07
C SER D 283 36.31 20.37 2.13
N TRP D 284 37.55 19.99 2.44
CA TRP D 284 37.80 18.94 3.44
C TRP D 284 37.69 19.50 4.86
N PRO D 285 37.19 18.68 5.79
CA PRO D 285 37.14 19.13 7.18
C PRO D 285 38.52 19.48 7.73
N ARG D 286 38.52 20.22 8.83
CA ARG D 286 39.77 20.68 9.45
C ARG D 286 40.62 19.49 9.91
N ARG D 287 39.97 18.39 10.29
CA ARG D 287 40.69 17.18 10.64
C ARG D 287 40.24 15.97 9.84
N PHE D 288 41.20 15.15 9.45
CA PHE D 288 40.91 13.93 8.72
C PHE D 288 42.03 12.92 8.94
N ASN D 289 41.77 11.68 8.54
CA ASN D 289 42.75 10.61 8.59
C ASN D 289 43.21 10.24 7.20
N PHE D 290 44.51 10.00 7.08
CA PHE D 290 45.07 9.54 5.84
C PHE D 290 46.04 8.42 6.10
N GLY D 291 46.02 7.41 5.24
CA GLY D 291 46.80 6.23 5.48
C GLY D 291 48.12 6.32 4.74
N VAL D 292 49.18 5.86 5.39
CA VAL D 292 50.49 5.75 4.75
C VAL D 292 51.15 4.42 5.16
N PRO D 293 51.78 3.71 4.22
CA PRO D 293 52.42 2.44 4.57
C PRO D 293 53.51 2.66 5.61
N ALA D 294 53.65 1.71 6.52
CA ALA D 294 54.65 1.80 7.59
C ALA D 294 56.00 2.29 7.06
N ALA D 295 56.50 3.36 7.68
CA ALA D 295 57.82 3.96 7.33
C ALA D 295 58.97 2.96 7.13
N GLU D 296 59.07 2.00 8.04
CA GLU D 296 60.19 1.03 8.06
C GLU D 296 60.24 0.10 6.83
N HIS D 297 59.12 -0.06 6.13
CA HIS D 297 59.05 -1.00 5.01
C HIS D 297 58.80 -0.33 3.68
N ARG D 298 58.77 1.00 3.67
CA ARG D 298 58.58 1.73 2.42
C ARG D 298 59.75 1.46 1.50
N GLN D 299 59.47 1.47 0.21
CA GLN D 299 60.33 0.89 -0.82
C GLN D 299 60.67 1.98 -1.81
N PHE D 300 61.91 2.46 -1.76
CA PHE D 300 62.36 3.51 -2.66
C PHE D 300 63.51 3.09 -3.54
N PHE D 301 63.86 1.80 -3.49
CA PHE D 301 64.89 1.24 -4.35
C PHE D 301 66.15 2.09 -4.39
N GLY D 302 66.64 2.47 -3.20
CA GLY D 302 67.89 3.22 -3.07
C GLY D 302 67.84 4.73 -3.30
N ASP D 303 66.65 5.26 -3.59
CA ASP D 303 66.53 6.69 -3.86
C ASP D 303 66.22 7.45 -2.58
N ALA D 304 67.28 7.83 -1.87
CA ALA D 304 67.19 8.51 -0.58
C ALA D 304 66.47 9.85 -0.64
N GLU D 305 66.68 10.60 -1.71
CA GLU D 305 66.03 11.92 -1.85
C GLU D 305 64.51 11.80 -1.98
N ALA D 306 64.07 10.79 -2.72
CA ALA D 306 62.65 10.54 -2.91
C ALA D 306 62.00 10.19 -1.57
N GLU D 307 62.65 9.32 -0.81
CA GLU D 307 62.20 9.00 0.54
C GLU D 307 61.98 10.25 1.40
N ALA D 308 62.92 11.18 1.33
CA ALA D 308 62.88 12.38 2.19
C ALA D 308 61.79 13.33 1.72
N LEU D 309 61.65 13.42 0.41
CA LEU D 309 60.59 14.24 -0.20
C LEU D 309 59.21 13.70 0.12
N PHE D 310 59.10 12.37 0.23
CA PHE D 310 57.84 11.77 0.62
C PHE D 310 57.52 12.13 2.06
N ASN D 311 58.51 12.00 2.92
CA ASN D 311 58.37 12.46 4.32
C ASN D 311 57.91 13.91 4.44
N LYS D 312 58.43 14.80 3.62
CA LYS D 312 57.96 16.18 3.56
C LYS D 312 56.47 16.23 3.25
N ALA D 313 56.07 15.42 2.27
CA ALA D 313 54.68 15.36 1.84
C ALA D 313 53.78 14.88 2.97
N VAL D 314 54.24 13.88 3.71
CA VAL D 314 53.49 13.41 4.88
C VAL D 314 53.31 14.54 5.91
N ARG D 315 54.41 15.22 6.26
CA ARG D 315 54.39 16.34 7.23
C ARG D 315 53.45 17.45 6.81
N LYS D 316 53.52 17.80 5.54
CA LYS D 316 52.66 18.83 4.98
C LYS D 316 51.16 18.51 5.13
N LEU D 317 50.80 17.25 4.91
CA LEU D 317 49.41 16.82 5.03
C LEU D 317 48.97 16.83 6.48
N GLU D 318 49.92 16.51 7.35
CA GLU D 318 49.68 16.61 8.80
C GLU D 318 49.38 18.06 9.21
N GLU D 319 50.18 18.98 8.70
CA GLU D 319 50.00 20.39 8.96
C GLU D 319 48.68 20.95 8.41
N MET D 320 48.11 20.29 7.40
CA MET D 320 46.79 20.67 6.89
C MET D 320 45.66 20.06 7.70
N GLY D 321 45.98 19.36 8.79
CA GLY D 321 44.95 18.78 9.67
C GLY D 321 44.83 17.26 9.63
N GLY D 322 45.70 16.62 8.88
CA GLY D 322 45.66 15.17 8.70
C GLY D 322 46.35 14.42 9.82
N THR D 323 45.70 13.35 10.28
CA THR D 323 46.35 12.40 11.17
C THR D 323 46.84 11.22 10.34
N CYS D 324 48.14 10.95 10.45
CA CYS D 324 48.77 9.90 9.68
C CYS D 324 48.53 8.52 10.31
N ILE D 325 47.84 7.66 9.58
CA ILE D 325 47.55 6.31 10.04
C ILE D 325 48.50 5.37 9.35
N SER D 326 49.28 4.64 10.12
CA SER D 326 50.22 3.69 9.57
C SER D 326 49.45 2.40 9.22
N PHE D 327 49.81 1.75 8.12
CA PHE D 327 49.22 0.45 7.78
C PHE D 327 50.22 -0.49 7.10
N ASP D 328 49.92 -1.77 7.16
CA ASP D 328 50.75 -2.76 6.52
C ASP D 328 50.38 -2.81 5.01
N TYR D 329 51.36 -2.54 4.17
CA TYR D 329 51.17 -2.49 2.71
C TYR D 329 51.01 -3.85 2.05
N THR D 330 51.51 -4.89 2.71
CA THR D 330 51.45 -6.28 2.21
C THR D 330 50.26 -6.65 1.29
N PRO D 331 49.00 -6.55 1.75
CA PRO D 331 47.87 -6.97 0.88
C PRO D 331 47.73 -6.15 -0.39
N PHE D 332 48.09 -4.88 -0.30
CA PHE D 332 48.09 -4.02 -1.48
C PHE D 332 49.21 -4.44 -2.43
N ARG D 333 50.39 -4.72 -1.87
CA ARG D 333 51.51 -5.19 -2.68
C ARG D 333 51.14 -6.46 -3.40
N GLN D 334 50.58 -7.39 -2.64
CA GLN D 334 50.26 -8.71 -3.18
C GLN D 334 49.26 -8.62 -4.30
N ALA D 335 48.29 -7.72 -4.14
CA ALA D 335 47.31 -7.48 -5.18
C ALA D 335 47.98 -6.83 -6.39
N ALA D 336 48.83 -5.85 -6.14
CA ALA D 336 49.56 -5.19 -7.24
C ALA D 336 50.33 -6.23 -8.08
N GLU D 337 50.86 -7.24 -7.39
CA GLU D 337 51.66 -8.27 -8.03
C GLU D 337 50.85 -9.17 -8.96
N LEU D 338 49.56 -9.34 -8.66
CA LEU D 338 48.71 -10.18 -9.49
C LEU D 338 48.52 -9.63 -10.89
N LEU D 339 48.84 -8.36 -11.11
CA LEU D 339 48.64 -7.77 -12.40
C LEU D 339 49.54 -8.44 -13.42
N TYR D 340 50.80 -8.61 -13.05
CA TYR D 340 51.77 -9.21 -13.94
C TYR D 340 52.24 -10.59 -13.56
N ALA D 341 52.25 -10.89 -12.27
CA ALA D 341 52.60 -12.24 -11.80
C ALA D 341 51.33 -13.11 -11.65
N GLY D 342 50.18 -12.58 -12.05
CA GLY D 342 48.92 -13.32 -11.99
C GLY D 342 48.28 -13.41 -13.36
N PRO D 343 47.03 -13.87 -13.42
CA PRO D 343 46.35 -14.15 -14.68
C PRO D 343 45.88 -12.93 -15.47
N TRP D 344 45.89 -11.75 -14.88
CA TRP D 344 45.42 -10.54 -15.56
C TRP D 344 46.24 -10.11 -16.78
N VAL D 345 47.47 -10.61 -16.88
CA VAL D 345 48.26 -10.47 -18.09
C VAL D 345 47.47 -11.04 -19.28
N ALA D 346 46.62 -12.04 -19.03
CA ALA D 346 45.85 -12.68 -20.09
C ALA D 346 44.82 -11.74 -20.72
N GLU D 347 44.43 -10.68 -20.02
CA GLU D 347 43.53 -9.70 -20.63
C GLU D 347 44.21 -9.00 -21.82
N ARG D 348 45.53 -8.85 -21.75
CA ARG D 348 46.30 -8.22 -22.81
C ARG D 348 46.38 -9.14 -24.02
N LEU D 349 46.68 -10.40 -23.78
CA LEU D 349 46.70 -11.39 -24.86
C LEU D 349 45.32 -11.48 -25.51
N ALA D 350 44.26 -11.53 -24.71
CA ALA D 350 42.88 -11.55 -25.24
C ALA D 350 42.61 -10.38 -26.20
N ALA D 351 43.02 -9.18 -25.75
CA ALA D 351 42.82 -7.96 -26.53
C ALA D 351 43.53 -7.97 -27.90
N ILE D 352 44.66 -8.64 -28.03
CA ILE D 352 45.37 -8.67 -29.30
C ILE D 352 45.71 -10.08 -29.79
N GLU D 353 44.88 -11.04 -29.39
CA GLU D 353 45.18 -12.44 -29.58
C GLU D 353 45.60 -12.74 -31.01
N SER D 354 44.79 -12.25 -31.94
CA SER D 354 44.94 -12.54 -33.36
C SER D 354 46.28 -12.07 -33.87
N LEU D 355 46.66 -10.86 -33.43
CA LEU D 355 47.91 -10.24 -33.86
C LEU D 355 49.12 -10.94 -33.23
N ALA D 356 49.00 -11.33 -31.97
CA ALA D 356 50.06 -12.08 -31.29
C ALA D 356 50.27 -13.47 -31.90
N ASP D 357 49.19 -14.07 -32.38
CA ASP D 357 49.25 -15.38 -33.01
C ASP D 357 49.83 -15.32 -34.42
N GLU D 358 49.34 -14.41 -35.24
CA GLU D 358 49.70 -14.35 -36.66
C GLU D 358 50.94 -13.51 -36.99
N HIS D 359 51.17 -12.44 -36.23
CA HIS D 359 52.30 -11.54 -36.51
C HIS D 359 53.02 -11.09 -35.22
N PRO D 360 53.60 -12.03 -34.45
CA PRO D 360 54.28 -11.64 -33.23
C PRO D 360 55.46 -10.71 -33.49
N GLU D 361 55.97 -10.71 -34.72
CA GLU D 361 57.16 -9.95 -35.06
C GLU D 361 56.99 -8.43 -34.96
N VAL D 362 55.75 -7.94 -35.06
CA VAL D 362 55.53 -6.49 -34.96
C VAL D 362 55.40 -6.01 -33.52
N LEU D 363 55.42 -6.95 -32.59
CA LEU D 363 55.35 -6.60 -31.19
C LEU D 363 56.74 -6.28 -30.69
N HIS D 364 56.82 -5.22 -29.89
CA HIS D 364 58.04 -4.89 -29.19
C HIS D 364 58.48 -6.09 -28.38
N PRO D 365 59.77 -6.49 -28.49
CA PRO D 365 60.20 -7.78 -27.91
C PRO D 365 59.89 -7.95 -26.43
N VAL D 366 60.02 -6.88 -25.65
CA VAL D 366 59.75 -6.98 -24.22
C VAL D 366 58.26 -7.13 -23.97
N VAL D 367 57.47 -6.42 -24.76
CA VAL D 367 56.03 -6.46 -24.66
C VAL D 367 55.57 -7.85 -25.10
N ARG D 368 56.19 -8.33 -26.16
CA ARG D 368 55.90 -9.66 -26.71
C ARG D 368 56.04 -10.79 -25.69
N ASP D 369 57.20 -10.87 -25.06
CA ASP D 369 57.43 -11.94 -24.09
C ASP D 369 56.42 -11.90 -22.93
N ILE D 370 56.13 -10.69 -22.45
CA ILE D 370 55.17 -10.53 -21.36
C ILE D 370 53.78 -11.02 -21.79
N ILE D 371 53.27 -10.44 -22.85
CA ILE D 371 51.93 -10.79 -23.32
C ILE D 371 51.81 -12.26 -23.72
N LEU D 372 52.79 -12.80 -24.42
CA LEU D 372 52.69 -14.19 -24.88
C LEU D 372 52.84 -15.19 -23.73
N SER D 373 53.36 -14.75 -22.59
CA SER D 373 53.47 -15.64 -21.44
C SER D 373 52.12 -16.07 -20.88
N ALA D 374 51.07 -15.31 -21.20
CA ALA D 374 49.71 -15.65 -20.82
C ALA D 374 49.20 -16.92 -21.51
N LYS D 375 49.86 -17.33 -22.59
CA LYS D 375 49.57 -18.62 -23.25
C LYS D 375 49.59 -19.82 -22.29
N ARG D 376 50.41 -19.71 -21.24
CA ARG D 376 50.61 -20.77 -20.27
C ARG D 376 49.72 -20.61 -19.03
N MET D 377 48.76 -19.69 -19.08
CA MET D 377 47.84 -19.49 -17.98
C MET D 377 46.48 -20.11 -18.28
N SER D 378 45.93 -20.81 -17.30
CA SER D 378 44.65 -21.54 -17.49
C SER D 378 43.45 -20.80 -16.94
N ALA D 379 42.28 -21.29 -17.30
CA ALA D 379 41.03 -20.84 -16.68
C ALA D 379 41.06 -21.03 -15.16
N VAL D 380 41.56 -22.18 -14.71
CA VAL D 380 41.71 -22.44 -13.27
C VAL D 380 42.61 -21.43 -12.60
N ASP D 381 43.77 -21.16 -13.21
CA ASP D 381 44.65 -20.08 -12.72
C ASP D 381 43.87 -18.76 -12.57
N THR D 382 43.00 -18.44 -13.52
CA THR D 382 42.30 -17.15 -13.51
C THR D 382 41.35 -17.00 -12.33
N PHE D 383 40.52 -18.01 -12.12
CA PHE D 383 39.61 -18.00 -11.00
C PHE D 383 40.31 -18.01 -9.66
N ASN D 384 41.40 -18.78 -9.54
CA ASN D 384 42.19 -18.77 -8.31
C ASN D 384 42.73 -17.37 -8.08
N GLY D 385 43.09 -16.69 -9.15
CA GLY D 385 43.52 -15.29 -9.05
C GLY D 385 42.39 -14.38 -8.59
N ILE D 386 41.22 -14.58 -9.15
CA ILE D 386 40.04 -13.87 -8.71
C ILE D 386 39.74 -14.16 -7.22
N TYR D 387 39.80 -15.41 -6.80
CA TYR D 387 39.56 -15.71 -5.37
C TYR D 387 40.60 -15.02 -4.50
N ARG D 388 41.86 -15.12 -4.90
CA ARG D 388 42.96 -14.51 -4.18
C ARG D 388 42.74 -12.99 -4.05
N LEU D 389 42.44 -12.35 -5.17
CA LEU D 389 42.14 -10.93 -5.16
C LEU D 389 41.06 -10.57 -4.15
N ALA D 390 39.99 -11.35 -4.14
CA ALA D 390 38.85 -11.04 -3.28
C ALA D 390 39.25 -11.10 -1.80
N ASP D 391 40.17 -12.02 -1.48
CA ASP D 391 40.71 -12.11 -0.13
C ASP D 391 41.54 -10.87 0.22
N LEU D 392 42.33 -10.41 -0.76
CA LEU D 392 43.18 -9.24 -0.54
C LEU D 392 42.34 -7.96 -0.35
N VAL D 393 41.30 -7.83 -1.17
CA VAL D 393 40.32 -6.74 -1.01
C VAL D 393 39.72 -6.79 0.39
N ARG D 394 39.39 -7.98 0.88
CA ARG D 394 38.79 -8.12 2.20
C ARG D 394 39.79 -7.70 3.30
N ALA D 395 41.05 -8.13 3.21
CA ALA D 395 42.10 -7.70 4.13
C ALA D 395 42.30 -6.19 4.09
N ALA D 396 42.24 -5.61 2.90
CA ALA D 396 42.43 -4.18 2.73
C ALA D 396 41.34 -3.33 3.39
N GLU D 397 40.12 -3.87 3.53
CA GLU D 397 39.02 -3.13 4.17
C GLU D 397 39.35 -2.65 5.61
N SER D 398 40.19 -3.40 6.31
CA SER D 398 40.68 -2.99 7.62
C SER D 398 41.35 -1.63 7.59
N THR D 399 42.11 -1.38 6.52
CA THR D 399 42.78 -0.10 6.34
C THR D 399 41.79 1.00 5.94
N TRP D 400 40.96 0.73 4.95
CA TRP D 400 39.95 1.72 4.54
C TRP D 400 38.99 2.18 5.65
N GLU D 401 38.64 1.29 6.56
CA GLU D 401 37.73 1.61 7.65
C GLU D 401 38.38 2.63 8.64
N LYS D 402 39.71 2.77 8.60
CA LYS D 402 40.47 3.68 9.49
C LYS D 402 40.88 5.02 8.86
N ILE D 403 40.68 5.18 7.54
CA ILE D 403 41.21 6.35 6.81
C ILE D 403 40.21 6.94 5.86
N ASP D 404 40.41 8.20 5.51
CA ASP D 404 39.53 8.90 4.55
C ASP D 404 40.17 8.92 3.18
N VAL D 405 41.49 8.68 3.13
CA VAL D 405 42.25 8.73 1.90
C VAL D 405 43.59 8.07 2.16
N MET D 406 44.18 7.51 1.10
CA MET D 406 45.51 6.93 1.16
C MET D 406 46.48 7.83 0.42
N LEU D 407 47.69 7.96 0.95
CA LEU D 407 48.76 8.74 0.33
C LEU D 407 49.96 7.84 0.04
N LEU D 408 50.35 7.72 -1.22
CA LEU D 408 51.51 6.94 -1.62
C LEU D 408 52.48 7.74 -2.50
N PRO D 409 53.74 7.34 -2.54
CA PRO D 409 54.56 7.92 -3.58
C PRO D 409 53.98 7.44 -4.89
N THR D 410 53.99 8.28 -5.91
CA THR D 410 53.48 7.87 -7.19
C THR D 410 54.48 6.86 -7.77
N ALA D 411 55.72 7.30 -7.95
CA ALA D 411 56.82 6.46 -8.35
C ALA D 411 57.88 6.52 -7.27
N PRO D 412 58.39 5.35 -6.85
CA PRO D 412 59.41 5.32 -5.78
C PRO D 412 60.74 5.90 -6.22
N THR D 413 61.01 5.85 -7.51
CA THR D 413 62.22 6.43 -8.05
C THR D 413 62.06 6.68 -9.56
N ILE D 414 63.13 7.13 -10.19
CA ILE D 414 63.16 7.37 -11.64
C ILE D 414 64.47 6.85 -12.19
N TYR D 415 64.48 6.43 -13.46
CA TYR D 415 65.64 5.78 -14.05
C TYR D 415 66.07 6.47 -15.34
N THR D 416 67.33 6.27 -15.72
CA THR D 416 67.80 6.78 -16.99
C THR D 416 67.25 5.87 -18.09
N VAL D 417 67.17 6.42 -19.29
CA VAL D 417 66.79 5.66 -20.46
C VAL D 417 67.76 4.53 -20.67
N GLU D 418 69.04 4.83 -20.55
CA GLU D 418 70.07 3.82 -20.74
C GLU D 418 69.92 2.67 -19.73
N ASP D 419 69.70 2.98 -18.45
CA ASP D 419 69.53 1.93 -17.41
C ASP D 419 68.30 1.04 -17.65
N MET D 420 67.21 1.67 -18.07
CA MET D 420 65.95 0.98 -18.34
C MET D 420 66.10 0.06 -19.56
N LEU D 421 66.71 0.55 -20.63
CA LEU D 421 66.98 -0.30 -21.79
C LEU D 421 67.80 -1.52 -21.43
N ALA D 422 68.74 -1.33 -20.51
CA ALA D 422 69.63 -2.41 -20.09
C ALA D 422 68.97 -3.44 -19.15
N ASP D 423 67.86 -3.06 -18.50
CA ASP D 423 67.18 -3.91 -17.51
C ASP D 423 65.65 -3.66 -17.61
N PRO D 424 65.08 -3.95 -18.79
CA PRO D 424 63.76 -3.39 -19.12
C PRO D 424 62.55 -4.01 -18.44
N VAL D 425 62.71 -5.19 -17.86
CA VAL D 425 61.59 -5.83 -17.15
C VAL D 425 61.62 -5.45 -15.68
N ARG D 426 62.72 -5.73 -15.02
CA ARG D 426 62.82 -5.49 -13.58
C ARG D 426 62.61 -4.03 -13.18
N LEU D 427 63.35 -3.12 -13.80
CA LEU D 427 63.28 -1.71 -13.42
C LEU D 427 61.91 -1.15 -13.67
N ASN D 428 61.28 -1.59 -14.75
CA ASN D 428 59.90 -1.21 -14.99
C ASN D 428 58.95 -1.70 -13.90
N SER D 429 59.10 -2.97 -13.48
CA SER D 429 58.23 -3.52 -12.42
C SER D 429 58.37 -2.70 -11.14
N ASN D 430 59.60 -2.26 -10.83
CA ASN D 430 59.87 -1.41 -9.67
C ASN D 430 59.04 -0.14 -9.68
N LEU D 431 58.89 0.46 -10.85
CA LEU D 431 58.10 1.68 -10.97
C LEU D 431 56.64 1.43 -10.64
N GLY D 432 56.20 0.19 -10.76
CA GLY D 432 54.82 -0.17 -10.47
C GLY D 432 54.51 -0.58 -9.04
N PHE D 433 55.48 -0.36 -8.15
CA PHE D 433 55.36 -0.87 -6.79
C PHE D 433 54.17 -0.28 -6.05
N TYR D 434 53.92 1.02 -6.24
CA TYR D 434 52.84 1.71 -5.53
C TYR D 434 51.63 2.08 -6.40
N THR D 435 51.58 1.56 -7.62
CA THR D 435 50.49 1.87 -8.54
C THR D 435 49.59 0.68 -8.94
N ASN D 436 50.20 -0.48 -9.11
CA ASN D 436 49.56 -1.59 -9.85
C ASN D 436 48.29 -2.22 -9.24
N PHE D 437 47.93 -1.86 -8.02
CA PHE D 437 46.79 -2.47 -7.35
C PHE D 437 45.51 -1.63 -7.51
N VAL D 438 45.66 -0.40 -7.94
CA VAL D 438 44.55 0.56 -7.87
C VAL D 438 43.31 0.11 -8.66
N ASN D 439 43.50 -0.24 -9.93
CA ASN D 439 42.38 -0.66 -10.76
C ASN D 439 41.84 -2.05 -10.41
N LEU D 440 42.73 -2.95 -10.04
CA LEU D 440 42.31 -4.29 -9.56
C LEU D 440 41.37 -4.17 -8.37
N MET D 441 41.64 -3.21 -7.48
CA MET D 441 40.84 -3.04 -6.24
C MET D 441 39.73 -2.00 -6.38
N ASP D 442 39.53 -1.53 -7.60
CA ASP D 442 38.46 -0.62 -7.93
C ASP D 442 38.53 0.70 -7.14
N LEU D 443 39.63 1.41 -7.29
CA LEU D 443 39.86 2.63 -6.56
C LEU D 443 39.93 3.85 -7.48
N SER D 444 39.84 5.02 -6.87
CA SER D 444 40.06 6.27 -7.57
C SER D 444 41.44 6.77 -7.14
N ALA D 445 42.12 7.49 -8.03
CA ALA D 445 43.45 8.02 -7.76
C ALA D 445 43.71 9.33 -8.50
N ILE D 446 44.45 10.23 -7.84
CA ILE D 446 44.95 11.43 -8.51
C ILE D 446 46.38 11.71 -8.10
N ALA D 447 47.24 11.82 -9.08
CA ALA D 447 48.67 11.98 -8.88
C ALA D 447 48.98 13.47 -9.00
N VAL D 448 49.60 14.03 -7.97
CA VAL D 448 49.95 15.45 -7.96
C VAL D 448 51.41 15.65 -7.59
N PRO D 449 52.00 16.81 -7.96
CA PRO D 449 53.38 17.10 -7.64
C PRO D 449 53.67 17.25 -6.17
N ALA D 450 54.88 16.89 -5.78
CA ALA D 450 55.33 16.98 -4.41
C ALA D 450 56.82 17.39 -4.41
N GLY D 451 57.14 18.37 -5.24
CA GLY D 451 58.45 19.02 -5.23
C GLY D 451 59.48 18.40 -6.14
N PHE D 452 60.76 18.68 -5.82
CA PHE D 452 61.90 18.38 -6.71
C PHE D 452 63.11 17.92 -5.93
N ARG D 453 63.87 17.04 -6.57
CA ARG D 453 65.16 16.61 -6.06
C ARG D 453 66.17 17.73 -6.27
N THR D 454 67.30 17.62 -5.59
CA THR D 454 68.39 18.56 -5.78
C THR D 454 68.83 18.69 -7.23
N ASN D 455 68.79 17.59 -7.96
CA ASN D 455 69.16 17.56 -9.39
C ASN D 455 68.07 18.00 -10.36
N GLY D 456 66.97 18.54 -9.84
CA GLY D 456 65.92 19.10 -10.68
C GLY D 456 64.78 18.14 -11.09
N LEU D 457 65.00 16.83 -10.89
CA LEU D 457 64.01 15.82 -11.25
C LEU D 457 62.86 15.80 -10.27
N PRO D 458 61.61 15.92 -10.76
CA PRO D 458 60.44 16.07 -9.85
C PRO D 458 60.00 14.76 -9.21
N PHE D 459 59.24 14.90 -8.13
CA PHE D 459 58.72 13.79 -7.37
C PHE D 459 57.26 14.04 -7.07
N GLY D 460 56.45 12.99 -7.21
CA GLY D 460 55.01 13.12 -7.08
C GLY D 460 54.43 12.16 -6.05
N VAL D 461 53.29 12.54 -5.48
CA VAL D 461 52.53 11.64 -4.65
C VAL D 461 51.17 11.43 -5.28
N THR D 462 50.47 10.42 -4.81
CA THR D 462 49.16 10.04 -5.37
C THR D 462 48.23 9.94 -4.21
N PHE D 463 47.09 10.60 -4.32
CA PHE D 463 45.99 10.41 -3.36
C PHE D 463 45.05 9.37 -3.91
N ILE D 464 44.72 8.39 -3.09
CA ILE D 464 43.88 7.27 -3.52
C ILE D 464 42.65 7.20 -2.63
N GLY D 465 41.49 7.10 -3.26
CA GLY D 465 40.23 6.90 -2.54
C GLY D 465 39.47 5.71 -3.10
N ARG D 466 38.28 5.48 -2.55
CA ARG D 466 37.39 4.44 -3.03
C ARG D 466 36.73 4.86 -4.34
N ALA D 467 36.01 3.91 -4.95
CA ALA D 467 35.24 4.16 -6.17
C ALA D 467 34.34 5.38 -6.02
N PHE D 468 34.36 6.23 -7.03
CA PHE D 468 33.52 7.45 -7.10
C PHE D 468 33.85 8.54 -6.05
N GLU D 469 35.02 8.46 -5.43
CA GLU D 469 35.48 9.52 -4.55
C GLU D 469 36.43 10.46 -5.28
N ASP D 470 36.29 10.52 -6.59
CA ASP D 470 37.25 11.22 -7.44
C ASP D 470 37.35 12.71 -7.07
N GLY D 471 36.19 13.36 -6.96
CA GLY D 471 36.08 14.79 -6.65
C GLY D 471 36.66 15.09 -5.27
N ALA D 472 36.35 14.23 -4.31
CA ALA D 472 36.87 14.36 -2.96
C ALA D 472 38.40 14.37 -2.94
N ILE D 473 39.01 13.38 -3.58
CA ILE D 473 40.45 13.23 -3.49
C ILE D 473 41.15 14.32 -4.31
N ALA D 474 40.53 14.70 -5.41
CA ALA D 474 41.01 15.82 -6.20
C ALA D 474 41.04 17.08 -5.33
N SER D 475 39.98 17.28 -4.54
N SER D 475 39.98 17.28 -4.54
CA SER D 475 39.89 18.47 -3.69
CA SER D 475 39.89 18.46 -3.68
C SER D 475 41.05 18.52 -2.71
C SER D 475 41.05 18.52 -2.70
N LEU D 476 41.36 17.40 -2.09
CA LEU D 476 42.48 17.33 -1.17
C LEU D 476 43.81 17.51 -1.89
N GLY D 477 43.95 16.89 -3.04
CA GLY D 477 45.17 17.03 -3.82
C GLY D 477 45.45 18.47 -4.19
N LYS D 478 44.40 19.18 -4.58
CA LYS D 478 44.48 20.60 -4.93
C LYS D 478 44.91 21.44 -3.73
N ALA D 479 44.31 21.18 -2.57
CA ALA D 479 44.66 21.90 -1.37
C ALA D 479 46.10 21.59 -0.97
N PHE D 480 46.55 20.39 -1.26
CA PHE D 480 47.93 19.98 -1.00
C PHE D 480 48.91 20.76 -1.89
N VAL D 481 48.65 20.79 -3.19
CA VAL D 481 49.50 21.54 -4.13
C VAL D 481 49.62 23.01 -3.70
N GLU D 482 48.52 23.56 -3.19
CA GLU D 482 48.40 25.00 -2.93
C GLU D 482 48.80 25.45 -1.53
N HIS D 483 49.07 24.50 -0.64
CA HIS D 483 49.40 24.85 0.73
C HIS D 483 50.88 25.28 0.78
N ASP D 484 51.16 26.40 1.46
CA ASP D 484 52.50 27.05 1.49
C ASP D 484 52.63 27.98 0.27
N HIS E 38 20.08 38.27 19.63
CA HIS E 38 19.31 37.11 19.05
C HIS E 38 18.33 36.36 19.99
N LEU E 39 17.13 36.10 19.47
CA LEU E 39 16.06 35.50 20.27
C LEU E 39 16.14 33.96 20.25
N THR E 40 16.08 33.36 21.44
CA THR E 40 16.24 31.91 21.62
C THR E 40 15.04 31.31 22.35
N ASP E 41 14.99 31.49 23.67
CA ASP E 41 13.90 30.91 24.49
C ASP E 41 12.78 31.92 24.70
N LEU E 42 11.73 31.50 25.42
CA LEU E 42 10.60 32.36 25.72
C LEU E 42 11.02 33.62 26.43
N ALA E 43 11.79 33.48 27.51
CA ALA E 43 12.25 34.62 28.30
C ALA E 43 12.91 35.70 27.40
N SER E 44 13.68 35.26 26.41
CA SER E 44 14.36 36.19 25.50
C SER E 44 13.38 36.98 24.61
N TYR E 45 12.19 36.42 24.35
CA TYR E 45 11.12 37.15 23.65
C TYR E 45 10.35 38.05 24.61
N GLN E 46 10.10 37.55 25.82
CA GLN E 46 9.38 38.33 26.84
C GLN E 46 10.16 39.58 27.24
N ALA E 47 11.48 39.44 27.36
CA ALA E 47 12.38 40.56 27.68
C ALA E 47 12.42 41.59 26.56
N ALA E 48 12.49 41.12 25.32
CA ALA E 48 12.53 42.00 24.16
C ALA E 48 11.23 42.79 24.01
N TYR E 49 10.10 42.14 24.21
CA TYR E 49 8.79 42.82 24.13
C TYR E 49 8.59 43.83 25.26
N ALA E 50 9.06 43.48 26.46
CA ALA E 50 9.04 44.40 27.61
C ALA E 50 9.89 45.63 27.36
N ALA E 51 11.06 45.43 26.76
CA ALA E 51 11.97 46.54 26.41
C ALA E 51 11.50 47.34 25.22
N GLY E 52 10.36 46.97 24.62
CA GLY E 52 9.68 47.80 23.64
C GLY E 52 9.85 47.40 22.18
N THR E 53 10.36 46.21 21.92
CA THR E 53 10.65 45.81 20.52
C THR E 53 9.63 45.90 19.37
N ASP E 54 8.45 45.32 19.53
CA ASP E 54 7.40 45.25 18.50
C ASP E 54 7.48 43.87 17.85
N ALA E 55 6.45 43.10 18.15
CA ALA E 55 6.37 41.71 17.71
C ALA E 55 6.31 41.59 16.20
N ALA E 56 5.65 42.56 15.55
CA ALA E 56 5.48 42.55 14.09
C ALA E 56 6.82 42.62 13.36
N ASP E 57 7.80 43.28 13.97
CA ASP E 57 9.14 43.35 13.40
C ASP E 57 9.90 42.04 13.63
N VAL E 58 9.64 41.40 14.77
CA VAL E 58 10.30 40.13 15.12
C VAL E 58 9.82 39.07 14.15
N ILE E 59 8.54 39.08 13.87
CA ILE E 59 7.94 38.11 12.96
C ILE E 59 8.38 38.35 11.54
N SER E 60 8.28 39.59 11.07
CA SER E 60 8.73 39.90 9.71
C SER E 60 10.21 39.53 9.52
N ASP E 61 11.05 39.83 10.52
CA ASP E 61 12.47 39.48 10.46
C ASP E 61 12.63 37.96 10.35
N LEU E 62 11.92 37.24 11.21
CA LEU E 62 11.93 35.77 11.23
C LEU E 62 11.57 35.18 9.85
N TYR E 63 10.50 35.69 9.25
CA TYR E 63 10.07 35.24 7.92
C TYR E 63 11.13 35.50 6.86
N ALA E 64 11.72 36.69 6.91
CA ALA E 64 12.82 37.06 6.03
C ALA E 64 13.98 36.06 6.14
N ARG E 65 14.43 35.79 7.37
CA ARG E 65 15.51 34.82 7.63
C ARG E 65 15.23 33.43 7.04
N ILE E 66 13.97 33.00 7.07
CA ILE E 66 13.59 31.72 6.49
C ILE E 66 13.66 31.78 4.98
N LYS E 67 13.29 32.93 4.41
CA LYS E 67 13.27 33.10 2.96
C LYS E 67 14.66 33.09 2.36
N GLU E 68 15.61 33.81 2.97
CA GLU E 68 16.98 33.83 2.48
C GLU E 68 17.61 32.44 2.58
N ASP E 69 17.20 31.68 3.59
CA ASP E 69 17.57 30.26 3.69
C ASP E 69 16.64 29.49 2.74
N GLY E 70 16.38 28.22 3.00
CA GLY E 70 15.29 27.51 2.31
C GLY E 70 14.10 27.26 3.23
N GLU E 71 12.94 26.97 2.64
CA GLU E 71 11.83 26.41 3.41
C GLU E 71 12.19 24.98 3.73
N ASN E 72 12.28 24.16 2.67
CA ASN E 72 12.74 22.79 2.79
C ASN E 72 14.20 22.79 3.23
N PRO E 73 14.63 21.77 3.99
CA PRO E 73 13.89 20.57 4.40
C PRO E 73 13.19 20.68 5.76
N ILE E 74 13.29 21.84 6.43
CA ILE E 74 12.72 22.02 7.77
C ILE E 74 11.24 22.36 7.71
N TRP E 75 10.84 23.12 6.69
CA TRP E 75 9.48 23.63 6.58
C TRP E 75 8.81 23.16 5.31
N ILE E 76 7.61 22.59 5.46
CA ILE E 76 6.80 22.19 4.30
C ILE E 76 5.97 23.36 3.78
N SER E 77 5.51 24.21 4.69
CA SER E 77 4.78 25.41 4.28
C SER E 77 4.88 26.47 5.35
N LEU E 78 4.59 27.70 4.94
CA LEU E 78 4.57 28.82 5.85
C LEU E 78 3.28 29.58 5.75
N LEU E 79 2.78 30.00 6.89
CA LEU E 79 1.64 30.90 6.95
C LEU E 79 2.06 32.18 6.23
N PRO E 80 1.26 32.66 5.26
CA PRO E 80 1.69 33.89 4.60
C PRO E 80 1.91 35.03 5.60
N LEU E 81 2.93 35.85 5.38
CA LEU E 81 3.28 36.93 6.31
C LEU E 81 2.07 37.77 6.72
N GLU E 82 1.22 38.06 5.74
CA GLU E 82 0.04 38.89 5.94
C GLU E 82 -0.94 38.29 6.94
N SER E 83 -1.20 36.98 6.81
CA SER E 83 -2.06 36.26 7.76
C SER E 83 -1.45 36.21 9.16
N ALA E 84 -0.14 36.00 9.24
CA ALA E 84 0.54 35.98 10.53
C ALA E 84 0.36 37.33 11.22
N LEU E 85 0.74 38.41 10.52
N LEU E 85 0.76 38.39 10.51
CA LEU E 85 0.63 39.76 11.07
CA LEU E 85 0.66 39.75 11.04
C LEU E 85 -0.79 40.10 11.45
C LEU E 85 -0.78 40.13 11.43
N ALA E 86 -1.77 39.61 10.69
CA ALA E 86 -3.17 39.80 11.03
C ALA E 86 -3.54 39.13 12.36
N MET E 87 -3.16 37.85 12.50
CA MET E 87 -3.33 37.07 13.76
C MET E 87 -2.69 37.77 14.94
N LEU E 88 -1.52 38.37 14.69
CA LEU E 88 -0.81 39.13 15.72
C LEU E 88 -1.58 40.38 16.12
N ALA E 89 -2.10 41.12 15.14
CA ALA E 89 -2.88 42.33 15.40
C ALA E 89 -4.08 42.04 16.28
N ASP E 90 -4.81 40.97 15.95
CA ASP E 90 -5.91 40.51 16.79
C ASP E 90 -5.46 40.26 18.24
N ALA E 91 -4.33 39.61 18.42
CA ALA E 91 -3.78 39.37 19.75
C ALA E 91 -3.47 40.70 20.45
N GLN E 92 -2.85 41.63 19.72
CA GLN E 92 -2.51 42.99 20.21
C GLN E 92 -3.75 43.69 20.78
N GLN E 93 -4.83 43.69 19.99
CA GLN E 93 -6.09 44.30 20.39
C GLN E 93 -6.63 43.72 21.70
N ARG E 94 -6.53 42.41 21.84
CA ARG E 94 -7.01 41.74 23.03
C ARG E 94 -6.13 42.03 24.25
N LYS E 95 -4.82 42.07 24.04
CA LYS E 95 -3.89 42.48 25.08
C LYS E 95 -4.19 43.90 25.52
N ASP E 96 -4.50 44.74 24.55
CA ASP E 96 -4.86 46.15 24.82
C ASP E 96 -6.16 46.31 25.62
N LYS E 97 -7.10 45.37 25.45
CA LYS E 97 -8.28 45.30 26.30
C LYS E 97 -8.04 44.62 27.65
N GLY E 98 -6.77 44.39 28.01
CA GLY E 98 -6.39 43.76 29.27
C GLY E 98 -6.64 42.25 29.38
N GLU E 99 -6.76 41.55 28.26
CA GLU E 99 -6.87 40.10 28.28
C GLU E 99 -5.49 39.52 28.65
N ALA E 100 -5.50 38.34 29.26
CA ALA E 100 -4.29 37.62 29.68
C ALA E 100 -3.76 36.75 28.53
N LEU E 101 -2.53 37.00 28.11
CA LEU E 101 -1.98 36.31 26.96
C LEU E 101 -0.56 35.82 27.24
N PRO E 102 -0.45 34.65 27.89
CA PRO E 102 0.86 34.22 28.38
C PRO E 102 1.89 33.92 27.30
N LEU E 103 1.43 33.71 26.06
CA LEU E 103 2.33 33.47 24.95
C LEU E 103 2.19 34.53 23.86
N PHE E 104 2.05 35.79 24.26
CA PHE E 104 1.88 36.85 23.28
C PHE E 104 3.08 37.01 22.34
N GLY E 105 2.80 36.99 21.04
CA GLY E 105 3.82 37.27 20.02
C GLY E 105 4.89 36.22 19.88
N ILE E 106 4.60 35.00 20.35
CA ILE E 106 5.56 33.92 20.31
C ILE E 106 5.31 33.07 19.05
N PRO E 107 6.28 33.06 18.11
CA PRO E 107 6.08 32.21 16.95
C PRO E 107 6.38 30.77 17.30
N PHE E 108 5.67 29.85 16.67
CA PHE E 108 5.98 28.42 16.80
C PHE E 108 5.76 27.64 15.52
N GLY E 109 6.47 26.50 15.41
CA GLY E 109 6.30 25.58 14.30
C GLY E 109 5.32 24.50 14.70
N VAL E 110 4.63 23.94 13.71
CA VAL E 110 3.67 22.90 13.97
C VAL E 110 3.91 21.74 13.01
N LYS E 111 4.17 20.56 13.58
CA LYS E 111 4.38 19.35 12.81
C LYS E 111 3.21 19.20 11.85
N ASP E 112 3.50 18.85 10.59
CA ASP E 112 2.50 18.88 9.53
C ASP E 112 1.51 17.71 9.52
N ASN E 113 1.33 17.04 10.67
CA ASN E 113 0.20 16.13 10.86
C ASN E 113 -0.88 16.77 11.72
N ILE E 114 -0.64 18.01 12.13
CA ILE E 114 -1.55 18.76 13.02
C ILE E 114 -2.17 19.95 12.29
N ASP E 115 -3.47 20.15 12.43
CA ASP E 115 -4.17 21.22 11.67
C ASP E 115 -3.83 22.65 12.13
N VAL E 116 -3.48 23.49 11.17
CA VAL E 116 -3.46 24.94 11.34
C VAL E 116 -4.33 25.56 10.25
N ALA E 117 -5.29 26.39 10.66
CA ALA E 117 -6.24 27.00 9.73
C ALA E 117 -5.53 27.87 8.71
N GLY E 118 -5.88 27.70 7.42
CA GLY E 118 -5.24 28.42 6.33
C GLY E 118 -4.17 27.61 5.62
N LEU E 119 -3.62 26.60 6.28
CA LEU E 119 -2.51 25.81 5.71
C LEU E 119 -2.88 24.35 5.46
N PRO E 120 -2.41 23.77 4.34
CA PRO E 120 -2.68 22.35 4.13
C PRO E 120 -2.00 21.49 5.20
N THR E 121 -2.63 20.36 5.51
CA THR E 121 -2.03 19.36 6.40
C THR E 121 -1.58 18.14 5.57
N THR E 122 -0.34 18.22 5.08
CA THR E 122 0.16 17.21 4.16
C THR E 122 0.50 15.92 4.89
N ALA E 123 0.99 16.12 6.12
CA ALA E 123 1.49 15.06 6.97
C ALA E 123 2.63 14.29 6.29
N GLY E 124 3.37 15.04 5.47
CA GLY E 124 4.58 14.55 4.80
C GLY E 124 4.32 13.61 3.66
N CYS E 125 3.33 13.99 2.87
CA CYS E 125 2.84 13.12 1.83
C CYS E 125 2.27 14.01 0.75
N THR E 126 2.75 13.82 -0.47
CA THR E 126 2.50 14.71 -1.61
C THR E 126 1.08 14.62 -2.16
N GLY E 127 0.30 13.64 -1.71
CA GLY E 127 -1.06 13.42 -2.20
C GLY E 127 -2.16 13.67 -1.17
N PHE E 128 -1.90 13.58 0.15
CA PHE E 128 -2.86 13.99 1.21
C PHE E 128 -2.99 15.54 1.11
N ALA E 129 -4.10 16.05 0.61
CA ALA E 129 -4.23 17.45 0.18
C ALA E 129 -5.15 18.37 1.04
N ARG E 130 -5.61 17.89 2.20
CA ARG E 130 -6.72 18.47 2.94
C ARG E 130 -6.21 19.76 3.61
N THR E 131 -7.00 20.82 3.48
CA THR E 131 -6.68 22.10 4.12
C THR E 131 -7.80 22.48 5.13
N PRO E 132 -7.49 22.46 6.44
CA PRO E 132 -8.57 22.60 7.42
C PRO E 132 -9.13 24.00 7.58
N ARG E 133 -10.42 24.08 7.85
CA ARG E 133 -11.03 25.38 8.15
C ARG E 133 -10.63 25.90 9.51
N GLN E 134 -10.40 25.01 10.47
CA GLN E 134 -10.12 25.37 11.88
C GLN E 134 -8.78 24.90 12.36
N HIS E 135 -8.24 25.60 13.35
CA HIS E 135 -7.07 25.13 14.08
C HIS E 135 -7.41 23.85 14.81
N ALA E 136 -6.42 22.97 14.97
CA ALA E 136 -6.55 21.84 15.88
C ALA E 136 -6.81 22.38 17.29
N PHE E 137 -7.50 21.59 18.12
CA PHE E 137 -7.91 22.05 19.45
C PHE E 137 -6.73 22.62 20.26
N VAL E 138 -5.58 21.97 20.19
CA VAL E 138 -4.38 22.40 20.91
C VAL E 138 -3.78 23.69 20.32
N VAL E 139 -3.74 23.77 19.00
CA VAL E 139 -3.23 24.96 18.34
C VAL E 139 -4.14 26.14 18.67
N GLN E 140 -5.44 25.87 18.73
CA GLN E 140 -6.39 26.93 19.01
C GLN E 140 -6.10 27.53 20.38
N ARG E 141 -5.84 26.68 21.36
CA ARG E 141 -5.54 27.20 22.69
C ARG E 141 -4.27 28.05 22.70
N LEU E 142 -3.29 27.69 21.88
CA LEU E 142 -2.05 28.45 21.81
C LEU E 142 -2.24 29.79 21.14
N VAL E 143 -2.97 29.78 20.04
CA VAL E 143 -3.29 31.03 19.37
C VAL E 143 -4.17 31.92 20.29
N ASP E 144 -5.10 31.32 21.05
CA ASP E 144 -5.89 32.05 22.06
C ASP E 144 -4.99 32.70 23.09
N ALA E 145 -3.88 32.05 23.43
CA ALA E 145 -2.91 32.63 24.39
C ALA E 145 -1.92 33.59 23.72
N GLY E 146 -2.14 33.91 22.44
CA GLY E 146 -1.36 34.94 21.75
C GLY E 146 -0.23 34.45 20.86
N ALA E 147 -0.05 33.12 20.80
CA ALA E 147 1.03 32.56 20.00
C ALA E 147 0.66 32.58 18.54
N ILE E 148 1.67 32.52 17.67
CA ILE E 148 1.47 32.65 16.24
C ILE E 148 2.12 31.44 15.53
N PRO E 149 1.33 30.60 14.86
CA PRO E 149 1.94 29.46 14.19
C PRO E 149 2.46 29.86 12.82
N ILE E 150 3.78 29.99 12.72
CA ILE E 150 4.39 30.51 11.49
C ILE E 150 4.26 29.55 10.32
N GLY E 151 4.20 28.25 10.58
CA GLY E 151 4.15 27.29 9.50
C GLY E 151 4.13 25.85 9.94
N LYS E 152 4.20 24.96 8.96
CA LYS E 152 4.11 23.54 9.18
C LYS E 152 5.49 22.92 8.97
N THR E 153 5.93 22.10 9.92
CA THR E 153 7.26 21.51 9.85
C THR E 153 7.26 20.10 9.24
N ASN E 154 8.40 19.71 8.68
CA ASN E 154 8.58 18.40 8.08
C ASN E 154 8.53 17.28 9.08
N LEU E 155 8.31 16.07 8.59
CA LEU E 155 8.22 14.90 9.45
C LEU E 155 8.49 13.61 8.70
N ASP E 156 8.66 12.52 9.42
CA ASP E 156 8.56 11.20 8.83
C ASP E 156 7.10 11.03 8.48
N GLN E 157 6.86 10.64 7.24
CA GLN E 157 5.53 10.58 6.70
C GLN E 157 4.59 9.78 7.59
N PHE E 158 3.41 10.36 7.84
CA PHE E 158 2.37 9.77 8.71
C PHE E 158 2.89 9.38 10.08
N ALA E 159 3.86 10.15 10.53
CA ALA E 159 4.51 9.96 11.82
C ALA E 159 4.99 8.52 12.03
N THR E 160 5.47 7.89 10.97
CA THR E 160 5.89 6.50 11.02
C THR E 160 7.39 6.42 10.76
N GLY E 161 8.17 6.44 11.84
CA GLY E 161 9.62 6.62 11.76
C GLY E 161 10.16 7.35 12.98
N LEU E 162 11.41 7.09 13.32
CA LEU E 162 12.04 7.80 14.44
C LEU E 162 13.31 8.52 13.99
N ASN E 163 13.45 8.80 12.71
CA ASN E 163 14.73 9.37 12.22
C ASN E 163 14.65 10.62 11.36
N GLY E 164 13.61 10.73 10.54
CA GLY E 164 13.35 11.98 9.80
C GLY E 164 13.71 11.92 8.33
N THR E 165 14.26 10.79 7.89
CA THR E 165 14.60 10.57 6.47
C THR E 165 13.42 10.13 5.62
N ARG E 166 12.33 9.69 6.25
CA ARG E 166 11.20 9.14 5.50
C ARG E 166 10.21 10.22 5.03
N THR E 167 10.69 11.12 4.17
CA THR E 167 9.90 12.24 3.68
C THR E 167 10.30 12.55 2.24
N PRO E 168 9.37 13.10 1.43
CA PRO E 168 9.74 13.57 0.10
C PRO E 168 10.05 15.05 0.03
N PHE E 169 10.11 15.72 1.19
CA PHE E 169 10.29 17.17 1.22
C PHE E 169 11.72 17.60 1.55
N GLY E 170 12.68 16.71 1.33
CA GLY E 170 14.07 16.91 1.72
C GLY E 170 14.29 16.41 3.15
N ILE E 171 15.49 15.91 3.42
CA ILE E 171 15.82 15.30 4.72
C ILE E 171 16.38 16.32 5.72
N PRO E 172 15.63 16.61 6.82
CA PRO E 172 16.17 17.44 7.88
C PRO E 172 17.33 16.76 8.61
N ARG E 173 18.16 17.58 9.23
CA ARG E 173 19.46 17.14 9.69
C ARG E 173 19.73 17.56 11.10
N CYS E 174 20.48 16.71 11.81
CA CYS E 174 21.02 17.09 13.12
C CYS E 174 21.73 18.43 13.00
N VAL E 175 21.34 19.37 13.85
CA VAL E 175 21.90 20.71 13.89
C VAL E 175 23.38 20.68 14.30
N PHE E 176 23.78 19.65 15.03
CA PHE E 176 25.17 19.56 15.47
C PHE E 176 26.08 18.89 14.45
N ASN E 177 25.51 18.46 13.32
CA ASN E 177 26.28 17.80 12.25
C ASN E 177 25.37 17.32 11.13
N GLU E 178 25.40 18.05 10.01
CA GLU E 178 24.51 17.78 8.88
C GLU E 178 24.53 16.34 8.39
N ASN E 179 25.63 15.62 8.61
CA ASN E 179 25.73 14.21 8.16
C ASN E 179 24.81 13.25 8.90
N TYR E 180 24.38 13.65 10.08
CA TYR E 180 23.57 12.79 10.95
C TYR E 180 22.07 13.12 10.84
N VAL E 181 21.26 12.12 11.16
CA VAL E 181 19.81 12.24 11.11
C VAL E 181 19.31 13.29 12.11
N SER E 182 18.28 14.03 11.74
CA SER E 182 17.61 14.96 12.66
C SER E 182 16.96 14.21 13.80
N GLY E 183 16.54 12.99 13.50
CA GLY E 183 15.71 12.24 14.39
C GLY E 183 14.26 12.54 14.09
N GLY E 184 13.46 11.51 14.27
CA GLY E 184 12.43 11.52 15.28
C GLY E 184 11.02 11.24 14.88
N SER E 185 10.67 11.66 13.67
CA SER E 185 9.29 11.79 13.19
C SER E 185 8.98 13.26 13.31
N SER E 186 9.11 13.82 14.51
CA SER E 186 8.95 15.27 14.68
C SER E 186 10.24 16.01 14.32
N SER E 187 10.70 15.78 13.10
CA SER E 187 12.06 16.17 12.70
C SER E 187 12.23 17.67 12.53
N GLY E 188 11.44 18.28 11.65
CA GLY E 188 11.52 19.72 11.42
C GLY E 188 11.11 20.54 12.62
N SER E 189 10.19 20.01 13.42
CA SER E 189 9.75 20.72 14.61
C SER E 189 10.93 20.88 15.57
N ALA E 190 11.80 19.88 15.62
CA ALA E 190 12.98 19.90 16.51
C ALA E 190 14.08 20.77 15.97
N VAL E 191 14.36 20.66 14.68
CA VAL E 191 15.41 21.44 14.04
C VAL E 191 15.08 22.93 14.11
N ALA E 192 13.82 23.26 13.86
CA ALA E 192 13.37 24.64 13.84
C ALA E 192 13.52 25.32 15.19
N VAL E 193 13.50 24.54 16.27
CA VAL E 193 13.74 25.08 17.60
C VAL E 193 15.24 25.15 17.88
N ALA E 194 15.95 24.06 17.60
CA ALA E 194 17.37 23.96 17.89
C ALA E 194 18.24 24.90 17.05
N ASN E 195 17.81 25.20 15.83
CA ASN E 195 18.57 26.13 14.98
C ASN E 195 18.23 27.59 15.27
N GLY E 196 17.32 27.82 16.21
CA GLY E 196 17.06 29.16 16.77
C GLY E 196 15.93 29.90 16.10
N THR E 197 15.30 29.28 15.11
CA THR E 197 14.24 29.94 14.38
C THR E 197 13.02 30.24 15.28
N VAL E 198 12.57 29.24 16.01
CA VAL E 198 11.41 29.34 16.86
C VAL E 198 11.74 28.86 18.29
N PRO E 199 11.09 29.45 19.31
CA PRO E 199 11.37 29.09 20.70
C PRO E 199 10.69 27.80 21.16
N PHE E 200 9.53 27.49 20.58
CA PHE E 200 9.00 26.14 20.70
C PHE E 200 8.34 25.66 19.43
N SER E 201 7.94 24.40 19.45
CA SER E 201 7.17 23.81 18.38
C SER E 201 6.39 22.62 18.90
N LEU E 202 5.40 22.19 18.11
CA LEU E 202 4.64 21.02 18.42
C LEU E 202 5.10 19.85 17.60
N GLY E 203 5.28 18.74 18.29
CA GLY E 203 5.51 17.48 17.63
C GLY E 203 4.36 16.59 17.98
N THR E 204 4.49 15.33 17.61
CA THR E 204 3.64 14.28 18.10
C THR E 204 4.51 13.11 18.50
N ASP E 205 3.96 12.24 19.32
CA ASP E 205 4.71 11.13 19.84
C ASP E 205 3.79 9.96 19.95
N THR E 206 4.17 8.87 19.29
CA THR E 206 3.47 7.60 19.39
C THR E 206 4.46 6.54 19.89
N ALA E 207 5.54 6.34 19.14
CA ALA E 207 6.59 5.40 19.50
C ALA E 207 7.72 6.09 20.23
N GLY E 208 7.98 7.33 19.89
CA GLY E 208 9.02 8.11 20.55
C GLY E 208 9.37 9.37 19.79
N SER E 209 8.45 9.80 18.93
CA SER E 209 8.71 10.87 17.99
C SER E 209 8.77 12.26 18.60
N GLY E 210 8.35 12.38 19.85
CA GLY E 210 8.46 13.65 20.57
C GLY E 210 9.69 13.74 21.46
N ARG E 211 10.53 12.70 21.40
CA ARG E 211 11.67 12.55 22.31
C ARG E 211 13.00 12.27 21.59
N ILE E 212 12.98 11.33 20.64
CA ILE E 212 14.18 11.07 19.84
C ILE E 212 14.74 12.38 19.27
N PRO E 213 13.93 13.16 18.55
CA PRO E 213 14.50 14.38 17.96
C PRO E 213 15.00 15.40 18.99
N ALA E 214 14.42 15.40 20.18
CA ALA E 214 14.92 16.26 21.24
C ALA E 214 16.34 15.84 21.61
N ALA E 215 16.51 14.55 21.86
CA ALA E 215 17.81 13.99 22.24
C ALA E 215 18.91 14.32 21.23
N PHE E 216 18.59 14.20 19.94
CA PHE E 216 19.58 14.46 18.90
C PHE E 216 19.90 15.94 18.70
N ASN E 217 19.07 16.82 19.22
CA ASN E 217 19.26 18.24 19.01
C ASN E 217 19.34 19.06 20.29
N ASN E 218 19.65 18.37 21.38
CA ASN E 218 19.95 18.99 22.65
C ASN E 218 18.78 19.85 23.16
N LEU E 219 17.57 19.37 22.93
CA LEU E 219 16.34 20.05 23.33
C LEU E 219 15.60 19.29 24.40
N VAL E 220 14.59 19.95 24.95
CA VAL E 220 13.64 19.31 25.85
C VAL E 220 12.41 18.84 25.06
N GLY E 221 12.01 17.59 25.28
CA GLY E 221 10.85 17.00 24.66
C GLY E 221 9.84 16.55 25.68
N LEU E 222 8.74 17.28 25.79
CA LEU E 222 7.73 16.94 26.77
C LEU E 222 6.64 16.13 26.07
N LYS E 223 6.51 14.87 26.48
CA LYS E 223 5.47 14.00 25.99
C LYS E 223 4.41 13.85 27.04
N PRO E 224 3.25 14.49 26.83
CA PRO E 224 2.25 14.45 27.87
C PRO E 224 1.55 13.11 27.99
N THR E 225 0.99 12.86 29.16
CA THR E 225 0.15 11.71 29.39
C THR E 225 -0.93 11.66 28.30
N LYS E 226 -1.25 10.46 27.85
CA LYS E 226 -2.27 10.28 26.83
C LYS E 226 -3.57 10.93 27.26
N GLY E 227 -4.18 11.69 26.35
CA GLY E 227 -5.46 12.35 26.62
C GLY E 227 -5.39 13.67 27.36
N LEU E 228 -4.21 14.04 27.83
CA LEU E 228 -4.02 15.32 28.47
C LEU E 228 -4.17 16.45 27.44
N PHE E 229 -3.54 16.25 26.27
CA PHE E 229 -3.73 17.13 25.11
C PHE E 229 -4.79 16.53 24.19
N SER E 230 -5.61 17.38 23.58
CA SER E 230 -6.63 16.90 22.66
C SER E 230 -6.01 16.36 21.38
N GLY E 231 -6.68 15.36 20.81
CA GLY E 231 -6.30 14.84 19.51
C GLY E 231 -7.14 15.40 18.35
N SER E 232 -8.03 16.35 18.61
CA SER E 232 -8.86 16.92 17.54
C SER E 232 -8.03 17.79 16.62
N GLY E 233 -8.17 17.53 15.32
CA GLY E 233 -7.38 18.24 14.30
C GLY E 233 -5.98 17.68 14.12
N LEU E 234 -5.74 16.47 14.59
CA LEU E 234 -4.49 15.75 14.35
C LEU E 234 -4.78 14.57 13.46
N VAL E 235 -4.00 14.42 12.40
CA VAL E 235 -4.09 13.22 11.56
C VAL E 235 -3.52 12.08 12.39
N PRO E 236 -4.36 11.10 12.76
CA PRO E 236 -3.82 10.04 13.59
C PRO E 236 -2.76 9.14 12.93
N ALA E 237 -1.85 8.65 13.77
CA ALA E 237 -0.97 7.54 13.43
C ALA E 237 -1.54 6.31 14.13
N ALA E 238 -1.40 6.21 15.45
CA ALA E 238 -2.10 5.22 16.25
C ALA E 238 -2.99 5.97 17.25
N ARG E 239 -4.26 6.16 16.87
CA ARG E 239 -5.20 7.01 17.63
C ARG E 239 -5.21 6.67 19.14
N SER E 240 -5.18 5.38 19.51
CA SER E 240 -5.21 5.01 20.93
C SER E 240 -3.91 5.34 21.67
N LEU E 241 -2.87 5.75 20.94
CA LEU E 241 -1.57 6.01 21.55
C LEU E 241 -1.02 7.40 21.32
N ASP E 242 -1.43 8.04 20.23
CA ASP E 242 -0.90 9.37 19.85
C ASP E 242 -0.98 10.41 20.96
N CYS E 243 0.02 11.28 21.00
CA CYS E 243 0.05 12.47 21.86
C CYS E 243 0.72 13.58 21.10
N ILE E 244 0.04 14.72 20.97
CA ILE E 244 0.73 15.92 20.56
C ILE E 244 1.73 16.23 21.66
N SER E 245 2.90 16.75 21.28
CA SER E 245 4.01 16.90 22.20
C SER E 245 4.68 18.25 22.01
N VAL E 246 5.48 18.63 23.00
CA VAL E 246 6.13 19.93 22.99
C VAL E 246 7.64 19.80 22.87
N LEU E 247 8.21 20.64 22.02
CA LEU E 247 9.64 20.78 21.88
C LEU E 247 10.06 22.21 22.17
N ALA E 248 11.05 22.33 23.05
CA ALA E 248 11.57 23.63 23.50
C ALA E 248 13.02 23.48 23.95
N HIS E 249 13.64 24.59 24.31
CA HIS E 249 15.02 24.58 24.83
C HIS E 249 15.10 24.18 26.31
N THR E 250 14.05 24.46 27.07
CA THR E 250 14.04 24.22 28.52
C THR E 250 12.74 23.65 29.03
N VAL E 251 12.79 23.17 30.27
CA VAL E 251 11.65 22.51 30.87
C VAL E 251 10.57 23.54 31.19
N ASP E 252 10.99 24.70 31.70
CA ASP E 252 10.07 25.78 32.00
C ASP E 252 9.25 26.17 30.79
N ASP E 253 9.93 26.35 29.66
CA ASP E 253 9.28 26.72 28.42
C ASP E 253 8.33 25.61 27.97
N ALA E 254 8.83 24.38 27.99
CA ALA E 254 8.02 23.23 27.63
C ALA E 254 6.77 23.15 28.49
N LEU E 255 6.96 23.33 29.80
CA LEU E 255 5.85 23.37 30.74
C LEU E 255 4.89 24.54 30.47
N ALA E 256 5.46 25.72 30.22
CA ALA E 256 4.65 26.91 29.98
C ALA E 256 3.69 26.66 28.81
N VAL E 257 4.20 26.03 27.76
CA VAL E 257 3.40 25.67 26.59
C VAL E 257 2.40 24.57 26.93
N ALA E 258 2.87 23.52 27.61
CA ALA E 258 1.98 22.40 27.96
C ALA E 258 0.75 22.83 28.75
N ARG E 259 0.94 23.76 29.69
CA ARG E 259 -0.17 24.22 30.55
C ARG E 259 -1.27 24.89 29.74
N VAL E 260 -0.86 25.66 28.74
CA VAL E 260 -1.78 26.27 27.80
C VAL E 260 -2.47 25.23 26.91
N ALA E 261 -1.69 24.25 26.41
CA ALA E 261 -2.16 23.28 25.43
C ALA E 261 -3.05 22.21 26.02
N ALA E 262 -2.76 21.84 27.25
CA ALA E 262 -3.46 20.77 27.96
C ALA E 262 -4.88 21.20 28.24
N GLY E 263 -5.81 20.24 28.21
CA GLY E 263 -7.19 20.52 28.51
C GLY E 263 -8.16 19.55 27.87
N TYR E 264 -9.27 19.34 28.56
CA TYR E 264 -10.29 18.40 28.10
C TYR E 264 -11.07 18.92 26.89
N ASP E 265 -11.18 18.06 25.88
CA ASP E 265 -11.93 18.35 24.67
C ASP E 265 -13.03 17.31 24.56
N ALA E 266 -14.25 17.73 24.91
CA ALA E 266 -15.43 16.85 24.91
C ALA E 266 -15.67 16.12 23.60
N ASP E 267 -15.23 16.70 22.48
CA ASP E 267 -15.38 16.06 21.17
C ASP E 267 -14.36 14.94 20.90
N ASP E 268 -13.29 14.90 21.69
CA ASP E 268 -12.26 13.88 21.54
C ASP E 268 -12.46 12.77 22.58
N ALA E 269 -12.92 11.62 22.12
CA ALA E 269 -13.28 10.53 23.01
C ALA E 269 -12.09 9.97 23.79
N PHE E 270 -10.88 10.32 23.37
CA PHE E 270 -9.67 9.88 24.07
C PHE E 270 -9.11 10.98 24.94
N SER E 271 -9.74 12.16 24.91
CA SER E 271 -9.36 13.24 25.82
C SER E 271 -9.77 12.89 27.25
N ARG E 272 -8.88 13.22 28.20
CA ARG E 272 -9.12 12.97 29.63
C ARG E 272 -8.99 14.26 30.43
N LYS E 273 -9.60 14.28 31.61
CA LYS E 273 -9.53 15.47 32.47
C LYS E 273 -8.31 15.34 33.36
N ALA E 274 -7.54 16.43 33.47
CA ALA E 274 -6.39 16.49 34.34
C ALA E 274 -6.57 17.52 35.42
N GLY E 275 -6.30 18.79 35.10
CA GLY E 275 -6.30 19.90 36.07
C GLY E 275 -4.92 20.41 36.41
N ALA E 276 -4.86 21.41 37.29
CA ALA E 276 -3.57 22.02 37.62
C ALA E 276 -2.63 20.97 38.23
N ALA E 277 -3.19 19.86 38.72
CA ALA E 277 -2.42 18.93 39.52
C ALA E 277 -1.36 18.24 38.67
N ALA E 278 -1.69 18.03 37.39
CA ALA E 278 -0.89 17.19 36.53
C ALA E 278 0.36 17.85 35.98
N LEU E 279 0.32 19.17 35.73
CA LEU E 279 1.46 19.91 35.21
C LEU E 279 2.05 20.90 36.22
N THR E 280 1.66 20.75 37.48
CA THR E 280 2.22 21.59 38.54
C THR E 280 3.65 21.16 38.85
N GLU E 281 4.54 22.13 38.97
CA GLU E 281 5.91 21.84 39.40
C GLU E 281 5.88 21.45 40.87
N LYS E 282 6.81 20.59 41.27
CA LYS E 282 6.91 20.19 42.66
C LYS E 282 8.36 19.91 43.03
N SER E 283 8.81 20.39 44.19
CA SER E 283 10.16 20.09 44.67
C SER E 283 10.22 18.64 45.13
N TRP E 284 11.24 17.94 44.68
CA TRP E 284 11.41 16.53 45.02
C TRP E 284 12.03 16.39 46.40
N PRO E 285 11.62 15.34 47.16
CA PRO E 285 12.26 15.10 48.45
C PRO E 285 13.77 14.86 48.33
N ARG E 286 14.45 14.99 49.45
CA ARG E 286 15.91 14.92 49.48
C ARG E 286 16.38 13.51 49.07
N ARG E 287 15.54 12.51 49.36
CA ARG E 287 15.80 11.17 48.90
C ARG E 287 14.65 10.55 48.11
N PHE E 288 15.00 9.82 47.05
CA PHE E 288 14.01 9.16 46.22
C PHE E 288 14.64 7.99 45.52
N ASN E 289 13.78 7.16 44.93
CA ASN E 289 14.22 6.02 44.18
C ASN E 289 13.97 6.24 42.71
N PHE E 290 14.92 5.81 41.90
CA PHE E 290 14.74 5.84 40.46
C PHE E 290 15.20 4.53 39.86
N GLY E 291 14.45 4.03 38.88
CA GLY E 291 14.74 2.74 38.29
C GLY E 291 15.61 2.89 37.05
N VAL E 292 16.58 1.98 36.91
CA VAL E 292 17.42 1.91 35.71
C VAL E 292 17.59 0.45 35.31
N PRO E 293 17.48 0.13 34.01
CA PRO E 293 17.67 -1.27 33.60
C PRO E 293 19.05 -1.77 33.96
N ALA E 294 19.14 -3.04 34.35
CA ALA E 294 20.42 -3.65 34.73
C ALA E 294 21.57 -3.26 33.79
N ALA E 295 22.65 -2.71 34.34
CA ALA E 295 23.86 -2.28 33.58
C ALA E 295 24.36 -3.31 32.55
N GLU E 296 24.42 -4.58 32.95
CA GLU E 296 24.97 -5.66 32.12
C GLU E 296 24.19 -5.94 30.81
N HIS E 297 22.91 -5.54 30.75
CA HIS E 297 22.05 -5.85 29.59
C HIS E 297 21.61 -4.60 28.85
N ARG E 298 22.10 -3.43 29.26
CA ARG E 298 21.77 -2.19 28.56
C ARG E 298 22.28 -2.27 27.14
N GLN E 299 21.57 -1.61 26.24
CA GLN E 299 21.69 -1.83 24.81
C GLN E 299 22.04 -0.51 24.15
N PHE E 300 23.28 -0.38 23.72
CA PHE E 300 23.75 0.84 23.09
C PHE E 300 24.21 0.63 21.65
N PHE E 301 24.01 -0.58 21.13
CA PHE E 301 24.33 -0.90 19.75
C PHE E 301 25.71 -0.40 19.34
N GLY E 302 26.71 -0.72 20.17
CA GLY E 302 28.11 -0.40 19.89
C GLY E 302 28.57 1.01 20.19
N ASP E 303 27.69 1.85 20.72
CA ASP E 303 28.05 3.25 20.99
C ASP E 303 28.56 3.41 22.42
N ALA E 304 29.87 3.19 22.58
CA ALA E 304 30.53 3.21 23.89
C ALA E 304 30.43 4.56 24.60
N GLU E 305 30.52 5.66 23.85
CA GLU E 305 30.45 6.99 24.44
C GLU E 305 29.07 7.25 25.08
N ALA E 306 28.03 6.81 24.39
CA ALA E 306 26.67 6.97 24.85
C ALA E 306 26.49 6.22 26.17
N GLU E 307 26.99 4.99 26.21
CA GLU E 307 26.96 4.19 27.43
C GLU E 307 27.60 4.93 28.63
N ALA E 308 28.73 5.59 28.38
CA ALA E 308 29.48 6.26 29.44
C ALA E 308 28.77 7.53 29.88
N LEU E 309 28.19 8.22 28.92
CA LEU E 309 27.41 9.42 29.19
C LEU E 309 26.13 9.10 29.99
N PHE E 310 25.56 7.92 29.74
CA PHE E 310 24.40 7.50 30.49
C PHE E 310 24.82 7.23 31.95
N ASN E 311 25.93 6.51 32.14
CA ASN E 311 26.52 6.31 33.47
C ASN E 311 26.75 7.62 34.24
N LYS E 312 27.22 8.67 33.55
CA LYS E 312 27.32 10.01 34.15
C LYS E 312 25.97 10.51 34.67
N ALA E 313 24.96 10.29 33.84
CA ALA E 313 23.62 10.72 34.17
C ALA E 313 23.10 9.99 35.38
N VAL E 314 23.38 8.69 35.47
CA VAL E 314 22.96 7.91 36.64
C VAL E 314 23.63 8.46 37.90
N ARG E 315 24.94 8.68 37.84
CA ARG E 315 25.68 9.23 39.00
C ARG E 315 25.13 10.56 39.46
N LYS E 316 24.89 11.42 38.49
CA LYS E 316 24.41 12.74 38.76
C LYS E 316 23.09 12.71 39.54
N LEU E 317 22.21 11.78 39.16
CA LEU E 317 20.93 11.64 39.82
C LEU E 317 21.09 11.08 41.25
N GLU E 318 22.09 10.20 41.40
CA GLU E 318 22.46 9.69 42.71
C GLU E 318 22.92 10.84 43.60
N GLU E 319 23.77 11.72 43.05
CA GLU E 319 24.28 12.87 43.80
C GLU E 319 23.19 13.86 44.19
N MET E 320 22.06 13.85 43.47
CA MET E 320 20.92 14.68 43.83
C MET E 320 20.02 14.00 44.86
N GLY E 321 20.41 12.83 45.37
CA GLY E 321 19.65 12.15 46.42
C GLY E 321 18.93 10.88 45.99
N GLY E 322 19.13 10.49 44.74
CA GLY E 322 18.48 9.31 44.19
C GLY E 322 19.19 8.02 44.55
N THR E 323 18.41 7.02 44.92
CA THR E 323 18.96 5.68 45.07
C THR E 323 18.58 4.90 43.78
N CYS E 324 19.60 4.36 43.13
CA CYS E 324 19.43 3.66 41.85
C CYS E 324 18.91 2.22 42.08
N ILE E 325 17.72 1.94 41.56
CA ILE E 325 17.15 0.62 41.66
C ILE E 325 17.32 -0.07 40.33
N SER E 326 17.96 -1.22 40.35
CA SER E 326 18.16 -2.00 39.13
C SER E 326 16.89 -2.79 38.83
N PHE E 327 16.52 -2.91 37.56
CA PHE E 327 15.41 -3.78 37.19
C PHE E 327 15.64 -4.51 35.86
N ASP E 328 14.90 -5.59 35.67
CA ASP E 328 14.95 -6.32 34.43
C ASP E 328 14.07 -5.61 33.39
N TYR E 329 14.70 -5.18 32.28
CA TYR E 329 14.01 -4.44 31.21
C TYR E 329 13.07 -5.31 30.33
N THR E 330 13.32 -6.61 30.31
CA THR E 330 12.55 -7.58 29.50
C THR E 330 11.07 -7.22 29.22
N PRO E 331 10.22 -7.10 30.25
CA PRO E 331 8.80 -6.83 29.96
C PRO E 331 8.55 -5.52 29.24
N PHE E 332 9.37 -4.53 29.52
CA PHE E 332 9.27 -3.24 28.85
C PHE E 332 9.71 -3.39 27.41
N ARG E 333 10.77 -4.14 27.17
CA ARG E 333 11.25 -4.41 25.81
C ARG E 333 10.19 -5.15 25.00
N GLN E 334 9.62 -6.18 25.61
CA GLN E 334 8.61 -6.99 24.96
C GLN E 334 7.37 -6.20 24.59
N ALA E 335 6.96 -5.28 25.46
CA ALA E 335 5.85 -4.38 25.19
C ALA E 335 6.19 -3.40 24.07
N ALA E 336 7.40 -2.84 24.13
CA ALA E 336 7.87 -1.93 23.08
C ALA E 336 7.79 -2.61 21.71
N GLU E 337 8.11 -3.89 21.70
CA GLU E 337 8.13 -4.67 20.46
C GLU E 337 6.74 -4.86 19.84
N LEU E 338 5.70 -4.87 20.67
CA LEU E 338 4.33 -5.03 20.17
C LEU E 338 3.86 -3.87 19.30
N LEU E 339 4.56 -2.74 19.35
CA LEU E 339 4.12 -1.58 18.59
C LEU E 339 4.24 -1.89 17.11
N TYR E 340 5.38 -2.47 16.71
CA TYR E 340 5.61 -2.78 15.29
C TYR E 340 5.61 -4.26 14.96
N ALA E 341 5.98 -5.11 15.91
CA ALA E 341 5.90 -6.56 15.72
C ALA E 341 4.56 -7.12 16.21
N GLY E 342 3.65 -6.24 16.63
CA GLY E 342 2.32 -6.64 17.07
C GLY E 342 1.24 -5.95 16.26
N PRO E 343 -0.02 -6.06 16.72
CA PRO E 343 -1.18 -5.59 15.95
C PRO E 343 -1.39 -4.08 15.91
N TRP E 344 -0.67 -3.33 16.74
CA TRP E 344 -0.89 -1.88 16.81
C TRP E 344 -0.50 -1.13 15.54
N VAL E 345 0.29 -1.78 14.68
CA VAL E 345 0.57 -1.26 13.34
C VAL E 345 -0.76 -1.02 12.61
N ALA E 346 -1.77 -1.84 12.93
CA ALA E 346 -3.09 -1.72 12.28
C ALA E 346 -3.81 -0.42 12.59
N GLU E 347 -3.46 0.26 13.67
CA GLU E 347 -4.03 1.57 13.93
C GLU E 347 -3.63 2.58 12.84
N ARG E 348 -2.44 2.40 12.26
CA ARG E 348 -1.93 3.28 11.21
C ARG E 348 -2.68 3.04 9.92
N LEU E 349 -2.84 1.77 9.57
CA LEU E 349 -3.63 1.44 8.40
C LEU E 349 -5.07 1.95 8.55
N ALA E 350 -5.68 1.74 9.72
CA ALA E 350 -7.04 2.24 9.97
C ALA E 350 -7.15 3.75 9.70
N ALA E 351 -6.16 4.48 10.18
CA ALA E 351 -6.14 5.93 10.05
C ALA E 351 -6.09 6.40 8.59
N ILE E 352 -5.43 5.66 7.70
CA ILE E 352 -5.31 6.09 6.31
C ILE E 352 -5.79 5.02 5.33
N GLU E 353 -6.72 4.17 5.79
CA GLU E 353 -7.11 2.98 5.04
C GLU E 353 -7.44 3.28 3.59
N SER E 354 -8.26 4.31 3.41
CA SER E 354 -8.74 4.70 2.09
C SER E 354 -7.61 5.07 1.15
N LEU E 355 -6.66 5.84 1.67
CA LEU E 355 -5.52 6.29 0.87
C LEU E 355 -4.58 5.14 0.54
N ALA E 356 -4.38 4.25 1.49
CA ALA E 356 -3.53 3.08 1.28
C ALA E 356 -4.14 2.12 0.26
N ASP E 357 -5.47 2.06 0.24
CA ASP E 357 -6.21 1.21 -0.70
C ASP E 357 -6.22 1.78 -2.11
N GLU E 358 -6.56 3.06 -2.23
CA GLU E 358 -6.74 3.69 -3.53
C GLU E 358 -5.50 4.30 -4.17
N HIS E 359 -4.58 4.83 -3.36
CA HIS E 359 -3.37 5.48 -3.87
C HIS E 359 -2.13 5.12 -3.07
N PRO E 360 -1.75 3.84 -3.03
CA PRO E 360 -0.54 3.46 -2.28
C PRO E 360 0.75 4.12 -2.82
N GLU E 361 0.71 4.57 -4.07
CA GLU E 361 1.89 5.14 -4.71
C GLU E 361 2.39 6.45 -4.08
N VAL E 362 1.52 7.20 -3.39
CA VAL E 362 1.96 8.45 -2.73
C VAL E 362 2.58 8.20 -1.36
N LEU E 363 2.56 6.95 -0.90
CA LEU E 363 3.18 6.61 0.36
C LEU E 363 4.66 6.35 0.16
N HIS E 364 5.47 6.89 1.07
CA HIS E 364 6.89 6.60 1.13
C HIS E 364 7.09 5.10 1.21
N PRO E 365 7.98 4.54 0.36
CA PRO E 365 8.02 3.08 0.21
C PRO E 365 8.24 2.30 1.51
N VAL E 366 9.08 2.82 2.42
CA VAL E 366 9.35 2.10 3.70
C VAL E 366 8.12 2.20 4.60
N VAL E 367 7.45 3.35 4.56
CA VAL E 367 6.23 3.58 5.34
C VAL E 367 5.13 2.70 4.79
N ARG E 368 5.05 2.64 3.46
CA ARG E 368 4.07 1.80 2.77
C ARG E 368 4.11 0.35 3.19
N ASP E 369 5.28 -0.27 3.12
CA ASP E 369 5.40 -1.69 3.43
C ASP E 369 5.01 -1.98 4.87
N ILE E 370 5.42 -1.10 5.79
CA ILE E 370 5.09 -1.25 7.20
C ILE E 370 3.58 -1.19 7.40
N ILE E 371 2.98 -0.08 6.98
CA ILE E 371 1.54 0.11 7.18
C ILE E 371 0.70 -0.93 6.47
N LEU E 372 1.03 -1.27 5.23
CA LEU E 372 0.23 -2.24 4.49
C LEU E 372 0.38 -3.66 5.02
N SER E 373 1.42 -3.93 5.82
CA SER E 373 1.60 -5.26 6.41
C SER E 373 0.50 -5.58 7.41
N ALA E 374 -0.18 -4.55 7.91
CA ALA E 374 -1.31 -4.74 8.81
C ALA E 374 -2.52 -5.43 8.13
N LYS E 375 -2.56 -5.41 6.79
CA LYS E 375 -3.57 -6.14 6.03
C LYS E 375 -3.69 -7.60 6.45
N ARG E 376 -2.57 -8.18 6.88
CA ARG E 376 -2.48 -9.59 7.22
C ARG E 376 -2.71 -9.85 8.70
N MET E 377 -3.14 -8.82 9.44
CA MET E 377 -3.39 -8.97 10.87
C MET E 377 -4.88 -9.06 11.16
N SER E 378 -5.24 -10.02 11.98
CA SER E 378 -6.64 -10.31 12.24
C SER E 378 -7.13 -9.71 13.56
N ALA E 379 -8.44 -9.72 13.72
CA ALA E 379 -9.07 -9.32 14.96
C ALA E 379 -8.56 -10.20 16.11
N VAL E 380 -8.46 -11.49 15.85
CA VAL E 380 -7.90 -12.42 16.83
C VAL E 380 -6.47 -12.05 17.23
N ASP E 381 -5.64 -11.72 16.24
CA ASP E 381 -4.28 -11.23 16.51
C ASP E 381 -4.32 -10.01 17.45
N THR E 382 -5.28 -9.11 17.24
CA THR E 382 -5.32 -7.85 18.03
C THR E 382 -5.61 -8.11 19.49
N PHE E 383 -6.63 -8.90 19.77
CA PHE E 383 -7.00 -9.23 21.14
C PHE E 383 -5.92 -10.03 21.86
N ASN E 384 -5.27 -10.96 21.16
CA ASN E 384 -4.13 -11.68 21.73
C ASN E 384 -2.99 -10.71 22.06
N GLY E 385 -2.82 -9.69 21.23
CA GLY E 385 -1.86 -8.62 21.53
C GLY E 385 -2.27 -7.83 22.77
N ILE E 386 -3.56 -7.51 22.85
CA ILE E 386 -4.08 -6.84 24.03
C ILE E 386 -3.89 -7.71 25.27
N TYR E 387 -4.18 -9.00 25.20
CA TYR E 387 -3.98 -9.87 26.37
C TYR E 387 -2.50 -9.89 26.78
N ARG E 388 -1.63 -10.02 25.78
CA ARG E 388 -0.20 -10.04 26.00
C ARG E 388 0.27 -8.75 26.69
N LEU E 389 -0.14 -7.62 26.14
CA LEU E 389 0.19 -6.31 26.72
C LEU E 389 -0.22 -6.24 28.20
N ALA E 390 -1.43 -6.69 28.51
CA ALA E 390 -1.93 -6.62 29.87
C ALA E 390 -1.05 -7.44 30.84
N ASP E 391 -0.52 -8.57 30.36
CA ASP E 391 0.40 -9.40 31.14
C ASP E 391 1.72 -8.66 31.38
N LEU E 392 2.20 -7.96 30.36
CA LEU E 392 3.44 -7.20 30.48
C LEU E 392 3.31 -6.01 31.43
N VAL E 393 2.18 -5.29 31.34
CA VAL E 393 1.85 -4.23 32.29
C VAL E 393 1.84 -4.78 33.73
N ARG E 394 1.28 -5.98 33.91
CA ARG E 394 1.21 -6.59 35.25
C ARG E 394 2.61 -6.92 35.76
N ALA E 395 3.45 -7.49 34.90
CA ALA E 395 4.86 -7.76 35.25
C ALA E 395 5.60 -6.48 35.59
N ALA E 396 5.35 -5.42 34.82
CA ALA E 396 6.01 -4.13 35.03
C ALA E 396 5.67 -3.47 36.39
N GLU E 397 4.49 -3.77 36.95
CA GLU E 397 4.10 -3.19 38.25
C GLU E 397 5.10 -3.49 39.37
N SER E 398 5.77 -4.65 39.29
CA SER E 398 6.82 -5.00 40.24
C SER E 398 7.92 -3.94 40.30
N THR E 399 8.27 -3.39 39.15
CA THR E 399 9.26 -2.33 39.08
C THR E 399 8.68 -1.01 39.60
N TRP E 400 7.50 -0.62 39.14
CA TRP E 400 6.89 0.65 39.58
C TRP E 400 6.67 0.74 41.10
N GLU E 401 6.36 -0.38 41.72
CA GLU E 401 6.20 -0.44 43.17
C GLU E 401 7.45 -0.05 43.97
N LYS E 402 8.62 -0.15 43.33
CA LYS E 402 9.92 0.09 43.97
C LYS E 402 10.64 1.35 43.51
N ILE E 403 9.94 2.19 42.75
CA ILE E 403 10.60 3.40 42.22
C ILE E 403 9.61 4.58 42.12
N ASP E 404 10.15 5.78 42.10
CA ASP E 404 9.35 6.99 41.96
C ASP E 404 9.41 7.51 40.53
N VAL E 405 10.41 7.07 39.77
CA VAL E 405 10.60 7.50 38.40
C VAL E 405 11.55 6.53 37.74
N MET E 406 11.45 6.40 36.43
CA MET E 406 12.36 5.58 35.63
C MET E 406 13.24 6.50 34.80
N LEU E 407 14.51 6.11 34.66
CA LEU E 407 15.48 6.85 33.87
C LEU E 407 16.04 5.97 32.78
N LEU E 408 15.86 6.37 31.52
CA LEU E 408 16.37 5.63 30.38
C LEU E 408 17.15 6.51 29.43
N PRO E 409 18.06 5.91 28.64
CA PRO E 409 18.59 6.72 27.54
C PRO E 409 17.43 7.03 26.61
N THR E 410 17.39 8.21 26.04
CA THR E 410 16.30 8.55 25.13
C THR E 410 16.52 7.74 23.86
N ALA E 411 17.68 7.94 23.24
CA ALA E 411 18.12 7.16 22.10
C ALA E 411 19.45 6.49 22.47
N PRO E 412 19.57 5.18 22.20
CA PRO E 412 20.79 4.45 22.55
C PRO E 412 21.99 4.85 21.68
N THR E 413 21.72 5.32 20.45
CA THR E 413 22.81 5.76 19.56
C THR E 413 22.21 6.51 18.42
N ILE E 414 22.97 7.41 17.83
CA ILE E 414 22.58 8.10 16.61
C ILE E 414 23.26 7.57 15.33
N TYR E 415 22.61 7.75 14.17
CA TYR E 415 23.12 7.22 12.91
C TYR E 415 23.27 8.30 11.85
N THR E 416 24.11 8.01 10.85
CA THR E 416 24.25 8.92 9.72
C THR E 416 23.04 8.74 8.82
N VAL E 417 22.78 9.77 8.03
CA VAL E 417 21.74 9.67 7.01
C VAL E 417 21.99 8.51 6.08
N GLU E 418 23.23 8.41 5.61
CA GLU E 418 23.56 7.37 4.64
C GLU E 418 23.33 6.00 5.23
N ASP E 419 23.75 5.78 6.48
CA ASP E 419 23.59 4.47 7.12
C ASP E 419 22.10 4.11 7.27
N MET E 420 21.29 5.10 7.63
CA MET E 420 19.86 4.91 7.82
C MET E 420 19.16 4.62 6.49
N LEU E 421 19.47 5.40 5.46
CA LEU E 421 18.91 5.12 4.12
C LEU E 421 19.25 3.71 3.65
N ALA E 422 20.46 3.26 3.98
CA ALA E 422 20.94 1.94 3.55
C ALA E 422 20.31 0.78 4.33
N ASP E 423 19.76 1.06 5.51
CA ASP E 423 19.23 0.01 6.41
C ASP E 423 18.01 0.59 7.17
N PRO E 424 16.97 1.02 6.43
CA PRO E 424 15.98 1.96 6.97
C PRO E 424 14.98 1.37 7.95
N VAL E 425 14.85 0.06 7.98
CA VAL E 425 13.92 -0.57 8.93
C VAL E 425 14.64 -0.92 10.23
N ARG E 426 15.71 -1.71 10.12
CA ARG E 426 16.42 -2.19 11.31
C ARG E 426 16.98 -1.06 12.17
N LEU E 427 17.74 -0.14 11.57
CA LEU E 427 18.37 0.93 12.34
C LEU E 427 17.34 1.84 12.99
N ASN E 428 16.24 2.08 12.30
CA ASN E 428 15.14 2.83 12.89
C ASN E 428 14.57 2.11 14.10
N SER E 429 14.34 0.81 13.99
CA SER E 429 13.80 0.03 15.12
C SER E 429 14.72 0.12 16.34
N ASN E 430 16.03 0.08 16.10
CA ASN E 430 17.04 0.24 17.17
C ASN E 430 16.85 1.54 17.95
N LEU E 431 16.53 2.63 17.25
CA LEU E 431 16.32 3.92 17.91
C LEU E 431 15.14 3.86 18.85
N GLY E 432 14.21 2.94 18.60
CA GLY E 432 13.03 2.81 19.41
C GLY E 432 13.15 1.88 20.60
N PHE E 433 14.38 1.43 20.89
CA PHE E 433 14.61 0.40 21.91
C PHE E 433 14.12 0.82 23.29
N TYR E 434 14.36 2.08 23.65
CA TYR E 434 13.98 2.59 24.97
C TYR E 434 12.79 3.55 24.98
N THR E 435 12.09 3.68 23.85
CA THR E 435 10.93 4.59 23.73
C THR E 435 9.57 3.92 23.49
N ASN E 436 9.54 2.88 22.68
CA ASN E 436 8.31 2.38 22.07
C ASN E 436 7.25 1.78 23.01
N PHE E 437 7.56 1.61 24.29
CA PHE E 437 6.61 1.03 25.24
C PHE E 437 5.79 2.09 26.00
N VAL E 438 6.24 3.34 25.94
CA VAL E 438 5.70 4.38 26.84
C VAL E 438 4.18 4.60 26.69
N ASN E 439 3.73 4.85 25.47
CA ASN E 439 2.31 5.09 25.24
C ASN E 439 1.46 3.84 25.37
N LEU E 440 2.00 2.71 24.95
CA LEU E 440 1.31 1.44 25.15
C LEU E 440 1.00 1.17 26.61
N MET E 441 1.93 1.53 27.49
CA MET E 441 1.78 1.28 28.92
C MET E 441 1.23 2.50 29.69
N ASP E 442 0.79 3.50 28.93
CA ASP E 442 0.10 4.67 29.49
C ASP E 442 0.96 5.44 30.49
N LEU E 443 2.11 5.90 30.02
CA LEU E 443 3.06 6.57 30.87
C LEU E 443 3.28 8.00 30.44
N SER E 444 3.91 8.76 31.33
CA SER E 444 4.30 10.12 31.04
C SER E 444 5.78 10.07 30.86
N ALA E 445 6.31 10.96 30.04
CA ALA E 445 7.73 11.03 29.78
C ALA E 445 8.18 12.45 29.46
N ILE E 446 9.41 12.76 29.86
CA ILE E 446 10.05 13.98 29.41
C ILE E 446 11.51 13.72 29.10
N ALA E 447 11.92 14.13 27.91
CA ALA E 447 13.27 13.89 27.44
C ALA E 447 14.05 15.16 27.65
N VAL E 448 15.17 15.05 28.34
CA VAL E 448 16.05 16.20 28.58
C VAL E 448 17.49 15.90 28.18
N PRO E 449 18.28 16.94 27.90
CA PRO E 449 19.71 16.77 27.60
C PRO E 449 20.56 16.18 28.71
N ALA E 450 21.58 15.44 28.31
CA ALA E 450 22.51 14.79 29.23
C ALA E 450 23.91 14.84 28.62
N GLY E 451 24.26 16.00 28.08
CA GLY E 451 25.61 16.27 27.62
C GLY E 451 25.89 15.91 26.18
N PHE E 452 27.19 15.76 25.87
CA PHE E 452 27.69 15.68 24.50
C PHE E 452 28.81 14.65 24.39
N ARG E 453 28.89 14.02 23.22
CA ARG E 453 29.99 13.16 22.86
C ARG E 453 31.23 13.99 22.52
N THR E 454 32.39 13.35 22.47
CA THR E 454 33.62 14.03 22.08
C THR E 454 33.48 14.73 20.71
N ASN E 455 32.73 14.11 19.80
CA ASN E 455 32.52 14.66 18.45
C ASN E 455 31.43 15.71 18.35
N GLY E 456 30.90 16.19 19.48
CA GLY E 456 29.91 17.26 19.50
C GLY E 456 28.44 16.86 19.45
N LEU E 457 28.17 15.59 19.09
CA LEU E 457 26.80 15.09 18.98
C LEU E 457 26.19 14.86 20.36
N PRO E 458 25.01 15.45 20.61
CA PRO E 458 24.43 15.39 21.95
C PRO E 458 23.81 14.04 22.31
N PHE E 459 23.61 13.84 23.61
CA PHE E 459 23.01 12.63 24.16
C PHE E 459 21.97 13.03 25.22
N GLY E 460 20.82 12.36 25.19
CA GLY E 460 19.71 12.72 26.06
C GLY E 460 19.22 11.55 26.88
N VAL E 461 18.62 11.87 28.03
CA VAL E 461 17.94 10.86 28.82
C VAL E 461 16.48 11.24 28.90
N THR E 462 15.65 10.30 29.33
CA THR E 462 14.23 10.50 29.42
C THR E 462 13.81 10.06 30.80
N PHE E 463 13.07 10.92 31.50
CA PHE E 463 12.45 10.54 32.76
C PHE E 463 11.05 10.08 32.44
N ILE E 464 10.68 8.93 33.00
CA ILE E 464 9.39 8.35 32.75
C ILE E 464 8.65 8.15 34.07
N GLY E 465 7.39 8.60 34.11
CA GLY E 465 6.53 8.35 35.25
C GLY E 465 5.22 7.73 34.82
N ARG E 466 4.35 7.52 35.81
CA ARG E 466 3.02 7.00 35.53
C ARG E 466 2.15 8.10 34.90
N ALA E 467 0.94 7.70 34.52
CA ALA E 467 -0.06 8.63 33.99
C ALA E 467 -0.27 9.83 34.94
N PHE E 468 -0.27 11.03 34.36
CA PHE E 468 -0.55 12.29 35.08
C PHE E 468 0.53 12.70 36.09
N GLU E 469 1.72 12.10 35.98
CA GLU E 469 2.85 12.52 36.79
C GLU E 469 3.75 13.43 36.00
N ASP E 470 3.16 14.12 35.02
CA ASP E 470 3.94 14.94 34.07
C ASP E 470 4.75 16.02 34.78
N GLY E 471 4.08 16.78 35.65
CA GLY E 471 4.67 17.89 36.38
C GLY E 471 5.78 17.42 37.30
N ALA E 472 5.52 16.31 37.98
CA ALA E 472 6.50 15.70 38.86
C ALA E 472 7.81 15.36 38.11
N ILE E 473 7.69 14.69 36.98
CA ILE E 473 8.88 14.23 36.28
C ILE E 473 9.58 15.40 35.62
N ALA E 474 8.79 16.36 35.16
CA ALA E 474 9.36 17.58 34.61
C ALA E 474 10.20 18.28 35.66
N SER E 475 9.68 18.31 36.90
CA SER E 475 10.38 18.97 38.00
C SER E 475 11.74 18.33 38.23
N LEU E 476 11.78 17.00 38.24
CA LEU E 476 13.02 16.30 38.41
C LEU E 476 13.97 16.52 37.21
N GLY E 477 13.41 16.47 36.01
CA GLY E 477 14.20 16.69 34.81
C GLY E 477 14.87 18.04 34.80
N LYS E 478 14.11 19.06 35.24
CA LYS E 478 14.60 20.43 35.34
C LYS E 478 15.73 20.54 36.36
N ALA E 479 15.53 19.94 37.52
CA ALA E 479 16.58 19.93 38.56
C ALA E 479 17.82 19.19 38.07
N PHE E 480 17.62 18.17 37.25
CA PHE E 480 18.72 17.43 36.62
C PHE E 480 19.51 18.29 35.64
N VAL E 481 18.82 18.96 34.72
CA VAL E 481 19.48 19.84 33.77
C VAL E 481 20.29 20.91 34.49
N GLU E 482 19.77 21.40 35.61
CA GLU E 482 20.32 22.58 36.32
C GLU E 482 21.35 22.26 37.40
N HIS E 483 21.56 20.98 37.67
CA HIS E 483 22.62 20.54 38.51
C HIS E 483 23.76 20.21 37.49
N ASP E 484 25.01 20.68 37.62
CA ASP E 484 25.48 21.86 38.31
C ASP E 484 25.60 22.90 37.20
N LEU E 485 24.52 23.60 36.90
CA LEU E 485 24.47 24.41 35.69
C LEU E 485 24.52 25.93 35.94
N ALA E 486 25.66 26.55 35.63
CA ALA E 486 25.83 28.01 35.76
C ALA E 486 24.68 28.79 35.09
N LYS E 487 24.19 29.84 35.77
CA LYS E 487 23.10 30.70 35.26
C LYS E 487 23.68 31.98 34.70
N THR F 40 -32.97 -23.57 52.14
CA THR F 40 -33.14 -22.63 50.98
C THR F 40 -31.98 -21.65 50.89
N ASP F 41 -31.98 -20.63 51.74
CA ASP F 41 -30.93 -19.60 51.71
C ASP F 41 -29.83 -19.91 52.71
N LEU F 42 -28.81 -19.04 52.76
CA LEU F 42 -27.68 -19.22 53.67
C LEU F 42 -28.12 -19.29 55.12
N ALA F 43 -28.93 -18.32 55.54
CA ALA F 43 -29.42 -18.28 56.92
C ALA F 43 -30.04 -19.62 57.34
N SER F 44 -30.77 -20.25 56.43
CA SER F 44 -31.42 -21.54 56.71
C SER F 44 -30.40 -22.67 56.96
N TYR F 45 -29.21 -22.56 56.38
CA TYR F 45 -28.12 -23.51 56.65
C TYR F 45 -27.39 -23.15 57.93
N GLN F 46 -27.18 -21.87 58.15
CA GLN F 46 -26.51 -21.38 59.35
C GLN F 46 -27.31 -21.72 60.61
N ALA F 47 -28.62 -21.58 60.52
CA ALA F 47 -29.55 -21.92 61.62
C ALA F 47 -29.56 -23.42 61.91
N ALA F 48 -29.59 -24.23 60.85
CA ALA F 48 -29.61 -25.68 60.97
C ALA F 48 -28.32 -26.21 61.60
N TYR F 49 -27.18 -25.66 61.18
CA TYR F 49 -25.89 -26.05 61.76
C TYR F 49 -25.74 -25.61 63.23
N ALA F 50 -26.24 -24.42 63.54
CA ALA F 50 -26.25 -23.91 64.92
C ALA F 50 -27.13 -24.78 65.83
N ALA F 51 -28.30 -25.18 65.32
CA ALA F 51 -29.21 -26.05 66.06
C ALA F 51 -28.72 -27.49 66.14
N GLY F 52 -27.56 -27.79 65.55
CA GLY F 52 -26.85 -29.06 65.78
C GLY F 52 -26.84 -30.07 64.65
N THR F 53 -27.39 -29.71 63.49
CA THR F 53 -27.36 -30.62 62.35
C THR F 53 -25.92 -30.78 61.86
N ASP F 54 -25.61 -31.99 61.41
CA ASP F 54 -24.30 -32.31 60.86
C ASP F 54 -24.30 -32.00 59.36
N ALA F 55 -23.29 -31.27 58.90
CA ALA F 55 -23.19 -30.86 57.50
C ALA F 55 -23.08 -32.08 56.57
N ALA F 56 -22.40 -33.12 57.05
CA ALA F 56 -22.19 -34.33 56.26
C ALA F 56 -23.50 -35.03 55.90
N ASP F 57 -24.51 -34.89 56.75
CA ASP F 57 -25.84 -35.43 56.48
C ASP F 57 -26.61 -34.56 55.50
N VAL F 58 -26.38 -33.25 55.58
CA VAL F 58 -27.02 -32.30 54.65
C VAL F 58 -26.50 -32.52 53.24
N ILE F 59 -25.20 -32.73 53.13
CA ILE F 59 -24.58 -32.96 51.84
C ILE F 59 -24.97 -34.32 51.27
N SER F 60 -24.86 -35.37 52.06
CA SER F 60 -25.28 -36.70 51.60
C SER F 60 -26.75 -36.70 51.15
N ASP F 61 -27.62 -36.04 51.92
CA ASP F 61 -29.04 -35.94 51.56
C ASP F 61 -29.18 -35.24 50.21
N LEU F 62 -28.49 -34.11 50.06
CA LEU F 62 -28.49 -33.31 48.83
C LEU F 62 -28.08 -34.15 47.61
N TYR F 63 -26.98 -34.90 47.75
CA TYR F 63 -26.50 -35.77 46.66
C TYR F 63 -27.54 -36.84 46.30
N ALA F 64 -28.14 -37.44 47.33
CA ALA F 64 -29.22 -38.41 47.16
C ALA F 64 -30.37 -37.83 46.34
N ARG F 65 -30.86 -36.66 46.76
CA ARG F 65 -31.94 -35.95 46.05
C ARG F 65 -31.63 -35.73 44.57
N ILE F 66 -30.37 -35.43 44.25
CA ILE F 66 -29.96 -35.23 42.85
C ILE F 66 -29.98 -36.55 42.09
N LYS F 67 -29.57 -37.62 42.76
CA LYS F 67 -29.51 -38.92 42.13
C LYS F 67 -30.91 -39.50 41.88
N GLU F 68 -31.79 -39.38 42.88
CA GLU F 68 -33.15 -39.90 42.80
C GLU F 68 -33.91 -39.17 41.66
N ASP F 69 -33.52 -37.93 41.35
CA ASP F 69 -34.01 -37.20 40.15
C ASP F 69 -32.99 -37.33 38.99
N GLY F 70 -32.86 -36.33 38.12
CA GLY F 70 -31.84 -36.38 37.06
C GLY F 70 -30.61 -35.53 37.38
N GLU F 71 -29.49 -35.89 36.78
CA GLU F 71 -28.33 -35.03 36.77
C GLU F 71 -28.51 -33.98 35.69
N ASN F 72 -28.51 -34.43 34.43
CA ASN F 72 -28.94 -33.58 33.31
C ASN F 72 -30.41 -33.27 33.49
N PRO F 73 -30.85 -32.10 33.01
CA PRO F 73 -30.11 -31.08 32.24
C PRO F 73 -29.45 -29.96 33.08
N ILE F 74 -29.60 -30.02 34.40
CA ILE F 74 -29.07 -28.97 35.29
C ILE F 74 -27.59 -29.17 35.59
N TRP F 75 -27.17 -30.42 35.69
CA TRP F 75 -25.81 -30.74 36.09
C TRP F 75 -25.09 -31.54 35.03
N ILE F 76 -23.89 -31.08 34.67
CA ILE F 76 -23.01 -31.82 33.75
C ILE F 76 -22.12 -32.83 34.49
N SER F 77 -21.63 -32.44 35.68
CA SER F 77 -20.69 -33.20 36.52
C SER F 77 -21.11 -33.13 37.95
N LEU F 78 -20.75 -34.14 38.74
CA LEU F 78 -20.99 -34.14 40.16
C LEU F 78 -19.68 -34.53 40.87
N LEU F 79 -19.22 -33.72 41.82
CA LEU F 79 -18.06 -34.08 42.64
C LEU F 79 -18.44 -35.37 43.36
N PRO F 80 -17.61 -36.43 43.27
CA PRO F 80 -18.03 -37.65 43.96
C PRO F 80 -18.29 -37.40 45.45
N LEU F 81 -19.31 -38.05 46.01
CA LEU F 81 -19.71 -37.85 47.42
C LEU F 81 -18.52 -37.92 48.37
N GLU F 82 -17.63 -38.88 48.11
CA GLU F 82 -16.47 -39.13 48.94
C GLU F 82 -15.50 -37.93 48.96
N SER F 83 -15.24 -37.35 47.80
CA SER F 83 -14.40 -36.12 47.70
C SER F 83 -15.06 -34.93 48.40
N ALA F 84 -16.37 -34.79 48.24
CA ALA F 84 -17.10 -33.70 48.90
C ALA F 84 -16.95 -33.83 50.42
N LEU F 85 -17.32 -35.00 50.94
CA LEU F 85 -17.22 -35.26 52.38
C LEU F 85 -15.81 -35.07 52.90
N ALA F 86 -14.82 -35.43 52.09
CA ALA F 86 -13.41 -35.21 52.47
C ALA F 86 -13.09 -33.73 52.60
N MET F 87 -13.47 -32.94 51.59
CA MET F 87 -13.33 -31.47 51.60
C MET F 87 -14.02 -30.85 52.82
N LEU F 88 -15.18 -31.39 53.18
CA LEU F 88 -15.92 -30.95 54.35
C LEU F 88 -15.16 -31.27 55.65
N ALA F 89 -14.61 -32.47 55.74
CA ALA F 89 -13.83 -32.86 56.91
C ALA F 89 -12.64 -31.93 57.15
N ASP F 90 -11.91 -31.63 56.08
CA ASP F 90 -10.81 -30.67 56.13
C ASP F 90 -11.28 -29.30 56.66
N ALA F 91 -12.44 -28.83 56.20
CA ALA F 91 -13.03 -27.60 56.71
C ALA F 91 -13.33 -27.72 58.22
N GLN F 92 -13.92 -28.84 58.61
CA GLN F 92 -14.24 -29.11 60.01
C GLN F 92 -13.00 -28.99 60.90
N GLN F 93 -11.91 -29.64 60.47
CA GLN F 93 -10.60 -29.60 61.19
C GLN F 93 -10.13 -28.18 61.43
N ARG F 94 -10.25 -27.36 60.40
CA ARG F 94 -9.81 -25.98 60.49
C ARG F 94 -10.71 -25.15 61.39
N LYS F 95 -12.02 -25.40 61.32
CA LYS F 95 -12.96 -24.75 62.21
C LYS F 95 -12.64 -25.15 63.66
N ASP F 96 -12.29 -26.41 63.85
CA ASP F 96 -11.92 -26.95 65.16
C ASP F 96 -10.63 -26.35 65.72
N LYS F 97 -9.70 -25.96 64.85
CA LYS F 97 -8.52 -25.19 65.26
C LYS F 97 -8.78 -23.69 65.44
N GLY F 98 -10.07 -23.31 65.45
CA GLY F 98 -10.49 -21.91 65.60
C GLY F 98 -10.37 -21.06 64.36
N GLU F 99 -10.66 -21.65 63.23
CA GLU F 99 -10.47 -20.92 62.00
C GLU F 99 -11.70 -20.11 61.59
N ALA F 100 -11.46 -19.04 60.84
CA ALA F 100 -12.53 -18.18 60.30
C ALA F 100 -13.16 -18.77 59.01
N LEU F 101 -14.40 -19.28 59.09
CA LEU F 101 -15.03 -19.91 57.93
C LEU F 101 -16.47 -19.47 57.69
N PRO F 102 -16.63 -18.31 57.05
CA PRO F 102 -17.98 -17.72 56.91
C PRO F 102 -18.98 -18.52 56.08
N LEU F 103 -18.48 -19.43 55.25
CA LEU F 103 -19.35 -20.26 54.43
C LEU F 103 -19.19 -21.74 54.74
N PHE F 104 -19.06 -22.07 56.03
CA PHE F 104 -18.84 -23.46 56.42
C PHE F 104 -20.01 -24.34 56.03
N GLY F 105 -19.71 -25.42 55.33
CA GLY F 105 -20.69 -26.46 55.02
C GLY F 105 -21.79 -26.02 54.08
N ILE F 106 -21.49 -25.03 53.25
CA ILE F 106 -22.46 -24.57 52.27
C ILE F 106 -22.16 -25.11 50.87
N PRO F 107 -23.10 -25.91 50.32
CA PRO F 107 -22.86 -26.43 48.99
C PRO F 107 -23.16 -25.38 47.94
N PHE F 108 -22.41 -25.41 46.84
CA PHE F 108 -22.73 -24.56 45.70
C PHE F 108 -22.47 -25.23 44.35
N GLY F 109 -23.15 -24.75 43.31
CA GLY F 109 -22.91 -25.18 41.94
C GLY F 109 -21.92 -24.23 41.26
N VAL F 110 -21.19 -24.75 40.28
CA VAL F 110 -20.22 -23.96 39.53
C VAL F 110 -20.43 -24.15 38.04
N LYS F 111 -20.71 -23.05 37.34
CA LYS F 111 -20.89 -23.07 35.90
C LYS F 111 -19.69 -23.77 35.29
N ASP F 112 -19.94 -24.63 34.31
CA ASP F 112 -18.90 -25.52 33.80
C ASP F 112 -17.92 -24.88 32.82
N ASN F 113 -17.78 -23.55 32.87
CA ASN F 113 -16.64 -22.89 32.24
C ASN F 113 -15.59 -22.47 33.28
N ILE F 114 -15.86 -22.80 34.54
CA ILE F 114 -14.99 -22.42 35.67
C ILE F 114 -14.35 -23.64 36.30
N ASP F 115 -13.05 -23.59 36.59
CA ASP F 115 -12.33 -24.77 37.10
C ASP F 115 -12.68 -25.17 38.56
N VAL F 116 -13.02 -26.43 38.74
CA VAL F 116 -13.07 -27.06 40.05
C VAL F 116 -12.16 -28.28 40.02
N ALA F 117 -11.21 -28.37 40.94
CA ALA F 117 -10.23 -29.45 40.98
C ALA F 117 -10.93 -30.80 41.16
N GLY F 118 -10.54 -31.77 40.33
CA GLY F 118 -11.14 -33.10 40.36
C GLY F 118 -12.18 -33.31 39.28
N LEU F 119 -12.75 -32.22 38.76
CA LEU F 119 -13.83 -32.30 37.77
C LEU F 119 -13.45 -31.72 36.41
N PRO F 120 -13.88 -32.38 35.32
CA PRO F 120 -13.57 -31.81 34.01
C PRO F 120 -14.28 -30.46 33.83
N THR F 121 -13.66 -29.58 33.05
CA THR F 121 -14.28 -28.33 32.67
C THR F 121 -14.64 -28.44 31.18
N THR F 122 -15.90 -28.78 30.90
CA THR F 122 -16.36 -29.02 29.52
C THR F 122 -16.69 -27.77 28.74
N ALA F 123 -17.05 -26.72 29.46
CA ALA F 123 -17.67 -25.52 28.89
C ALA F 123 -18.87 -25.84 27.98
N GLY F 124 -19.57 -26.93 28.28
CA GLY F 124 -20.75 -27.34 27.51
C GLY F 124 -20.38 -27.93 26.17
N CYS F 125 -19.16 -28.44 26.08
CA CYS F 125 -18.63 -28.98 24.84
C CYS F 125 -18.27 -30.44 25.08
N THR F 126 -18.69 -31.33 24.19
CA THR F 126 -18.44 -32.77 24.40
C THR F 126 -17.02 -33.18 24.01
N GLY F 127 -16.27 -32.28 23.37
CA GLY F 127 -14.90 -32.56 22.90
C GLY F 127 -13.86 -31.53 23.35
N PHE F 128 -14.19 -30.80 24.42
CA PHE F 128 -13.28 -29.87 25.06
C PHE F 128 -12.66 -30.59 26.27
N ALA F 129 -11.51 -31.23 26.05
CA ALA F 129 -10.81 -31.87 27.15
C ALA F 129 -10.10 -30.81 28.01
N ARG F 130 -10.23 -30.97 29.33
CA ARG F 130 -9.60 -30.08 30.30
C ARG F 130 -10.08 -30.49 31.69
N THR F 131 -9.21 -31.15 32.45
CA THR F 131 -9.48 -31.45 33.87
C THR F 131 -8.43 -30.76 34.71
N PRO F 132 -8.81 -29.69 35.43
CA PRO F 132 -7.77 -28.91 36.09
C PRO F 132 -7.21 -29.53 37.38
N ARG F 133 -5.91 -29.28 37.60
CA ARG F 133 -5.15 -29.63 38.81
C ARG F 133 -5.73 -28.88 40.02
N GLN F 134 -6.06 -27.60 39.79
CA GLN F 134 -6.38 -26.66 40.85
C GLN F 134 -7.75 -26.03 40.68
N HIS F 135 -8.32 -25.58 41.79
CA HIS F 135 -9.52 -24.76 41.76
C HIS F 135 -9.21 -23.44 41.08
N ALA F 136 -10.20 -22.88 40.38
CA ALA F 136 -10.11 -21.49 39.91
C ALA F 136 -9.91 -20.59 41.14
N PHE F 137 -9.24 -19.46 40.93
CA PHE F 137 -8.89 -18.58 42.05
C PHE F 137 -10.10 -18.24 42.93
N VAL F 138 -11.25 -17.97 42.31
CA VAL F 138 -12.46 -17.60 43.03
C VAL F 138 -13.04 -18.80 43.79
N VAL F 139 -13.06 -19.95 43.13
CA VAL F 139 -13.57 -21.15 43.74
C VAL F 139 -12.66 -21.51 44.95
N GLN F 140 -11.36 -21.27 44.82
CA GLN F 140 -10.42 -21.56 45.89
C GLN F 140 -10.78 -20.75 47.12
N ARG F 141 -11.06 -19.46 46.92
CA ARG F 141 -11.41 -18.62 48.05
C ARG F 141 -12.67 -19.10 48.75
N LEU F 142 -13.62 -19.63 47.99
CA LEU F 142 -14.87 -20.12 48.57
C LEU F 142 -14.63 -21.41 49.36
N VAL F 143 -13.85 -22.33 48.79
CA VAL F 143 -13.48 -23.56 49.50
C VAL F 143 -12.71 -23.18 50.75
N ASP F 144 -11.81 -22.20 50.66
CA ASP F 144 -11.06 -21.71 51.82
C ASP F 144 -12.00 -21.22 52.91
N ALA F 145 -13.12 -20.63 52.51
CA ALA F 145 -14.11 -20.14 53.48
C ALA F 145 -15.08 -21.24 53.94
N GLY F 146 -14.83 -22.48 53.52
CA GLY F 146 -15.57 -23.65 54.02
C GLY F 146 -16.67 -24.17 53.09
N ALA F 147 -16.85 -23.52 51.95
CA ALA F 147 -17.92 -23.90 51.03
C ALA F 147 -17.48 -25.13 50.27
N ILE F 148 -18.44 -25.85 49.72
CA ILE F 148 -18.13 -27.09 49.00
C ILE F 148 -18.82 -27.11 47.64
N PRO F 149 -18.01 -27.21 46.58
CA PRO F 149 -18.59 -27.19 45.26
C PRO F 149 -19.06 -28.58 44.87
N ILE F 150 -20.38 -28.77 44.87
CA ILE F 150 -21.00 -30.05 44.59
C ILE F 150 -20.74 -30.57 43.20
N GLY F 151 -20.67 -29.66 42.24
CA GLY F 151 -20.59 -30.09 40.86
C GLY F 151 -20.57 -28.93 39.88
N LYS F 152 -20.60 -29.29 38.60
CA LYS F 152 -20.52 -28.34 37.51
C LYS F 152 -21.89 -28.23 36.86
N THR F 153 -22.36 -27.00 36.66
CA THR F 153 -23.70 -26.78 36.08
C THR F 153 -23.67 -26.54 34.57
N ASN F 154 -24.78 -26.85 33.92
CA ASN F 154 -24.93 -26.69 32.46
C ASN F 154 -24.93 -25.23 32.05
N LEU F 155 -24.66 -25.00 30.78
CA LEU F 155 -24.57 -23.64 30.25
C LEU F 155 -24.81 -23.61 28.74
N ASP F 156 -25.00 -22.41 28.20
CA ASP F 156 -24.85 -22.21 26.77
C ASP F 156 -23.37 -22.36 26.48
N GLN F 157 -23.08 -23.21 25.50
CA GLN F 157 -21.74 -23.59 25.19
C GLN F 157 -20.83 -22.39 25.01
N PHE F 158 -19.66 -22.45 25.67
CA PHE F 158 -18.65 -21.39 25.66
C PHE F 158 -19.22 -20.03 26.04
N ALA F 159 -20.22 -20.08 26.90
CA ALA F 159 -20.90 -18.91 27.42
C ALA F 159 -21.35 -17.97 26.29
N THR F 160 -21.78 -18.56 25.18
CA THR F 160 -22.20 -17.79 24.03
C THR F 160 -23.70 -18.01 23.80
N GLY F 161 -24.52 -17.13 24.37
CA GLY F 161 -25.96 -17.33 24.43
C GLY F 161 -26.56 -16.70 25.68
N LEU F 162 -27.82 -16.31 25.61
CA LEU F 162 -28.51 -15.75 26.78
C LEU F 162 -29.77 -16.55 27.12
N ASN F 163 -29.87 -17.80 26.68
CA ASN F 163 -31.13 -18.55 26.86
C ASN F 163 -31.02 -19.94 27.48
N GLY F 164 -29.97 -20.67 27.17
CA GLY F 164 -29.68 -21.94 27.84
C GLY F 164 -29.98 -23.16 27.00
N THR F 165 -30.49 -22.95 25.79
CA THR F 165 -30.79 -24.04 24.85
C THR F 165 -29.57 -24.50 24.07
N ARG F 166 -28.51 -23.71 24.06
CA ARG F 166 -27.34 -24.00 23.21
C ARG F 166 -26.35 -24.96 23.90
N THR F 167 -26.81 -26.17 24.19
CA THR F 167 -26.02 -27.15 24.90
C THR F 167 -26.35 -28.54 24.38
N PRO F 168 -25.40 -29.50 24.44
CA PRO F 168 -25.73 -30.88 24.11
C PRO F 168 -26.05 -31.73 25.34
N PHE F 169 -26.16 -31.11 26.51
CA PHE F 169 -26.35 -31.86 27.77
C PHE F 169 -27.79 -31.84 28.27
N GLY F 170 -28.73 -31.58 27.37
CA GLY F 170 -30.13 -31.40 27.72
C GLY F 170 -30.40 -29.94 28.04
N ILE F 171 -31.61 -29.48 27.73
CA ILE F 171 -31.98 -28.07 27.91
C ILE F 171 -32.59 -27.77 29.28
N PRO F 172 -31.89 -26.97 30.12
CA PRO F 172 -32.48 -26.54 31.38
C PRO F 172 -33.66 -25.61 31.16
N ARG F 173 -34.54 -25.55 32.15
CA ARG F 173 -35.84 -24.90 31.98
C ARG F 173 -36.13 -23.93 33.09
N CYS F 174 -36.92 -22.92 32.74
CA CYS F 174 -37.51 -22.03 33.73
C CYS F 174 -38.24 -22.87 34.78
N VAL F 175 -37.89 -22.63 36.04
CA VAL F 175 -38.47 -23.33 37.17
C VAL F 175 -39.95 -23.01 37.32
N PHE F 176 -40.38 -21.86 36.84
CA PHE F 176 -41.77 -21.48 36.95
C PHE F 176 -42.64 -22.01 35.83
N ASN F 177 -42.02 -22.73 34.89
CA ASN F 177 -42.74 -23.30 33.74
C ASN F 177 -41.77 -23.98 32.77
N GLU F 178 -41.78 -25.32 32.77
CA GLU F 178 -40.85 -26.11 31.95
C GLU F 178 -40.84 -25.74 30.48
N ASN F 179 -41.95 -25.21 29.96
CA ASN F 179 -42.04 -24.85 28.53
C ASN F 179 -41.13 -23.68 28.14
N TYR F 180 -40.74 -22.88 29.13
CA TYR F 180 -39.94 -21.68 28.88
C TYR F 180 -38.45 -21.89 29.16
N VAL F 181 -37.63 -21.07 28.49
CA VAL F 181 -36.18 -21.15 28.60
C VAL F 181 -35.74 -20.84 30.02
N SER F 182 -34.69 -21.52 30.49
CA SER F 182 -34.07 -21.21 31.77
C SER F 182 -33.46 -19.82 31.75
N GLY F 183 -33.02 -19.41 30.57
CA GLY F 183 -32.21 -18.24 30.43
C GLY F 183 -30.76 -18.63 30.56
N GLY F 184 -29.96 -17.90 29.82
CA GLY F 184 -28.96 -17.02 30.38
C GLY F 184 -27.53 -17.18 29.95
N SER F 185 -27.14 -18.41 29.66
CA SER F 185 -25.76 -18.86 29.58
C SER F 185 -25.46 -19.53 30.89
N SER F 186 -25.65 -18.82 32.01
CA SER F 186 -25.49 -19.45 33.34
C SER F 186 -26.77 -20.18 33.74
N SER F 187 -27.19 -21.11 32.89
CA SER F 187 -28.53 -21.68 32.97
C SER F 187 -28.71 -22.62 34.14
N GLY F 188 -27.89 -23.66 34.21
CA GLY F 188 -27.99 -24.63 35.31
C GLY F 188 -27.60 -24.05 36.65
N SER F 189 -26.72 -23.06 36.64
CA SER F 189 -26.34 -22.39 37.88
C SER F 189 -27.54 -21.71 38.51
N ALA F 190 -28.42 -21.16 37.67
CA ALA F 190 -29.62 -20.46 38.12
C ALA F 190 -30.72 -21.43 38.55
N VAL F 191 -30.94 -22.47 37.74
CA VAL F 191 -31.98 -23.45 38.05
C VAL F 191 -31.66 -24.17 39.36
N ALA F 192 -30.40 -24.53 39.54
CA ALA F 192 -29.96 -25.26 40.72
C ALA F 192 -30.17 -24.47 42.01
N VAL F 193 -30.20 -23.14 41.91
CA VAL F 193 -30.49 -22.31 43.07
C VAL F 193 -31.99 -22.16 43.25
N ALA F 194 -32.67 -21.83 42.16
CA ALA F 194 -34.11 -21.57 42.20
C ALA F 194 -34.94 -22.81 42.53
N ASN F 195 -34.43 -23.98 42.18
CA ASN F 195 -35.08 -25.24 42.45
C ASN F 195 -34.84 -25.73 43.85
N GLY F 196 -33.99 -25.03 44.58
CA GLY F 196 -33.79 -25.26 46.01
C GLY F 196 -32.62 -26.18 46.32
N THR F 197 -31.96 -26.67 45.29
CA THR F 197 -30.88 -27.63 45.49
C THR F 197 -29.71 -27.00 46.25
N VAL F 198 -29.28 -25.83 45.79
CA VAL F 198 -28.19 -25.11 46.46
C VAL F 198 -28.57 -23.67 46.77
N PRO F 199 -27.96 -23.10 47.82
CA PRO F 199 -28.25 -21.73 48.23
C PRO F 199 -27.58 -20.66 47.38
N PHE F 200 -26.40 -20.96 46.84
CA PHE F 200 -25.86 -20.13 45.76
C PHE F 200 -25.14 -20.94 44.70
N SER F 201 -24.74 -20.24 43.64
CA SER F 201 -23.92 -20.80 42.60
C SER F 201 -23.13 -19.70 41.89
N LEU F 202 -22.12 -20.12 41.14
CA LEU F 202 -21.35 -19.21 40.32
C LEU F 202 -21.77 -19.30 38.87
N GLY F 203 -21.97 -18.14 38.27
CA GLY F 203 -22.19 -18.02 36.86
C GLY F 203 -21.04 -17.21 36.33
N THR F 204 -21.15 -16.87 35.05
CA THR F 204 -20.29 -15.87 34.44
C THR F 204 -21.16 -14.95 33.63
N ASP F 205 -20.63 -13.77 33.35
CA ASP F 205 -21.39 -12.76 32.67
C ASP F 205 -20.46 -12.02 31.76
N THR F 206 -20.79 -12.03 30.47
CA THR F 206 -20.09 -11.25 29.45
C THR F 206 -21.08 -10.29 28.80
N ALA F 207 -22.13 -10.85 28.20
CA ALA F 207 -23.19 -10.06 27.57
C ALA F 207 -24.35 -9.84 28.52
N GLY F 208 -24.61 -10.80 29.40
CA GLY F 208 -25.68 -10.68 30.38
C GLY F 208 -26.02 -12.00 31.02
N SER F 209 -25.08 -12.93 30.95
CA SER F 209 -25.32 -14.30 31.36
C SER F 209 -25.44 -14.52 32.85
N GLY F 210 -25.07 -13.51 33.64
CA GLY F 210 -25.20 -13.58 35.10
C GLY F 210 -26.46 -12.92 35.61
N ARG F 211 -27.30 -12.43 34.68
CA ARG F 211 -28.47 -11.62 35.00
C ARG F 211 -29.76 -12.12 34.34
N ILE F 212 -29.71 -12.40 33.05
CA ILE F 212 -30.87 -12.97 32.37
C ILE F 212 -31.41 -14.16 33.17
N PRO F 213 -30.58 -15.16 33.49
CA PRO F 213 -31.13 -16.33 34.17
C PRO F 213 -31.69 -16.02 35.57
N ALA F 214 -31.15 -14.99 36.22
CA ALA F 214 -31.71 -14.59 37.51
C ALA F 214 -33.14 -14.09 37.30
N ALA F 215 -33.30 -13.20 36.32
CA ALA F 215 -34.61 -12.60 36.03
C ALA F 215 -35.67 -13.66 35.74
N PHE F 216 -35.31 -14.67 34.96
CA PHE F 216 -36.26 -15.72 34.61
C PHE F 216 -36.59 -16.68 35.73
N ASN F 217 -35.79 -16.67 36.79
CA ASN F 217 -35.99 -17.64 37.88
C ASN F 217 -36.13 -16.99 39.23
N ASN F 218 -36.46 -15.70 39.23
CA ASN F 218 -36.82 -14.97 40.43
C ASN F 218 -35.68 -14.96 41.45
N LEU F 219 -34.46 -14.88 40.95
CA LEU F 219 -33.26 -14.88 41.78
C LEU F 219 -32.55 -13.55 41.72
N VAL F 220 -31.54 -13.41 42.59
CA VAL F 220 -30.64 -12.27 42.55
C VAL F 220 -29.38 -12.66 41.78
N GLY F 221 -28.99 -11.79 40.86
CA GLY F 221 -27.79 -11.99 40.05
C GLY F 221 -26.80 -10.84 40.24
N LEU F 222 -25.71 -11.11 40.96
CA LEU F 222 -24.73 -10.06 41.22
C LEU F 222 -23.61 -10.19 40.19
N LYS F 223 -23.49 -9.18 39.35
CA LYS F 223 -22.42 -9.10 38.36
C LYS F 223 -21.39 -8.11 38.84
N PRO F 224 -20.24 -8.60 39.29
CA PRO F 224 -19.28 -7.65 39.85
C PRO F 224 -18.54 -6.84 38.80
N THR F 225 -18.04 -5.70 39.22
CA THR F 225 -17.20 -4.88 38.38
C THR F 225 -16.10 -5.75 37.78
N LYS F 226 -15.75 -5.50 36.52
CA LYS F 226 -14.67 -6.23 35.86
C LYS F 226 -13.39 -6.19 36.67
N GLY F 227 -12.77 -7.34 36.86
CA GLY F 227 -11.50 -7.43 37.59
C GLY F 227 -11.60 -7.50 39.11
N LEU F 228 -12.81 -7.31 39.65
CA LEU F 228 -13.04 -7.46 41.07
C LEU F 228 -12.86 -8.93 41.48
N PHE F 229 -13.45 -9.83 40.68
CA PHE F 229 -13.22 -11.27 40.79
C PHE F 229 -12.13 -11.70 39.81
N SER F 230 -11.29 -12.65 40.23
CA SER F 230 -10.23 -13.15 39.36
C SER F 230 -10.79 -13.96 38.20
N GLY F 231 -10.09 -13.91 37.07
CA GLY F 231 -10.42 -14.73 35.93
C GLY F 231 -9.55 -15.97 35.80
N SER F 232 -8.67 -16.23 36.77
CA SER F 232 -7.82 -17.42 36.71
C SER F 232 -8.62 -18.68 36.94
N GLY F 233 -8.44 -19.65 36.03
CA GLY F 233 -9.20 -20.89 36.06
C GLY F 233 -10.59 -20.79 35.45
N LEU F 234 -10.83 -19.75 34.66
CA LEU F 234 -12.06 -19.61 33.90
C LEU F 234 -11.73 -19.71 32.43
N VAL F 235 -12.48 -20.54 31.71
CA VAL F 235 -12.34 -20.62 30.26
C VAL F 235 -12.92 -19.34 29.70
N PRO F 236 -12.09 -18.50 29.07
CA PRO F 236 -12.62 -17.23 28.63
C PRO F 236 -13.65 -17.33 27.49
N ALA F 237 -14.58 -16.39 27.49
CA ALA F 237 -15.45 -16.12 26.36
C ALA F 237 -14.90 -14.86 25.67
N ALA F 238 -15.09 -13.71 26.30
CA ALA F 238 -14.39 -12.50 25.90
C ALA F 238 -13.55 -12.03 27.09
N ARG F 239 -12.27 -12.41 27.06
CA ARG F 239 -11.38 -12.17 28.19
C ARG F 239 -11.41 -10.74 28.73
N SER F 240 -11.43 -9.74 27.85
CA SER F 240 -11.44 -8.33 28.30
C SER F 240 -12.77 -7.91 28.92
N LEU F 241 -13.79 -8.77 28.85
CA LEU F 241 -15.12 -8.43 29.37
C LEU F 241 -15.67 -9.39 30.44
N ASP F 242 -15.23 -10.64 30.42
CA ASP F 242 -15.75 -11.68 31.32
C ASP F 242 -15.73 -11.29 32.79
N CYS F 243 -16.75 -11.75 33.53
CA CYS F 243 -16.83 -11.65 34.98
C CYS F 243 -17.47 -12.89 35.52
N ILE F 244 -16.82 -13.56 36.44
CA ILE F 244 -17.49 -14.58 37.21
C ILE F 244 -18.55 -13.85 38.03
N SER F 245 -19.70 -14.48 38.23
CA SER F 245 -20.86 -13.82 38.83
C SER F 245 -21.54 -14.71 39.86
N VAL F 246 -22.37 -14.09 40.68
CA VAL F 246 -23.03 -14.80 41.77
C VAL F 246 -24.53 -14.88 41.56
N LEU F 247 -25.07 -16.07 41.80
CA LEU F 247 -26.51 -16.30 41.80
C LEU F 247 -26.95 -16.82 43.17
N ALA F 248 -27.98 -16.16 43.72
CA ALA F 248 -28.52 -16.49 45.03
C ALA F 248 -29.98 -16.07 45.11
N HIS F 249 -30.63 -16.38 46.24
CA HIS F 249 -32.03 -15.99 46.47
C HIS F 249 -32.16 -14.53 46.91
N THR F 250 -31.14 -14.00 47.59
CA THR F 250 -31.20 -12.65 48.14
C THR F 250 -29.91 -11.88 47.95
N VAL F 251 -30.02 -10.58 48.20
CA VAL F 251 -28.89 -9.68 48.00
C VAL F 251 -27.84 -9.93 49.07
N ASP F 252 -28.29 -10.13 50.30
CA ASP F 252 -27.39 -10.42 51.41
C ASP F 252 -26.51 -11.62 51.12
N ASP F 253 -27.14 -12.68 50.65
CA ASP F 253 -26.43 -13.91 50.33
C ASP F 253 -25.47 -13.67 49.19
N ALA F 254 -25.96 -13.02 48.15
CA ALA F 254 -25.13 -12.69 46.99
C ALA F 254 -23.91 -11.89 47.42
N LEU F 255 -24.15 -10.91 48.28
CA LEU F 255 -23.08 -10.09 48.83
C LEU F 255 -22.12 -10.89 49.71
N ALA F 256 -22.69 -11.75 50.57
CA ALA F 256 -21.88 -12.58 51.45
C ALA F 256 -20.87 -13.40 50.65
N VAL F 257 -21.33 -13.97 49.52
CA VAL F 257 -20.48 -14.74 48.63
C VAL F 257 -19.50 -13.85 47.90
N ALA F 258 -19.98 -12.75 47.35
CA ALA F 258 -19.11 -11.82 46.62
C ALA F 258 -17.90 -11.35 47.44
N ARG F 259 -18.13 -11.04 48.73
CA ARG F 259 -17.06 -10.53 49.60
C ARG F 259 -15.92 -11.54 49.75
N VAL F 260 -16.30 -12.80 49.85
CA VAL F 260 -15.34 -13.90 49.90
C VAL F 260 -14.63 -14.09 48.55
N ALA F 261 -15.39 -14.01 47.46
CA ALA F 261 -14.88 -14.31 46.12
C ALA F 261 -14.00 -13.22 45.56
N ALA F 262 -14.34 -11.99 45.91
CA ALA F 262 -13.64 -10.81 45.41
C ALA F 262 -12.22 -10.77 45.93
N GLY F 263 -11.29 -10.27 45.11
CA GLY F 263 -9.91 -10.11 45.54
C GLY F 263 -8.91 -10.12 44.40
N TYR F 264 -7.81 -9.41 44.62
CA TYR F 264 -6.78 -9.26 43.61
C TYR F 264 -5.99 -10.55 43.43
N ASP F 265 -5.83 -10.94 42.16
CA ASP F 265 -5.03 -12.09 41.80
C ASP F 265 -3.91 -11.60 40.88
N ALA F 266 -2.70 -11.52 41.45
CA ALA F 266 -1.51 -11.04 40.75
C ALA F 266 -1.24 -11.77 39.42
N ASP F 267 -1.65 -13.03 39.32
CA ASP F 267 -1.42 -13.80 38.09
C ASP F 267 -2.42 -13.45 36.98
N ASP F 268 -3.52 -12.78 37.34
CA ASP F 268 -4.53 -12.39 36.36
C ASP F 268 -4.34 -10.93 35.96
N ALA F 269 -3.85 -10.72 34.75
CA ALA F 269 -3.51 -9.38 34.27
C ALA F 269 -4.70 -8.44 34.18
N PHE F 270 -5.91 -8.99 34.25
CA PHE F 270 -7.15 -8.19 34.24
C PHE F 270 -7.76 -8.04 35.61
N SER F 271 -7.14 -8.66 36.61
CA SER F 271 -7.55 -8.48 38.01
C SER F 271 -7.19 -7.08 38.49
N ARG F 272 -8.11 -6.47 39.25
CA ARG F 272 -7.92 -5.12 39.80
C ARG F 272 -8.07 -5.11 41.31
N LYS F 273 -7.51 -4.11 41.97
CA LYS F 273 -7.66 -3.97 43.41
C LYS F 273 -8.88 -3.09 43.63
N ALA F 274 -9.74 -3.49 44.55
CA ALA F 274 -10.88 -2.71 44.92
C ALA F 274 -11.02 -2.68 46.43
N GLY F 275 -11.45 -3.80 47.02
CA GLY F 275 -11.38 -3.93 48.46
C GLY F 275 -12.18 -2.89 49.22
N ALA F 276 -11.97 -2.94 50.53
CA ALA F 276 -12.66 -2.16 51.51
C ALA F 276 -14.16 -1.97 51.21
N ALA F 277 -14.51 -0.83 50.65
CA ALA F 277 -15.90 -0.41 50.49
C ALA F 277 -16.65 -1.08 49.34
N ALA F 278 -15.94 -1.40 48.25
CA ALA F 278 -16.55 -1.69 46.95
C ALA F 278 -17.75 -2.59 47.14
N LEU F 279 -17.71 -3.49 48.11
CA LEU F 279 -18.84 -4.36 48.42
C LEU F 279 -19.50 -4.05 49.79
N THR F 280 -19.17 -2.91 50.38
CA THR F 280 -19.81 -2.45 51.64
C THR F 280 -21.23 -1.97 51.37
N GLU F 281 -22.15 -2.43 52.20
CA GLU F 281 -23.54 -2.07 52.10
C GLU F 281 -23.87 -0.86 52.96
N LYS F 282 -24.02 0.31 52.34
CA LYS F 282 -24.55 1.52 53.04
C LYS F 282 -26.10 1.40 53.09
N SER F 283 -26.77 2.53 53.30
CA SER F 283 -28.19 2.68 53.08
C SER F 283 -28.36 3.98 52.32
N TRP F 284 -29.37 4.01 51.48
CA TRP F 284 -29.51 5.11 50.53
C TRP F 284 -30.16 6.36 51.12
N PRO F 285 -29.71 7.55 50.66
CA PRO F 285 -30.32 8.78 51.15
C PRO F 285 -31.80 8.87 50.81
N ARG F 286 -32.50 9.79 51.49
CA ARG F 286 -33.93 9.96 51.33
C ARG F 286 -34.27 10.33 49.87
N ARG F 287 -33.39 11.08 49.22
CA ARG F 287 -33.59 11.45 47.82
C ARG F 287 -32.40 11.08 46.95
N PHE F 288 -32.70 10.60 45.75
CA PHE F 288 -31.67 10.28 44.77
C PHE F 288 -32.25 10.32 43.38
N ASN F 289 -31.37 10.29 42.39
CA ASN F 289 -31.74 10.25 41.00
C ASN F 289 -31.43 8.92 40.38
N PHE F 290 -32.34 8.43 39.56
CA PHE F 290 -32.12 7.20 38.85
C PHE F 290 -32.56 7.37 37.41
N GLY F 291 -31.77 6.80 36.49
CA GLY F 291 -32.01 7.00 35.08
C GLY F 291 -32.84 5.87 34.52
N VAL F 292 -33.78 6.22 33.65
CA VAL F 292 -34.55 5.24 32.91
C VAL F 292 -34.67 5.69 31.46
N PRO F 293 -34.49 4.77 30.51
CA PRO F 293 -34.62 5.17 29.11
C PRO F 293 -35.98 5.75 28.77
N ALA F 294 -35.97 6.75 27.89
CA ALA F 294 -37.17 7.43 27.41
C ALA F 294 -38.21 6.42 27.02
N ALA F 295 -39.45 6.64 27.43
CA ALA F 295 -40.60 5.80 27.05
C ALA F 295 -40.63 5.41 25.54
N GLU F 296 -40.35 6.37 24.65
CA GLU F 296 -40.40 6.17 23.18
C GLU F 296 -39.39 5.16 22.61
N HIS F 297 -38.30 4.92 23.35
CA HIS F 297 -37.23 4.04 22.88
C HIS F 297 -37.18 2.72 23.68
N ARG F 298 -38.06 2.53 24.65
CA ARG F 298 -38.13 1.28 25.39
C ARG F 298 -38.59 0.19 24.46
N GLN F 299 -38.17 -1.02 24.72
CA GLN F 299 -38.35 -2.14 23.82
C GLN F 299 -38.71 -3.41 24.59
N PHE F 300 -39.94 -3.87 24.42
CA PHE F 300 -40.41 -5.06 25.12
C PHE F 300 -40.83 -6.16 24.16
N PHE F 301 -40.59 -5.96 22.87
CA PHE F 301 -40.86 -6.97 21.86
C PHE F 301 -42.23 -7.62 22.02
N GLY F 302 -43.25 -6.79 22.16
CA GLY F 302 -44.64 -7.24 22.23
C GLY F 302 -45.12 -7.75 23.58
N ASP F 303 -44.27 -7.73 24.60
CA ASP F 303 -44.64 -8.24 25.92
C ASP F 303 -45.22 -7.12 26.78
N ALA F 304 -46.53 -6.91 26.64
CA ALA F 304 -47.25 -5.85 27.32
C ALA F 304 -47.20 -5.95 28.85
N GLU F 305 -47.28 -7.17 29.38
CA GLU F 305 -47.24 -7.38 30.83
C GLU F 305 -45.90 -6.96 31.43
N ALA F 306 -44.82 -7.27 30.73
CA ALA F 306 -43.48 -6.91 31.16
C ALA F 306 -43.33 -5.40 31.21
N GLU F 307 -43.81 -4.72 30.17
CA GLU F 307 -43.83 -3.26 30.14
C GLU F 307 -44.53 -2.65 31.37
N ALA F 308 -45.67 -3.24 31.75
CA ALA F 308 -46.46 -2.73 32.86
C ALA F 308 -45.78 -3.00 34.20
N LEU F 309 -45.17 -4.16 34.31
CA LEU F 309 -44.41 -4.55 35.50
C LEU F 309 -43.17 -3.68 35.68
N PHE F 310 -42.57 -3.25 34.57
CA PHE F 310 -41.45 -2.34 34.65
C PHE F 310 -41.91 -0.98 35.17
N ASN F 311 -43.02 -0.48 34.62
CA ASN F 311 -43.64 0.73 35.12
C ASN F 311 -43.93 0.68 36.63
N LYS F 312 -44.39 -0.46 37.13
CA LYS F 312 -44.55 -0.64 38.59
C LYS F 312 -43.23 -0.45 39.33
N ALA F 313 -42.18 -1.03 38.77
CA ALA F 313 -40.85 -0.94 39.34
C ALA F 313 -40.36 0.50 39.38
N VAL F 314 -40.62 1.26 38.32
CA VAL F 314 -40.25 2.68 38.28
C VAL F 314 -40.99 3.45 39.40
N ARG F 315 -42.31 3.26 39.49
CA ARG F 315 -43.16 3.91 40.53
C ARG F 315 -42.66 3.61 41.94
N LYS F 316 -42.36 2.34 42.17
CA LYS F 316 -41.89 1.87 43.46
C LYS F 316 -40.59 2.57 43.88
N LEU F 317 -39.67 2.76 42.93
CA LEU F 317 -38.40 3.44 43.21
C LEU F 317 -38.62 4.92 43.46
N GLU F 318 -39.60 5.49 42.78
CA GLU F 318 -40.02 6.87 43.02
C GLU F 318 -40.54 7.01 44.46
N GLU F 319 -41.38 6.07 44.87
CA GLU F 319 -41.93 6.08 46.24
C GLU F 319 -40.86 5.90 47.33
N MET F 320 -39.72 5.32 46.97
CA MET F 320 -38.61 5.20 47.91
C MET F 320 -37.73 6.46 47.92
N GLY F 321 -38.12 7.50 47.19
CA GLY F 321 -37.38 8.77 47.19
C GLY F 321 -36.61 9.09 45.91
N GLY F 322 -36.78 8.23 44.91
CA GLY F 322 -36.08 8.41 43.65
C GLY F 322 -36.77 9.38 42.72
N THR F 323 -35.98 10.24 42.09
CA THR F 323 -36.46 11.06 41.00
C THR F 323 -36.06 10.41 39.69
N CYS F 324 -37.05 10.14 38.84
CA CYS F 324 -36.83 9.45 37.58
C CYS F 324 -36.30 10.40 36.52
N ILE F 325 -35.09 10.13 36.05
CA ILE F 325 -34.48 10.95 35.01
C ILE F 325 -34.60 10.19 33.71
N SER F 326 -35.22 10.81 32.72
CA SER F 326 -35.32 10.20 31.41
C SER F 326 -33.99 10.41 30.66
N PHE F 327 -33.53 9.41 29.90
CA PHE F 327 -32.35 9.60 29.06
C PHE F 327 -32.44 8.86 27.72
N ASP F 328 -31.63 9.35 26.77
CA ASP F 328 -31.46 8.83 25.43
C ASP F 328 -30.70 7.51 25.53
N TYR F 329 -31.36 6.37 25.24
CA TYR F 329 -30.74 5.03 25.33
C TYR F 329 -29.72 4.83 24.19
N THR F 330 -29.72 5.74 23.21
CA THR F 330 -28.99 5.58 21.95
C THR F 330 -27.60 4.97 22.08
N PRO F 331 -26.66 5.71 22.71
CA PRO F 331 -25.34 5.14 22.73
C PRO F 331 -25.23 3.86 23.49
N PHE F 332 -26.12 3.62 24.46
CA PHE F 332 -26.07 2.37 25.18
C PHE F 332 -26.51 1.23 24.29
N ARG F 333 -27.54 1.45 23.48
CA ARG F 333 -27.95 0.41 22.51
C ARG F 333 -26.84 0.13 21.50
N GLN F 334 -26.28 1.21 20.97
CA GLN F 334 -25.24 1.11 19.95
C GLN F 334 -24.00 0.38 20.45
N ALA F 335 -23.64 0.63 21.70
CA ALA F 335 -22.52 -0.05 22.33
C ALA F 335 -22.84 -1.51 22.55
N ALA F 336 -24.05 -1.79 23.03
CA ALA F 336 -24.49 -3.17 23.22
C ALA F 336 -24.36 -3.96 21.91
N GLU F 337 -24.67 -3.30 20.80
CA GLU F 337 -24.63 -3.92 19.47
C GLU F 337 -23.22 -4.31 19.02
N LEU F 338 -22.20 -3.58 19.49
CA LEU F 338 -20.81 -3.90 19.13
C LEU F 338 -20.34 -5.23 19.67
N LEU F 339 -21.06 -5.80 20.64
CA LEU F 339 -20.62 -7.05 21.22
C LEU F 339 -20.67 -8.16 20.18
N TYR F 340 -21.78 -8.21 19.45
CA TYR F 340 -21.98 -9.24 18.42
C TYR F 340 -21.93 -8.74 16.99
N ALA F 341 -22.32 -7.48 16.76
CA ALA F 341 -22.20 -6.89 15.42
C ALA F 341 -20.88 -6.14 15.25
N GLY F 342 -20.01 -6.23 16.25
CA GLY F 342 -18.68 -5.61 16.18
C GLY F 342 -17.58 -6.65 16.37
N PRO F 343 -16.33 -6.18 16.52
CA PRO F 343 -15.16 -7.04 16.56
C PRO F 343 -14.97 -7.86 17.84
N TRP F 344 -15.73 -7.57 18.89
CA TRP F 344 -15.55 -8.29 20.15
C TRP F 344 -15.89 -9.76 20.11
N VAL F 345 -16.66 -10.16 19.10
CA VAL F 345 -16.89 -11.56 18.81
C VAL F 345 -15.53 -12.29 18.66
N ALA F 346 -14.52 -11.57 18.15
CA ALA F 346 -13.19 -12.14 17.93
C ALA F 346 -12.49 -12.57 19.22
N GLU F 347 -12.89 -12.03 20.37
CA GLU F 347 -12.34 -12.49 21.64
C GLU F 347 -12.70 -13.94 21.90
N ARG F 348 -13.87 -14.35 21.40
CA ARG F 348 -14.35 -15.73 21.59
C ARG F 348 -13.56 -16.67 20.70
N LEU F 349 -13.35 -16.28 19.45
CA LEU F 349 -12.54 -17.07 18.56
C LEU F 349 -11.11 -17.18 19.10
N ALA F 350 -10.54 -16.08 19.58
CA ALA F 350 -9.20 -16.11 20.18
C ALA F 350 -9.10 -17.13 21.31
N ALA F 351 -10.11 -17.13 22.17
CA ALA F 351 -10.14 -18.03 23.31
C ALA F 351 -10.16 -19.52 22.96
N ILE F 352 -10.79 -19.88 21.84
CA ILE F 352 -10.86 -21.30 21.44
C ILE F 352 -10.33 -21.56 20.03
N GLU F 353 -9.40 -20.71 19.58
CA GLU F 353 -8.96 -20.70 18.18
C GLU F 353 -8.59 -22.09 17.68
N SER F 354 -7.77 -22.79 18.46
CA SER F 354 -7.22 -24.11 18.11
C SER F 354 -8.35 -25.12 17.91
N LEU F 355 -9.34 -25.08 18.78
CA LEU F 355 -10.47 -26.01 18.72
C LEU F 355 -11.40 -25.69 17.55
N ALA F 356 -11.62 -24.40 17.29
CA ALA F 356 -12.44 -23.98 16.15
C ALA F 356 -11.79 -24.32 14.82
N ASP F 357 -10.46 -24.28 14.78
CA ASP F 357 -9.69 -24.60 13.58
C ASP F 357 -9.65 -26.11 13.32
N GLU F 358 -9.33 -26.88 14.35
CA GLU F 358 -9.11 -28.33 14.19
C GLU F 358 -10.35 -29.19 14.32
N HIS F 359 -11.29 -28.80 15.17
CA HIS F 359 -12.47 -29.61 15.43
C HIS F 359 -13.74 -28.75 15.53
N PRO F 360 -14.11 -28.04 14.45
CA PRO F 360 -15.33 -27.24 14.50
C PRO F 360 -16.60 -28.08 14.75
N GLU F 361 -16.55 -29.38 14.46
CA GLU F 361 -17.71 -30.24 14.57
C GLU F 361 -18.24 -30.42 16.00
N VAL F 362 -17.40 -30.23 17.02
CA VAL F 362 -17.87 -30.35 18.42
C VAL F 362 -18.53 -29.08 18.93
N LEU F 363 -18.50 -28.03 18.13
CA LEU F 363 -19.16 -26.77 18.50
C LEU F 363 -20.62 -26.85 18.15
N HIS F 364 -21.46 -26.38 19.08
CA HIS F 364 -22.86 -26.22 18.82
C HIS F 364 -23.04 -25.36 17.58
N PRO F 365 -23.90 -25.79 16.65
CA PRO F 365 -23.92 -25.14 15.32
C PRO F 365 -24.17 -23.63 15.35
N VAL F 366 -25.03 -23.17 16.26
CA VAL F 366 -25.33 -21.75 16.34
C VAL F 366 -24.15 -20.98 16.91
N VAL F 367 -23.51 -21.60 17.89
CA VAL F 367 -22.33 -21.03 18.52
C VAL F 367 -21.19 -21.00 17.52
N ARG F 368 -21.07 -22.09 16.76
CA ARG F 368 -20.07 -22.20 15.70
C ARG F 368 -20.10 -21.08 14.68
N ASP F 369 -21.25 -20.85 14.08
CA ASP F 369 -21.38 -19.83 13.05
C ASP F 369 -21.01 -18.45 13.59
N ILE F 370 -21.46 -18.16 14.81
CA ILE F 370 -21.19 -16.88 15.44
C ILE F 370 -19.68 -16.71 15.62
N ILE F 371 -19.08 -17.64 16.35
CA ILE F 371 -17.66 -17.53 16.67
C ILE F 371 -16.78 -17.56 15.42
N LEU F 372 -17.07 -18.43 14.46
CA LEU F 372 -16.24 -18.53 13.27
C LEU F 372 -16.38 -17.32 12.35
N SER F 373 -17.44 -16.54 12.51
CA SER F 373 -17.62 -15.34 11.69
C SER F 373 -16.53 -14.30 11.95
N ALA F 374 -15.89 -14.40 13.11
CA ALA F 374 -14.78 -13.51 13.46
C ALA F 374 -13.57 -13.69 12.56
N LYS F 375 -13.49 -14.82 11.87
CA LYS F 375 -12.44 -15.07 10.87
C LYS F 375 -12.33 -13.95 9.85
N ARG F 376 -13.46 -13.30 9.56
CA ARG F 376 -13.54 -12.27 8.55
C ARG F 376 -13.36 -10.86 9.12
N MET F 377 -12.98 -10.77 10.40
CA MET F 377 -12.77 -9.47 11.03
C MET F 377 -11.30 -9.14 11.12
N SER F 378 -10.96 -7.92 10.74
CA SER F 378 -9.56 -7.50 10.67
C SER F 378 -9.11 -6.70 11.91
N ALA F 379 -7.80 -6.53 12.00
CA ALA F 379 -7.22 -5.69 13.02
C ALA F 379 -7.76 -4.27 12.89
N VAL F 380 -7.86 -3.79 11.65
CA VAL F 380 -8.42 -2.46 11.39
C VAL F 380 -9.87 -2.37 11.90
N ASP F 381 -10.67 -3.40 11.62
CA ASP F 381 -12.03 -3.45 12.15
C ASP F 381 -12.03 -3.31 13.67
N THR F 382 -11.07 -3.95 14.34
CA THR F 382 -11.06 -3.99 15.79
C THR F 382 -10.82 -2.60 16.41
N PHE F 383 -9.80 -1.92 15.91
CA PHE F 383 -9.47 -0.58 16.39
C PHE F 383 -10.55 0.44 16.05
N ASN F 384 -11.17 0.33 14.88
CA ASN F 384 -12.32 1.18 14.57
C ASN F 384 -13.47 0.91 15.56
N GLY F 385 -13.65 -0.35 15.96
CA GLY F 385 -14.63 -0.69 16.99
C GLY F 385 -14.26 -0.06 18.33
N ILE F 386 -12.99 -0.14 18.69
CA ILE F 386 -12.51 0.50 19.89
C ILE F 386 -12.74 2.02 19.81
N TYR F 387 -12.43 2.67 18.69
CA TYR F 387 -12.66 4.11 18.57
C TYR F 387 -14.15 4.44 18.73
N ARG F 388 -14.97 3.65 18.06
CA ARG F 388 -16.42 3.80 18.14
C ARG F 388 -16.91 3.69 19.58
N LEU F 389 -16.49 2.63 20.27
CA LEU F 389 -16.86 2.42 21.67
C LEU F 389 -16.51 3.63 22.53
N ALA F 390 -15.31 4.17 22.33
CA ALA F 390 -14.86 5.28 23.15
C ALA F 390 -15.75 6.52 22.95
N ASP F 391 -16.25 6.70 21.72
CA ASP F 391 -17.19 7.79 21.43
C ASP F 391 -18.52 7.58 22.14
N LEU F 392 -18.96 6.33 22.18
CA LEU F 392 -20.22 5.99 22.85
C LEU F 392 -20.14 6.16 24.36
N VAL F 393 -19.03 5.73 24.95
CA VAL F 393 -18.74 5.97 26.36
C VAL F 393 -18.77 7.47 26.66
N ARG F 394 -18.20 8.28 25.78
CA ARG F 394 -18.18 9.73 25.97
C ARG F 394 -19.60 10.31 25.92
N ALA F 395 -20.41 9.90 24.95
CA ALA F 395 -21.81 10.30 24.88
C ALA F 395 -22.59 9.87 26.13
N ALA F 396 -22.33 8.67 26.63
CA ALA F 396 -23.00 8.14 27.81
C ALA F 396 -22.73 8.93 29.09
N GLU F 397 -21.57 9.60 29.17
CA GLU F 397 -21.23 10.40 30.36
C GLU F 397 -22.28 11.49 30.68
N SER F 398 -22.95 12.01 29.65
CA SER F 398 -24.03 12.97 29.82
C SER F 398 -25.14 12.44 30.72
N THR F 399 -25.43 11.16 30.57
CA THR F 399 -26.43 10.50 31.39
C THR F 399 -25.91 10.24 32.81
N TRP F 400 -24.71 9.68 32.93
CA TRP F 400 -24.14 9.38 34.27
C TRP F 400 -23.99 10.62 35.15
N GLU F 401 -23.69 11.74 34.52
CA GLU F 401 -23.56 13.01 35.19
C GLU F 401 -24.89 13.48 35.89
N LYS F 402 -26.03 12.97 35.44
CA LYS F 402 -27.36 13.33 35.93
C LYS F 402 -28.00 12.32 36.90
N ILE F 403 -27.37 11.16 37.10
CA ILE F 403 -28.01 10.07 37.86
C ILE F 403 -27.06 9.40 38.83
N ASP F 404 -27.61 8.73 39.83
CA ASP F 404 -26.81 7.98 40.80
C ASP F 404 -26.81 6.50 40.48
N VAL F 405 -27.77 6.08 39.66
CA VAL F 405 -27.93 4.68 39.30
C VAL F 405 -28.85 4.61 38.10
N MET F 406 -28.69 3.57 37.29
CA MET F 406 -29.56 3.33 36.16
C MET F 406 -30.43 2.11 36.47
N LEU F 407 -31.68 2.18 36.02
CA LEU F 407 -32.63 1.08 36.19
C LEU F 407 -33.16 0.61 34.84
N LEU F 408 -32.93 -0.67 34.53
CA LEU F 408 -33.39 -1.24 33.27
C LEU F 408 -34.15 -2.54 33.50
N PRO F 409 -35.02 -2.91 32.55
CA PRO F 409 -35.50 -4.29 32.62
C PRO F 409 -34.30 -5.20 32.43
N THR F 410 -34.27 -6.32 33.12
CA THR F 410 -33.16 -7.24 32.97
C THR F 410 -33.32 -7.88 31.60
N ALA F 411 -34.46 -8.52 31.41
CA ALA F 411 -34.85 -9.08 30.13
C ALA F 411 -36.18 -8.45 29.71
N PRO F 412 -36.27 -7.99 28.45
CA PRO F 412 -37.49 -7.35 27.99
C PRO F 412 -38.66 -8.33 27.87
N THR F 413 -38.35 -9.60 27.66
CA THR F 413 -39.37 -10.61 27.58
C THR F 413 -38.76 -11.99 27.86
N ILE F 414 -39.57 -13.02 27.73
CA ILE F 414 -39.12 -14.40 27.87
C ILE F 414 -39.76 -15.23 26.75
N TYR F 415 -39.08 -16.30 26.34
CA TYR F 415 -39.53 -17.11 25.20
C TYR F 415 -39.66 -18.58 25.56
N THR F 416 -40.45 -19.31 24.79
CA THR F 416 -40.56 -20.74 24.96
C THR F 416 -39.31 -21.37 24.39
N VAL F 417 -38.99 -22.56 24.88
CA VAL F 417 -37.89 -23.33 24.34
C VAL F 417 -38.14 -23.59 22.86
N GLU F 418 -39.37 -23.96 22.53
CA GLU F 418 -39.75 -24.24 21.14
C GLU F 418 -39.47 -23.05 20.24
N ASP F 419 -39.93 -21.87 20.66
CA ASP F 419 -39.78 -20.64 19.86
C ASP F 419 -38.31 -20.28 19.65
N MET F 420 -37.51 -20.43 20.71
CA MET F 420 -36.08 -20.11 20.67
C MET F 420 -35.33 -21.07 19.74
N LEU F 421 -35.60 -22.37 19.85
CA LEU F 421 -35.01 -23.34 18.94
C LEU F 421 -35.32 -23.01 17.48
N ALA F 422 -36.54 -22.53 17.23
CA ALA F 422 -36.99 -22.21 15.88
C ALA F 422 -36.37 -20.92 15.32
N ASP F 423 -35.88 -20.05 16.20
CA ASP F 423 -35.37 -18.72 15.79
C ASP F 423 -34.19 -18.34 16.72
N PRO F 424 -33.14 -19.17 16.71
CA PRO F 424 -32.17 -19.16 17.81
C PRO F 424 -31.20 -17.98 17.85
N VAL F 425 -31.04 -17.25 16.75
CA VAL F 425 -30.15 -16.10 16.73
C VAL F 425 -30.91 -14.83 17.09
N ARG F 426 -31.96 -14.53 16.33
CA ARG F 426 -32.71 -13.29 16.54
C ARG F 426 -33.31 -13.18 17.96
N LEU F 427 -34.04 -14.19 18.40
CA LEU F 427 -34.72 -14.12 19.70
C LEU F 427 -33.73 -14.01 20.84
N ASN F 428 -32.59 -14.70 20.70
CA ASN F 428 -31.52 -14.55 21.68
C ASN F 428 -30.97 -13.13 21.72
N SER F 429 -30.73 -12.52 20.56
CA SER F 429 -30.22 -11.16 20.51
C SER F 429 -31.18 -10.20 21.21
N ASN F 430 -32.49 -10.41 21.02
CA ASN F 430 -33.52 -9.61 21.68
C ASN F 430 -33.36 -9.62 23.20
N LEU F 431 -33.04 -10.78 23.77
CA LEU F 431 -32.86 -10.89 25.21
C LEU F 431 -31.70 -10.03 25.70
N GLY F 432 -30.76 -9.73 24.80
CA GLY F 432 -29.59 -8.94 25.15
C GLY F 432 -29.76 -7.44 24.99
N PHE F 433 -30.98 -6.99 24.74
CA PHE F 433 -31.22 -5.59 24.40
C PHE F 433 -30.78 -4.63 25.50
N TYR F 434 -31.06 -5.00 26.75
CA TYR F 434 -30.74 -4.14 27.90
C TYR F 434 -29.56 -4.62 28.76
N THR F 435 -28.82 -5.61 28.28
CA THR F 435 -27.67 -6.18 29.02
C THR F 435 -26.29 -5.99 28.36
N ASN F 436 -26.23 -6.13 27.04
CA ASN F 436 -24.97 -6.33 26.33
C ASN F 436 -23.92 -5.20 26.36
N PHE F 437 -24.28 -4.04 26.88
CA PHE F 437 -23.35 -2.91 26.92
C PHE F 437 -22.57 -2.79 28.25
N VAL F 438 -23.03 -3.52 29.27
CA VAL F 438 -22.55 -3.29 30.63
C VAL F 438 -21.04 -3.49 30.78
N ASN F 439 -20.54 -4.65 30.35
CA ASN F 439 -19.13 -4.93 30.48
C ASN F 439 -18.26 -4.12 29.52
N LEU F 440 -18.76 -3.89 28.32
CA LEU F 440 -18.05 -3.05 27.36
C LEU F 440 -17.79 -1.67 27.92
N MET F 441 -18.75 -1.14 28.68
CA MET F 441 -18.66 0.22 29.24
C MET F 441 -18.14 0.23 30.68
N ASP F 442 -17.69 -0.93 31.15
CA ASP F 442 -17.05 -1.07 32.45
C ASP F 442 -17.95 -0.66 33.63
N LEU F 443 -19.09 -1.32 33.73
CA LEU F 443 -20.09 -0.98 34.73
C LEU F 443 -20.31 -2.10 35.73
N SER F 444 -20.99 -1.77 36.82
CA SER F 444 -21.39 -2.74 37.81
C SER F 444 -22.87 -2.91 37.63
N ALA F 445 -23.37 -4.10 37.94
CA ALA F 445 -24.79 -4.41 37.80
C ALA F 445 -25.25 -5.44 38.83
N ILE F 446 -26.49 -5.30 39.27
CA ILE F 446 -27.13 -6.36 40.05
C ILE F 446 -28.58 -6.50 39.63
N ALA F 447 -28.95 -7.73 39.31
CA ALA F 447 -30.27 -8.05 38.80
C ALA F 447 -31.08 -8.57 39.94
N VAL F 448 -32.25 -7.97 40.15
CA VAL F 448 -33.09 -8.36 41.25
C VAL F 448 -34.55 -8.54 40.79
N PRO F 449 -35.36 -9.35 41.52
CA PRO F 449 -36.76 -9.58 41.15
C PRO F 449 -37.66 -8.35 41.22
N ALA F 450 -38.65 -8.33 40.33
CA ALA F 450 -39.61 -7.23 40.24
C ALA F 450 -40.98 -7.81 39.93
N GLY F 451 -41.33 -8.90 40.61
CA GLY F 451 -42.67 -9.47 40.57
C GLY F 451 -42.90 -10.51 39.50
N PHE F 452 -44.17 -10.70 39.15
CA PHE F 452 -44.63 -11.83 38.33
C PHE F 452 -45.74 -11.42 37.38
N ARG F 453 -45.76 -12.08 36.23
CA ARG F 453 -46.83 -11.96 35.25
C ARG F 453 -48.05 -12.73 35.74
N THR F 454 -49.20 -12.46 35.13
CA THR F 454 -50.43 -13.19 35.45
C THR F 454 -50.25 -14.70 35.33
N ASN F 455 -49.45 -15.13 34.35
CA ASN F 455 -49.18 -16.55 34.12
C ASN F 455 -48.10 -17.17 35.00
N GLY F 456 -47.63 -16.44 36.01
CA GLY F 456 -46.65 -16.98 36.97
C GLY F 456 -45.18 -16.77 36.64
N LEU F 457 -44.88 -16.39 35.40
CA LEU F 457 -43.49 -16.17 34.95
C LEU F 457 -42.94 -14.87 35.51
N PRO F 458 -41.78 -14.93 36.19
CA PRO F 458 -41.25 -13.74 36.86
C PRO F 458 -40.60 -12.72 35.93
N PHE F 459 -40.47 -11.51 36.46
CA PHE F 459 -39.86 -10.40 35.73
C PHE F 459 -38.88 -9.70 36.66
N GLY F 460 -37.73 -9.33 36.11
CA GLY F 460 -36.65 -8.75 36.91
C GLY F 460 -36.19 -7.42 36.37
N VAL F 461 -35.63 -6.60 37.25
CA VAL F 461 -34.96 -5.38 36.83
C VAL F 461 -33.51 -5.47 37.25
N THR F 462 -32.70 -4.58 36.70
CA THR F 462 -31.26 -4.58 36.96
C THR F 462 -30.90 -3.17 37.34
N PHE F 463 -30.20 -3.03 38.45
CA PHE F 463 -29.61 -1.75 38.83
C PHE F 463 -28.19 -1.72 38.32
N ILE F 464 -27.82 -0.64 37.65
CA ILE F 464 -26.51 -0.50 37.05
C ILE F 464 -25.83 0.74 37.58
N GLY F 465 -24.58 0.57 38.00
CA GLY F 465 -23.76 1.70 38.44
C GLY F 465 -22.42 1.70 37.72
N ARG F 466 -21.57 2.66 38.10
CA ARG F 466 -20.23 2.72 37.57
C ARG F 466 -19.34 1.64 38.19
N ALA F 467 -18.11 1.54 37.69
CA ALA F 467 -17.11 0.64 38.23
C ALA F 467 -16.95 0.81 39.75
N PHE F 468 -16.95 -0.31 40.47
CA PHE F 468 -16.74 -0.37 41.92
C PHE F 468 -17.86 0.25 42.77
N GLU F 469 -19.03 0.43 42.18
CA GLU F 469 -20.22 0.88 42.93
C GLU F 469 -21.09 -0.32 43.28
N ASP F 470 -20.47 -1.49 43.37
CA ASP F 470 -21.21 -2.74 43.51
C ASP F 470 -22.06 -2.76 44.80
N GLY F 471 -21.43 -2.39 45.92
CA GLY F 471 -22.09 -2.38 47.23
C GLY F 471 -23.23 -1.39 47.27
N ALA F 472 -22.99 -0.22 46.69
CA ALA F 472 -24.00 0.83 46.64
C ALA F 472 -25.25 0.32 45.95
N ILE F 473 -25.06 -0.27 44.78
CA ILE F 473 -26.19 -0.66 44.00
C ILE F 473 -26.92 -1.84 44.61
N ALA F 474 -26.13 -2.73 45.19
CA ALA F 474 -26.70 -3.86 45.90
C ALA F 474 -27.58 -3.37 47.03
N SER F 475 -27.12 -2.33 47.74
CA SER F 475 -27.89 -1.77 48.84
C SER F 475 -29.24 -1.27 48.37
N LEU F 476 -29.26 -0.57 47.24
CA LEU F 476 -30.51 -0.08 46.68
C LEU F 476 -31.40 -1.22 46.21
N GLY F 477 -30.81 -2.19 45.53
CA GLY F 477 -31.56 -3.35 45.07
C GLY F 477 -32.24 -4.09 46.21
N LYS F 478 -31.53 -4.24 47.31
CA LYS F 478 -32.05 -4.88 48.52
C LYS F 478 -33.23 -4.10 49.10
N ALA F 479 -33.07 -2.79 49.20
CA ALA F 479 -34.14 -1.93 49.70
C ALA F 479 -35.34 -2.00 48.78
N PHE F 480 -35.09 -2.16 47.48
CA PHE F 480 -36.16 -2.29 46.48
C PHE F 480 -36.93 -3.60 46.68
N VAL F 481 -36.21 -4.72 46.80
CA VAL F 481 -36.86 -6.01 47.03
C VAL F 481 -37.75 -5.96 48.27
N GLU F 482 -37.31 -5.23 49.31
CA GLU F 482 -37.93 -5.24 50.65
C GLU F 482 -39.08 -4.18 50.88
N HIS F 483 -38.77 -2.88 50.83
CA HIS F 483 -39.76 -1.84 51.18
C HIS F 483 -40.85 -1.66 50.12
#